data_2KUA
#
_entry.id   2KUA
#
_entity_poly.entity_id   1
_entity_poly.type   'polypeptide(L)'
_entity_poly.pdbx_seq_one_letter_code
;GPLGSMADSQDPLHERTRRLLSDYIFFCAREPDTPEPPPTSVEAALLRSVTRQIQQEHQEFFSSFCESRGNRLELVKQMA
DKLLSKDQDFSWSQLVMLLAFAGTLMNQGPYMAVKQKRDLGNRVIVTRDCCLIVNFLYNLLMGRRHRARLEALGGWDGFC
RFFKNPLPLG
;
_entity_poly.pdbx_strand_id   A
#
# COMPACT_ATOMS: atom_id res chain seq x y z
N GLY A 1 0.17 3.86 -20.12
CA GLY A 1 -0.02 2.46 -19.86
C GLY A 1 0.59 2.08 -18.51
N PRO A 2 0.05 1.04 -17.88
CA PRO A 2 0.54 0.57 -16.57
C PRO A 2 1.91 -0.07 -16.66
N LEU A 3 2.29 -0.50 -17.86
CA LEU A 3 3.58 -1.12 -18.09
C LEU A 3 4.47 -0.25 -18.97
N GLY A 4 5.66 -0.75 -19.30
CA GLY A 4 6.57 -0.01 -20.14
C GLY A 4 7.88 0.33 -19.43
N SER A 5 8.99 -0.15 -19.97
CA SER A 5 10.29 0.11 -19.38
C SER A 5 11.41 -0.29 -20.35
N MET A 6 12.58 0.30 -20.16
CA MET A 6 13.73 0.02 -21.01
C MET A 6 14.51 -1.17 -20.48
N ALA A 7 14.29 -1.51 -19.21
CA ALA A 7 14.98 -2.64 -18.58
C ALA A 7 14.08 -3.86 -18.52
N ASP A 8 14.68 -5.04 -18.61
CA ASP A 8 13.93 -6.29 -18.56
C ASP A 8 13.84 -6.83 -17.13
N SER A 9 14.99 -7.22 -16.58
CA SER A 9 15.05 -7.75 -15.23
C SER A 9 15.61 -6.72 -14.27
N GLN A 10 16.34 -5.75 -14.81
CA GLN A 10 16.95 -4.70 -14.00
C GLN A 10 15.99 -3.52 -13.83
N ASP A 11 14.72 -3.82 -13.56
CA ASP A 11 13.71 -2.79 -13.38
C ASP A 11 14.10 -1.83 -12.26
N PRO A 12 13.78 -0.55 -12.44
CA PRO A 12 14.09 0.50 -11.45
C PRO A 12 13.25 0.36 -10.19
N LEU A 13 12.10 1.02 -10.16
CA LEU A 13 11.21 0.97 -9.01
C LEU A 13 10.06 -0.01 -9.24
N HIS A 14 10.00 -0.56 -10.45
CA HIS A 14 8.95 -1.52 -10.81
C HIS A 14 8.62 -2.41 -9.62
N GLU A 15 9.55 -3.32 -9.29
CA GLU A 15 9.35 -4.24 -8.18
C GLU A 15 9.51 -3.53 -6.84
N ARG A 16 9.96 -2.27 -6.90
CA ARG A 16 10.16 -1.49 -5.69
C ARG A 16 8.81 -1.01 -5.12
N THR A 17 7.92 -0.57 -6.01
CA THR A 17 6.61 -0.10 -5.60
C THR A 17 5.66 -1.26 -5.32
N ARG A 18 5.70 -2.27 -6.20
CA ARG A 18 4.84 -3.44 -6.05
C ARG A 18 5.09 -4.13 -4.71
N ARG A 19 6.36 -4.39 -4.42
CA ARG A 19 6.73 -5.05 -3.17
C ARG A 19 6.37 -4.19 -1.97
N LEU A 20 6.62 -2.88 -2.09
CA LEU A 20 6.33 -1.94 -1.01
C LEU A 20 4.83 -1.90 -0.73
N LEU A 21 4.04 -1.79 -1.78
CA LEU A 21 2.59 -1.73 -1.65
C LEU A 21 2.05 -3.01 -1.03
N SER A 22 2.45 -4.15 -1.57
CA SER A 22 2.00 -5.44 -1.07
C SER A 22 2.46 -5.65 0.37
N ASP A 23 3.62 -5.09 0.70
CA ASP A 23 4.16 -5.21 2.05
C ASP A 23 3.26 -4.54 3.07
N TYR A 24 2.64 -3.43 2.66
CA TYR A 24 1.75 -2.69 3.53
C TYR A 24 0.47 -3.47 3.81
N ILE A 25 -0.05 -4.13 2.78
CA ILE A 25 -1.26 -4.92 2.92
C ILE A 25 -1.12 -5.96 4.03
N PHE A 26 -0.02 -6.71 4.00
CA PHE A 26 0.23 -7.72 5.01
C PHE A 26 0.32 -7.11 6.40
N PHE A 27 0.99 -5.97 6.49
CA PHE A 27 1.15 -5.28 7.77
C PHE A 27 -0.20 -4.84 8.33
N CYS A 28 -1.10 -4.44 7.43
CA CYS A 28 -2.43 -3.99 7.83
C CYS A 28 -3.28 -5.17 8.32
N ALA A 29 -3.22 -6.28 7.60
CA ALA A 29 -3.97 -7.47 7.96
C ALA A 29 -3.39 -8.13 9.21
N ARG A 30 -2.22 -7.64 9.64
CA ARG A 30 -1.56 -8.18 10.83
C ARG A 30 -2.59 -8.63 11.86
N GLU A 31 -2.62 -9.93 12.14
CA GLU A 31 -3.55 -10.48 13.11
C GLU A 31 -3.71 -9.55 14.31
N PRO A 32 -4.94 -9.48 14.85
CA PRO A 32 -5.24 -8.63 16.00
C PRO A 32 -4.61 -9.15 17.29
N ASP A 33 -3.97 -10.30 17.20
CA ASP A 33 -3.31 -10.91 18.35
C ASP A 33 -1.80 -10.99 18.14
N THR A 34 -1.33 -10.39 17.05
CA THR A 34 0.10 -10.40 16.74
C THR A 34 0.48 -9.16 15.94
N PRO A 35 1.52 -8.44 16.42
CA PRO A 35 2.01 -7.23 15.77
C PRO A 35 2.70 -7.52 14.44
N GLU A 36 2.63 -6.56 13.52
CA GLU A 36 3.25 -6.71 12.22
C GLU A 36 4.74 -6.41 12.28
N PRO A 37 5.50 -7.01 11.35
CA PRO A 37 6.96 -6.83 11.27
C PRO A 37 7.34 -5.43 10.82
N PRO A 38 8.64 -5.10 10.91
CA PRO A 38 9.16 -3.79 10.51
C PRO A 38 9.12 -3.60 9.00
N PRO A 39 9.41 -2.36 8.56
CA PRO A 39 9.41 -2.01 7.14
C PRO A 39 10.58 -2.64 6.39
N THR A 40 10.54 -2.57 5.07
CA THR A 40 11.60 -3.12 4.24
C THR A 40 12.48 -2.04 3.65
N SER A 41 11.87 -0.91 3.28
CA SER A 41 12.59 0.20 2.70
C SER A 41 12.16 1.53 3.34
N VAL A 42 12.81 2.61 2.94
CA VAL A 42 12.50 3.93 3.47
C VAL A 42 11.03 4.26 3.29
N GLU A 43 10.52 4.01 2.09
CA GLU A 43 9.12 4.28 1.78
C GLU A 43 8.19 3.46 2.69
N ALA A 44 8.63 2.26 3.03
CA ALA A 44 7.84 1.38 3.88
C ALA A 44 7.84 1.88 5.32
N ALA A 45 8.95 2.47 5.74
CA ALA A 45 9.07 2.99 7.10
C ALA A 45 8.28 4.29 7.26
N LEU A 46 8.55 5.25 6.37
CA LEU A 46 7.86 6.54 6.42
C LEU A 46 6.36 6.37 6.21
N LEU A 47 5.99 5.67 5.13
CA LEU A 47 4.59 5.43 4.82
C LEU A 47 3.84 4.87 6.03
N ARG A 48 4.47 3.91 6.71
CA ARG A 48 3.87 3.30 7.90
C ARG A 48 3.71 4.32 9.02
N SER A 49 4.52 5.37 8.98
CA SER A 49 4.47 6.41 10.00
C SER A 49 3.45 7.47 9.63
N VAL A 50 3.38 7.80 8.33
CA VAL A 50 2.43 8.80 7.85
C VAL A 50 1.12 8.16 7.42
N THR A 51 1.21 7.12 6.60
CA THR A 51 0.02 6.42 6.11
C THR A 51 -0.83 5.92 7.27
N ARG A 52 -0.17 5.55 8.37
CA ARG A 52 -0.86 5.05 9.55
C ARG A 52 -1.84 6.09 10.09
N GLN A 53 -1.46 7.36 9.97
CA GLN A 53 -2.31 8.46 10.45
C GLN A 53 -3.44 8.73 9.46
N ILE A 54 -3.18 8.49 8.18
CA ILE A 54 -4.17 8.72 7.14
C ILE A 54 -5.39 7.83 7.34
N GLN A 55 -5.17 6.64 7.89
CA GLN A 55 -6.25 5.70 8.14
C GLN A 55 -7.00 6.04 9.43
N GLN A 56 -6.27 6.02 10.54
CA GLN A 56 -6.86 6.33 11.84
C GLN A 56 -7.68 7.60 11.78
N GLU A 57 -7.41 8.42 10.76
CA GLU A 57 -8.13 9.68 10.58
C GLU A 57 -9.28 9.52 9.59
N HIS A 58 -9.03 8.80 8.51
CA HIS A 58 -10.05 8.57 7.50
C HIS A 58 -10.62 7.15 7.60
N GLN A 59 -9.74 6.18 7.80
CA GLN A 59 -10.16 4.79 7.92
C GLN A 59 -11.46 4.68 8.71
N GLU A 60 -11.74 5.68 9.53
CA GLU A 60 -12.95 5.70 10.34
C GLU A 60 -14.17 5.33 9.51
N PHE A 61 -14.13 5.70 8.23
CA PHE A 61 -15.24 5.41 7.32
C PHE A 61 -14.88 4.24 6.40
N PHE A 62 -13.63 4.20 5.97
CA PHE A 62 -13.17 3.14 5.08
C PHE A 62 -13.48 1.77 5.67
N SER A 63 -13.03 1.55 6.91
CA SER A 63 -13.27 0.27 7.58
C SER A 63 -14.73 -0.15 7.49
N SER A 64 -15.62 0.80 7.73
CA SER A 64 -17.05 0.54 7.68
C SER A 64 -17.43 -0.13 6.35
N PHE A 65 -16.82 0.34 5.28
CA PHE A 65 -17.10 -0.21 3.95
C PHE A 65 -16.40 -1.55 3.76
N CYS A 66 -15.19 -1.66 4.28
CA CYS A 66 -14.42 -2.90 4.16
C CYS A 66 -15.25 -4.10 4.56
N GLU A 67 -16.20 -3.88 5.47
CA GLU A 67 -17.08 -4.95 5.93
C GLU A 67 -18.55 -4.61 5.68
N SER A 68 -18.80 -3.90 4.59
CA SER A 68 -20.16 -3.49 4.23
C SER A 68 -20.60 -4.17 2.94
N ARG A 69 -19.98 -3.78 1.83
CA ARG A 69 -20.31 -4.35 0.53
C ARG A 69 -19.30 -5.42 0.13
N GLY A 70 -18.18 -5.47 0.85
CA GLY A 70 -17.15 -6.45 0.55
C GLY A 70 -16.36 -6.11 -0.69
N ASN A 71 -16.67 -4.96 -1.29
CA ASN A 71 -15.97 -4.52 -2.50
C ASN A 71 -14.67 -3.82 -2.15
N ARG A 72 -14.05 -4.23 -1.05
CA ARG A 72 -12.80 -3.65 -0.61
C ARG A 72 -11.95 -3.22 -1.80
N LEU A 73 -12.03 -3.97 -2.89
CA LEU A 73 -11.28 -3.66 -4.10
C LEU A 73 -11.95 -2.54 -4.88
N GLU A 74 -13.24 -2.70 -5.14
CA GLU A 74 -13.99 -1.69 -5.89
C GLU A 74 -13.77 -0.30 -5.31
N LEU A 75 -13.58 -0.24 -3.99
CA LEU A 75 -13.35 1.03 -3.31
C LEU A 75 -11.91 1.50 -3.48
N VAL A 76 -10.98 0.55 -3.48
CA VAL A 76 -9.57 0.86 -3.64
C VAL A 76 -9.30 1.55 -4.97
N LYS A 77 -9.90 1.01 -6.04
CA LYS A 77 -9.73 1.58 -7.36
C LYS A 77 -10.49 2.89 -7.51
N GLN A 78 -11.72 2.91 -7.00
CA GLN A 78 -12.56 4.10 -7.06
C GLN A 78 -11.84 5.31 -6.45
N MET A 79 -11.31 5.11 -5.25
CA MET A 79 -10.59 6.18 -4.55
C MET A 79 -9.41 6.68 -5.39
N ALA A 80 -8.54 5.77 -5.79
CA ALA A 80 -7.38 6.12 -6.60
C ALA A 80 -7.78 6.94 -7.82
N ASP A 81 -9.05 6.81 -8.20
CA ASP A 81 -9.57 7.54 -9.36
C ASP A 81 -9.98 8.96 -8.98
N LYS A 82 -10.39 9.14 -7.73
CA LYS A 82 -10.81 10.44 -7.24
C LYS A 82 -9.60 11.29 -6.86
N LEU A 83 -8.68 10.71 -6.10
CA LEU A 83 -7.47 11.41 -5.68
C LEU A 83 -6.40 11.36 -6.76
N LEU A 84 -6.00 10.15 -7.12
CA LEU A 84 -4.98 9.97 -8.15
C LEU A 84 -5.61 9.92 -9.54
N SER A 85 -4.81 10.23 -10.56
CA SER A 85 -5.30 10.23 -11.94
C SER A 85 -4.13 10.14 -12.92
N LYS A 86 -4.44 10.21 -14.21
CA LYS A 86 -3.43 10.14 -15.25
C LYS A 86 -3.08 11.53 -15.78
N ASP A 87 -4.10 12.34 -16.03
CA ASP A 87 -3.92 13.69 -16.53
C ASP A 87 -3.94 14.70 -15.40
N GLN A 88 -3.89 14.21 -14.17
CA GLN A 88 -3.92 15.07 -13.00
C GLN A 88 -2.57 15.04 -12.27
N ASP A 89 -2.06 16.22 -11.94
CA ASP A 89 -0.78 16.33 -11.24
C ASP A 89 -0.92 15.92 -9.78
N PHE A 90 -1.03 14.62 -9.55
CA PHE A 90 -1.18 14.09 -8.20
C PHE A 90 -0.15 14.73 -7.26
N SER A 91 -0.27 14.42 -5.97
CA SER A 91 0.63 14.96 -4.97
C SER A 91 1.10 13.88 -4.00
N TRP A 92 2.25 14.11 -3.38
CA TRP A 92 2.81 13.15 -2.43
C TRP A 92 1.75 12.70 -1.42
N SER A 93 0.93 13.65 -0.97
CA SER A 93 -0.11 13.35 -0.01
C SER A 93 -1.09 12.33 -0.56
N GLN A 94 -1.29 12.35 -1.88
CA GLN A 94 -2.20 11.42 -2.53
C GLN A 94 -1.59 10.03 -2.61
N LEU A 95 -0.29 9.96 -2.86
CA LEU A 95 0.42 8.70 -2.95
C LEU A 95 0.30 7.91 -1.65
N VAL A 96 0.72 8.52 -0.55
CA VAL A 96 0.67 7.88 0.76
C VAL A 96 -0.76 7.53 1.14
N MET A 97 -1.70 8.35 0.68
CA MET A 97 -3.11 8.13 0.97
C MET A 97 -3.59 6.81 0.39
N LEU A 98 -3.21 6.54 -0.85
CA LEU A 98 -3.59 5.30 -1.53
C LEU A 98 -3.12 4.08 -0.73
N LEU A 99 -1.88 4.12 -0.28
CA LEU A 99 -1.31 3.02 0.49
C LEU A 99 -2.12 2.78 1.75
N ALA A 100 -2.38 3.84 2.50
CA ALA A 100 -3.15 3.73 3.73
C ALA A 100 -4.51 3.09 3.48
N PHE A 101 -5.29 3.70 2.59
CA PHE A 101 -6.62 3.19 2.25
C PHE A 101 -6.55 1.72 1.83
N ALA A 102 -5.81 1.45 0.78
CA ALA A 102 -5.65 0.09 0.28
C ALA A 102 -5.61 -0.91 1.42
N GLY A 103 -4.67 -0.71 2.34
CA GLY A 103 -4.53 -1.61 3.48
C GLY A 103 -5.74 -1.55 4.39
N THR A 104 -6.39 -0.40 4.45
CA THR A 104 -7.56 -0.22 5.30
C THR A 104 -8.73 -1.08 4.83
N LEU A 105 -8.74 -1.38 3.53
CA LEU A 105 -9.80 -2.20 2.95
C LEU A 105 -9.55 -3.68 3.21
N MET A 106 -8.28 -4.06 3.26
CA MET A 106 -7.90 -5.45 3.51
C MET A 106 -8.88 -6.11 4.49
N ASN A 107 -9.75 -6.96 3.97
CA ASN A 107 -10.73 -7.66 4.80
C ASN A 107 -10.23 -9.05 5.18
N GLN A 108 -10.83 -9.63 6.22
CA GLN A 108 -10.45 -10.94 6.68
C GLN A 108 -11.68 -11.85 6.81
N GLY A 109 -11.43 -13.16 6.84
CA GLY A 109 -12.52 -14.11 6.96
C GLY A 109 -12.05 -15.47 7.44
N PRO A 110 -11.23 -15.47 8.50
CA PRO A 110 -10.69 -16.71 9.08
C PRO A 110 -11.77 -17.53 9.79
N TYR A 111 -11.33 -18.47 10.63
CA TYR A 111 -12.24 -19.32 11.38
C TYR A 111 -11.99 -19.22 12.86
N MET A 112 -10.87 -19.79 13.30
CA MET A 112 -10.50 -19.77 14.71
C MET A 112 -9.05 -19.32 14.90
N ALA A 113 -8.79 -18.03 14.68
CA ALA A 113 -7.44 -17.49 14.82
C ALA A 113 -6.94 -17.64 16.25
N VAL A 114 -7.87 -17.76 17.20
CA VAL A 114 -7.51 -17.90 18.60
C VAL A 114 -6.19 -18.64 18.76
N LYS A 115 -6.04 -19.73 18.02
CA LYS A 115 -4.82 -20.53 18.07
C LYS A 115 -3.81 -20.04 17.04
N GLN A 116 -3.07 -19.01 17.41
CA GLN A 116 -2.05 -18.45 16.51
C GLN A 116 -0.71 -19.15 16.70
N LYS A 117 -0.44 -20.16 15.87
CA LYS A 117 0.80 -20.90 15.95
C LYS A 117 1.98 -20.04 15.51
N ARG A 118 1.83 -19.39 14.36
CA ARG A 118 2.88 -18.53 13.82
C ARG A 118 2.32 -17.16 13.42
N ASP A 119 3.07 -16.44 12.60
CA ASP A 119 2.65 -15.12 12.14
C ASP A 119 1.94 -15.21 10.80
N LEU A 120 1.89 -16.42 10.25
CA LEU A 120 1.24 -16.64 8.96
C LEU A 120 -0.25 -16.93 9.14
N GLY A 121 -0.71 -16.86 10.39
CA GLY A 121 -2.11 -17.10 10.69
C GLY A 121 -3.03 -16.09 10.03
N ASN A 122 -3.61 -16.47 8.90
CA ASN A 122 -4.52 -15.57 8.18
C ASN A 122 -5.08 -16.26 6.93
N ARG A 123 -6.32 -15.93 6.60
CA ARG A 123 -6.97 -16.52 5.43
C ARG A 123 -6.28 -16.10 4.15
N VAL A 124 -6.62 -16.75 3.05
CA VAL A 124 -6.04 -16.45 1.75
C VAL A 124 -6.62 -15.16 1.18
N ILE A 125 -7.71 -14.69 1.77
CA ILE A 125 -8.36 -13.47 1.32
C ILE A 125 -7.38 -12.31 1.25
N VAL A 126 -6.36 -12.35 2.10
CA VAL A 126 -5.35 -11.31 2.14
C VAL A 126 -4.45 -11.37 0.90
N THR A 127 -3.98 -12.58 0.59
CA THR A 127 -3.12 -12.78 -0.57
C THR A 127 -3.86 -12.53 -1.87
N ARG A 128 -5.12 -12.99 -1.93
CA ARG A 128 -5.95 -12.82 -3.11
C ARG A 128 -6.29 -11.35 -3.32
N ASP A 129 -6.80 -10.71 -2.28
CA ASP A 129 -7.18 -9.30 -2.34
C ASP A 129 -5.94 -8.41 -2.43
N CYS A 130 -4.82 -8.90 -1.90
CA CYS A 130 -3.57 -8.15 -1.92
C CYS A 130 -3.05 -8.01 -3.34
N CYS A 131 -3.26 -9.04 -4.15
CA CYS A 131 -2.80 -9.03 -5.54
C CYS A 131 -3.64 -8.08 -6.38
N LEU A 132 -4.96 -8.13 -6.19
CA LEU A 132 -5.88 -7.29 -6.93
C LEU A 132 -5.84 -5.85 -6.41
N ILE A 133 -6.06 -5.70 -5.10
CA ILE A 133 -6.04 -4.38 -4.47
C ILE A 133 -4.74 -3.64 -4.78
N VAL A 134 -3.62 -4.33 -4.61
CA VAL A 134 -2.31 -3.74 -4.87
C VAL A 134 -2.06 -3.58 -6.36
N ASN A 135 -2.60 -4.51 -7.15
CA ASN A 135 -2.44 -4.48 -8.59
C ASN A 135 -3.00 -3.19 -9.18
N PHE A 136 -4.09 -2.71 -8.59
CA PHE A 136 -4.74 -1.48 -9.05
C PHE A 136 -3.89 -0.27 -8.69
N LEU A 137 -3.58 -0.13 -7.41
CA LEU A 137 -2.78 0.99 -6.93
C LEU A 137 -1.38 0.96 -7.54
N TYR A 138 -0.69 -0.16 -7.37
CA TYR A 138 0.65 -0.32 -7.90
C TYR A 138 0.75 0.22 -9.33
N ASN A 139 -0.17 -0.22 -10.18
CA ASN A 139 -0.20 0.22 -11.57
C ASN A 139 -0.64 1.68 -11.67
N LEU A 140 -1.51 2.08 -10.75
CA LEU A 140 -2.02 3.45 -10.73
C LEU A 140 -0.87 4.46 -10.62
N LEU A 141 0.06 4.20 -9.73
CA LEU A 141 1.21 5.07 -9.53
C LEU A 141 2.38 4.64 -10.39
N MET A 142 2.43 3.35 -10.71
CA MET A 142 3.51 2.80 -11.53
C MET A 142 3.21 3.01 -13.02
N GLY A 143 2.38 4.00 -13.33
CA GLY A 143 2.03 4.29 -14.70
C GLY A 143 3.07 5.12 -15.41
N ARG A 144 2.82 5.42 -16.68
CA ARG A 144 3.75 6.22 -17.47
C ARG A 144 3.86 7.64 -16.92
N ARG A 145 2.72 8.29 -16.76
CA ARG A 145 2.68 9.66 -16.25
C ARG A 145 2.84 9.66 -14.73
N HIS A 146 2.17 8.73 -14.07
CA HIS A 146 2.23 8.62 -12.61
C HIS A 146 3.66 8.40 -12.14
N ARG A 147 4.26 7.29 -12.58
CA ARG A 147 5.62 6.95 -12.20
C ARG A 147 6.59 8.05 -12.64
N ALA A 148 6.41 8.54 -13.86
CA ALA A 148 7.27 9.59 -14.39
C ALA A 148 7.32 10.79 -13.45
N ARG A 149 6.16 11.18 -12.94
CA ARG A 149 6.06 12.31 -12.03
C ARG A 149 6.56 11.93 -10.63
N LEU A 150 6.10 10.79 -10.14
CA LEU A 150 6.49 10.32 -8.82
C LEU A 150 7.99 10.48 -8.60
N GLU A 151 8.77 10.07 -9.59
CA GLU A 151 10.23 10.17 -9.51
C GLU A 151 10.69 11.58 -9.88
N ALA A 152 9.98 12.20 -10.81
CA ALA A 152 10.32 13.55 -11.25
C ALA A 152 10.34 14.53 -10.06
N LEU A 153 9.74 14.11 -8.96
CA LEU A 153 9.69 14.93 -7.76
C LEU A 153 10.57 14.37 -6.66
N GLY A 154 11.59 13.60 -7.05
CA GLY A 154 12.50 13.01 -6.09
C GLY A 154 12.21 11.56 -5.84
N GLY A 155 11.03 11.11 -6.24
CA GLY A 155 10.64 9.72 -6.05
C GLY A 155 10.52 9.35 -4.58
N TRP A 156 10.30 8.07 -4.31
CA TRP A 156 10.16 7.59 -2.95
C TRP A 156 11.12 8.32 -2.02
N ASP A 157 12.25 8.78 -2.57
CA ASP A 157 13.25 9.49 -1.79
C ASP A 157 12.73 10.86 -1.36
N GLY A 158 12.17 11.60 -2.31
CA GLY A 158 11.64 12.92 -2.01
C GLY A 158 10.55 12.89 -0.97
N PHE A 159 9.78 11.80 -0.95
CA PHE A 159 8.69 11.66 0.01
C PHE A 159 9.24 11.53 1.43
N CYS A 160 10.25 10.68 1.60
CA CYS A 160 10.86 10.46 2.90
C CYS A 160 11.27 11.78 3.54
N ARG A 161 11.87 12.66 2.74
CA ARG A 161 12.32 13.95 3.22
C ARG A 161 11.15 14.93 3.31
N PHE A 162 10.13 14.70 2.49
CA PHE A 162 8.95 15.57 2.48
C PHE A 162 8.10 15.35 3.73
N PHE A 163 7.97 14.08 4.13
CA PHE A 163 7.18 13.74 5.31
C PHE A 163 8.09 13.46 6.51
N LYS A 164 9.36 13.85 6.38
CA LYS A 164 10.31 13.64 7.46
C LYS A 164 10.23 12.23 8.01
N ASN A 165 11.09 11.34 7.53
CA ASN A 165 11.10 9.96 7.99
C ASN A 165 11.60 9.86 9.42
N PRO A 166 11.01 8.93 10.18
CA PRO A 166 11.38 8.71 11.59
C PRO A 166 12.77 8.09 11.73
N LEU A 167 13.02 7.04 10.94
CA LEU A 167 14.31 6.35 10.98
C LEU A 167 15.43 7.26 10.48
N PRO A 168 16.65 7.04 11.00
CA PRO A 168 17.82 7.82 10.61
C PRO A 168 18.27 7.54 9.18
N LEU A 169 18.17 6.28 8.79
CA LEU A 169 18.57 5.88 7.44
C LEU A 169 17.90 6.76 6.38
N GLY A 170 18.10 6.41 5.11
CA GLY A 170 17.52 7.17 4.02
C GLY A 170 17.57 8.66 4.31
N GLY A 1 0.51 0.96 -22.71
CA GLY A 1 -0.76 1.31 -22.10
C GLY A 1 -0.52 2.02 -20.77
N PRO A 2 -1.53 1.96 -19.87
CA PRO A 2 -1.44 2.59 -18.56
C PRO A 2 -0.46 1.87 -17.64
N LEU A 3 0.03 0.72 -18.08
CA LEU A 3 0.99 -0.06 -17.30
C LEU A 3 2.22 -0.40 -18.13
N GLY A 4 3.12 -1.19 -17.54
CA GLY A 4 4.33 -1.57 -18.25
C GLY A 4 5.58 -0.95 -17.64
N SER A 5 6.71 -1.62 -17.78
CA SER A 5 7.97 -1.12 -17.25
C SER A 5 9.00 -0.92 -18.35
N MET A 6 9.77 0.15 -18.25
CA MET A 6 10.78 0.47 -19.24
C MET A 6 11.78 -0.68 -19.38
N ALA A 7 12.18 -1.26 -18.26
CA ALA A 7 13.13 -2.37 -18.27
C ALA A 7 12.56 -3.57 -17.51
N ASP A 8 13.32 -4.66 -17.49
CA ASP A 8 12.90 -5.87 -16.79
C ASP A 8 13.31 -5.83 -15.32
N SER A 9 14.61 -5.64 -15.09
CA SER A 9 15.14 -5.59 -13.73
C SER A 9 15.97 -4.33 -13.52
N GLN A 10 16.21 -3.59 -14.60
CA GLN A 10 17.00 -2.37 -14.54
C GLN A 10 16.21 -1.25 -13.87
N ASP A 11 14.93 -1.50 -13.61
CA ASP A 11 14.06 -0.52 -12.97
C ASP A 11 13.76 -0.92 -11.53
N PRO A 12 14.63 -0.52 -10.61
CA PRO A 12 14.48 -0.82 -9.18
C PRO A 12 13.32 -0.06 -8.55
N LEU A 13 12.64 0.75 -9.35
CA LEU A 13 11.51 1.53 -8.87
C LEU A 13 10.21 0.75 -9.00
N HIS A 14 10.18 -0.19 -9.94
CA HIS A 14 8.99 -1.00 -10.17
C HIS A 14 8.87 -2.09 -9.10
N GLU A 15 10.00 -2.70 -8.76
CA GLU A 15 10.02 -3.76 -7.76
C GLU A 15 9.94 -3.18 -6.35
N ARG A 16 10.32 -1.91 -6.22
CA ARG A 16 10.29 -1.24 -4.93
C ARG A 16 8.86 -0.88 -4.53
N THR A 17 8.08 -0.42 -5.51
CA THR A 17 6.69 -0.04 -5.27
C THR A 17 5.83 -1.27 -5.00
N ARG A 18 6.08 -2.33 -5.75
CA ARG A 18 5.32 -3.56 -5.60
C ARG A 18 5.45 -4.12 -4.19
N ARG A 19 6.69 -4.31 -3.74
CA ARG A 19 6.95 -4.83 -2.40
C ARG A 19 6.43 -3.87 -1.34
N LEU A 20 6.66 -2.59 -1.54
CA LEU A 20 6.22 -1.57 -0.60
C LEU A 20 4.70 -1.57 -0.46
N LEU A 21 4.01 -1.62 -1.60
CA LEU A 21 2.56 -1.64 -1.62
C LEU A 21 2.02 -2.94 -1.05
N SER A 22 2.55 -4.06 -1.55
CA SER A 22 2.12 -5.37 -1.10
C SER A 22 2.47 -5.58 0.36
N ASP A 23 3.60 -5.02 0.78
CA ASP A 23 4.05 -5.15 2.17
C ASP A 23 3.04 -4.54 3.13
N TYR A 24 2.44 -3.42 2.73
CA TYR A 24 1.46 -2.73 3.55
C TYR A 24 0.22 -3.60 3.76
N ILE A 25 -0.26 -4.20 2.68
CA ILE A 25 -1.44 -5.06 2.74
C ILE A 25 -1.30 -6.11 3.84
N PHE A 26 -0.15 -6.80 3.85
CA PHE A 26 0.11 -7.83 4.84
C PHE A 26 0.11 -7.23 6.26
N PHE A 27 0.84 -6.15 6.44
CA PHE A 27 0.92 -5.48 7.74
C PHE A 27 -0.47 -5.11 8.25
N CYS A 28 -1.35 -4.76 7.31
CA CYS A 28 -2.72 -4.38 7.66
C CYS A 28 -3.60 -5.61 7.81
N ALA A 29 -3.11 -6.75 7.35
CA ALA A 29 -3.86 -8.00 7.43
C ALA A 29 -3.73 -8.63 8.81
N ARG A 30 -3.29 -7.84 9.77
CA ARG A 30 -3.12 -8.32 11.14
C ARG A 30 -4.15 -7.71 12.08
N GLU A 31 -5.05 -8.54 12.58
CA GLU A 31 -6.10 -8.08 13.48
C GLU A 31 -5.59 -6.97 14.39
N PRO A 32 -6.51 -6.11 14.86
CA PRO A 32 -6.16 -4.99 15.74
C PRO A 32 -5.76 -5.46 17.14
N ASP A 33 -5.97 -6.75 17.40
CA ASP A 33 -5.62 -7.32 18.71
C ASP A 33 -4.19 -7.84 18.71
N THR A 34 -3.47 -7.59 17.61
CA THR A 34 -2.10 -8.04 17.48
C THR A 34 -1.24 -6.98 16.80
N PRO A 35 0.00 -6.81 17.29
CA PRO A 35 0.94 -5.84 16.75
C PRO A 35 1.45 -6.22 15.37
N GLU A 36 1.51 -5.24 14.47
CA GLU A 36 1.96 -5.48 13.11
C GLU A 36 3.48 -5.63 13.06
N PRO A 37 3.97 -6.33 12.03
CA PRO A 37 5.41 -6.55 11.85
C PRO A 37 6.15 -5.28 11.46
N PRO A 38 7.49 -5.35 11.47
CA PRO A 38 8.35 -4.21 11.13
C PRO A 38 8.28 -3.87 9.64
N PRO A 39 8.87 -2.73 9.26
CA PRO A 39 8.90 -2.27 7.87
C PRO A 39 9.80 -3.13 6.99
N THR A 40 10.01 -2.69 5.76
CA THR A 40 10.85 -3.42 4.81
C THR A 40 11.87 -2.50 4.17
N SER A 41 11.44 -1.32 3.76
CA SER A 41 12.32 -0.36 3.11
C SER A 41 12.11 1.03 3.70
N VAL A 42 12.84 2.01 3.17
CA VAL A 42 12.74 3.39 3.63
C VAL A 42 11.33 3.94 3.42
N GLU A 43 10.79 3.72 2.23
CA GLU A 43 9.46 4.19 1.90
C GLU A 43 8.40 3.50 2.77
N ALA A 44 8.69 2.27 3.17
CA ALA A 44 7.77 1.50 4.01
C ALA A 44 7.78 2.02 5.44
N ALA A 45 8.95 2.46 5.91
CA ALA A 45 9.08 2.98 7.26
C ALA A 45 8.29 4.27 7.44
N LEU A 46 8.53 5.23 6.56
CA LEU A 46 7.84 6.52 6.62
C LEU A 46 6.33 6.33 6.39
N LEU A 47 5.98 5.64 5.32
CA LEU A 47 4.58 5.39 5.00
C LEU A 47 3.84 4.82 6.20
N ARG A 48 4.48 3.89 6.90
CA ARG A 48 3.89 3.27 8.08
C ARG A 48 3.69 4.29 9.19
N SER A 49 4.49 5.35 9.17
CA SER A 49 4.41 6.39 10.19
C SER A 49 3.39 7.46 9.79
N VAL A 50 3.34 7.75 8.48
CA VAL A 50 2.42 8.76 7.97
C VAL A 50 1.10 8.12 7.56
N THR A 51 1.18 7.07 6.74
CA THR A 51 -0.01 6.37 6.26
C THR A 51 -0.86 5.88 7.43
N ARG A 52 -0.20 5.51 8.53
CA ARG A 52 -0.90 5.02 9.70
C ARG A 52 -1.87 6.08 10.24
N GLN A 53 -1.50 7.34 10.09
CA GLN A 53 -2.34 8.45 10.55
C GLN A 53 -3.46 8.73 9.57
N ILE A 54 -3.20 8.46 8.29
CA ILE A 54 -4.19 8.69 7.24
C ILE A 54 -5.40 7.78 7.42
N GLN A 55 -5.16 6.58 7.94
CA GLN A 55 -6.23 5.62 8.17
C GLN A 55 -6.98 5.92 9.47
N GLN A 56 -6.26 5.87 10.58
CA GLN A 56 -6.86 6.13 11.89
C GLN A 56 -7.69 7.41 11.85
N GLU A 57 -7.43 8.26 10.85
CA GLU A 57 -8.16 9.51 10.71
C GLU A 57 -9.30 9.36 9.72
N HIS A 58 -9.04 8.67 8.61
CA HIS A 58 -10.04 8.46 7.57
C HIS A 58 -10.59 7.04 7.65
N GLN A 59 -9.71 6.07 7.82
CA GLN A 59 -10.12 4.67 7.89
C GLN A 59 -11.43 4.53 8.65
N GLU A 60 -11.71 5.49 9.52
CA GLU A 60 -12.94 5.47 10.31
C GLU A 60 -14.15 5.15 9.43
N PHE A 61 -14.16 5.72 8.23
CA PHE A 61 -15.26 5.49 7.30
C PHE A 61 -14.92 4.36 6.32
N PHE A 62 -13.67 4.31 5.89
CA PHE A 62 -13.22 3.29 4.96
C PHE A 62 -13.58 1.89 5.48
N SER A 63 -13.05 1.55 6.65
CA SER A 63 -13.30 0.26 7.27
C SER A 63 -14.80 -0.06 7.26
N SER A 64 -15.60 0.94 7.62
CA SER A 64 -17.05 0.76 7.67
C SER A 64 -17.58 0.18 6.36
N PHE A 65 -16.95 0.56 5.25
CA PHE A 65 -17.35 0.07 3.94
C PHE A 65 -16.78 -1.33 3.68
N CYS A 66 -15.53 -1.53 4.08
CA CYS A 66 -14.88 -2.82 3.89
C CYS A 66 -15.79 -3.96 4.33
N GLU A 67 -16.43 -3.79 5.48
CA GLU A 67 -17.33 -4.82 6.01
C GLU A 67 -18.79 -4.47 5.70
N SER A 68 -19.00 -3.78 4.59
CA SER A 68 -20.34 -3.38 4.18
C SER A 68 -20.70 -4.01 2.83
N ARG A 69 -20.04 -3.56 1.78
CA ARG A 69 -20.30 -4.07 0.44
C ARG A 69 -19.30 -5.17 0.08
N GLY A 70 -18.18 -5.21 0.81
CA GLY A 70 -17.16 -6.21 0.55
C GLY A 70 -16.36 -5.90 -0.70
N ASN A 71 -16.62 -4.75 -1.31
CA ASN A 71 -15.92 -4.36 -2.52
C ASN A 71 -14.57 -3.72 -2.18
N ARG A 72 -13.96 -4.19 -1.10
CA ARG A 72 -12.67 -3.68 -0.67
C ARG A 72 -11.83 -3.22 -1.86
N LEU A 73 -11.94 -3.95 -2.96
CA LEU A 73 -11.21 -3.63 -4.18
C LEU A 73 -11.86 -2.46 -4.92
N GLU A 74 -13.16 -2.58 -5.18
CA GLU A 74 -13.89 -1.53 -5.88
C GLU A 74 -13.65 -0.18 -5.22
N LEU A 75 -13.50 -0.18 -3.91
CA LEU A 75 -13.28 1.06 -3.15
C LEU A 75 -11.85 1.53 -3.33
N VAL A 76 -10.91 0.59 -3.41
CA VAL A 76 -9.50 0.92 -3.57
C VAL A 76 -9.26 1.66 -4.89
N LYS A 77 -9.86 1.15 -5.96
CA LYS A 77 -9.71 1.76 -7.27
C LYS A 77 -10.49 3.06 -7.36
N GLN A 78 -11.71 3.05 -6.82
CA GLN A 78 -12.56 4.24 -6.85
C GLN A 78 -11.85 5.44 -6.23
N MET A 79 -11.27 5.22 -5.04
CA MET A 79 -10.55 6.28 -4.35
C MET A 79 -9.42 6.83 -5.21
N ALA A 80 -8.53 5.93 -5.66
CA ALA A 80 -7.41 6.33 -6.49
C ALA A 80 -7.86 7.16 -7.68
N ASP A 81 -9.14 7.03 -8.03
CA ASP A 81 -9.70 7.77 -9.15
C ASP A 81 -10.10 9.19 -8.73
N LYS A 82 -10.48 9.33 -7.45
CA LYS A 82 -10.89 10.62 -6.92
C LYS A 82 -9.67 11.46 -6.56
N LEU A 83 -8.73 10.87 -5.85
CA LEU A 83 -7.51 11.57 -5.44
C LEU A 83 -6.48 11.56 -6.56
N LEU A 84 -6.05 10.36 -6.94
CA LEU A 84 -5.07 10.22 -8.00
C LEU A 84 -5.72 10.23 -9.37
N SER A 85 -4.96 10.60 -10.40
CA SER A 85 -5.48 10.65 -11.76
C SER A 85 -4.34 10.73 -12.77
N LYS A 86 -4.68 11.02 -14.02
CA LYS A 86 -3.69 11.12 -15.09
C LYS A 86 -3.36 12.58 -15.38
N ASP A 87 -4.40 13.37 -15.66
CA ASP A 87 -4.22 14.78 -15.95
C ASP A 87 -4.31 15.63 -14.68
N GLN A 88 -4.27 14.96 -13.54
CA GLN A 88 -4.34 15.64 -12.25
C GLN A 88 -2.98 15.68 -11.57
N ASP A 89 -2.57 16.86 -11.15
CA ASP A 89 -1.28 17.03 -10.47
C ASP A 89 -1.27 16.32 -9.13
N PHE A 90 -1.22 14.99 -9.16
CA PHE A 90 -1.22 14.19 -7.94
C PHE A 90 -0.03 14.56 -7.06
N SER A 91 -0.32 14.97 -5.83
CA SER A 91 0.73 15.35 -4.89
C SER A 91 1.15 14.17 -4.03
N TRP A 92 2.30 14.29 -3.39
CA TRP A 92 2.82 13.23 -2.53
C TRP A 92 1.77 12.81 -1.50
N SER A 93 1.04 13.77 -0.96
CA SER A 93 0.02 13.50 0.03
C SER A 93 -0.98 12.47 -0.49
N GLN A 94 -1.22 12.49 -1.80
CA GLN A 94 -2.15 11.56 -2.41
C GLN A 94 -1.54 10.16 -2.50
N LEU A 95 -0.26 10.10 -2.82
CA LEU A 95 0.44 8.83 -2.92
C LEU A 95 0.31 8.01 -1.63
N VAL A 96 0.72 8.62 -0.53
CA VAL A 96 0.66 7.96 0.78
C VAL A 96 -0.79 7.63 1.14
N MET A 97 -1.71 8.47 0.69
CA MET A 97 -3.13 8.26 0.98
C MET A 97 -3.60 6.92 0.42
N LEU A 98 -3.23 6.62 -0.81
CA LEU A 98 -3.61 5.38 -1.46
C LEU A 98 -3.11 4.18 -0.67
N LEU A 99 -1.84 4.25 -0.25
CA LEU A 99 -1.23 3.17 0.52
C LEU A 99 -2.04 2.87 1.77
N ALA A 100 -2.32 3.91 2.56
CA ALA A 100 -3.09 3.76 3.78
C ALA A 100 -4.44 3.11 3.52
N PHE A 101 -5.23 3.72 2.65
CA PHE A 101 -6.55 3.21 2.30
C PHE A 101 -6.46 1.74 1.90
N ALA A 102 -5.70 1.48 0.84
CA ALA A 102 -5.53 0.12 0.34
C ALA A 102 -5.40 -0.88 1.49
N GLY A 103 -4.48 -0.59 2.41
CA GLY A 103 -4.27 -1.47 3.54
C GLY A 103 -5.48 -1.55 4.45
N THR A 104 -6.25 -0.46 4.50
CA THR A 104 -7.44 -0.41 5.34
C THR A 104 -8.52 -1.36 4.81
N LEU A 105 -8.48 -1.63 3.52
CA LEU A 105 -9.45 -2.52 2.89
C LEU A 105 -9.03 -3.97 3.04
N MET A 106 -7.74 -4.19 3.28
CA MET A 106 -7.21 -5.54 3.46
C MET A 106 -8.24 -6.45 4.13
N ASN A 107 -9.03 -7.15 3.32
CA ASN A 107 -10.06 -8.04 3.82
C ASN A 107 -9.43 -9.18 4.63
N GLN A 108 -10.10 -9.56 5.72
CA GLN A 108 -9.60 -10.64 6.58
C GLN A 108 -10.75 -11.46 7.14
N GLY A 109 -10.69 -12.77 6.94
CA GLY A 109 -11.74 -13.64 7.44
C GLY A 109 -11.24 -15.05 7.73
N PRO A 110 -10.05 -15.13 8.35
CA PRO A 110 -9.43 -16.42 8.70
C PRO A 110 -10.18 -17.14 9.81
N TYR A 111 -9.52 -18.11 10.43
CA TYR A 111 -10.12 -18.88 11.51
C TYR A 111 -9.26 -18.83 12.76
N MET A 112 -8.05 -18.31 12.61
CA MET A 112 -7.12 -18.20 13.73
C MET A 112 -7.86 -17.86 15.02
N ALA A 113 -8.15 -18.88 15.82
CA ALA A 113 -8.87 -18.70 17.07
C ALA A 113 -7.89 -18.64 18.24
N VAL A 114 -8.36 -19.05 19.42
CA VAL A 114 -7.53 -19.04 20.62
C VAL A 114 -6.41 -20.06 20.51
N LYS A 115 -6.69 -21.31 20.86
CA LYS A 115 -5.70 -22.37 20.79
C LYS A 115 -5.37 -22.71 19.34
N GLN A 116 -4.29 -22.11 18.83
CA GLN A 116 -3.86 -22.35 17.47
C GLN A 116 -2.33 -22.38 17.37
N LYS A 117 -1.83 -22.86 16.24
CA LYS A 117 -0.38 -22.95 16.02
C LYS A 117 -0.06 -22.93 14.53
N ARG A 118 1.18 -22.57 14.20
CA ARG A 118 1.62 -22.52 12.82
C ARG A 118 0.48 -22.07 11.91
N ASP A 119 -0.35 -21.17 12.41
CA ASP A 119 -1.48 -20.65 11.64
C ASP A 119 -1.16 -19.29 11.03
N LEU A 120 0.07 -18.82 11.27
CA LEU A 120 0.51 -17.54 10.74
C LEU A 120 0.13 -17.38 9.28
N GLY A 121 -0.12 -18.51 8.61
CA GLY A 121 -0.49 -18.48 7.22
C GLY A 121 -1.94 -18.06 7.01
N ASN A 122 -2.28 -16.87 7.47
CA ASN A 122 -3.65 -16.36 7.34
C ASN A 122 -4.27 -16.81 6.02
N ARG A 123 -5.59 -16.91 6.00
CA ARG A 123 -6.31 -17.32 4.80
C ARG A 123 -5.70 -16.69 3.56
N VAL A 124 -6.01 -17.26 2.39
CA VAL A 124 -5.50 -16.75 1.13
C VAL A 124 -6.22 -15.47 0.72
N ILE A 125 -7.32 -15.18 1.39
CA ILE A 125 -8.10 -13.97 1.10
C ILE A 125 -7.22 -12.73 1.16
N VAL A 126 -6.20 -12.77 2.00
CA VAL A 126 -5.28 -11.65 2.14
C VAL A 126 -4.42 -11.48 0.91
N THR A 127 -3.81 -12.58 0.46
CA THR A 127 -2.95 -12.56 -0.71
C THR A 127 -3.76 -12.25 -1.98
N ARG A 128 -4.92 -12.88 -2.10
CA ARG A 128 -5.78 -12.68 -3.26
C ARG A 128 -6.22 -11.21 -3.36
N ASP A 129 -6.56 -10.63 -2.22
CA ASP A 129 -7.00 -9.23 -2.17
C ASP A 129 -5.82 -8.29 -2.36
N CYS A 130 -4.64 -8.73 -1.92
CA CYS A 130 -3.44 -7.92 -2.04
C CYS A 130 -3.02 -7.75 -3.49
N CYS A 131 -3.05 -8.85 -4.23
CA CYS A 131 -2.68 -8.82 -5.65
C CYS A 131 -3.63 -7.93 -6.44
N LEU A 132 -4.92 -8.02 -6.13
CA LEU A 132 -5.93 -7.22 -6.82
C LEU A 132 -5.89 -5.78 -6.36
N ILE A 133 -5.99 -5.57 -5.04
CA ILE A 133 -5.96 -4.24 -4.48
C ILE A 133 -4.66 -3.51 -4.82
N VAL A 134 -3.54 -4.21 -4.65
CA VAL A 134 -2.24 -3.63 -4.96
C VAL A 134 -2.05 -3.47 -6.47
N ASN A 135 -2.63 -4.38 -7.23
CA ASN A 135 -2.52 -4.35 -8.68
C ASN A 135 -3.06 -3.03 -9.24
N PHE A 136 -4.13 -2.54 -8.62
CA PHE A 136 -4.75 -1.28 -9.05
C PHE A 136 -3.87 -0.10 -8.67
N LEU A 137 -3.55 0.02 -7.39
CA LEU A 137 -2.72 1.12 -6.91
C LEU A 137 -1.33 1.05 -7.51
N TYR A 138 -0.67 -0.10 -7.34
CA TYR A 138 0.68 -0.29 -7.87
C TYR A 138 0.79 0.24 -9.29
N ASN A 139 -0.18 -0.14 -10.13
CA ASN A 139 -0.19 0.31 -11.52
C ASN A 139 -0.58 1.77 -11.63
N LEU A 140 -1.38 2.24 -10.67
CA LEU A 140 -1.82 3.63 -10.65
C LEU A 140 -0.63 4.58 -10.63
N LEU A 141 0.27 4.38 -9.66
CA LEU A 141 1.44 5.22 -9.54
C LEU A 141 2.58 4.70 -10.40
N MET A 142 2.47 3.44 -10.83
CA MET A 142 3.49 2.83 -11.67
C MET A 142 3.13 2.95 -13.15
N GLY A 143 2.32 3.96 -13.47
CA GLY A 143 1.91 4.17 -14.85
C GLY A 143 2.93 5.00 -15.62
N ARG A 144 2.78 5.01 -16.95
CA ARG A 144 3.69 5.75 -17.81
C ARG A 144 3.76 7.21 -17.38
N ARG A 145 2.60 7.85 -17.29
CA ARG A 145 2.53 9.26 -16.89
C ARG A 145 2.70 9.41 -15.38
N HIS A 146 2.04 8.54 -14.63
CA HIS A 146 2.10 8.57 -13.17
C HIS A 146 3.55 8.38 -12.69
N ARG A 147 4.13 7.23 -13.03
CA ARG A 147 5.49 6.93 -12.64
C ARG A 147 6.44 8.06 -13.04
N ALA A 148 6.32 8.51 -14.29
CA ALA A 148 7.16 9.59 -14.80
C ALA A 148 7.16 10.77 -13.84
N ARG A 149 5.98 11.13 -13.35
CA ARG A 149 5.85 12.26 -12.42
C ARG A 149 6.33 11.88 -11.03
N LEU A 150 5.87 10.73 -10.54
CA LEU A 150 6.26 10.25 -9.23
C LEU A 150 7.75 10.44 -8.99
N GLU A 151 8.55 10.03 -9.96
CA GLU A 151 10.00 10.16 -9.86
C GLU A 151 10.45 11.58 -10.20
N ALA A 152 9.76 12.19 -11.15
CA ALA A 152 10.09 13.56 -11.57
C ALA A 152 10.06 14.51 -10.39
N LEU A 153 9.45 14.09 -9.29
CA LEU A 153 9.37 14.91 -8.09
C LEU A 153 10.24 14.34 -6.98
N GLY A 154 11.28 13.60 -7.36
CA GLY A 154 12.17 13.01 -6.38
C GLY A 154 11.91 11.54 -6.17
N GLY A 155 10.72 11.09 -6.53
CA GLY A 155 10.36 9.69 -6.37
C GLY A 155 10.27 9.28 -4.92
N TRP A 156 10.03 7.99 -4.68
CA TRP A 156 9.91 7.47 -3.32
C TRP A 156 10.89 8.16 -2.39
N ASP A 157 12.01 8.63 -2.95
CA ASP A 157 13.03 9.31 -2.16
C ASP A 157 12.50 10.63 -1.60
N GLY A 158 11.87 11.41 -2.48
CA GLY A 158 11.32 12.70 -2.06
C GLY A 158 10.24 12.55 -1.02
N PHE A 159 9.53 11.42 -1.04
CA PHE A 159 8.45 11.17 -0.10
C PHE A 159 9.00 11.06 1.32
N CYS A 160 10.00 10.19 1.50
CA CYS A 160 10.60 9.99 2.81
C CYS A 160 11.12 11.31 3.39
N ARG A 161 11.76 12.09 2.53
CA ARG A 161 12.32 13.38 2.95
C ARG A 161 11.22 14.45 3.02
N PHE A 162 10.18 14.26 2.22
CA PHE A 162 9.07 15.21 2.17
C PHE A 162 8.28 15.17 3.48
N PHE A 163 8.01 13.97 3.98
CA PHE A 163 7.27 13.80 5.22
C PHE A 163 8.21 13.56 6.39
N LYS A 164 9.51 13.70 6.14
CA LYS A 164 10.52 13.49 7.17
C LYS A 164 10.33 12.14 7.86
N ASN A 165 11.18 11.19 7.51
CA ASN A 165 11.10 9.85 8.10
C ASN A 165 11.60 9.86 9.54
N PRO A 166 11.03 8.98 10.37
CA PRO A 166 11.40 8.86 11.78
C PRO A 166 12.80 8.28 11.98
N LEU A 167 13.08 7.20 11.25
CA LEU A 167 14.38 6.55 11.34
C LEU A 167 15.50 7.52 10.96
N PRO A 168 16.73 7.19 11.39
CA PRO A 168 17.91 8.01 11.11
C PRO A 168 18.31 7.97 9.64
N LEU A 169 18.41 6.76 9.11
CA LEU A 169 18.78 6.58 7.70
C LEU A 169 17.91 7.42 6.79
N GLY A 170 18.08 7.26 5.47
CA GLY A 170 17.32 8.01 4.50
C GLY A 170 15.89 8.20 4.99
N GLY A 1 10.91 8.70 -20.94
CA GLY A 1 9.87 9.68 -21.20
C GLY A 1 9.12 9.32 -22.47
N PRO A 2 9.54 9.93 -23.59
CA PRO A 2 8.92 9.69 -24.91
C PRO A 2 9.22 8.29 -25.44
N LEU A 3 10.13 7.60 -24.77
CA LEU A 3 10.50 6.24 -25.18
C LEU A 3 9.29 5.49 -25.72
N GLY A 4 9.55 4.51 -26.60
CA GLY A 4 8.47 3.73 -27.17
C GLY A 4 7.76 2.88 -26.14
N SER A 5 6.45 2.74 -26.30
CA SER A 5 5.65 1.95 -25.37
C SER A 5 6.19 0.54 -25.24
N MET A 6 7.19 0.37 -24.37
CA MET A 6 7.80 -0.93 -24.15
C MET A 6 7.08 -1.69 -23.03
N ALA A 7 6.96 -1.05 -21.87
CA ALA A 7 6.29 -1.67 -20.73
C ALA A 7 6.23 -0.70 -19.54
N ASP A 8 5.58 -1.13 -18.47
CA ASP A 8 5.45 -0.31 -17.28
C ASP A 8 6.24 -0.90 -16.11
N SER A 9 6.29 -2.23 -16.05
CA SER A 9 7.01 -2.93 -14.99
C SER A 9 8.50 -2.97 -15.28
N GLN A 10 8.92 -2.29 -16.34
CA GLN A 10 10.32 -2.25 -16.72
C GLN A 10 11.07 -1.18 -15.93
N ASP A 11 10.32 -0.31 -15.27
CA ASP A 11 10.92 0.76 -14.47
C ASP A 11 11.92 0.18 -13.47
N PRO A 12 12.79 1.06 -12.94
CA PRO A 12 13.80 0.67 -11.96
C PRO A 12 13.20 0.29 -10.61
N LEU A 13 12.32 1.15 -10.10
CA LEU A 13 11.67 0.91 -8.82
C LEU A 13 10.36 0.15 -9.00
N HIS A 14 10.06 -0.20 -10.25
CA HIS A 14 8.84 -0.93 -10.57
C HIS A 14 8.59 -2.03 -9.54
N GLU A 15 9.58 -2.89 -9.35
CA GLU A 15 9.48 -3.98 -8.40
C GLU A 15 9.55 -3.48 -6.96
N ARG A 16 10.10 -2.27 -6.80
CA ARG A 16 10.23 -1.67 -5.48
C ARG A 16 8.89 -1.17 -4.96
N THR A 17 8.03 -0.75 -5.88
CA THR A 17 6.70 -0.25 -5.52
C THR A 17 5.75 -1.38 -5.21
N ARG A 18 5.76 -2.41 -6.07
CA ARG A 18 4.89 -3.57 -5.89
C ARG A 18 5.15 -4.24 -4.54
N ARG A 19 6.42 -4.44 -4.23
CA ARG A 19 6.79 -5.08 -2.96
C ARG A 19 6.41 -4.20 -1.78
N LEU A 20 6.71 -2.91 -1.88
CA LEU A 20 6.38 -1.96 -0.81
C LEU A 20 4.87 -1.90 -0.58
N LEU A 21 4.12 -1.73 -1.65
CA LEU A 21 2.66 -1.66 -1.57
C LEU A 21 2.09 -2.96 -1.02
N SER A 22 2.48 -4.08 -1.62
CA SER A 22 2.00 -5.38 -1.19
C SER A 22 2.42 -5.68 0.25
N ASP A 23 3.64 -5.28 0.59
CA ASP A 23 4.17 -5.50 1.93
C ASP A 23 3.25 -4.89 2.98
N TYR A 24 2.79 -3.67 2.72
CA TYR A 24 1.90 -2.97 3.64
C TYR A 24 0.61 -3.74 3.83
N ILE A 25 0.04 -4.24 2.74
CA ILE A 25 -1.19 -5.00 2.79
C ILE A 25 -1.12 -6.11 3.84
N PHE A 26 0.00 -6.83 3.86
CA PHE A 26 0.19 -7.90 4.81
C PHE A 26 0.14 -7.39 6.25
N PHE A 27 0.93 -6.36 6.53
CA PHE A 27 0.97 -5.77 7.86
C PHE A 27 -0.42 -5.33 8.31
N CYS A 28 -1.15 -4.69 7.40
CA CYS A 28 -2.49 -4.21 7.70
C CYS A 28 -3.43 -5.38 7.97
N ALA A 29 -3.02 -6.57 7.54
CA ALA A 29 -3.83 -7.76 7.73
C ALA A 29 -3.62 -8.36 9.11
N ARG A 30 -3.06 -7.56 10.01
CA ARG A 30 -2.79 -8.00 11.38
C ARG A 30 -3.64 -7.21 12.38
N GLU A 31 -4.58 -7.89 13.02
CA GLU A 31 -5.45 -7.25 14.00
C GLU A 31 -4.63 -6.51 15.06
N PRO A 32 -5.29 -5.60 15.79
CA PRO A 32 -4.66 -4.82 16.84
C PRO A 32 -4.29 -5.66 18.05
N ASP A 33 -4.84 -6.86 18.13
CA ASP A 33 -4.58 -7.77 19.23
C ASP A 33 -3.45 -8.74 18.87
N THR A 34 -2.85 -8.54 17.71
CA THR A 34 -1.76 -9.40 17.25
C THR A 34 -0.62 -8.58 16.66
N PRO A 35 0.62 -9.00 16.94
CA PRO A 35 1.82 -8.32 16.45
C PRO A 35 2.00 -8.48 14.95
N GLU A 36 2.38 -7.40 14.28
CA GLU A 36 2.58 -7.41 12.83
C GLU A 36 4.07 -7.45 12.50
N PRO A 37 4.39 -7.83 11.25
CA PRO A 37 5.77 -7.90 10.77
C PRO A 37 6.42 -6.53 10.63
N PRO A 38 7.75 -6.51 10.59
CA PRO A 38 8.52 -5.26 10.46
C PRO A 38 8.38 -4.64 9.08
N PRO A 39 8.87 -3.41 8.93
CA PRO A 39 8.81 -2.68 7.66
C PRO A 39 9.73 -3.27 6.59
N THR A 40 9.37 -3.08 5.33
CA THR A 40 10.15 -3.61 4.23
C THR A 40 11.33 -2.70 3.91
N SER A 41 11.04 -1.43 3.65
CA SER A 41 12.08 -0.46 3.34
C SER A 41 11.66 0.95 3.73
N VAL A 42 12.53 1.92 3.52
CA VAL A 42 12.25 3.31 3.85
C VAL A 42 10.84 3.70 3.43
N GLU A 43 10.54 3.49 2.15
CA GLU A 43 9.22 3.81 1.62
C GLU A 43 8.11 3.17 2.46
N ALA A 44 8.37 1.94 2.91
CA ALA A 44 7.39 1.22 3.73
C ALA A 44 7.31 1.80 5.13
N ALA A 45 8.44 2.30 5.62
CA ALA A 45 8.50 2.89 6.96
C ALA A 45 7.78 4.24 6.99
N LEU A 46 7.80 4.94 5.86
CA LEU A 46 7.15 6.25 5.77
C LEU A 46 5.64 6.11 5.89
N LEU A 47 5.07 5.20 5.12
CA LEU A 47 3.62 4.98 5.14
C LEU A 47 3.15 4.64 6.56
N ARG A 48 3.75 3.60 7.14
CA ARG A 48 3.38 3.17 8.48
C ARG A 48 3.47 4.34 9.46
N SER A 49 4.31 5.32 9.15
CA SER A 49 4.48 6.49 10.00
C SER A 49 3.42 7.55 9.69
N VAL A 50 3.27 7.86 8.41
CA VAL A 50 2.29 8.86 7.98
C VAL A 50 0.97 8.21 7.61
N THR A 51 1.03 7.20 6.75
CA THR A 51 -0.17 6.49 6.32
C THR A 51 -1.02 6.06 7.51
N ARG A 52 -0.36 5.77 8.63
CA ARG A 52 -1.06 5.35 9.84
C ARG A 52 -2.02 6.44 10.30
N GLN A 53 -1.65 7.69 10.09
CA GLN A 53 -2.48 8.83 10.49
C GLN A 53 -3.60 9.06 9.48
N ILE A 54 -3.33 8.79 8.21
CA ILE A 54 -4.30 8.97 7.16
C ILE A 54 -5.50 8.05 7.35
N GLN A 55 -5.25 6.89 7.93
CA GLN A 55 -6.31 5.90 8.17
C GLN A 55 -7.08 6.25 9.45
N GLN A 56 -6.37 6.25 10.59
CA GLN A 56 -6.99 6.56 11.87
C GLN A 56 -7.85 7.82 11.77
N GLU A 57 -7.59 8.63 10.75
CA GLU A 57 -8.35 9.86 10.54
C GLU A 57 -9.48 9.65 9.53
N HIS A 58 -9.17 8.93 8.46
CA HIS A 58 -10.16 8.65 7.42
C HIS A 58 -10.69 7.22 7.54
N GLN A 59 -9.79 6.28 7.77
CA GLN A 59 -10.17 4.88 7.90
C GLN A 59 -11.49 4.74 8.65
N GLU A 60 -11.82 5.75 9.45
CA GLU A 60 -13.06 5.73 10.22
C GLU A 60 -14.24 5.31 9.35
N PHE A 61 -14.17 5.65 8.07
CA PHE A 61 -15.23 5.32 7.13
C PHE A 61 -14.80 4.16 6.23
N PHE A 62 -13.53 4.14 5.86
CA PHE A 62 -13.00 3.09 5.00
C PHE A 62 -13.31 1.71 5.56
N SER A 63 -12.90 1.49 6.81
CA SER A 63 -13.13 0.20 7.47
C SER A 63 -14.59 -0.21 7.35
N SER A 64 -15.49 0.73 7.60
CA SER A 64 -16.92 0.45 7.52
C SER A 64 -17.28 -0.19 6.18
N PHE A 65 -16.59 0.22 5.13
CA PHE A 65 -16.84 -0.31 3.80
C PHE A 65 -16.25 -1.70 3.66
N CYS A 66 -15.02 -1.88 4.14
CA CYS A 66 -14.34 -3.17 4.07
C CYS A 66 -15.24 -4.28 4.59
N GLU A 67 -16.21 -3.91 5.42
CA GLU A 67 -17.13 -4.88 6.00
C GLU A 67 -18.57 -4.53 5.66
N SER A 68 -18.77 -3.96 4.48
CA SER A 68 -20.11 -3.58 4.02
C SER A 68 -20.48 -4.34 2.76
N ARG A 69 -19.80 -4.04 1.65
CA ARG A 69 -20.08 -4.69 0.39
C ARG A 69 -19.00 -5.72 0.06
N GLY A 70 -17.89 -5.65 0.78
CA GLY A 70 -16.80 -6.57 0.55
C GLY A 70 -15.99 -6.24 -0.69
N ASN A 71 -16.31 -5.11 -1.31
CA ASN A 71 -15.61 -4.68 -2.51
C ASN A 71 -14.32 -3.95 -2.16
N ARG A 72 -13.71 -4.34 -1.05
CA ARG A 72 -12.46 -3.73 -0.60
C ARG A 72 -11.61 -3.29 -1.78
N LEU A 73 -11.67 -4.05 -2.86
CA LEU A 73 -10.91 -3.74 -4.06
C LEU A 73 -11.57 -2.61 -4.86
N GLU A 74 -12.86 -2.78 -5.13
CA GLU A 74 -13.60 -1.77 -5.89
C GLU A 74 -13.41 -0.38 -5.28
N LEU A 75 -13.28 -0.33 -3.96
CA LEU A 75 -13.10 0.93 -3.26
C LEU A 75 -11.66 1.42 -3.40
N VAL A 76 -10.71 0.49 -3.36
CA VAL A 76 -9.31 0.83 -3.49
C VAL A 76 -9.02 1.49 -4.84
N LYS A 77 -9.52 0.89 -5.90
CA LYS A 77 -9.33 1.40 -7.25
C LYS A 77 -10.17 2.66 -7.47
N GLN A 78 -11.35 2.69 -6.86
CA GLN A 78 -12.25 3.83 -6.99
C GLN A 78 -11.62 5.09 -6.41
N MET A 79 -11.08 4.97 -5.19
CA MET A 79 -10.44 6.10 -4.52
C MET A 79 -9.27 6.62 -5.34
N ALA A 80 -8.33 5.73 -5.64
CA ALA A 80 -7.15 6.10 -6.42
C ALA A 80 -7.53 6.81 -7.71
N ASP A 81 -8.76 6.59 -8.15
CA ASP A 81 -9.26 7.21 -9.38
C ASP A 81 -9.77 8.62 -9.10
N LYS A 82 -10.24 8.84 -7.87
CA LYS A 82 -10.76 10.15 -7.48
C LYS A 82 -9.63 11.09 -7.09
N LEU A 83 -8.71 10.62 -6.26
CA LEU A 83 -7.58 11.43 -5.83
C LEU A 83 -6.46 11.39 -6.86
N LEU A 84 -5.95 10.19 -7.14
CA LEU A 84 -4.88 10.02 -8.11
C LEU A 84 -5.44 9.90 -9.52
N SER A 85 -4.64 10.29 -10.51
CA SER A 85 -5.06 10.23 -11.90
C SER A 85 -3.86 10.08 -12.82
N LYS A 86 -4.10 10.14 -14.14
CA LYS A 86 -3.04 10.01 -15.12
C LYS A 86 -2.62 11.38 -15.66
N ASP A 87 -3.60 12.20 -15.99
CA ASP A 87 -3.34 13.53 -16.51
C ASP A 87 -3.19 14.54 -15.38
N GLN A 88 -3.61 14.15 -14.18
CA GLN A 88 -3.52 15.00 -13.01
C GLN A 88 -2.21 14.77 -12.25
N ASP A 89 -1.48 15.86 -12.01
CA ASP A 89 -0.21 15.77 -11.29
C ASP A 89 -0.44 15.63 -9.79
N PHE A 90 -0.88 14.45 -9.37
CA PHE A 90 -1.14 14.19 -7.96
C PHE A 90 0.00 14.72 -7.09
N SER A 91 -0.26 14.83 -5.79
CA SER A 91 0.75 15.33 -4.86
C SER A 91 1.17 14.24 -3.88
N TRP A 92 2.35 14.40 -3.29
CA TRP A 92 2.87 13.43 -2.34
C TRP A 92 1.82 13.06 -1.30
N SER A 93 0.92 14.01 -1.02
CA SER A 93 -0.14 13.78 -0.04
C SER A 93 -1.10 12.70 -0.52
N GLN A 94 -1.36 12.68 -1.81
CA GLN A 94 -2.27 11.70 -2.40
C GLN A 94 -1.61 10.32 -2.48
N LEU A 95 -0.32 10.31 -2.81
CA LEU A 95 0.43 9.07 -2.92
C LEU A 95 0.32 8.25 -1.64
N VAL A 96 0.72 8.87 -0.53
CA VAL A 96 0.66 8.21 0.77
C VAL A 96 -0.77 7.87 1.17
N MET A 97 -1.70 8.72 0.74
CA MET A 97 -3.12 8.52 1.05
C MET A 97 -3.62 7.20 0.46
N LEU A 98 -3.22 6.93 -0.79
CA LEU A 98 -3.64 5.71 -1.47
C LEU A 98 -3.13 4.47 -0.73
N LEU A 99 -1.89 4.55 -0.25
CA LEU A 99 -1.29 3.43 0.47
C LEU A 99 -2.05 3.14 1.76
N ALA A 100 -2.33 4.19 2.53
CA ALA A 100 -3.06 4.04 3.78
C ALA A 100 -4.41 3.37 3.55
N PHE A 101 -5.16 3.85 2.56
CA PHE A 101 -6.46 3.31 2.24
C PHE A 101 -6.37 1.80 1.96
N ALA A 102 -5.59 1.45 0.94
CA ALA A 102 -5.41 0.06 0.56
C ALA A 102 -5.24 -0.82 1.80
N GLY A 103 -4.34 -0.43 2.69
CA GLY A 103 -4.10 -1.19 3.89
C GLY A 103 -5.31 -1.24 4.80
N THR A 104 -6.18 -0.24 4.69
CA THR A 104 -7.39 -0.17 5.50
C THR A 104 -8.45 -1.14 4.98
N LEU A 105 -8.41 -1.41 3.68
CA LEU A 105 -9.37 -2.31 3.06
C LEU A 105 -8.97 -3.77 3.29
N MET A 106 -7.68 -4.03 3.27
CA MET A 106 -7.16 -5.38 3.47
C MET A 106 -8.02 -6.14 4.48
N ASN A 107 -8.86 -7.05 3.98
CA ASN A 107 -9.73 -7.84 4.84
C ASN A 107 -9.18 -9.25 5.02
N GLN A 108 -9.66 -9.94 6.05
CA GLN A 108 -9.22 -11.30 6.33
C GLN A 108 -10.41 -12.20 6.62
N GLY A 109 -10.12 -13.47 6.91
CA GLY A 109 -11.17 -14.42 7.21
C GLY A 109 -10.68 -15.86 7.22
N PRO A 110 -9.71 -16.14 8.10
CA PRO A 110 -9.13 -17.48 8.23
C PRO A 110 -10.12 -18.49 8.82
N TYR A 111 -9.58 -19.60 9.31
CA TYR A 111 -10.41 -20.65 9.91
C TYR A 111 -10.08 -20.82 11.39
N MET A 112 -9.01 -20.17 11.83
CA MET A 112 -8.59 -20.25 13.23
C MET A 112 -9.79 -20.34 14.15
N ALA A 113 -10.22 -21.56 14.45
CA ALA A 113 -11.36 -21.79 15.33
C ALA A 113 -10.92 -22.29 16.70
N VAL A 114 -11.80 -23.02 17.36
CA VAL A 114 -11.50 -23.56 18.69
C VAL A 114 -10.38 -24.59 18.61
N LYS A 115 -10.74 -25.83 18.31
CA LYS A 115 -9.77 -26.91 18.20
C LYS A 115 -8.90 -26.75 16.96
N GLN A 116 -7.76 -26.08 17.13
CA GLN A 116 -6.85 -25.85 16.01
C GLN A 116 -5.40 -26.12 16.44
N LYS A 117 -4.68 -26.89 15.62
CA LYS A 117 -3.30 -27.23 15.90
C LYS A 117 -2.42 -25.98 15.89
N ARG A 118 -2.12 -25.50 14.68
CA ARG A 118 -1.29 -24.31 14.53
C ARG A 118 -2.11 -23.04 14.73
N ASP A 119 -1.46 -21.89 14.58
CA ASP A 119 -2.13 -20.61 14.75
C ASP A 119 -1.92 -19.72 13.52
N LEU A 120 -0.79 -19.91 12.84
CA LEU A 120 -0.48 -19.13 11.65
C LEU A 120 -1.58 -19.25 10.61
N GLY A 121 -2.49 -20.21 10.81
CA GLY A 121 -3.58 -20.41 9.88
C GLY A 121 -4.11 -19.10 9.32
N ASN A 122 -3.93 -18.90 8.02
CA ASN A 122 -4.38 -17.69 7.35
C ASN A 122 -4.95 -18.01 5.98
N ARG A 123 -6.17 -17.52 5.73
CA ARG A 123 -6.83 -17.75 4.45
C ARG A 123 -6.14 -16.97 3.33
N VAL A 124 -6.44 -17.33 2.09
CA VAL A 124 -5.85 -16.67 0.93
C VAL A 124 -6.50 -15.30 0.70
N ILE A 125 -7.63 -15.07 1.36
CA ILE A 125 -8.34 -13.80 1.23
C ILE A 125 -7.40 -12.62 1.42
N VAL A 126 -6.29 -12.85 2.11
CA VAL A 126 -5.31 -11.81 2.35
C VAL A 126 -4.48 -11.53 1.11
N THR A 127 -3.88 -12.58 0.56
CA THR A 127 -3.05 -12.44 -0.64
C THR A 127 -3.90 -12.16 -1.87
N ARG A 128 -5.01 -12.90 -2.00
CA ARG A 128 -5.91 -12.72 -3.14
C ARG A 128 -6.36 -11.27 -3.24
N ASP A 129 -6.85 -10.73 -2.13
CA ASP A 129 -7.34 -9.35 -2.10
C ASP A 129 -6.17 -8.36 -2.21
N CYS A 130 -5.01 -8.80 -1.74
CA CYS A 130 -3.81 -7.95 -1.77
C CYS A 130 -3.30 -7.79 -3.21
N CYS A 131 -3.36 -8.88 -3.97
CA CYS A 131 -2.90 -8.85 -5.36
C CYS A 131 -3.78 -7.94 -6.21
N LEU A 132 -5.09 -7.99 -5.97
CA LEU A 132 -6.03 -7.16 -6.71
C LEU A 132 -5.98 -5.72 -6.23
N ILE A 133 -6.02 -5.53 -4.92
CA ILE A 133 -5.97 -4.19 -4.34
C ILE A 133 -4.69 -3.47 -4.74
N VAL A 134 -3.55 -4.16 -4.63
CA VAL A 134 -2.27 -3.58 -4.98
C VAL A 134 -2.11 -3.45 -6.49
N ASN A 135 -2.74 -4.38 -7.22
CA ASN A 135 -2.68 -4.37 -8.68
C ASN A 135 -3.09 -3.01 -9.24
N PHE A 136 -4.24 -2.52 -8.77
CA PHE A 136 -4.75 -1.23 -9.23
C PHE A 136 -3.85 -0.10 -8.76
N LEU A 137 -3.59 -0.04 -7.46
CA LEU A 137 -2.74 1.00 -6.89
C LEU A 137 -1.37 0.99 -7.53
N TYR A 138 -0.70 -0.15 -7.48
CA TYR A 138 0.63 -0.29 -8.05
C TYR A 138 0.72 0.41 -9.41
N ASN A 139 -0.14 -0.01 -10.34
CA ASN A 139 -0.17 0.58 -11.66
C ASN A 139 -0.63 2.04 -11.61
N LEU A 140 -1.43 2.36 -10.62
CA LEU A 140 -1.94 3.71 -10.44
C LEU A 140 -0.80 4.72 -10.35
N LEU A 141 0.20 4.39 -9.52
CA LEU A 141 1.35 5.27 -9.34
C LEU A 141 2.54 4.77 -10.16
N MET A 142 2.49 3.51 -10.56
CA MET A 142 3.57 2.92 -11.36
C MET A 142 3.26 3.04 -12.85
N GLY A 143 2.44 4.01 -13.21
CA GLY A 143 2.08 4.21 -14.60
C GLY A 143 3.08 5.08 -15.33
N ARG A 144 2.97 5.13 -16.65
CA ARG A 144 3.87 5.93 -17.47
C ARG A 144 3.82 7.40 -17.05
N ARG A 145 2.62 7.95 -16.99
CA ARG A 145 2.44 9.35 -16.61
C ARG A 145 2.58 9.52 -15.09
N HIS A 146 2.00 8.59 -14.34
CA HIS A 146 2.06 8.63 -12.88
C HIS A 146 3.50 8.50 -12.39
N ARG A 147 4.13 7.37 -12.71
CA ARG A 147 5.50 7.12 -12.31
C ARG A 147 6.40 8.29 -12.69
N ALA A 148 6.32 8.71 -13.95
CA ALA A 148 7.13 9.82 -14.44
C ALA A 148 7.03 11.03 -13.50
N ARG A 149 5.82 11.30 -13.03
CA ARG A 149 5.58 12.43 -12.13
C ARG A 149 6.06 12.10 -10.72
N LEU A 150 5.87 10.86 -10.31
CA LEU A 150 6.28 10.42 -8.98
C LEU A 150 7.78 10.61 -8.78
N GLU A 151 8.55 10.25 -9.79
CA GLU A 151 10.01 10.38 -9.73
C GLU A 151 10.43 11.81 -10.04
N ALA A 152 9.72 12.45 -10.96
CA ALA A 152 10.01 13.82 -11.35
C ALA A 152 10.09 14.74 -10.13
N LEU A 153 9.58 14.26 -9.00
CA LEU A 153 9.60 15.03 -7.77
C LEU A 153 10.55 14.41 -6.75
N GLY A 154 11.54 13.69 -7.25
CA GLY A 154 12.52 13.06 -6.36
C GLY A 154 12.16 11.63 -6.03
N GLY A 155 11.07 11.13 -6.63
CA GLY A 155 10.65 9.77 -6.39
C GLY A 155 10.57 9.45 -4.91
N TRP A 156 10.35 8.18 -4.59
CA TRP A 156 10.26 7.74 -3.20
C TRP A 156 11.31 8.44 -2.34
N ASP A 157 12.39 8.88 -2.97
CA ASP A 157 13.46 9.55 -2.25
C ASP A 157 12.97 10.87 -1.67
N GLY A 158 12.27 11.66 -2.48
CA GLY A 158 11.75 12.93 -2.02
C GLY A 158 10.63 12.78 -1.01
N PHE A 159 9.87 11.68 -1.14
CA PHE A 159 8.76 11.43 -0.23
C PHE A 159 9.27 11.13 1.17
N CYS A 160 10.12 10.13 1.30
CA CYS A 160 10.68 9.76 2.60
C CYS A 160 11.26 10.97 3.30
N ARG A 161 11.96 11.81 2.55
CA ARG A 161 12.59 13.01 3.11
C ARG A 161 11.56 14.12 3.29
N PHE A 162 10.50 14.09 2.48
CA PHE A 162 9.44 15.09 2.56
C PHE A 162 8.64 14.93 3.84
N PHE A 163 8.31 13.68 4.19
CA PHE A 163 7.54 13.39 5.39
C PHE A 163 8.46 13.20 6.59
N LYS A 164 9.74 12.98 6.32
CA LYS A 164 10.73 12.77 7.37
C LYS A 164 10.43 11.48 8.15
N ASN A 165 10.78 10.34 7.57
CA ASN A 165 10.54 9.06 8.21
C ASN A 165 11.04 9.07 9.65
N PRO A 166 10.39 8.28 10.52
CA PRO A 166 10.74 8.18 11.93
C PRO A 166 12.07 7.47 12.15
N LEU A 167 12.25 6.34 11.49
CA LEU A 167 13.48 5.57 11.61
C LEU A 167 14.69 6.40 11.18
N PRO A 168 15.88 5.97 11.61
CA PRO A 168 17.13 6.67 11.27
C PRO A 168 17.50 6.51 9.81
N LEU A 169 17.37 5.29 9.30
CA LEU A 169 17.69 5.01 7.90
C LEU A 169 17.04 6.03 6.97
N GLY A 170 17.41 5.98 5.69
CA GLY A 170 16.87 6.89 4.71
C GLY A 170 17.81 8.07 4.51
N GLY A 1 -8.76 -9.20 -23.11
CA GLY A 1 -7.54 -8.57 -23.58
C GLY A 1 -6.35 -9.07 -22.79
N PRO A 2 -5.80 -10.23 -23.19
CA PRO A 2 -4.64 -10.83 -22.51
C PRO A 2 -3.36 -10.04 -22.74
N LEU A 3 -3.09 -9.71 -24.00
CA LEU A 3 -1.90 -8.95 -24.35
C LEU A 3 -1.66 -7.81 -23.36
N GLY A 4 -0.41 -7.64 -22.95
CA GLY A 4 -0.08 -6.58 -22.01
C GLY A 4 1.33 -6.04 -22.21
N SER A 5 1.98 -5.69 -21.11
CA SER A 5 3.34 -5.15 -21.17
C SER A 5 4.13 -5.81 -22.29
N MET A 6 4.76 -4.99 -23.12
CA MET A 6 5.56 -5.50 -24.23
C MET A 6 6.97 -5.85 -23.77
N ALA A 7 7.60 -4.94 -23.06
CA ALA A 7 8.96 -5.15 -22.56
C ALA A 7 8.94 -5.57 -21.09
N ASP A 8 10.04 -6.14 -20.63
CA ASP A 8 10.16 -6.58 -19.24
C ASP A 8 11.50 -6.16 -18.65
N SER A 9 12.28 -5.45 -19.43
CA SER A 9 13.60 -4.99 -18.99
C SER A 9 13.55 -3.52 -18.56
N GLN A 10 12.51 -2.81 -19.01
CA GLN A 10 12.35 -1.40 -18.67
C GLN A 10 11.45 -1.24 -17.45
N ASP A 11 11.73 -2.03 -16.42
CA ASP A 11 10.95 -1.97 -15.18
C ASP A 11 11.80 -1.45 -14.02
N PRO A 12 11.85 -0.12 -13.89
CA PRO A 12 12.63 0.54 -12.82
C PRO A 12 12.02 0.31 -11.44
N LEU A 13 11.15 1.22 -11.03
CA LEU A 13 10.49 1.12 -9.73
C LEU A 13 9.28 0.19 -9.79
N HIS A 14 9.27 -0.70 -10.79
CA HIS A 14 8.18 -1.64 -10.96
C HIS A 14 8.07 -2.57 -9.76
N GLU A 15 9.17 -3.23 -9.41
CA GLU A 15 9.19 -4.14 -8.28
C GLU A 15 9.32 -3.38 -6.97
N ARG A 16 10.06 -2.28 -7.00
CA ARG A 16 10.26 -1.46 -5.81
C ARG A 16 8.92 -1.01 -5.23
N THR A 17 8.01 -0.60 -6.11
CA THR A 17 6.69 -0.14 -5.69
C THR A 17 5.79 -1.31 -5.34
N ARG A 18 5.84 -2.36 -6.17
CA ARG A 18 5.02 -3.54 -5.95
C ARG A 18 5.29 -4.14 -4.58
N ARG A 19 6.56 -4.45 -4.31
CA ARG A 19 6.96 -5.04 -3.04
C ARG A 19 6.54 -4.14 -1.87
N LEU A 20 6.85 -2.85 -2.00
CA LEU A 20 6.51 -1.88 -0.95
C LEU A 20 5.00 -1.87 -0.69
N LEU A 21 4.22 -1.69 -1.75
CA LEU A 21 2.77 -1.66 -1.64
C LEU A 21 2.25 -2.93 -0.96
N SER A 22 2.65 -4.08 -1.48
CA SER A 22 2.22 -5.36 -0.92
C SER A 22 2.70 -5.51 0.52
N ASP A 23 3.88 -4.97 0.80
CA ASP A 23 4.45 -5.05 2.14
C ASP A 23 3.53 -4.38 3.16
N TYR A 24 2.88 -3.31 2.75
CA TYR A 24 1.97 -2.59 3.63
C TYR A 24 0.67 -3.37 3.84
N ILE A 25 0.25 -4.09 2.81
CA ILE A 25 -0.97 -4.88 2.88
C ILE A 25 -0.91 -5.88 4.03
N PHE A 26 0.19 -6.60 4.13
CA PHE A 26 0.38 -7.58 5.19
C PHE A 26 0.42 -6.91 6.56
N PHE A 27 1.22 -5.85 6.65
CA PHE A 27 1.36 -5.11 7.91
C PHE A 27 0.00 -4.63 8.42
N CYS A 28 -0.90 -4.34 7.49
CA CYS A 28 -2.24 -3.87 7.85
C CYS A 28 -3.12 -5.05 8.27
N ALA A 29 -2.84 -6.22 7.73
CA ALA A 29 -3.61 -7.41 8.06
C ALA A 29 -3.13 -8.05 9.35
N ARG A 30 -2.18 -7.38 10.01
CA ARG A 30 -1.63 -7.88 11.27
C ARG A 30 -2.68 -8.65 12.06
N GLU A 31 -2.48 -9.96 12.18
CA GLU A 31 -3.42 -10.80 12.91
C GLU A 31 -3.74 -10.21 14.27
N PRO A 32 -4.96 -10.48 14.76
CA PRO A 32 -5.42 -9.98 16.06
C PRO A 32 -4.71 -10.64 17.23
N ASP A 33 -3.95 -11.70 16.92
CA ASP A 33 -3.22 -12.43 17.95
C ASP A 33 -1.71 -12.18 17.82
N THR A 34 -1.34 -11.28 16.91
CA THR A 34 0.06 -10.95 16.69
C THR A 34 0.22 -9.54 16.15
N PRO A 35 1.26 -8.84 16.62
CA PRO A 35 1.54 -7.47 16.20
C PRO A 35 2.02 -7.39 14.75
N GLU A 36 2.01 -6.17 14.19
CA GLU A 36 2.43 -5.97 12.82
C GLU A 36 3.95 -6.08 12.70
N PRO A 37 4.41 -6.68 11.59
CA PRO A 37 5.84 -6.86 11.33
C PRO A 37 6.55 -5.55 11.02
N PRO A 38 7.89 -5.59 10.98
CA PRO A 38 8.72 -4.41 10.71
C PRO A 38 8.59 -3.95 9.26
N PRO A 39 9.14 -2.76 8.97
CA PRO A 39 9.10 -2.17 7.63
C PRO A 39 9.99 -2.93 6.64
N THR A 40 9.46 -3.16 5.44
CA THR A 40 10.20 -3.88 4.41
C THR A 40 11.35 -3.03 3.87
N SER A 41 11.07 -1.77 3.60
CA SER A 41 12.08 -0.86 3.08
C SER A 41 11.93 0.54 3.69
N VAL A 42 12.77 1.46 3.24
CA VAL A 42 12.73 2.84 3.74
C VAL A 42 11.38 3.49 3.44
N GLU A 43 10.89 3.28 2.22
CA GLU A 43 9.61 3.85 1.81
C GLU A 43 8.46 3.23 2.59
N ALA A 44 8.61 1.96 2.95
CA ALA A 44 7.59 1.25 3.70
C ALA A 44 7.55 1.71 5.16
N ALA A 45 8.68 2.23 5.64
CA ALA A 45 8.78 2.71 7.00
C ALA A 45 8.03 4.04 7.18
N LEU A 46 8.34 5.00 6.33
CA LEU A 46 7.71 6.32 6.39
C LEU A 46 6.20 6.18 6.29
N LEU A 47 5.72 5.49 5.26
CA LEU A 47 4.29 5.29 5.06
C LEU A 47 3.64 4.72 6.31
N ARG A 48 4.29 3.73 6.90
CA ARG A 48 3.77 3.08 8.11
C ARG A 48 3.60 4.11 9.23
N SER A 49 4.38 5.19 9.16
CA SER A 49 4.31 6.24 10.17
C SER A 49 3.29 7.30 9.79
N VAL A 50 3.28 7.68 8.51
CA VAL A 50 2.34 8.68 8.03
C VAL A 50 1.05 8.04 7.56
N THR A 51 1.15 7.03 6.70
CA THR A 51 -0.02 6.33 6.19
C THR A 51 -0.91 5.85 7.32
N ARG A 52 -0.30 5.46 8.43
CA ARG A 52 -1.04 4.97 9.59
C ARG A 52 -1.98 6.05 10.12
N GLN A 53 -1.59 7.31 9.96
CA GLN A 53 -2.39 8.43 10.42
C GLN A 53 -3.51 8.73 9.44
N ILE A 54 -3.25 8.53 8.17
CA ILE A 54 -4.24 8.78 7.12
C ILE A 54 -5.46 7.90 7.31
N GLN A 55 -5.26 6.71 7.85
CA GLN A 55 -6.35 5.77 8.07
C GLN A 55 -7.10 6.11 9.35
N GLN A 56 -6.39 6.08 10.48
CA GLN A 56 -7.01 6.40 11.77
C GLN A 56 -7.84 7.67 11.69
N GLU A 57 -7.57 8.48 10.67
CA GLU A 57 -8.30 9.73 10.47
C GLU A 57 -9.44 9.55 9.47
N HIS A 58 -9.15 8.84 8.38
CA HIS A 58 -10.14 8.59 7.34
C HIS A 58 -10.71 7.17 7.46
N GLN A 59 -9.82 6.21 7.69
CA GLN A 59 -10.24 4.81 7.82
C GLN A 59 -11.57 4.71 8.56
N GLU A 60 -11.88 5.71 9.37
CA GLU A 60 -13.12 5.72 10.13
C GLU A 60 -14.31 5.36 9.24
N PHE A 61 -14.29 5.85 8.00
CA PHE A 61 -15.36 5.58 7.06
C PHE A 61 -15.00 4.39 6.17
N PHE A 62 -13.74 4.33 5.74
CA PHE A 62 -13.28 3.25 4.88
C PHE A 62 -13.59 1.89 5.50
N SER A 63 -13.17 1.70 6.73
CA SER A 63 -13.39 0.43 7.44
C SER A 63 -14.87 0.03 7.35
N SER A 64 -15.75 0.99 7.58
CA SER A 64 -17.18 0.73 7.53
C SER A 64 -17.57 0.04 6.21
N PHE A 65 -16.93 0.46 5.12
CA PHE A 65 -17.21 -0.11 3.82
C PHE A 65 -16.49 -1.45 3.65
N CYS A 66 -15.27 -1.53 4.13
CA CYS A 66 -14.48 -2.76 4.04
C CYS A 66 -15.29 -3.96 4.51
N GLU A 67 -16.25 -3.71 5.40
CA GLU A 67 -17.10 -4.78 5.93
C GLU A 67 -18.56 -4.49 5.66
N SER A 68 -18.84 -3.84 4.53
CA SER A 68 -20.21 -3.49 4.15
C SER A 68 -20.59 -4.17 2.85
N ARG A 69 -19.96 -3.74 1.76
CA ARG A 69 -20.24 -4.31 0.44
C ARG A 69 -19.20 -5.36 0.06
N GLY A 70 -18.09 -5.37 0.79
CA GLY A 70 -17.03 -6.32 0.52
C GLY A 70 -16.25 -5.98 -0.74
N ASN A 71 -16.52 -4.81 -1.30
CA ASN A 71 -15.83 -4.36 -2.51
C ASN A 71 -14.51 -3.71 -2.17
N ARG A 72 -13.89 -4.16 -1.08
CA ARG A 72 -12.61 -3.61 -0.65
C ARG A 72 -11.76 -3.19 -1.84
N LEU A 73 -11.89 -3.93 -2.94
CA LEU A 73 -11.13 -3.64 -4.16
C LEU A 73 -11.78 -2.50 -4.93
N GLU A 74 -13.08 -2.61 -5.18
CA GLU A 74 -13.82 -1.59 -5.91
C GLU A 74 -13.55 -0.20 -5.32
N LEU A 75 -13.35 -0.15 -4.00
CA LEU A 75 -13.08 1.10 -3.31
C LEU A 75 -11.65 1.55 -3.52
N VAL A 76 -10.72 0.59 -3.51
CA VAL A 76 -9.31 0.88 -3.71
C VAL A 76 -9.07 1.56 -5.04
N LYS A 77 -9.69 1.04 -6.10
CA LYS A 77 -9.55 1.61 -7.43
C LYS A 77 -10.31 2.92 -7.55
N GLN A 78 -11.54 2.94 -7.05
CA GLN A 78 -12.38 4.13 -7.10
C GLN A 78 -11.65 5.33 -6.47
N MET A 79 -11.13 5.12 -5.27
CA MET A 79 -10.42 6.18 -4.56
C MET A 79 -9.21 6.66 -5.37
N ALA A 80 -8.33 5.73 -5.73
CA ALA A 80 -7.14 6.05 -6.50
C ALA A 80 -7.50 6.84 -7.76
N ASP A 81 -8.76 6.72 -8.18
CA ASP A 81 -9.22 7.41 -9.37
C ASP A 81 -9.64 8.85 -9.03
N LYS A 82 -10.09 9.06 -7.80
CA LYS A 82 -10.52 10.37 -7.35
C LYS A 82 -9.32 11.23 -6.95
N LEU A 83 -8.43 10.66 -6.14
CA LEU A 83 -7.24 11.37 -5.70
C LEU A 83 -6.13 11.30 -6.74
N LEU A 84 -5.74 10.08 -7.10
CA LEU A 84 -4.69 9.87 -8.09
C LEU A 84 -5.29 9.79 -9.50
N SER A 85 -4.46 10.09 -10.49
CA SER A 85 -4.90 10.05 -11.88
C SER A 85 -3.71 10.09 -12.84
N LYS A 86 -3.98 10.27 -14.12
CA LYS A 86 -2.94 10.33 -15.14
C LYS A 86 -2.64 11.78 -15.53
N ASP A 87 -3.69 12.53 -15.84
CA ASP A 87 -3.54 13.92 -16.23
C ASP A 87 -3.62 14.84 -15.01
N GLN A 88 -4.06 14.28 -13.89
CA GLN A 88 -4.19 15.05 -12.65
C GLN A 88 -2.82 15.18 -11.96
N ASP A 89 -2.46 16.42 -11.64
CA ASP A 89 -1.19 16.68 -10.97
C ASP A 89 -1.22 16.19 -9.53
N PHE A 90 -1.24 14.86 -9.37
CA PHE A 90 -1.28 14.26 -8.04
C PHE A 90 -0.25 14.90 -7.12
N SER A 91 -0.27 14.51 -5.85
CA SER A 91 0.66 15.05 -4.87
C SER A 91 1.15 13.97 -3.91
N TRP A 92 2.31 14.18 -3.32
CA TRP A 92 2.88 13.22 -2.38
C TRP A 92 1.85 12.78 -1.35
N SER A 93 1.01 13.71 -0.94
CA SER A 93 -0.03 13.43 0.05
C SER A 93 -1.01 12.38 -0.48
N GLN A 94 -1.23 12.40 -1.79
CA GLN A 94 -2.15 11.47 -2.43
C GLN A 94 -1.54 10.07 -2.49
N LEU A 95 -0.24 10.00 -2.76
CA LEU A 95 0.47 8.73 -2.85
C LEU A 95 0.33 7.94 -1.55
N VAL A 96 0.71 8.57 -0.44
CA VAL A 96 0.63 7.93 0.87
C VAL A 96 -0.82 7.57 1.22
N MET A 97 -1.75 8.38 0.73
CA MET A 97 -3.18 8.15 0.99
C MET A 97 -3.63 6.84 0.35
N LEU A 98 -3.19 6.59 -0.87
CA LEU A 98 -3.56 5.38 -1.59
C LEU A 98 -3.09 4.14 -0.83
N LEU A 99 -1.90 4.23 -0.25
CA LEU A 99 -1.33 3.11 0.50
C LEU A 99 -2.14 2.84 1.77
N ALA A 100 -2.42 3.90 2.51
CA ALA A 100 -3.19 3.78 3.74
C ALA A 100 -4.55 3.13 3.48
N PHE A 101 -5.30 3.69 2.54
CA PHE A 101 -6.61 3.18 2.19
C PHE A 101 -6.54 1.69 1.87
N ALA A 102 -5.77 1.35 0.84
CA ALA A 102 -5.60 -0.04 0.43
C ALA A 102 -5.61 -0.98 1.64
N GLY A 103 -4.66 -0.75 2.55
CA GLY A 103 -4.55 -1.57 3.73
C GLY A 103 -5.80 -1.51 4.59
N THR A 104 -6.51 -0.39 4.53
CA THR A 104 -7.72 -0.20 5.31
C THR A 104 -8.86 -1.07 4.78
N LEU A 105 -8.79 -1.40 3.49
CA LEU A 105 -9.82 -2.23 2.86
C LEU A 105 -9.54 -3.71 3.11
N MET A 106 -8.27 -4.08 3.12
CA MET A 106 -7.87 -5.46 3.35
C MET A 106 -8.52 -6.01 4.62
N ASN A 107 -9.50 -6.89 4.45
CA ASN A 107 -10.21 -7.48 5.58
C ASN A 107 -9.48 -8.72 6.08
N GLN A 108 -9.78 -9.13 7.31
CA GLN A 108 -9.16 -10.31 7.89
C GLN A 108 -10.17 -11.12 8.69
N GLY A 109 -11.10 -11.75 7.99
CA GLY A 109 -12.12 -12.56 8.64
C GLY A 109 -12.99 -13.30 7.66
N PRO A 110 -12.41 -14.32 7.00
CA PRO A 110 -13.12 -15.15 6.02
C PRO A 110 -14.18 -16.04 6.67
N TYR A 111 -14.62 -17.05 5.93
CA TYR A 111 -15.62 -17.98 6.44
C TYR A 111 -15.19 -18.58 7.77
N MET A 112 -14.38 -19.64 7.70
CA MET A 112 -13.90 -20.30 8.90
C MET A 112 -12.55 -20.96 8.65
N ALA A 113 -12.22 -21.96 9.46
CA ALA A 113 -10.96 -22.68 9.32
C ALA A 113 -11.14 -24.17 9.57
N VAL A 114 -11.06 -24.97 8.51
CA VAL A 114 -11.22 -26.40 8.61
C VAL A 114 -10.53 -27.12 7.45
N LYS A 115 -10.84 -26.68 6.23
CA LYS A 115 -10.26 -27.28 5.04
C LYS A 115 -9.02 -26.50 4.59
N GLN A 116 -7.90 -26.73 5.27
CA GLN A 116 -6.65 -26.06 4.94
C GLN A 116 -5.48 -27.03 4.95
N LYS A 117 -4.79 -27.12 3.81
CA LYS A 117 -3.65 -28.03 3.69
C LYS A 117 -2.38 -27.37 4.23
N ARG A 118 -2.53 -26.56 5.27
CA ARG A 118 -1.41 -25.88 5.88
C ARG A 118 -0.41 -25.41 4.82
N ASP A 119 -0.93 -25.06 3.64
CA ASP A 119 -0.08 -24.60 2.55
C ASP A 119 -0.24 -23.09 2.33
N LEU A 120 -1.47 -22.67 2.07
CA LEU A 120 -1.75 -21.26 1.83
C LEU A 120 -1.31 -20.41 3.02
N GLY A 121 -1.01 -21.07 4.13
CA GLY A 121 -0.56 -20.37 5.33
C GLY A 121 -1.69 -19.58 5.98
N ASN A 122 -1.60 -18.26 5.91
CA ASN A 122 -2.61 -17.40 6.49
C ASN A 122 -3.83 -17.27 5.57
N ARG A 123 -4.84 -16.56 6.05
CA ARG A 123 -6.06 -16.38 5.27
C ARG A 123 -5.73 -16.02 3.82
N VAL A 124 -6.49 -16.61 2.90
CA VAL A 124 -6.27 -16.36 1.47
C VAL A 124 -6.84 -15.01 1.06
N ILE A 125 -7.62 -14.40 1.95
CA ILE A 125 -8.22 -13.10 1.69
C ILE A 125 -7.15 -12.01 1.58
N VAL A 126 -6.06 -12.19 2.32
CA VAL A 126 -4.97 -11.23 2.32
C VAL A 126 -4.13 -11.36 1.04
N THR A 127 -3.85 -12.61 0.65
CA THR A 127 -3.05 -12.87 -0.53
C THR A 127 -3.86 -12.62 -1.80
N ARG A 128 -5.14 -12.97 -1.76
CA ARG A 128 -6.03 -12.78 -2.91
C ARG A 128 -6.37 -11.31 -3.10
N ASP A 129 -6.75 -10.65 -2.01
CA ASP A 129 -7.11 -9.24 -2.05
C ASP A 129 -5.87 -8.38 -2.24
N CYS A 130 -4.72 -8.90 -1.83
CA CYS A 130 -3.46 -8.18 -1.95
C CYS A 130 -3.07 -8.01 -3.41
N CYS A 131 -3.06 -9.11 -4.14
CA CYS A 131 -2.70 -9.09 -5.56
C CYS A 131 -3.66 -8.21 -6.34
N LEU A 132 -4.94 -8.27 -5.99
CA LEU A 132 -5.96 -7.48 -6.67
C LEU A 132 -5.89 -6.02 -6.25
N ILE A 133 -5.95 -5.78 -4.94
CA ILE A 133 -5.90 -4.42 -4.42
C ILE A 133 -4.57 -3.73 -4.79
N VAL A 134 -3.47 -4.44 -4.57
CA VAL A 134 -2.16 -3.91 -4.89
C VAL A 134 -1.97 -3.76 -6.40
N ASN A 135 -2.57 -4.67 -7.16
CA ASN A 135 -2.47 -4.64 -8.61
C ASN A 135 -2.99 -3.32 -9.16
N PHE A 136 -4.05 -2.80 -8.56
CA PHE A 136 -4.63 -1.53 -8.98
C PHE A 136 -3.76 -0.36 -8.57
N LEU A 137 -3.48 -0.26 -7.27
CA LEU A 137 -2.65 0.82 -6.75
C LEU A 137 -1.27 0.81 -7.39
N TYR A 138 -0.60 -0.33 -7.34
CA TYR A 138 0.73 -0.47 -7.92
C TYR A 138 0.76 0.09 -9.35
N ASN A 139 -0.22 -0.31 -10.14
CA ASN A 139 -0.31 0.14 -11.53
C ASN A 139 -0.73 1.61 -11.60
N LEU A 140 -1.60 2.01 -10.67
CA LEU A 140 -2.08 3.39 -10.63
C LEU A 140 -0.92 4.36 -10.48
N LEU A 141 0.01 4.05 -9.59
CA LEU A 141 1.18 4.90 -9.36
C LEU A 141 2.28 4.58 -10.35
N MET A 142 2.29 3.35 -10.85
CA MET A 142 3.30 2.91 -11.81
C MET A 142 2.88 3.26 -13.24
N GLY A 143 2.02 4.28 -13.37
CA GLY A 143 1.56 4.70 -14.68
C GLY A 143 2.62 5.45 -15.45
N ARG A 144 2.33 5.74 -16.72
CA ARG A 144 3.26 6.46 -17.58
C ARG A 144 3.45 7.89 -17.09
N ARG A 145 2.33 8.61 -16.93
CA ARG A 145 2.37 9.99 -16.47
C ARG A 145 2.62 10.06 -14.97
N HIS A 146 1.87 9.26 -14.21
CA HIS A 146 2.01 9.23 -12.76
C HIS A 146 3.46 8.93 -12.36
N ARG A 147 3.93 7.75 -12.73
CA ARG A 147 5.29 7.34 -12.41
C ARG A 147 6.29 8.42 -12.82
N ALA A 148 6.12 8.95 -14.03
CA ALA A 148 7.01 9.98 -14.53
C ALA A 148 7.12 11.14 -13.55
N ARG A 149 5.99 11.55 -13.00
CA ARG A 149 5.96 12.65 -12.04
C ARG A 149 6.48 12.21 -10.67
N LEU A 150 5.97 11.06 -10.20
CA LEU A 150 6.38 10.53 -8.91
C LEU A 150 7.89 10.65 -8.73
N GLU A 151 8.64 10.23 -9.75
CA GLU A 151 10.10 10.29 -9.69
C GLU A 151 10.59 11.70 -10.02
N ALA A 152 9.90 12.38 -10.92
CA ALA A 152 10.27 13.73 -11.32
C ALA A 152 10.34 14.65 -10.11
N LEU A 153 9.75 14.22 -9.00
CA LEU A 153 9.74 15.01 -7.77
C LEU A 153 10.63 14.38 -6.72
N GLY A 154 11.62 13.60 -7.16
CA GLY A 154 12.52 12.95 -6.24
C GLY A 154 12.20 11.49 -6.04
N GLY A 155 10.96 11.11 -6.35
CA GLY A 155 10.54 9.73 -6.21
C GLY A 155 10.42 9.31 -4.75
N TRP A 156 10.19 8.03 -4.53
CA TRP A 156 10.05 7.50 -3.17
C TRP A 156 11.01 8.20 -2.22
N ASP A 157 12.14 8.66 -2.75
CA ASP A 157 13.14 9.35 -1.94
C ASP A 157 12.62 10.70 -1.47
N GLY A 158 12.05 11.46 -2.40
CA GLY A 158 11.53 12.78 -2.06
C GLY A 158 10.45 12.71 -1.00
N PHE A 159 9.68 11.63 -1.00
CA PHE A 159 8.61 11.45 -0.02
C PHE A 159 9.18 11.28 1.38
N CYS A 160 10.19 10.43 1.51
CA CYS A 160 10.82 10.18 2.81
C CYS A 160 11.23 11.49 3.47
N ARG A 161 11.83 12.39 2.69
CA ARG A 161 12.27 13.68 3.20
C ARG A 161 11.10 14.64 3.33
N PHE A 162 10.07 14.44 2.51
CA PHE A 162 8.88 15.29 2.53
C PHE A 162 8.12 15.13 3.83
N PHE A 163 7.97 13.89 4.29
CA PHE A 163 7.27 13.60 5.52
C PHE A 163 8.23 13.34 6.67
N LYS A 164 9.52 13.34 6.35
CA LYS A 164 10.57 13.11 7.34
C LYS A 164 10.46 11.70 7.92
N ASN A 165 11.28 10.79 7.41
CA ASN A 165 11.28 9.42 7.88
C ASN A 165 11.71 9.33 9.33
N PRO A 166 11.05 8.46 10.11
CA PRO A 166 11.35 8.27 11.53
C PRO A 166 12.69 7.57 11.74
N LEU A 167 12.90 6.46 11.06
CA LEU A 167 14.14 5.70 11.17
C LEU A 167 15.31 6.49 10.60
N PRO A 168 16.47 6.39 11.27
CA PRO A 168 17.69 7.08 10.85
C PRO A 168 18.26 6.51 9.55
N LEU A 169 18.44 5.19 9.53
CA LEU A 169 18.99 4.51 8.36
C LEU A 169 17.89 4.15 7.38
N GLY A 170 18.25 3.41 6.33
CA GLY A 170 17.30 3.00 5.32
C GLY A 170 17.87 3.22 3.93
N GLY A 1 -0.97 6.49 -20.39
CA GLY A 1 -0.87 7.08 -21.71
C GLY A 1 -0.64 6.00 -22.76
N PRO A 2 -0.92 6.33 -24.03
CA PRO A 2 -0.76 5.39 -25.14
C PRO A 2 0.72 5.09 -25.43
N LEU A 3 1.61 5.70 -24.66
CA LEU A 3 3.04 5.51 -24.83
C LEU A 3 3.43 4.06 -24.52
N GLY A 4 3.91 3.35 -25.53
CA GLY A 4 4.32 1.97 -25.33
C GLY A 4 5.38 1.82 -24.26
N SER A 5 6.13 0.72 -24.32
CA SER A 5 7.18 0.46 -23.33
C SER A 5 8.55 0.63 -23.96
N MET A 6 9.44 1.32 -23.25
CA MET A 6 10.80 1.55 -23.72
C MET A 6 11.73 0.43 -23.27
N ALA A 7 11.75 0.17 -21.97
CA ALA A 7 12.60 -0.87 -21.40
C ALA A 7 11.82 -1.75 -20.42
N ASP A 8 12.49 -2.74 -19.87
CA ASP A 8 11.87 -3.66 -18.93
C ASP A 8 12.62 -3.65 -17.60
N SER A 9 13.93 -3.45 -17.66
CA SER A 9 14.77 -3.43 -16.46
C SER A 9 15.31 -2.03 -16.21
N GLN A 10 15.40 -1.23 -17.28
CA GLN A 10 15.91 0.13 -17.18
C GLN A 10 15.39 0.81 -15.91
N ASP A 11 14.12 0.58 -15.59
CA ASP A 11 13.51 1.17 -14.41
C ASP A 11 13.16 0.10 -13.39
N PRO A 12 14.14 -0.23 -12.53
CA PRO A 12 13.96 -1.25 -11.48
C PRO A 12 13.02 -0.79 -10.38
N LEU A 13 12.47 0.42 -10.54
CA LEU A 13 11.55 0.97 -9.56
C LEU A 13 10.25 0.17 -9.51
N HIS A 14 10.13 -0.81 -10.40
CA HIS A 14 8.95 -1.65 -10.46
C HIS A 14 8.75 -2.41 -9.16
N GLU A 15 9.53 -3.47 -8.96
CA GLU A 15 9.45 -4.27 -7.76
C GLU A 15 9.52 -3.40 -6.51
N ARG A 16 9.99 -2.17 -6.68
CA ARG A 16 10.12 -1.24 -5.57
C ARG A 16 8.75 -0.81 -5.05
N THR A 17 7.84 -0.53 -5.98
CA THR A 17 6.49 -0.12 -5.62
C THR A 17 5.63 -1.30 -5.21
N ARG A 18 5.77 -2.41 -5.94
CA ARG A 18 5.01 -3.62 -5.65
C ARG A 18 5.35 -4.15 -4.26
N ARG A 19 6.64 -4.21 -3.94
CA ARG A 19 7.09 -4.69 -2.65
C ARG A 19 6.64 -3.77 -1.53
N LEU A 20 6.83 -2.47 -1.74
CA LEU A 20 6.44 -1.47 -0.74
C LEU A 20 4.94 -1.49 -0.51
N LEU A 21 4.18 -1.39 -1.59
CA LEU A 21 2.72 -1.40 -1.52
C LEU A 21 2.21 -2.69 -0.86
N SER A 22 2.68 -3.82 -1.36
CA SER A 22 2.28 -5.12 -0.82
C SER A 22 2.70 -5.26 0.63
N ASP A 23 3.85 -4.67 0.97
CA ASP A 23 4.37 -4.73 2.33
C ASP A 23 3.36 -4.19 3.32
N TYR A 24 2.78 -3.03 3.00
CA TYR A 24 1.81 -2.40 3.88
C TYR A 24 0.58 -3.29 4.05
N ILE A 25 0.13 -3.88 2.95
CA ILE A 25 -1.03 -4.77 2.98
C ILE A 25 -0.90 -5.82 4.09
N PHE A 26 0.28 -6.42 4.18
CA PHE A 26 0.54 -7.44 5.18
C PHE A 26 0.39 -6.87 6.59
N PHE A 27 0.99 -5.70 6.81
CA PHE A 27 0.93 -5.04 8.10
C PHE A 27 -0.51 -4.73 8.50
N CYS A 28 -1.36 -4.52 7.49
CA CYS A 28 -2.76 -4.22 7.73
C CYS A 28 -3.58 -5.50 7.89
N ALA A 29 -2.94 -6.64 7.62
CA ALA A 29 -3.60 -7.93 7.73
C ALA A 29 -3.38 -8.54 9.12
N ARG A 30 -2.96 -7.70 10.07
CA ARG A 30 -2.70 -8.15 11.42
C ARG A 30 -3.69 -7.53 12.40
N GLU A 31 -4.56 -8.35 12.98
CA GLU A 31 -5.56 -7.87 13.93
C GLU A 31 -4.99 -6.73 14.78
N PRO A 32 -5.88 -5.82 15.20
CA PRO A 32 -5.49 -4.66 16.02
C PRO A 32 -5.09 -5.07 17.44
N ASP A 33 -5.51 -6.25 17.85
CA ASP A 33 -5.20 -6.75 19.18
C ASP A 33 -3.76 -7.25 19.24
N THR A 34 -3.01 -7.03 18.16
CA THR A 34 -1.62 -7.45 18.09
C THR A 34 -0.78 -6.44 17.32
N PRO A 35 0.46 -6.21 17.80
CA PRO A 35 1.39 -5.26 17.17
C PRO A 35 1.90 -5.76 15.83
N GLU A 36 1.95 -4.86 14.85
CA GLU A 36 2.42 -5.21 13.52
C GLU A 36 3.94 -5.09 13.43
N PRO A 37 4.55 -5.89 12.54
CA PRO A 37 6.00 -5.90 12.34
C PRO A 37 6.49 -4.62 11.67
N PRO A 38 7.82 -4.46 11.62
CA PRO A 38 8.45 -3.29 11.02
C PRO A 38 8.31 -3.28 9.50
N PRO A 39 8.68 -2.15 8.88
CA PRO A 39 8.59 -1.98 7.42
C PRO A 39 9.61 -2.84 6.68
N THR A 40 9.69 -2.66 5.36
CA THR A 40 10.63 -3.43 4.55
C THR A 40 11.65 -2.50 3.89
N SER A 41 11.20 -1.31 3.49
CA SER A 41 12.08 -0.34 2.85
C SER A 41 11.89 1.05 3.46
N VAL A 42 12.62 2.02 2.93
CA VAL A 42 12.53 3.39 3.40
C VAL A 42 11.13 3.96 3.21
N GLU A 43 10.63 3.89 1.97
CA GLU A 43 9.30 4.38 1.65
C GLU A 43 8.23 3.61 2.41
N ALA A 44 8.53 2.35 2.73
CA ALA A 44 7.60 1.50 3.45
C ALA A 44 7.47 1.93 4.91
N ALA A 45 8.59 2.36 5.49
CA ALA A 45 8.60 2.80 6.87
C ALA A 45 7.83 4.11 7.05
N LEU A 46 8.01 5.02 6.11
CA LEU A 46 7.33 6.31 6.16
C LEU A 46 5.81 6.12 6.25
N LEU A 47 5.26 5.36 5.30
CA LEU A 47 3.82 5.09 5.28
C LEU A 47 3.34 4.61 6.65
N ARG A 48 4.03 3.62 7.20
CA ARG A 48 3.67 3.07 8.50
C ARG A 48 3.56 4.17 9.55
N SER A 49 4.29 5.26 9.33
CA SER A 49 4.27 6.39 10.26
C SER A 49 3.19 7.39 9.88
N VAL A 50 3.10 7.69 8.59
CA VAL A 50 2.11 8.64 8.09
C VAL A 50 0.84 7.93 7.65
N THR A 51 1.00 6.95 6.76
CA THR A 51 -0.14 6.19 6.27
C THR A 51 -1.01 5.68 7.40
N ARG A 52 -0.37 5.38 8.54
CA ARG A 52 -1.09 4.88 9.70
C ARG A 52 -2.06 5.94 10.24
N GLN A 53 -1.68 7.20 10.10
CA GLN A 53 -2.52 8.31 10.57
C GLN A 53 -3.66 8.57 9.59
N ILE A 54 -3.42 8.31 8.31
CA ILE A 54 -4.43 8.52 7.29
C ILE A 54 -5.62 7.60 7.49
N GLN A 55 -5.36 6.39 7.96
CA GLN A 55 -6.41 5.41 8.20
C GLN A 55 -7.10 5.67 9.54
N GLN A 56 -6.34 5.58 10.62
CA GLN A 56 -6.89 5.81 11.96
C GLN A 56 -7.75 7.06 11.98
N GLU A 57 -7.54 7.94 11.01
CA GLU A 57 -8.30 9.18 10.93
C GLU A 57 -9.47 9.04 9.94
N HIS A 58 -9.20 8.42 8.80
CA HIS A 58 -10.22 8.22 7.78
C HIS A 58 -10.76 6.79 7.83
N GLN A 59 -9.86 5.83 7.97
CA GLN A 59 -10.25 4.42 8.02
C GLN A 59 -11.60 4.26 8.72
N GLU A 60 -11.90 5.17 9.64
CA GLU A 60 -13.15 5.13 10.38
C GLU A 60 -14.33 4.94 9.43
N PHE A 61 -14.33 5.67 8.33
CA PHE A 61 -15.41 5.59 7.35
C PHE A 61 -15.11 4.51 6.31
N PHE A 62 -13.85 4.44 5.88
CA PHE A 62 -13.44 3.45 4.89
C PHE A 62 -13.83 2.04 5.34
N SER A 63 -13.28 1.60 6.47
CA SER A 63 -13.56 0.28 7.00
C SER A 63 -15.06 0.09 7.20
N SER A 64 -15.73 1.11 7.71
CA SER A 64 -17.17 1.06 7.95
C SER A 64 -17.91 0.60 6.70
N PHE A 65 -17.48 1.10 5.54
CA PHE A 65 -18.09 0.74 4.27
C PHE A 65 -17.52 -0.57 3.73
N CYS A 66 -16.20 -0.72 3.86
CA CYS A 66 -15.53 -1.92 3.38
C CYS A 66 -16.34 -3.17 3.73
N GLU A 67 -16.83 -3.22 4.96
CA GLU A 67 -17.62 -4.37 5.42
C GLU A 67 -19.09 -4.19 5.07
N SER A 68 -19.35 -3.54 3.94
CA SER A 68 -20.72 -3.30 3.49
C SER A 68 -21.05 -4.15 2.27
N ARG A 69 -20.24 -4.01 1.23
CA ARG A 69 -20.44 -4.76 -0.01
C ARG A 69 -19.28 -5.72 -0.26
N GLY A 70 -18.22 -5.56 0.51
CA GLY A 70 -17.05 -6.42 0.35
C GLY A 70 -16.23 -6.06 -0.88
N ASN A 71 -16.55 -4.92 -1.49
CA ASN A 71 -15.83 -4.48 -2.68
C ASN A 71 -14.54 -3.77 -2.31
N ARG A 72 -13.93 -4.20 -1.22
CA ARG A 72 -12.68 -3.60 -0.74
C ARG A 72 -11.83 -3.14 -1.92
N LEU A 73 -11.90 -3.86 -3.03
CA LEU A 73 -11.14 -3.52 -4.23
C LEU A 73 -11.80 -2.37 -4.98
N GLU A 74 -13.10 -2.51 -5.24
CA GLU A 74 -13.84 -1.48 -5.96
C GLU A 74 -13.61 -0.11 -5.33
N LEU A 75 -13.45 -0.08 -4.02
CA LEU A 75 -13.23 1.17 -3.29
C LEU A 75 -11.78 1.63 -3.45
N VAL A 76 -10.86 0.68 -3.48
CA VAL A 76 -9.44 0.99 -3.63
C VAL A 76 -9.18 1.72 -4.94
N LYS A 77 -9.76 1.21 -6.02
CA LYS A 77 -9.59 1.82 -7.33
C LYS A 77 -10.36 3.13 -7.43
N GLN A 78 -11.60 3.13 -6.94
CA GLN A 78 -12.43 4.33 -6.97
C GLN A 78 -11.72 5.51 -6.30
N MET A 79 -11.22 5.28 -5.10
CA MET A 79 -10.51 6.32 -4.35
C MET A 79 -9.33 6.85 -5.15
N ALA A 80 -8.45 5.96 -5.57
CA ALA A 80 -7.27 6.34 -6.34
C ALA A 80 -7.67 7.20 -7.54
N ASP A 81 -8.92 7.09 -7.96
CA ASP A 81 -9.42 7.85 -9.09
C ASP A 81 -9.81 9.27 -8.66
N LYS A 82 -10.25 9.40 -7.41
CA LYS A 82 -10.66 10.69 -6.88
C LYS A 82 -9.44 11.51 -6.45
N LEU A 83 -8.54 10.89 -5.70
CA LEU A 83 -7.33 11.57 -5.23
C LEU A 83 -6.26 11.57 -6.31
N LEU A 84 -5.81 10.39 -6.69
CA LEU A 84 -4.78 10.25 -7.73
C LEU A 84 -5.39 10.34 -9.12
N SER A 85 -4.61 10.82 -10.08
CA SER A 85 -5.07 10.94 -11.46
C SER A 85 -3.89 11.04 -12.42
N LYS A 86 -4.20 11.24 -13.69
CA LYS A 86 -3.18 11.34 -14.72
C LYS A 86 -2.92 12.81 -15.10
N ASP A 87 -4.01 13.55 -15.27
CA ASP A 87 -3.92 14.97 -15.63
C ASP A 87 -3.88 15.84 -14.37
N GLN A 88 -4.24 15.25 -13.24
CA GLN A 88 -4.26 15.98 -11.97
C GLN A 88 -2.91 15.92 -11.30
N ASP A 89 -2.38 17.09 -10.93
CA ASP A 89 -1.09 17.17 -10.27
C ASP A 89 -1.12 16.44 -8.93
N PHE A 90 -1.10 15.11 -8.98
CA PHE A 90 -1.13 14.30 -7.77
C PHE A 90 0.07 14.63 -6.86
N SER A 91 -0.23 15.00 -5.62
CA SER A 91 0.81 15.35 -4.66
C SER A 91 1.26 14.11 -3.89
N TRP A 92 2.29 14.28 -3.07
CA TRP A 92 2.83 13.18 -2.28
C TRP A 92 1.81 12.72 -1.24
N SER A 93 1.05 13.66 -0.71
CA SER A 93 0.03 13.35 0.30
C SER A 93 -0.94 12.28 -0.22
N GLN A 94 -1.20 12.32 -1.53
CA GLN A 94 -2.10 11.37 -2.14
C GLN A 94 -1.47 9.98 -2.23
N LEU A 95 -0.21 9.95 -2.63
CA LEU A 95 0.52 8.69 -2.75
C LEU A 95 0.44 7.88 -1.46
N VAL A 96 0.89 8.50 -0.36
CA VAL A 96 0.86 7.85 0.94
C VAL A 96 -0.55 7.49 1.36
N MET A 97 -1.52 8.30 0.92
CA MET A 97 -2.91 8.06 1.24
C MET A 97 -3.40 6.75 0.63
N LEU A 98 -3.01 6.51 -0.63
CA LEU A 98 -3.41 5.30 -1.33
C LEU A 98 -2.96 4.05 -0.57
N LEU A 99 -1.72 4.07 -0.11
CA LEU A 99 -1.16 2.94 0.63
C LEU A 99 -1.97 2.68 1.91
N ALA A 100 -2.37 3.75 2.57
CA ALA A 100 -3.16 3.63 3.80
C ALA A 100 -4.52 2.99 3.52
N PHE A 101 -5.29 3.62 2.65
CA PHE A 101 -6.61 3.11 2.29
C PHE A 101 -6.53 1.65 1.87
N ALA A 102 -5.76 1.38 0.82
CA ALA A 102 -5.61 0.02 0.31
C ALA A 102 -5.57 -0.98 1.45
N GLY A 103 -4.71 -0.72 2.44
CA GLY A 103 -4.60 -1.62 3.57
C GLY A 103 -5.83 -1.61 4.46
N THR A 104 -6.53 -0.48 4.47
CA THR A 104 -7.74 -0.34 5.28
C THR A 104 -8.87 -1.21 4.74
N LEU A 105 -8.82 -1.49 3.44
CA LEU A 105 -9.84 -2.32 2.80
C LEU A 105 -9.53 -3.80 2.98
N MET A 106 -8.30 -4.19 2.69
CA MET A 106 -7.88 -5.57 2.83
C MET A 106 -8.63 -6.26 3.96
N ASN A 107 -9.39 -7.30 3.64
CA ASN A 107 -10.15 -8.04 4.63
C ASN A 107 -9.40 -9.29 5.08
N GLN A 108 -9.79 -9.83 6.23
CA GLN A 108 -9.15 -11.03 6.76
C GLN A 108 -10.20 -12.08 7.14
N GLY A 109 -10.29 -13.13 6.33
CA GLY A 109 -11.25 -14.18 6.59
C GLY A 109 -10.80 -15.52 6.04
N PRO A 110 -9.55 -15.91 6.35
CA PRO A 110 -8.97 -17.17 5.88
C PRO A 110 -9.61 -18.38 6.58
N TYR A 111 -8.94 -19.52 6.49
CA TYR A 111 -9.44 -20.74 7.10
C TYR A 111 -8.42 -21.33 8.07
N MET A 112 -7.19 -20.84 7.99
CA MET A 112 -6.12 -21.31 8.86
C MET A 112 -6.63 -21.57 10.27
N ALA A 113 -6.99 -22.82 10.55
CA ALA A 113 -7.49 -23.21 11.86
C ALA A 113 -6.39 -23.84 12.71
N VAL A 114 -6.80 -24.72 13.62
CA VAL A 114 -5.85 -25.41 14.49
C VAL A 114 -4.88 -26.27 13.69
N LYS A 115 -5.32 -27.49 13.38
CA LYS A 115 -4.49 -28.42 12.61
C LYS A 115 -4.32 -27.93 11.17
N GLN A 116 -3.27 -27.15 10.94
CA GLN A 116 -3.00 -26.63 9.60
C GLN A 116 -1.49 -26.59 9.33
N LYS A 117 -1.07 -27.32 8.30
CA LYS A 117 0.34 -27.37 7.93
C LYS A 117 0.78 -26.07 7.28
N ARG A 118 0.77 -24.98 8.06
CA ARG A 118 1.16 -23.68 7.56
C ARG A 118 2.37 -23.14 8.34
N ASP A 119 2.91 -22.01 7.88
CA ASP A 119 4.05 -21.40 8.53
C ASP A 119 3.81 -19.90 8.75
N LEU A 120 3.51 -19.19 7.68
CA LEU A 120 3.26 -17.76 7.75
C LEU A 120 2.14 -17.45 8.74
N GLY A 121 0.93 -17.90 8.41
CA GLY A 121 -0.20 -17.67 9.28
C GLY A 121 -1.46 -17.30 8.52
N ASN A 122 -1.31 -16.39 7.54
CA ASN A 122 -2.43 -15.96 6.74
C ASN A 122 -1.96 -15.45 5.37
N ARG A 123 -2.39 -16.14 4.32
CA ARG A 123 -2.00 -15.76 2.96
C ARG A 123 -3.06 -16.22 1.95
N VAL A 124 -4.23 -16.57 2.45
CA VAL A 124 -5.32 -17.03 1.60
C VAL A 124 -6.02 -15.86 0.92
N ILE A 125 -6.73 -15.06 1.72
CA ILE A 125 -7.45 -13.90 1.20
C ILE A 125 -6.53 -12.69 1.12
N VAL A 126 -5.56 -12.61 2.02
CA VAL A 126 -4.62 -11.50 2.04
C VAL A 126 -3.75 -11.49 0.78
N THR A 127 -3.33 -12.67 0.34
CA THR A 127 -2.50 -12.79 -0.84
C THR A 127 -3.29 -12.42 -2.10
N ARG A 128 -4.49 -12.97 -2.23
CA ARG A 128 -5.33 -12.69 -3.39
C ARG A 128 -5.78 -11.24 -3.39
N ASP A 129 -6.27 -10.76 -2.25
CA ASP A 129 -6.73 -9.39 -2.13
C ASP A 129 -5.56 -8.41 -2.22
N CYS A 130 -4.38 -8.86 -1.82
CA CYS A 130 -3.18 -8.03 -1.86
C CYS A 130 -2.72 -7.82 -3.30
N CYS A 131 -2.80 -8.87 -4.11
CA CYS A 131 -2.40 -8.80 -5.50
C CYS A 131 -3.30 -7.87 -6.30
N LEU A 132 -4.60 -7.96 -6.03
CA LEU A 132 -5.58 -7.12 -6.73
C LEU A 132 -5.55 -5.70 -6.19
N ILE A 133 -5.71 -5.56 -4.88
CA ILE A 133 -5.69 -4.25 -4.23
C ILE A 133 -4.43 -3.49 -4.58
N VAL A 134 -3.28 -4.15 -4.45
CA VAL A 134 -2.00 -3.53 -4.76
C VAL A 134 -1.81 -3.35 -6.26
N ASN A 135 -2.38 -4.27 -7.03
CA ASN A 135 -2.28 -4.22 -8.48
C ASN A 135 -2.82 -2.89 -9.02
N PHE A 136 -3.99 -2.50 -8.55
CA PHE A 136 -4.61 -1.26 -8.98
C PHE A 136 -3.76 -0.05 -8.55
N LEU A 137 -3.49 0.04 -7.25
CA LEU A 137 -2.70 1.13 -6.71
C LEU A 137 -1.27 1.10 -7.26
N TYR A 138 -0.82 -0.10 -7.62
CA TYR A 138 0.52 -0.27 -8.15
C TYR A 138 0.60 0.20 -9.60
N ASN A 139 -0.45 -0.05 -10.35
CA ASN A 139 -0.51 0.35 -11.75
C ASN A 139 -0.75 1.85 -11.88
N LEU A 140 -1.64 2.38 -11.05
CA LEU A 140 -1.95 3.81 -11.07
C LEU A 140 -0.70 4.65 -10.84
N LEU A 141 0.10 4.25 -9.85
CA LEU A 141 1.33 4.97 -9.52
C LEU A 141 2.47 4.53 -10.45
N MET A 142 2.34 3.34 -11.02
CA MET A 142 3.35 2.82 -11.93
C MET A 142 2.96 3.08 -13.39
N GLY A 143 2.13 4.08 -13.60
CA GLY A 143 1.71 4.42 -14.95
C GLY A 143 2.75 5.19 -15.72
N ARG A 144 2.66 5.12 -17.05
CA ARG A 144 3.62 5.82 -17.90
C ARG A 144 3.75 7.28 -17.49
N ARG A 145 2.63 7.99 -17.44
CA ARG A 145 2.62 9.39 -17.07
C ARG A 145 2.73 9.55 -15.55
N HIS A 146 1.96 8.75 -14.82
CA HIS A 146 1.96 8.80 -13.37
C HIS A 146 3.36 8.53 -12.82
N ARG A 147 3.87 7.34 -13.10
CA ARG A 147 5.20 6.95 -12.63
C ARG A 147 6.23 8.03 -12.97
N ALA A 148 6.27 8.41 -14.24
CA ALA A 148 7.21 9.42 -14.70
C ALA A 148 7.18 10.66 -13.79
N ARG A 149 5.98 10.99 -13.31
CA ARG A 149 5.82 12.15 -12.44
C ARG A 149 6.27 11.83 -11.02
N LEU A 150 5.82 10.70 -10.49
CA LEU A 150 6.18 10.28 -9.14
C LEU A 150 7.68 10.39 -8.93
N GLU A 151 8.45 9.95 -9.93
CA GLU A 151 9.90 10.01 -9.84
C GLU A 151 10.42 11.40 -10.19
N ALA A 152 9.69 12.10 -11.06
CA ALA A 152 10.06 13.44 -11.48
C ALA A 152 10.12 14.39 -10.28
N LEU A 153 9.54 13.98 -9.16
CA LEU A 153 9.52 14.78 -7.95
C LEU A 153 10.42 14.18 -6.88
N GLY A 154 11.43 13.42 -7.31
CA GLY A 154 12.35 12.80 -6.38
C GLY A 154 11.97 11.37 -6.07
N GLY A 155 10.90 10.89 -6.69
CA GLY A 155 10.46 9.52 -6.46
C GLY A 155 10.38 9.19 -4.99
N TRP A 156 10.14 7.91 -4.69
CA TRP A 156 10.04 7.45 -3.31
C TRP A 156 11.06 8.17 -2.43
N ASP A 157 12.21 8.50 -3.00
CA ASP A 157 13.25 9.21 -2.26
C ASP A 157 12.77 10.58 -1.79
N GLY A 158 12.15 11.32 -2.70
CA GLY A 158 11.64 12.64 -2.36
C GLY A 158 10.58 12.59 -1.29
N PHE A 159 9.81 11.51 -1.26
CA PHE A 159 8.74 11.35 -0.28
C PHE A 159 9.31 11.19 1.13
N CYS A 160 10.24 10.24 1.28
CA CYS A 160 10.86 9.99 2.57
C CYS A 160 11.42 11.28 3.17
N ARG A 161 11.99 12.12 2.31
CA ARG A 161 12.56 13.39 2.77
C ARG A 161 11.47 14.43 2.98
N PHE A 162 10.36 14.28 2.25
CA PHE A 162 9.24 15.21 2.36
C PHE A 162 8.56 15.08 3.71
N PHE A 163 8.33 13.84 4.14
CA PHE A 163 7.68 13.57 5.43
C PHE A 163 8.72 13.33 6.52
N LYS A 164 9.99 13.44 6.15
CA LYS A 164 11.08 13.22 7.10
C LYS A 164 10.78 12.03 8.02
N ASN A 165 11.07 10.84 7.53
CA ASN A 165 10.83 9.62 8.31
C ASN A 165 11.39 9.76 9.72
N PRO A 166 11.01 8.83 10.60
CA PRO A 166 11.46 8.82 12.00
C PRO A 166 12.94 8.48 12.12
N LEU A 167 13.35 7.39 11.47
CA LEU A 167 14.74 6.96 11.51
C LEU A 167 15.44 7.26 10.19
N PRO A 168 16.49 8.10 10.26
CA PRO A 168 17.27 8.48 9.08
C PRO A 168 18.11 7.33 8.53
N LEU A 169 18.67 6.53 9.44
CA LEU A 169 19.48 5.40 9.05
C LEU A 169 18.62 4.24 8.56
N GLY A 170 19.28 3.16 8.12
CA GLY A 170 18.57 1.99 7.62
C GLY A 170 18.32 2.11 6.13
N GLY A 1 20.47 2.74 -7.95
CA GLY A 1 21.11 2.43 -6.70
C GLY A 1 22.16 3.49 -6.35
N PRO A 2 23.01 3.20 -5.36
CA PRO A 2 24.07 4.11 -4.92
C PRO A 2 25.18 4.24 -5.96
N LEU A 3 25.27 3.26 -6.84
CA LEU A 3 26.29 3.26 -7.88
C LEU A 3 25.66 3.18 -9.27
N GLY A 4 24.38 2.81 -9.31
CA GLY A 4 23.68 2.70 -10.57
C GLY A 4 23.25 1.29 -10.88
N SER A 5 22.71 1.08 -12.08
CA SER A 5 22.26 -0.25 -12.49
C SER A 5 23.36 -1.02 -13.20
N MET A 6 23.76 -2.15 -12.62
CA MET A 6 24.82 -2.97 -13.19
C MET A 6 24.24 -4.02 -14.12
N ALA A 7 23.17 -4.68 -13.69
CA ALA A 7 22.52 -5.71 -14.49
C ALA A 7 21.43 -5.10 -15.37
N ASP A 8 20.81 -5.94 -16.19
CA ASP A 8 19.75 -5.50 -17.09
C ASP A 8 18.39 -5.53 -16.38
N SER A 9 18.18 -6.57 -15.58
CA SER A 9 16.93 -6.73 -14.85
C SER A 9 16.93 -5.89 -13.58
N GLN A 10 17.87 -4.96 -13.50
CA GLN A 10 17.98 -4.09 -12.34
C GLN A 10 17.03 -2.89 -12.46
N ASP A 11 15.74 -3.18 -12.49
CA ASP A 11 14.73 -2.13 -12.60
C ASP A 11 14.92 -1.07 -11.52
N PRO A 12 14.37 0.13 -11.75
CA PRO A 12 14.46 1.25 -10.81
C PRO A 12 13.67 1.01 -9.53
N LEU A 13 12.41 1.44 -9.53
CA LEU A 13 11.54 1.27 -8.37
C LEU A 13 10.40 0.30 -8.68
N HIS A 14 10.44 -0.30 -9.87
CA HIS A 14 9.42 -1.24 -10.28
C HIS A 14 9.06 -2.18 -9.15
N GLU A 15 9.88 -3.20 -8.94
CA GLU A 15 9.65 -4.17 -7.88
C GLU A 15 9.67 -3.51 -6.50
N ARG A 16 10.20 -2.29 -6.46
CA ARG A 16 10.28 -1.54 -5.21
C ARG A 16 8.90 -1.04 -4.78
N THR A 17 8.09 -0.63 -5.75
CA THR A 17 6.75 -0.14 -5.47
C THR A 17 5.80 -1.29 -5.12
N ARG A 18 5.75 -2.27 -6.01
CA ARG A 18 4.87 -3.43 -5.80
C ARG A 18 5.09 -4.03 -4.41
N ARG A 19 6.35 -4.32 -4.08
CA ARG A 19 6.68 -4.89 -2.78
C ARG A 19 6.27 -3.95 -1.65
N LEU A 20 6.59 -2.68 -1.81
CA LEU A 20 6.26 -1.68 -0.79
C LEU A 20 4.76 -1.64 -0.54
N LEU A 21 3.98 -1.63 -1.62
CA LEU A 21 2.53 -1.60 -1.51
C LEU A 21 1.99 -2.88 -0.89
N SER A 22 2.46 -4.02 -1.40
CA SER A 22 2.03 -5.32 -0.91
C SER A 22 2.39 -5.48 0.56
N ASP A 23 3.57 -4.98 0.94
CA ASP A 23 4.04 -5.06 2.32
C ASP A 23 3.02 -4.44 3.27
N TYR A 24 2.56 -3.25 2.94
CA TYR A 24 1.59 -2.54 3.77
C TYR A 24 0.34 -3.38 3.97
N ILE A 25 -0.13 -4.01 2.89
CA ILE A 25 -1.33 -4.85 2.96
C ILE A 25 -1.22 -5.87 4.09
N PHE A 26 -0.06 -6.51 4.20
CA PHE A 26 0.16 -7.50 5.25
C PHE A 26 0.06 -6.88 6.63
N PHE A 27 0.68 -5.71 6.80
CA PHE A 27 0.65 -5.01 8.07
C PHE A 27 -0.79 -4.77 8.53
N CYS A 28 -1.69 -4.62 7.57
CA CYS A 28 -3.10 -4.38 7.87
C CYS A 28 -3.85 -5.69 8.04
N ALA A 29 -3.21 -6.78 7.62
CA ALA A 29 -3.83 -8.10 7.72
C ALA A 29 -3.66 -8.68 9.12
N ARG A 30 -3.34 -7.82 10.08
CA ARG A 30 -3.14 -8.25 11.46
C ARG A 30 -4.24 -7.68 12.36
N GLU A 31 -5.08 -8.57 12.88
CA GLU A 31 -6.17 -8.15 13.75
C GLU A 31 -5.71 -7.04 14.69
N PRO A 32 -6.68 -6.23 15.16
CA PRO A 32 -6.41 -5.11 16.07
C PRO A 32 -6.00 -5.59 17.47
N ASP A 33 -6.12 -6.90 17.70
CA ASP A 33 -5.76 -7.47 18.99
C ASP A 33 -4.31 -7.94 19.00
N THR A 34 -3.60 -7.65 17.90
CA THR A 34 -2.20 -8.05 17.79
C THR A 34 -1.40 -6.99 17.03
N PRO A 35 -0.16 -6.75 17.48
CA PRO A 35 0.74 -5.77 16.87
C PRO A 35 1.22 -6.22 15.49
N GLU A 36 1.25 -5.28 14.54
CA GLU A 36 1.70 -5.59 13.19
C GLU A 36 3.21 -5.73 13.13
N PRO A 37 3.70 -6.46 12.12
CA PRO A 37 5.13 -6.68 11.93
C PRO A 37 5.88 -5.42 11.51
N PRO A 38 7.22 -5.48 11.52
CA PRO A 38 8.07 -4.35 11.15
C PRO A 38 7.99 -4.04 9.65
N PRO A 39 8.58 -2.90 9.26
CA PRO A 39 8.59 -2.46 7.86
C PRO A 39 9.48 -3.32 6.98
N THR A 40 9.75 -2.86 5.77
CA THR A 40 10.59 -3.60 4.83
C THR A 40 11.66 -2.70 4.22
N SER A 41 11.23 -1.57 3.66
CA SER A 41 12.15 -0.64 3.05
C SER A 41 12.00 0.75 3.66
N VAL A 42 12.75 1.72 3.12
CA VAL A 42 12.69 3.09 3.60
C VAL A 42 11.31 3.70 3.38
N GLU A 43 10.81 3.57 2.15
CA GLU A 43 9.50 4.11 1.81
C GLU A 43 8.40 3.39 2.58
N ALA A 44 8.63 2.13 2.90
CA ALA A 44 7.66 1.33 3.64
C ALA A 44 7.58 1.76 5.09
N ALA A 45 8.69 2.28 5.61
CA ALA A 45 8.74 2.73 7.00
C ALA A 45 8.02 4.07 7.17
N LEU A 46 8.15 4.94 6.17
CA LEU A 46 7.51 6.25 6.21
C LEU A 46 5.99 6.12 6.13
N LEU A 47 5.52 5.26 5.23
CA LEU A 47 4.09 5.02 5.06
C LEU A 47 3.46 4.58 6.38
N ARG A 48 3.96 3.48 6.93
CA ARG A 48 3.44 2.94 8.18
C ARG A 48 3.41 4.03 9.27
N SER A 49 4.26 5.03 9.12
CA SER A 49 4.34 6.12 10.08
C SER A 49 3.31 7.20 9.75
N VAL A 50 3.22 7.56 8.48
CA VAL A 50 2.29 8.58 8.03
C VAL A 50 0.96 7.95 7.61
N THR A 51 1.03 6.99 6.70
CA THR A 51 -0.17 6.32 6.21
C THR A 51 -1.05 5.86 7.36
N ARG A 52 -0.41 5.46 8.46
CA ARG A 52 -1.14 5.00 9.64
C ARG A 52 -2.10 6.07 10.16
N GLN A 53 -1.70 7.33 9.99
CA GLN A 53 -2.52 8.44 10.44
C GLN A 53 -3.65 8.73 9.45
N ILE A 54 -3.38 8.48 8.17
CA ILE A 54 -4.37 8.72 7.13
C ILE A 54 -5.58 7.81 7.31
N GLN A 55 -5.35 6.61 7.84
CA GLN A 55 -6.42 5.66 8.07
C GLN A 55 -7.17 5.98 9.36
N GLN A 56 -6.46 5.94 10.48
CA GLN A 56 -7.05 6.22 11.77
C GLN A 56 -7.89 7.50 11.73
N GLU A 57 -7.62 8.33 10.73
CA GLU A 57 -8.35 9.59 10.57
C GLU A 57 -9.49 9.43 9.57
N HIS A 58 -9.23 8.72 8.48
CA HIS A 58 -10.24 8.50 7.45
C HIS A 58 -10.80 7.07 7.54
N GLN A 59 -9.90 6.11 7.71
CA GLN A 59 -10.32 4.71 7.81
C GLN A 59 -11.61 4.58 8.59
N GLU A 60 -11.89 5.56 9.44
CA GLU A 60 -13.12 5.55 10.25
C GLU A 60 -14.32 5.20 9.40
N PHE A 61 -14.29 5.60 8.13
CA PHE A 61 -15.39 5.34 7.21
C PHE A 61 -15.04 4.19 6.26
N PHE A 62 -13.80 4.17 5.80
CA PHE A 62 -13.34 3.14 4.89
C PHE A 62 -13.61 1.74 5.46
N SER A 63 -13.10 1.48 6.65
CA SER A 63 -13.29 0.20 7.31
C SER A 63 -14.77 -0.20 7.30
N SER A 64 -15.63 0.75 7.61
CA SER A 64 -17.06 0.51 7.65
C SER A 64 -17.53 -0.15 6.35
N PHE A 65 -16.95 0.28 5.24
CA PHE A 65 -17.31 -0.25 3.93
C PHE A 65 -16.62 -1.59 3.69
N CYS A 66 -15.40 -1.72 4.18
CA CYS A 66 -14.63 -2.95 4.01
C CYS A 66 -15.46 -4.17 4.41
N GLU A 67 -16.44 -3.94 5.29
CA GLU A 67 -17.30 -5.02 5.76
C GLU A 67 -18.77 -4.71 5.46
N SER A 68 -19.00 -4.02 4.34
CA SER A 68 -20.36 -3.66 3.95
C SER A 68 -20.72 -4.30 2.61
N ARG A 69 -20.07 -3.84 1.54
CA ARG A 69 -20.32 -4.36 0.21
C ARG A 69 -19.31 -5.44 -0.15
N GLY A 70 -18.17 -5.43 0.54
CA GLY A 70 -17.14 -6.41 0.27
C GLY A 70 -16.32 -6.08 -0.95
N ASN A 71 -16.63 -4.94 -1.59
CA ASN A 71 -15.91 -4.51 -2.78
C ASN A 71 -14.63 -3.78 -2.41
N ARG A 72 -14.03 -4.17 -1.30
CA ARG A 72 -12.80 -3.55 -0.82
C ARG A 72 -11.92 -3.13 -2.00
N LEU A 73 -12.00 -3.88 -3.10
CA LEU A 73 -11.22 -3.58 -4.28
C LEU A 73 -11.81 -2.39 -5.04
N GLU A 74 -13.10 -2.45 -5.31
CA GLU A 74 -13.78 -1.37 -6.02
C GLU A 74 -13.51 -0.03 -5.36
N LEU A 75 -13.38 -0.04 -4.03
CA LEU A 75 -13.12 1.18 -3.28
C LEU A 75 -11.65 1.62 -3.44
N VAL A 76 -10.76 0.64 -3.52
CA VAL A 76 -9.34 0.93 -3.69
C VAL A 76 -9.07 1.67 -4.99
N LYS A 77 -9.67 1.20 -6.07
CA LYS A 77 -9.49 1.82 -7.38
C LYS A 77 -10.24 3.15 -7.45
N GLN A 78 -11.46 3.16 -6.94
CA GLN A 78 -12.29 4.36 -6.94
C GLN A 78 -11.55 5.52 -6.27
N MET A 79 -11.00 5.27 -5.10
CA MET A 79 -10.27 6.29 -4.36
C MET A 79 -9.14 6.86 -5.20
N ALA A 80 -8.24 5.98 -5.64
CA ALA A 80 -7.10 6.41 -6.46
C ALA A 80 -7.56 7.21 -7.66
N ASP A 81 -8.84 7.09 -8.00
CA ASP A 81 -9.40 7.81 -9.14
C ASP A 81 -9.78 9.24 -8.74
N LYS A 82 -10.12 9.43 -7.47
CA LYS A 82 -10.49 10.74 -6.97
C LYS A 82 -9.26 11.53 -6.53
N LEU A 83 -8.41 10.89 -5.74
CA LEU A 83 -7.19 11.55 -5.26
C LEU A 83 -6.12 11.54 -6.33
N LEU A 84 -5.80 10.36 -6.86
CA LEU A 84 -4.79 10.24 -7.91
C LEU A 84 -5.43 10.27 -9.29
N SER A 85 -4.64 10.63 -10.29
CA SER A 85 -5.12 10.70 -11.66
C SER A 85 -3.97 10.95 -12.64
N LYS A 86 -4.31 11.42 -13.83
CA LYS A 86 -3.31 11.70 -14.85
C LYS A 86 -3.01 13.20 -14.93
N ASP A 87 -4.01 13.97 -15.34
CA ASP A 87 -3.86 15.41 -15.46
C ASP A 87 -3.83 16.07 -14.08
N GLN A 88 -4.37 15.37 -13.09
CA GLN A 88 -4.41 15.88 -11.73
C GLN A 88 -3.00 16.01 -11.15
N ASP A 89 -2.73 17.15 -10.52
CA ASP A 89 -1.42 17.39 -9.92
C ASP A 89 -1.26 16.61 -8.63
N PHE A 90 -1.42 15.29 -8.72
CA PHE A 90 -1.29 14.43 -7.55
C PHE A 90 -0.06 14.80 -6.72
N SER A 91 -0.28 15.03 -5.43
CA SER A 91 0.81 15.40 -4.53
C SER A 91 1.24 14.21 -3.69
N TRP A 92 2.45 14.29 -3.15
CA TRP A 92 2.98 13.22 -2.31
C TRP A 92 1.98 12.80 -1.24
N SER A 93 1.13 13.74 -0.83
CA SER A 93 0.12 13.48 0.18
C SER A 93 -0.87 12.42 -0.30
N GLN A 94 -1.14 12.43 -1.60
CA GLN A 94 -2.08 11.46 -2.18
C GLN A 94 -1.43 10.09 -2.30
N LEU A 95 -0.20 10.05 -2.79
CA LEU A 95 0.52 8.79 -2.94
C LEU A 95 0.46 7.97 -1.67
N VAL A 96 0.88 8.56 -0.56
CA VAL A 96 0.87 7.88 0.73
C VAL A 96 -0.56 7.59 1.18
N MET A 97 -1.49 8.46 0.79
CA MET A 97 -2.89 8.30 1.17
C MET A 97 -3.46 7.01 0.59
N LEU A 98 -3.18 6.77 -0.69
CA LEU A 98 -3.68 5.57 -1.35
C LEU A 98 -3.17 4.31 -0.65
N LEU A 99 -1.91 4.33 -0.26
CA LEU A 99 -1.30 3.20 0.43
C LEU A 99 -2.08 2.84 1.70
N ALA A 100 -2.42 3.86 2.48
CA ALA A 100 -3.17 3.66 3.72
C ALA A 100 -4.49 2.95 3.44
N PHE A 101 -5.32 3.56 2.59
CA PHE A 101 -6.62 3.01 2.25
C PHE A 101 -6.48 1.53 1.86
N ALA A 102 -5.70 1.27 0.82
CA ALA A 102 -5.48 -0.09 0.34
C ALA A 102 -5.39 -1.07 1.51
N GLY A 103 -4.57 -0.73 2.50
CA GLY A 103 -4.41 -1.59 3.65
C GLY A 103 -5.64 -1.61 4.54
N THR A 104 -6.41 -0.53 4.51
CA THR A 104 -7.62 -0.42 5.32
C THR A 104 -8.71 -1.33 4.78
N LEU A 105 -8.67 -1.60 3.48
CA LEU A 105 -9.66 -2.46 2.84
C LEU A 105 -9.33 -3.93 3.06
N MET A 106 -8.05 -4.24 3.17
CA MET A 106 -7.61 -5.61 3.39
C MET A 106 -8.64 -6.39 4.20
N ASN A 107 -9.52 -7.09 3.51
CA ASN A 107 -10.56 -7.89 4.16
C ASN A 107 -9.95 -9.08 4.88
N GLN A 108 -10.56 -9.46 6.01
CA GLN A 108 -10.07 -10.59 6.79
C GLN A 108 -11.23 -11.31 7.47
N GLY A 109 -11.92 -12.17 6.74
CA GLY A 109 -13.03 -12.91 7.29
C GLY A 109 -13.63 -13.89 6.29
N PRO A 110 -12.81 -14.82 5.80
CA PRO A 110 -13.25 -15.83 4.84
C PRO A 110 -14.20 -16.85 5.45
N TYR A 111 -14.37 -17.98 4.77
CA TYR A 111 -15.26 -19.04 5.25
C TYR A 111 -14.51 -20.37 5.37
N MET A 112 -13.50 -20.54 4.51
CA MET A 112 -12.71 -21.76 4.52
C MET A 112 -12.51 -22.28 5.94
N ALA A 113 -13.41 -23.17 6.36
CA ALA A 113 -13.35 -23.74 7.70
C ALA A 113 -12.88 -25.19 7.65
N VAL A 114 -12.25 -25.57 6.55
CA VAL A 114 -11.76 -26.94 6.37
C VAL A 114 -10.33 -27.06 6.87
N LYS A 115 -9.45 -26.18 6.38
CA LYS A 115 -8.05 -26.19 6.77
C LYS A 115 -7.68 -24.92 7.51
N GLN A 116 -8.07 -24.84 8.78
CA GLN A 116 -7.78 -23.67 9.60
C GLN A 116 -6.86 -24.03 10.76
N LYS A 117 -5.84 -23.20 10.98
CA LYS A 117 -4.88 -23.43 12.05
C LYS A 117 -4.09 -22.17 12.36
N ARG A 118 -3.14 -22.27 13.28
CA ARG A 118 -2.31 -21.13 13.65
C ARG A 118 -0.84 -21.39 13.30
N ASP A 119 -0.62 -21.94 12.11
CA ASP A 119 0.74 -22.23 11.66
C ASP A 119 0.94 -21.76 10.22
N LEU A 120 0.21 -22.36 9.29
CA LEU A 120 0.32 -22.00 7.88
C LEU A 120 -0.07 -20.54 7.67
N GLY A 121 -0.66 -19.93 8.69
CA GLY A 121 -1.07 -18.53 8.59
C GLY A 121 -2.10 -18.31 7.51
N ASN A 122 -2.95 -17.31 7.71
CA ASN A 122 -4.00 -16.99 6.75
C ASN A 122 -3.43 -16.94 5.33
N ARG A 123 -3.16 -15.73 4.86
CA ARG A 123 -2.61 -15.54 3.52
C ARG A 123 -3.60 -16.03 2.46
N VAL A 124 -4.79 -16.41 2.89
CA VAL A 124 -5.81 -16.91 1.98
C VAL A 124 -6.47 -15.75 1.22
N ILE A 125 -7.19 -14.90 1.95
CA ILE A 125 -7.86 -13.76 1.35
C ILE A 125 -6.91 -12.57 1.21
N VAL A 126 -6.00 -12.43 2.17
CA VAL A 126 -5.04 -11.33 2.16
C VAL A 126 -4.16 -11.40 0.91
N THR A 127 -3.71 -12.60 0.57
CA THR A 127 -2.86 -12.80 -0.60
C THR A 127 -3.60 -12.45 -1.89
N ARG A 128 -4.89 -12.83 -1.96
CA ARG A 128 -5.70 -12.56 -3.12
C ARG A 128 -6.15 -11.10 -3.15
N ASP A 129 -6.38 -10.53 -1.97
CA ASP A 129 -6.81 -9.15 -1.86
C ASP A 129 -5.63 -8.20 -2.05
N CYS A 130 -4.45 -8.64 -1.63
CA CYS A 130 -3.24 -7.83 -1.75
C CYS A 130 -2.84 -7.69 -3.21
N CYS A 131 -2.82 -8.81 -3.94
CA CYS A 131 -2.44 -8.81 -5.34
C CYS A 131 -3.41 -7.98 -6.17
N LEU A 132 -4.70 -8.10 -5.86
CA LEU A 132 -5.73 -7.35 -6.57
C LEU A 132 -5.74 -5.89 -6.15
N ILE A 133 -5.85 -5.65 -4.85
CA ILE A 133 -5.86 -4.29 -4.33
C ILE A 133 -4.58 -3.54 -4.69
N VAL A 134 -3.45 -4.20 -4.48
CA VAL A 134 -2.15 -3.60 -4.79
C VAL A 134 -1.95 -3.48 -6.30
N ASN A 135 -2.51 -4.43 -7.03
CA ASN A 135 -2.39 -4.44 -8.49
C ASN A 135 -2.91 -3.13 -9.08
N PHE A 136 -4.01 -2.64 -8.54
CA PHE A 136 -4.60 -1.39 -9.02
C PHE A 136 -3.74 -0.20 -8.64
N LEU A 137 -3.45 -0.06 -7.35
CA LEU A 137 -2.64 1.04 -6.86
C LEU A 137 -1.25 1.03 -7.49
N TYR A 138 -0.57 -0.10 -7.37
CA TYR A 138 0.76 -0.25 -7.94
C TYR A 138 0.84 0.36 -9.34
N ASN A 139 -0.05 -0.09 -10.22
CA ASN A 139 -0.10 0.41 -11.59
C ASN A 139 -0.56 1.87 -11.61
N LEU A 140 -1.34 2.26 -10.61
CA LEU A 140 -1.85 3.62 -10.52
C LEU A 140 -0.72 4.63 -10.55
N LEU A 141 0.35 4.34 -9.80
CA LEU A 141 1.50 5.23 -9.74
C LEU A 141 2.59 4.77 -10.70
N MET A 142 2.62 3.47 -10.98
CA MET A 142 3.61 2.90 -11.89
C MET A 142 3.25 3.22 -13.34
N GLY A 143 2.23 4.04 -13.53
CA GLY A 143 1.80 4.40 -14.87
C GLY A 143 2.76 5.36 -15.55
N ARG A 144 2.81 5.32 -16.87
CA ARG A 144 3.69 6.19 -17.63
C ARG A 144 3.56 7.64 -17.18
N ARG A 145 2.32 8.07 -16.97
CA ARG A 145 2.05 9.44 -16.53
C ARG A 145 2.31 9.59 -15.04
N HIS A 146 1.60 8.80 -14.24
CA HIS A 146 1.75 8.85 -12.78
C HIS A 146 3.21 8.64 -12.39
N ARG A 147 3.75 7.48 -12.76
CA ARG A 147 5.13 7.15 -12.44
C ARG A 147 6.09 8.24 -12.91
N ALA A 148 5.92 8.66 -14.16
CA ALA A 148 6.76 9.71 -14.73
C ALA A 148 6.85 10.91 -13.80
N ARG A 149 5.71 11.34 -13.29
CA ARG A 149 5.65 12.49 -12.39
C ARG A 149 6.14 12.10 -10.99
N LEU A 150 5.84 10.88 -10.58
CA LEU A 150 6.24 10.39 -9.27
C LEU A 150 7.74 10.59 -9.05
N GLU A 151 8.53 10.23 -10.07
CA GLU A 151 9.97 10.37 -9.98
C GLU A 151 10.40 11.80 -10.30
N ALA A 152 9.69 12.43 -11.23
CA ALA A 152 9.99 13.80 -11.62
C ALA A 152 9.97 14.74 -10.41
N LEU A 153 9.40 14.26 -9.31
CA LEU A 153 9.32 15.06 -8.09
C LEU A 153 10.24 14.49 -7.01
N GLY A 154 11.28 13.77 -7.44
CA GLY A 154 12.22 13.19 -6.50
C GLY A 154 11.98 11.71 -6.28
N GLY A 155 10.82 11.23 -6.73
CA GLY A 155 10.49 9.82 -6.57
C GLY A 155 10.42 9.41 -5.11
N TRP A 156 10.23 8.11 -4.88
CA TRP A 156 10.14 7.59 -3.53
C TRP A 156 11.10 8.31 -2.60
N ASP A 157 12.28 8.64 -3.11
CA ASP A 157 13.29 9.34 -2.32
C ASP A 157 12.75 10.68 -1.81
N GLY A 158 12.13 11.44 -2.72
CA GLY A 158 11.59 12.73 -2.34
C GLY A 158 10.51 12.62 -1.27
N PHE A 159 9.81 11.48 -1.25
CA PHE A 159 8.75 11.25 -0.28
C PHE A 159 9.33 11.11 1.12
N CYS A 160 10.21 10.13 1.30
CA CYS A 160 10.83 9.89 2.60
C CYS A 160 11.43 11.17 3.17
N ARG A 161 12.05 11.96 2.30
CA ARG A 161 12.66 13.22 2.72
C ARG A 161 11.61 14.32 2.85
N PHE A 162 10.51 14.16 2.14
CA PHE A 162 9.42 15.14 2.18
C PHE A 162 8.62 15.02 3.47
N PHE A 163 8.35 13.77 3.87
CA PHE A 163 7.59 13.51 5.09
C PHE A 163 8.51 13.14 6.23
N LYS A 164 9.76 13.59 6.16
CA LYS A 164 10.74 13.31 7.19
C LYS A 164 10.61 11.87 7.69
N ASN A 165 11.31 10.95 7.04
CA ASN A 165 11.26 9.55 7.42
C ASN A 165 11.87 9.33 8.81
N PRO A 166 11.29 8.42 9.59
CA PRO A 166 11.76 8.10 10.94
C PRO A 166 13.09 7.38 10.93
N LEU A 167 13.21 6.38 10.07
CA LEU A 167 14.45 5.61 9.96
C LEU A 167 15.60 6.48 9.48
N PRO A 168 16.84 6.02 9.71
CA PRO A 168 18.05 6.75 9.31
C PRO A 168 18.24 6.77 7.80
N LEU A 169 18.16 5.59 7.18
CA LEU A 169 18.32 5.47 5.74
C LEU A 169 17.40 6.45 5.00
N GLY A 170 17.38 6.35 3.68
CA GLY A 170 16.54 7.21 2.86
C GLY A 170 17.38 8.36 2.29
N GLY A 1 16.44 -6.00 -28.41
CA GLY A 1 17.63 -5.73 -29.18
C GLY A 1 18.86 -6.20 -28.42
N PRO A 2 20.03 -5.60 -28.74
CA PRO A 2 21.29 -5.95 -28.09
C PRO A 2 21.34 -5.49 -26.63
N LEU A 3 20.79 -4.31 -26.37
CA LEU A 3 20.77 -3.76 -25.02
C LEU A 3 19.41 -3.98 -24.37
N GLY A 4 18.38 -3.37 -24.92
CA GLY A 4 17.05 -3.51 -24.38
C GLY A 4 17.04 -3.62 -22.87
N SER A 5 17.07 -4.86 -22.37
CA SER A 5 17.06 -5.11 -20.94
C SER A 5 17.93 -6.33 -20.60
N MET A 6 19.10 -6.08 -20.03
CA MET A 6 20.01 -7.15 -19.65
C MET A 6 19.33 -8.13 -18.71
N ALA A 7 18.48 -7.60 -17.83
CA ALA A 7 17.76 -8.43 -16.87
C ALA A 7 16.43 -7.80 -16.48
N ASP A 8 15.61 -8.54 -15.74
CA ASP A 8 14.32 -8.05 -15.31
C ASP A 8 14.47 -7.03 -14.19
N SER A 9 15.71 -6.70 -13.86
CA SER A 9 15.99 -5.73 -12.80
C SER A 9 16.20 -4.34 -13.39
N GLN A 10 16.26 -4.26 -14.71
CA GLN A 10 16.45 -2.99 -15.40
C GLN A 10 15.72 -1.86 -14.67
N ASP A 11 14.59 -2.19 -14.05
CA ASP A 11 13.79 -1.22 -13.32
C ASP A 11 13.96 -1.40 -11.81
N PRO A 12 14.94 -0.69 -11.23
CA PRO A 12 15.23 -0.75 -9.80
C PRO A 12 14.13 -0.10 -8.96
N LEU A 13 13.13 0.45 -9.63
CA LEU A 13 12.02 1.10 -8.95
C LEU A 13 10.72 0.32 -9.15
N HIS A 14 10.73 -0.57 -10.14
CA HIS A 14 9.54 -1.39 -10.43
C HIS A 14 9.21 -2.31 -9.26
N GLU A 15 9.98 -3.38 -9.13
CA GLU A 15 9.77 -4.34 -8.06
C GLU A 15 9.84 -3.66 -6.69
N ARG A 16 10.33 -2.42 -6.68
CA ARG A 16 10.46 -1.66 -5.44
C ARG A 16 9.09 -1.16 -4.98
N THR A 17 8.25 -0.78 -5.93
CA THR A 17 6.92 -0.27 -5.61
C THR A 17 5.97 -1.42 -5.27
N ARG A 18 5.90 -2.41 -6.15
CA ARG A 18 5.03 -3.56 -5.95
C ARG A 18 5.27 -4.18 -4.58
N ARG A 19 6.53 -4.41 -4.25
CA ARG A 19 6.90 -5.01 -2.97
C ARG A 19 6.50 -4.10 -1.82
N LEU A 20 6.83 -2.82 -1.93
CA LEU A 20 6.50 -1.84 -0.90
C LEU A 20 4.99 -1.81 -0.64
N LEU A 21 4.22 -1.64 -1.70
CA LEU A 21 2.76 -1.60 -1.59
C LEU A 21 2.23 -2.87 -0.95
N SER A 22 2.63 -4.01 -1.50
CA SER A 22 2.19 -5.31 -0.98
C SER A 22 2.62 -5.49 0.46
N ASP A 23 3.82 -5.01 0.79
CA ASP A 23 4.34 -5.12 2.15
C ASP A 23 3.38 -4.49 3.15
N TYR A 24 2.89 -3.30 2.84
CA TYR A 24 1.97 -2.60 3.72
C TYR A 24 0.69 -3.42 3.93
N ILE A 25 0.18 -4.01 2.86
CA ILE A 25 -1.02 -4.81 2.94
C ILE A 25 -0.93 -5.86 4.04
N PHE A 26 0.23 -6.51 4.13
CA PHE A 26 0.46 -7.53 5.15
C PHE A 26 0.39 -6.92 6.55
N PHE A 27 1.10 -5.81 6.74
CA PHE A 27 1.11 -5.13 8.04
C PHE A 27 -0.31 -4.80 8.49
N CYS A 28 -1.18 -4.51 7.53
CA CYS A 28 -2.56 -4.17 7.83
C CYS A 28 -3.41 -5.42 7.97
N ALA A 29 -2.83 -6.56 7.64
CA ALA A 29 -3.54 -7.83 7.73
C ALA A 29 -3.47 -8.39 9.14
N ARG A 30 -3.13 -7.54 10.10
CA ARG A 30 -3.03 -7.96 11.50
C ARG A 30 -4.12 -7.32 12.34
N GLU A 31 -5.04 -8.14 12.84
CA GLU A 31 -6.15 -7.65 13.65
C GLU A 31 -5.68 -6.53 14.58
N PRO A 32 -6.63 -5.67 14.99
CA PRO A 32 -6.34 -4.55 15.88
C PRO A 32 -5.99 -4.99 17.30
N ASP A 33 -6.21 -6.28 17.58
CA ASP A 33 -5.91 -6.83 18.89
C ASP A 33 -4.48 -7.37 18.94
N THR A 34 -3.74 -7.14 17.87
CA THR A 34 -2.35 -7.61 17.80
C THR A 34 -1.47 -6.61 17.06
N PRO A 35 -0.23 -6.43 17.55
CA PRO A 35 0.73 -5.50 16.94
C PRO A 35 1.22 -5.98 15.58
N GLU A 36 1.31 -5.06 14.63
CA GLU A 36 1.77 -5.39 13.28
C GLU A 36 3.30 -5.48 13.24
N PRO A 37 3.82 -6.20 12.25
CA PRO A 37 5.26 -6.38 12.07
C PRO A 37 5.95 -5.10 11.63
N PRO A 38 7.29 -5.10 11.65
CA PRO A 38 8.10 -3.95 11.25
C PRO A 38 8.04 -3.68 9.76
N PRO A 39 8.57 -2.53 9.34
CA PRO A 39 8.59 -2.13 7.92
C PRO A 39 9.53 -2.98 7.09
N THR A 40 9.37 -2.94 5.77
CA THR A 40 10.21 -3.71 4.86
C THR A 40 11.33 -2.86 4.29
N SER A 41 10.98 -1.65 3.87
CA SER A 41 11.96 -0.73 3.30
C SER A 41 11.75 0.69 3.82
N VAL A 42 12.55 1.62 3.33
CA VAL A 42 12.45 3.02 3.74
C VAL A 42 11.09 3.60 3.40
N GLU A 43 10.67 3.39 2.16
CA GLU A 43 9.37 3.90 1.69
C GLU A 43 8.22 3.23 2.45
N ALA A 44 8.44 1.97 2.83
CA ALA A 44 7.43 1.21 3.57
C ALA A 44 7.28 1.73 4.99
N ALA A 45 8.40 2.14 5.59
CA ALA A 45 8.39 2.65 6.95
C ALA A 45 7.65 3.99 7.03
N LEU A 46 7.80 4.81 5.99
CA LEU A 46 7.16 6.12 5.94
C LEU A 46 5.64 5.97 6.01
N LEU A 47 5.08 5.13 5.14
CA LEU A 47 3.65 4.91 5.10
C LEU A 47 3.12 4.54 6.48
N ARG A 48 3.74 3.53 7.09
CA ARG A 48 3.33 3.09 8.43
C ARG A 48 3.32 4.25 9.42
N SER A 49 4.14 5.26 9.14
CA SER A 49 4.24 6.43 10.00
C SER A 49 3.19 7.47 9.63
N VAL A 50 3.08 7.75 8.33
CA VAL A 50 2.12 8.73 7.84
C VAL A 50 0.80 8.07 7.46
N THR A 51 0.88 7.04 6.61
CA THR A 51 -0.30 6.32 6.18
C THR A 51 -1.17 5.90 7.36
N ARG A 52 -0.52 5.63 8.49
CA ARG A 52 -1.23 5.23 9.69
C ARG A 52 -2.19 6.32 10.16
N GLN A 53 -1.81 7.58 9.90
CA GLN A 53 -2.63 8.71 10.30
C GLN A 53 -3.76 8.94 9.30
N ILE A 54 -3.49 8.64 8.03
CA ILE A 54 -4.50 8.81 6.99
C ILE A 54 -5.69 7.90 7.20
N GLN A 55 -5.43 6.72 7.78
CA GLN A 55 -6.48 5.75 8.05
C GLN A 55 -7.23 6.11 9.33
N GLN A 56 -6.50 6.12 10.44
CA GLN A 56 -7.11 6.43 11.74
C GLN A 56 -7.94 7.71 11.65
N GLU A 57 -7.69 8.51 10.63
CA GLU A 57 -8.42 9.76 10.43
C GLU A 57 -9.56 9.56 9.44
N HIS A 58 -9.30 8.81 8.37
CA HIS A 58 -10.31 8.56 7.35
C HIS A 58 -10.87 7.14 7.49
N GLN A 59 -9.98 6.17 7.69
CA GLN A 59 -10.38 4.78 7.83
C GLN A 59 -11.67 4.67 8.63
N GLU A 60 -11.94 5.68 9.46
CA GLU A 60 -13.15 5.69 10.29
C GLU A 60 -14.37 5.33 9.46
N PHE A 61 -14.35 5.70 8.18
CA PHE A 61 -15.47 5.41 7.28
C PHE A 61 -15.13 4.24 6.36
N PHE A 62 -13.89 4.20 5.90
CA PHE A 62 -13.44 3.14 5.00
C PHE A 62 -13.73 1.76 5.60
N SER A 63 -13.29 1.56 6.84
CA SER A 63 -13.50 0.29 7.53
C SER A 63 -14.96 -0.14 7.43
N SER A 64 -15.87 0.80 7.67
CA SER A 64 -17.29 0.52 7.62
C SER A 64 -17.67 -0.14 6.30
N PHE A 65 -17.08 0.34 5.22
CA PHE A 65 -17.35 -0.20 3.89
C PHE A 65 -16.64 -1.53 3.68
N CYS A 66 -15.39 -1.60 4.14
CA CYS A 66 -14.60 -2.81 4.01
C CYS A 66 -15.38 -4.03 4.49
N GLU A 67 -16.32 -3.80 5.40
CA GLU A 67 -17.13 -4.88 5.94
C GLU A 67 -18.61 -4.61 5.71
N SER A 68 -18.93 -3.94 4.60
CA SER A 68 -20.31 -3.62 4.26
C SER A 68 -20.72 -4.29 2.95
N ARG A 69 -20.12 -3.82 1.85
CA ARG A 69 -20.44 -4.36 0.54
C ARG A 69 -19.44 -5.46 0.16
N GLY A 70 -18.20 -5.30 0.61
CA GLY A 70 -17.18 -6.29 0.31
C GLY A 70 -16.38 -5.94 -0.93
N ASN A 71 -16.61 -4.75 -1.46
CA ASN A 71 -15.91 -4.28 -2.66
C ASN A 71 -14.55 -3.69 -2.28
N ARG A 72 -13.95 -4.21 -1.22
CA ARG A 72 -12.66 -3.72 -0.76
C ARG A 72 -11.80 -3.26 -1.93
N LEU A 73 -11.93 -3.94 -3.07
CA LEU A 73 -11.18 -3.60 -4.26
C LEU A 73 -11.80 -2.41 -4.98
N GLU A 74 -13.11 -2.49 -5.24
CA GLU A 74 -13.82 -1.42 -5.92
C GLU A 74 -13.56 -0.08 -5.24
N LEU A 75 -13.39 -0.12 -3.92
CA LEU A 75 -13.14 1.09 -3.15
C LEU A 75 -11.70 1.56 -3.32
N VAL A 76 -10.77 0.61 -3.37
CA VAL A 76 -9.36 0.94 -3.54
C VAL A 76 -9.12 1.71 -4.84
N LYS A 77 -9.71 1.22 -5.92
CA LYS A 77 -9.57 1.87 -7.22
C LYS A 77 -10.36 3.18 -7.28
N GLN A 78 -11.58 3.15 -6.75
CA GLN A 78 -12.44 4.33 -6.73
C GLN A 78 -11.73 5.50 -6.07
N MET A 79 -11.16 5.25 -4.90
CA MET A 79 -10.44 6.28 -4.15
C MET A 79 -9.33 6.89 -5.00
N ALA A 80 -8.42 6.05 -5.47
CA ALA A 80 -7.30 6.50 -6.29
C ALA A 80 -7.80 7.33 -7.47
N ASP A 81 -9.07 7.18 -7.80
CA ASP A 81 -9.67 7.92 -8.91
C ASP A 81 -9.98 9.36 -8.51
N LYS A 82 -10.44 9.53 -7.27
CA LYS A 82 -10.78 10.86 -6.76
C LYS A 82 -9.53 11.64 -6.42
N LEU A 83 -8.61 11.01 -5.68
CA LEU A 83 -7.36 11.66 -5.30
C LEU A 83 -6.35 11.63 -6.44
N LEU A 84 -5.94 10.42 -6.83
CA LEU A 84 -4.98 10.25 -7.91
C LEU A 84 -5.69 10.27 -9.27
N SER A 85 -4.92 10.55 -10.32
CA SER A 85 -5.47 10.60 -11.68
C SER A 85 -4.34 10.65 -12.72
N LYS A 86 -4.71 11.00 -13.95
CA LYS A 86 -3.73 11.08 -15.03
C LYS A 86 -3.33 12.53 -15.29
N ASP A 87 -4.33 13.40 -15.40
CA ASP A 87 -4.07 14.82 -15.64
C ASP A 87 -4.04 15.59 -14.33
N GLN A 88 -4.36 14.92 -13.23
CA GLN A 88 -4.35 15.55 -11.92
C GLN A 88 -2.96 15.50 -11.30
N ASP A 89 -2.48 16.66 -10.86
CA ASP A 89 -1.15 16.75 -10.25
C ASP A 89 -1.14 16.04 -8.89
N PHE A 90 -1.20 14.72 -8.93
CA PHE A 90 -1.20 13.92 -7.70
C PHE A 90 -0.04 14.34 -6.79
N SER A 91 -0.39 14.95 -5.66
CA SER A 91 0.62 15.41 -4.71
C SER A 91 1.11 14.25 -3.85
N TRP A 92 2.31 14.40 -3.30
CA TRP A 92 2.89 13.36 -2.44
C TRP A 92 1.90 12.90 -1.39
N SER A 93 1.01 13.81 -0.97
CA SER A 93 0.01 13.50 0.04
C SER A 93 -0.99 12.47 -0.48
N GLN A 94 -1.24 12.50 -1.79
CA GLN A 94 -2.18 11.58 -2.42
C GLN A 94 -1.56 10.18 -2.53
N LEU A 95 -0.28 10.13 -2.87
CA LEU A 95 0.43 8.86 -3.01
C LEU A 95 0.31 8.03 -1.74
N VAL A 96 0.72 8.61 -0.61
CA VAL A 96 0.67 7.92 0.67
C VAL A 96 -0.78 7.62 1.06
N MET A 97 -1.70 8.48 0.64
CA MET A 97 -3.11 8.29 0.95
C MET A 97 -3.63 7.00 0.34
N LEU A 98 -3.26 6.74 -0.91
CA LEU A 98 -3.70 5.54 -1.61
C LEU A 98 -3.19 4.28 -0.89
N LEU A 99 -1.96 4.35 -0.40
CA LEU A 99 -1.36 3.23 0.31
C LEU A 99 -2.11 2.92 1.60
N ALA A 100 -2.41 3.98 2.36
CA ALA A 100 -3.13 3.83 3.62
C ALA A 100 -4.46 3.11 3.41
N PHE A 101 -5.31 3.66 2.54
CA PHE A 101 -6.60 3.07 2.26
C PHE A 101 -6.46 1.58 1.93
N ALA A 102 -5.69 1.29 0.89
CA ALA A 102 -5.48 -0.10 0.48
C ALA A 102 -5.34 -1.02 1.68
N GLY A 103 -4.48 -0.65 2.62
CA GLY A 103 -4.27 -1.45 3.81
C GLY A 103 -5.51 -1.50 4.69
N THR A 104 -6.32 -0.44 4.65
CA THR A 104 -7.52 -0.37 5.44
C THR A 104 -8.61 -1.31 4.91
N LEU A 105 -8.53 -1.60 3.62
CA LEU A 105 -9.50 -2.49 2.98
C LEU A 105 -9.14 -3.95 3.22
N MET A 106 -7.85 -4.25 3.23
CA MET A 106 -7.37 -5.62 3.45
C MET A 106 -8.31 -6.36 4.40
N ASN A 107 -9.09 -7.28 3.85
CA ASN A 107 -10.02 -8.07 4.66
C ASN A 107 -9.35 -9.31 5.22
N GLN A 108 -9.95 -9.89 6.25
CA GLN A 108 -9.41 -11.08 6.89
C GLN A 108 -10.53 -12.02 7.33
N GLY A 109 -10.28 -13.32 7.23
CA GLY A 109 -11.27 -14.30 7.63
C GLY A 109 -10.73 -15.71 7.61
N PRO A 110 -9.68 -15.96 8.40
CA PRO A 110 -9.04 -17.28 8.48
C PRO A 110 -9.93 -18.31 9.19
N TYR A 111 -9.33 -19.41 9.61
CA TYR A 111 -10.06 -20.47 10.30
C TYR A 111 -9.43 -20.79 11.64
N MET A 112 -8.31 -21.50 11.61
CA MET A 112 -7.60 -21.89 12.83
C MET A 112 -6.26 -21.18 12.92
N ALA A 113 -6.29 -19.87 13.17
CA ALA A 113 -5.07 -19.09 13.28
C ALA A 113 -4.41 -19.28 14.64
N VAL A 114 -3.49 -20.22 14.72
CA VAL A 114 -2.78 -20.50 15.96
C VAL A 114 -1.34 -20.95 15.70
N LYS A 115 -1.20 -21.94 14.83
CA LYS A 115 0.12 -22.45 14.48
C LYS A 115 0.66 -21.79 13.22
N GLN A 116 1.15 -20.57 13.35
CA GLN A 116 1.69 -19.82 12.22
C GLN A 116 3.00 -19.13 12.60
N LYS A 117 4.04 -19.93 12.76
CA LYS A 117 5.36 -19.40 13.13
C LYS A 117 6.27 -19.32 11.90
N ARG A 118 6.28 -18.15 11.25
CA ARG A 118 7.11 -17.95 10.07
C ARG A 118 7.20 -19.23 9.24
N ASP A 119 6.09 -19.96 9.18
CA ASP A 119 6.03 -21.20 8.41
C ASP A 119 5.10 -21.06 7.22
N LEU A 120 3.81 -20.92 7.49
CA LEU A 120 2.82 -20.79 6.44
C LEU A 120 2.38 -19.33 6.29
N GLY A 121 2.31 -18.62 7.40
CA GLY A 121 1.90 -17.22 7.37
C GLY A 121 0.63 -17.00 6.59
N ASN A 122 -0.48 -16.83 7.30
CA ASN A 122 -1.78 -16.62 6.67
C ASN A 122 -1.61 -15.83 5.36
N ARG A 123 -1.88 -16.49 4.25
CA ARG A 123 -1.77 -15.85 2.94
C ARG A 123 -2.89 -16.34 2.00
N VAL A 124 -4.03 -16.70 2.58
CA VAL A 124 -5.15 -17.18 1.80
C VAL A 124 -5.89 -16.03 1.14
N ILE A 125 -6.56 -15.21 1.96
CA ILE A 125 -7.31 -14.07 1.46
C ILE A 125 -6.42 -12.84 1.35
N VAL A 126 -5.55 -12.65 2.34
CA VAL A 126 -4.64 -11.52 2.35
C VAL A 126 -3.89 -11.40 1.02
N THR A 127 -3.55 -12.55 0.44
CA THR A 127 -2.84 -12.57 -0.83
C THR A 127 -3.76 -12.26 -2.00
N ARG A 128 -4.96 -12.85 -1.97
CA ARG A 128 -5.93 -12.63 -3.04
C ARG A 128 -6.33 -11.16 -3.12
N ASP A 129 -6.66 -10.58 -1.98
CA ASP A 129 -7.06 -9.17 -1.92
C ASP A 129 -5.85 -8.26 -2.08
N CYS A 130 -4.67 -8.76 -1.69
CA CYS A 130 -3.45 -7.99 -1.79
C CYS A 130 -3.03 -7.80 -3.25
N CYS A 131 -3.00 -8.90 -4.00
CA CYS A 131 -2.62 -8.85 -5.41
C CYS A 131 -3.59 -7.97 -6.20
N LEU A 132 -4.87 -8.05 -5.85
CA LEU A 132 -5.90 -7.26 -6.53
C LEU A 132 -5.85 -5.80 -6.08
N ILE A 133 -5.93 -5.59 -4.77
CA ILE A 133 -5.89 -4.24 -4.22
C ILE A 133 -4.60 -3.52 -4.62
N VAL A 134 -3.47 -4.21 -4.46
CA VAL A 134 -2.18 -3.63 -4.81
C VAL A 134 -2.03 -3.50 -6.32
N ASN A 135 -2.61 -4.44 -7.06
CA ASN A 135 -2.54 -4.43 -8.51
C ASN A 135 -3.03 -3.09 -9.07
N PHE A 136 -4.08 -2.54 -8.45
CA PHE A 136 -4.65 -1.27 -8.89
C PHE A 136 -3.75 -0.12 -8.49
N LEU A 137 -3.46 -0.01 -7.20
CA LEU A 137 -2.61 1.05 -6.68
C LEU A 137 -1.24 1.03 -7.36
N TYR A 138 -0.57 -0.11 -7.29
CA TYR A 138 0.75 -0.27 -7.89
C TYR A 138 0.77 0.30 -9.30
N ASN A 139 -0.15 -0.18 -10.15
CA ASN A 139 -0.23 0.27 -11.53
C ASN A 139 -0.65 1.74 -11.58
N LEU A 140 -1.38 2.18 -10.57
CA LEU A 140 -1.84 3.57 -10.51
C LEU A 140 -0.67 4.54 -10.55
N LEU A 141 0.39 4.21 -9.83
CA LEU A 141 1.59 5.05 -9.79
C LEU A 141 2.65 4.53 -10.74
N MET A 142 2.37 3.39 -11.36
CA MET A 142 3.31 2.78 -12.30
C MET A 142 2.94 3.13 -13.74
N GLY A 143 2.23 4.25 -13.90
CA GLY A 143 1.82 4.67 -15.23
C GLY A 143 2.84 5.59 -15.88
N ARG A 144 2.73 5.76 -17.19
CA ARG A 144 3.64 6.61 -17.94
C ARG A 144 3.74 7.99 -17.29
N ARG A 145 2.59 8.63 -17.09
CA ARG A 145 2.56 9.96 -16.49
C ARG A 145 2.70 9.87 -14.97
N HIS A 146 1.99 8.92 -14.37
CA HIS A 146 2.04 8.73 -12.93
C HIS A 146 3.47 8.51 -12.45
N ARG A 147 4.09 7.43 -12.95
CA ARG A 147 5.47 7.11 -12.57
C ARG A 147 6.42 8.22 -12.99
N ALA A 148 6.30 8.65 -14.25
CA ALA A 148 7.15 9.71 -14.77
C ALA A 148 7.18 10.92 -13.84
N ARG A 149 6.00 11.30 -13.34
CA ARG A 149 5.88 12.43 -12.44
C ARG A 149 6.35 12.07 -11.03
N LEU A 150 5.87 10.94 -10.53
CA LEU A 150 6.24 10.47 -9.20
C LEU A 150 7.73 10.64 -8.96
N GLU A 151 8.53 10.24 -9.95
CA GLU A 151 9.98 10.35 -9.84
C GLU A 151 10.45 11.77 -10.17
N ALA A 152 9.70 12.44 -11.05
CA ALA A 152 10.04 13.80 -11.44
C ALA A 152 10.03 14.74 -10.24
N LEU A 153 9.46 14.28 -9.13
CA LEU A 153 9.39 15.07 -7.92
C LEU A 153 10.29 14.49 -6.83
N GLY A 154 11.29 13.72 -7.26
CA GLY A 154 12.21 13.12 -6.30
C GLY A 154 11.93 11.65 -6.09
N GLY A 155 10.82 11.17 -6.61
CA GLY A 155 10.45 9.77 -6.46
C GLY A 155 10.39 9.35 -5.00
N TRP A 156 10.13 8.07 -4.77
CA TRP A 156 10.03 7.54 -3.42
C TRP A 156 11.05 8.20 -2.50
N ASP A 157 12.17 8.62 -3.08
CA ASP A 157 13.24 9.26 -2.32
C ASP A 157 12.75 10.59 -1.73
N GLY A 158 12.11 11.40 -2.57
CA GLY A 158 11.61 12.69 -2.11
C GLY A 158 10.52 12.55 -1.07
N PHE A 159 9.74 11.48 -1.17
CA PHE A 159 8.66 11.24 -0.21
C PHE A 159 9.21 10.94 1.17
N CYS A 160 10.04 9.90 1.27
CA CYS A 160 10.64 9.51 2.53
C CYS A 160 11.29 10.70 3.22
N ARG A 161 11.98 11.53 2.44
CA ARG A 161 12.65 12.71 2.98
C ARG A 161 11.66 13.85 3.20
N PHE A 162 10.58 13.85 2.42
CA PHE A 162 9.56 14.88 2.52
C PHE A 162 8.78 14.74 3.83
N PHE A 163 8.42 13.51 4.16
CA PHE A 163 7.66 13.24 5.38
C PHE A 163 8.60 12.97 6.55
N LYS A 164 9.90 12.96 6.27
CA LYS A 164 10.90 12.72 7.30
C LYS A 164 10.53 11.50 8.15
N ASN A 165 10.85 10.31 7.66
CA ASN A 165 10.54 9.08 8.38
C ASN A 165 11.04 9.16 9.82
N PRO A 166 10.38 8.41 10.71
CA PRO A 166 10.74 8.37 12.13
C PRO A 166 12.07 7.67 12.39
N LEU A 167 12.21 6.48 11.82
CA LEU A 167 13.44 5.70 11.96
C LEU A 167 14.64 6.48 11.46
N PRO A 168 15.85 6.06 11.90
CA PRO A 168 17.10 6.71 11.50
C PRO A 168 17.44 6.46 10.03
N LEU A 169 18.18 5.38 9.78
CA LEU A 169 18.57 5.03 8.42
C LEU A 169 17.66 3.94 7.85
N GLY A 170 17.89 3.59 6.59
CA GLY A 170 17.09 2.56 5.93
C GLY A 170 15.64 2.68 6.35
N GLY A 1 9.08 -21.18 7.03
CA GLY A 1 9.39 -22.15 6.00
C GLY A 1 10.24 -21.50 4.91
N PRO A 2 9.59 -20.84 3.95
CA PRO A 2 10.28 -20.17 2.85
C PRO A 2 11.06 -18.95 3.31
N LEU A 3 10.82 -18.52 4.54
CA LEU A 3 11.50 -17.36 5.11
C LEU A 3 12.93 -17.27 4.58
N GLY A 4 13.14 -16.36 3.64
CA GLY A 4 14.47 -16.18 3.07
C GLY A 4 14.48 -15.20 1.91
N SER A 5 15.67 -14.84 1.46
CA SER A 5 15.82 -13.90 0.35
C SER A 5 17.24 -13.90 -0.18
N MET A 6 17.38 -13.97 -1.50
CA MET A 6 18.69 -13.98 -2.14
C MET A 6 19.15 -12.55 -2.45
N ALA A 7 18.27 -11.77 -3.06
CA ALA A 7 18.58 -10.39 -3.41
C ALA A 7 17.81 -9.41 -2.53
N ASP A 8 18.34 -8.20 -2.40
CA ASP A 8 17.69 -7.17 -1.59
C ASP A 8 17.18 -6.04 -2.47
N SER A 9 18.04 -5.53 -3.34
CA SER A 9 17.67 -4.44 -4.24
C SER A 9 18.46 -4.51 -5.54
N GLN A 10 18.03 -5.41 -6.43
CA GLN A 10 18.70 -5.58 -7.72
C GLN A 10 17.87 -4.98 -8.84
N ASP A 11 16.68 -4.50 -8.51
CA ASP A 11 15.79 -3.91 -9.49
C ASP A 11 15.61 -2.41 -9.22
N PRO A 12 14.99 -1.70 -10.18
CA PRO A 12 14.75 -0.26 -10.07
C PRO A 12 13.71 0.07 -9.01
N LEU A 13 13.22 1.30 -9.03
CA LEU A 13 12.21 1.75 -8.07
C LEU A 13 10.87 1.08 -8.35
N HIS A 14 10.72 0.53 -9.54
CA HIS A 14 9.49 -0.14 -9.92
C HIS A 14 9.20 -1.33 -9.00
N GLU A 15 10.04 -2.35 -9.08
CA GLU A 15 9.88 -3.54 -8.24
C GLU A 15 9.82 -3.16 -6.76
N ARG A 16 10.37 -1.99 -6.43
CA ARG A 16 10.38 -1.52 -5.05
C ARG A 16 8.99 -1.09 -4.62
N THR A 17 8.20 -0.60 -5.57
CA THR A 17 6.84 -0.14 -5.29
C THR A 17 5.91 -1.32 -5.03
N ARG A 18 5.99 -2.33 -5.90
CA ARG A 18 5.14 -3.51 -5.77
C ARG A 18 5.33 -4.17 -4.41
N ARG A 19 6.59 -4.40 -4.04
CA ARG A 19 6.90 -5.03 -2.75
C ARG A 19 6.45 -4.14 -1.59
N LEU A 20 6.65 -2.83 -1.75
CA LEU A 20 6.27 -1.87 -0.71
C LEU A 20 4.76 -1.84 -0.53
N LEU A 21 4.04 -1.88 -1.64
CA LEU A 21 2.58 -1.85 -1.60
C LEU A 21 2.02 -3.18 -1.09
N SER A 22 2.52 -4.28 -1.64
CA SER A 22 2.08 -5.61 -1.24
C SER A 22 2.47 -5.89 0.20
N ASP A 23 3.71 -5.57 0.55
CA ASP A 23 4.22 -5.79 1.90
C ASP A 23 3.31 -5.12 2.93
N TYR A 24 2.81 -3.94 2.59
CA TYR A 24 1.95 -3.19 3.49
C TYR A 24 0.63 -3.93 3.73
N ILE A 25 0.07 -4.50 2.66
CA ILE A 25 -1.18 -5.24 2.75
C ILE A 25 -1.11 -6.29 3.85
N PHE A 26 -0.01 -7.05 3.87
CA PHE A 26 0.17 -8.09 4.88
C PHE A 26 0.17 -7.50 6.28
N PHE A 27 0.88 -6.39 6.45
CA PHE A 27 0.97 -5.72 7.75
C PHE A 27 -0.42 -5.38 8.28
N CYS A 28 -1.35 -5.12 7.36
CA CYS A 28 -2.71 -4.79 7.74
C CYS A 28 -3.57 -6.04 7.88
N ALA A 29 -3.05 -7.16 7.38
CA ALA A 29 -3.76 -8.43 7.45
C ALA A 29 -3.58 -9.09 8.81
N ARG A 30 -3.14 -8.31 9.79
CA ARG A 30 -2.92 -8.82 11.14
C ARG A 30 -3.91 -8.20 12.12
N GLU A 31 -4.78 -9.03 12.68
CA GLU A 31 -5.78 -8.57 13.63
C GLU A 31 -5.23 -7.41 14.47
N PRO A 32 -6.14 -6.51 14.88
CA PRO A 32 -5.77 -5.35 15.70
C PRO A 32 -5.35 -5.72 17.12
N ASP A 33 -5.59 -6.98 17.47
CA ASP A 33 -5.24 -7.48 18.79
C ASP A 33 -3.79 -7.96 18.83
N THR A 34 -3.07 -7.74 17.73
CA THR A 34 -1.68 -8.15 17.63
C THR A 34 -0.85 -7.10 16.92
N PRO A 35 0.39 -6.88 17.41
CA PRO A 35 1.31 -5.89 16.85
C PRO A 35 1.83 -6.32 15.47
N GLU A 36 1.88 -5.37 14.54
CA GLU A 36 2.36 -5.64 13.19
C GLU A 36 3.89 -5.65 13.15
N PRO A 37 4.45 -6.32 12.14
CA PRO A 37 5.90 -6.42 11.96
C PRO A 37 6.51 -5.09 11.54
N PRO A 38 7.86 -5.03 11.55
CA PRO A 38 8.60 -3.83 11.17
C PRO A 38 8.50 -3.54 9.66
N PRO A 39 8.98 -2.35 9.27
CA PRO A 39 8.95 -1.93 7.86
C PRO A 39 9.93 -2.71 7.00
N THR A 40 9.77 -2.62 5.68
CA THR A 40 10.63 -3.33 4.75
C THR A 40 11.72 -2.41 4.20
N SER A 41 11.32 -1.21 3.79
CA SER A 41 12.25 -0.24 3.23
C SER A 41 11.96 1.16 3.76
N VAL A 42 12.70 2.14 3.25
CA VAL A 42 12.51 3.53 3.67
C VAL A 42 11.09 4.00 3.40
N GLU A 43 10.63 3.80 2.17
CA GLU A 43 9.29 4.20 1.78
C GLU A 43 8.24 3.46 2.59
N ALA A 44 8.59 2.24 3.02
CA ALA A 44 7.68 1.43 3.81
C ALA A 44 7.52 1.98 5.22
N ALA A 45 8.62 2.51 5.76
CA ALA A 45 8.61 3.07 7.10
C ALA A 45 7.83 4.39 7.15
N LEU A 46 7.97 5.17 6.08
CA LEU A 46 7.28 6.46 5.99
C LEU A 46 5.77 6.29 6.13
N LEU A 47 5.20 5.45 5.27
CA LEU A 47 3.76 5.19 5.29
C LEU A 47 3.31 4.76 6.68
N ARG A 48 4.03 3.81 7.26
CA ARG A 48 3.71 3.31 8.60
C ARG A 48 3.60 4.46 9.60
N SER A 49 4.31 5.54 9.32
CA SER A 49 4.30 6.71 10.20
C SER A 49 3.20 7.69 9.78
N VAL A 50 3.11 7.94 8.48
CA VAL A 50 2.12 8.87 7.95
C VAL A 50 0.83 8.13 7.57
N THR A 51 0.96 7.11 6.73
CA THR A 51 -0.18 6.32 6.29
C THR A 51 -1.02 5.87 7.47
N ARG A 52 -0.36 5.54 8.58
CA ARG A 52 -1.06 5.11 9.78
C ARG A 52 -2.01 6.17 10.29
N GLN A 53 -1.64 7.43 10.09
CA GLN A 53 -2.47 8.56 10.52
C GLN A 53 -3.59 8.83 9.52
N ILE A 54 -3.30 8.57 8.25
CA ILE A 54 -4.29 8.78 7.19
C ILE A 54 -5.49 7.86 7.36
N GLN A 55 -5.24 6.66 7.88
CA GLN A 55 -6.30 5.68 8.08
C GLN A 55 -7.05 5.96 9.39
N GLN A 56 -6.33 5.91 10.50
CA GLN A 56 -6.92 6.16 11.80
C GLN A 56 -7.72 7.45 11.80
N GLU A 57 -7.45 8.30 10.81
CA GLU A 57 -8.15 9.58 10.70
C GLU A 57 -9.32 9.48 9.72
N HIS A 58 -9.08 8.79 8.61
CA HIS A 58 -10.12 8.62 7.59
C HIS A 58 -10.70 7.21 7.63
N GLN A 59 -9.81 6.22 7.77
CA GLN A 59 -10.24 4.82 7.82
C GLN A 59 -11.53 4.68 8.63
N GLU A 60 -11.78 5.64 9.51
CA GLU A 60 -12.97 5.63 10.35
C GLU A 60 -14.21 5.31 9.52
N PHE A 61 -14.20 5.75 8.27
CA PHE A 61 -15.32 5.51 7.37
C PHE A 61 -14.99 4.41 6.35
N PHE A 62 -13.74 4.37 5.92
CA PHE A 62 -13.30 3.37 4.96
C PHE A 62 -13.63 1.96 5.45
N SER A 63 -13.20 1.63 6.65
CA SER A 63 -13.46 0.31 7.23
C SER A 63 -14.96 0.02 7.25
N SER A 64 -15.76 1.03 7.57
CA SER A 64 -17.19 0.89 7.62
C SER A 64 -17.74 0.31 6.33
N PHE A 65 -17.10 0.67 5.21
CA PHE A 65 -17.53 0.19 3.90
C PHE A 65 -17.00 -1.22 3.64
N CYS A 66 -15.69 -1.40 3.80
CA CYS A 66 -15.06 -2.69 3.58
C CYS A 66 -15.92 -3.82 4.15
N GLU A 67 -16.40 -3.63 5.38
CA GLU A 67 -17.23 -4.63 6.04
C GLU A 67 -18.70 -4.40 5.72
N SER A 68 -18.98 -3.91 4.52
CA SER A 68 -20.35 -3.63 4.10
C SER A 68 -20.73 -4.50 2.90
N ARG A 69 -20.10 -4.22 1.76
CA ARG A 69 -20.38 -4.97 0.54
C ARG A 69 -19.28 -5.99 0.27
N GLY A 70 -18.05 -5.64 0.64
CA GLY A 70 -16.94 -6.54 0.42
C GLY A 70 -16.12 -6.18 -0.80
N ASN A 71 -16.45 -5.05 -1.41
CA ASN A 71 -15.75 -4.59 -2.60
C ASN A 71 -14.44 -3.88 -2.23
N ARG A 72 -13.83 -4.33 -1.14
CA ARG A 72 -12.57 -3.75 -0.68
C ARG A 72 -11.73 -3.27 -1.86
N LEU A 73 -11.80 -4.00 -2.97
CA LEU A 73 -11.04 -3.65 -4.16
C LEU A 73 -11.72 -2.52 -4.92
N GLU A 74 -13.01 -2.69 -5.21
CA GLU A 74 -13.77 -1.68 -5.93
C GLU A 74 -13.62 -0.31 -5.29
N LEU A 75 -13.42 -0.30 -3.97
CA LEU A 75 -13.26 0.95 -3.23
C LEU A 75 -11.83 1.47 -3.36
N VAL A 76 -10.87 0.55 -3.39
CA VAL A 76 -9.47 0.92 -3.51
C VAL A 76 -9.20 1.67 -4.82
N LYS A 77 -9.76 1.16 -5.90
CA LYS A 77 -9.60 1.79 -7.21
C LYS A 77 -10.39 3.09 -7.30
N GLN A 78 -11.61 3.08 -6.76
CA GLN A 78 -12.47 4.26 -6.78
C GLN A 78 -11.75 5.45 -6.15
N MET A 79 -11.18 5.24 -4.97
CA MET A 79 -10.48 6.29 -4.25
C MET A 79 -9.33 6.83 -5.09
N ALA A 80 -8.44 5.94 -5.51
CA ALA A 80 -7.29 6.32 -6.33
C ALA A 80 -7.73 7.16 -7.53
N ASP A 81 -8.99 7.02 -7.91
CA ASP A 81 -9.53 7.76 -9.04
C ASP A 81 -9.94 9.17 -8.63
N LYS A 82 -10.35 9.31 -7.37
CA LYS A 82 -10.78 10.61 -6.85
C LYS A 82 -9.57 11.47 -6.47
N LEU A 83 -8.64 10.89 -5.74
CA LEU A 83 -7.43 11.59 -5.31
C LEU A 83 -6.39 11.58 -6.42
N LEU A 84 -5.95 10.39 -6.82
CA LEU A 84 -4.95 10.25 -7.87
C LEU A 84 -5.61 10.24 -9.25
N SER A 85 -4.84 10.64 -10.26
CA SER A 85 -5.35 10.68 -11.62
C SER A 85 -4.20 10.84 -12.62
N LYS A 86 -4.54 11.20 -13.85
CA LYS A 86 -3.54 11.39 -14.90
C LYS A 86 -3.25 12.88 -15.10
N ASP A 87 -4.28 13.64 -15.46
CA ASP A 87 -4.12 15.07 -15.68
C ASP A 87 -4.27 15.84 -14.38
N GLN A 88 -4.24 15.11 -13.26
CA GLN A 88 -4.37 15.73 -11.94
C GLN A 88 -3.02 15.78 -11.24
N ASP A 89 -2.65 16.97 -10.77
CA ASP A 89 -1.38 17.15 -10.07
C ASP A 89 -1.36 16.38 -8.76
N PHE A 90 -1.25 15.06 -8.86
CA PHE A 90 -1.23 14.20 -7.67
C PHE A 90 -0.05 14.56 -6.77
N SER A 91 -0.36 15.05 -5.57
CA SER A 91 0.67 15.43 -4.61
C SER A 91 1.14 14.22 -3.80
N TRP A 92 2.32 14.33 -3.21
CA TRP A 92 2.88 13.25 -2.40
C TRP A 92 1.87 12.77 -1.36
N SER A 93 1.13 13.73 -0.78
CA SER A 93 0.13 13.40 0.23
C SER A 93 -0.89 12.40 -0.32
N GLN A 94 -1.13 12.46 -1.61
CA GLN A 94 -2.08 11.56 -2.26
C GLN A 94 -1.50 10.16 -2.39
N LEU A 95 -0.21 10.09 -2.73
CA LEU A 95 0.46 8.81 -2.89
C LEU A 95 0.36 7.97 -1.62
N VAL A 96 0.81 8.54 -0.51
CA VAL A 96 0.78 7.85 0.78
C VAL A 96 -0.66 7.53 1.18
N MET A 97 -1.59 8.39 0.78
CA MET A 97 -3.00 8.19 1.10
C MET A 97 -3.52 6.90 0.47
N LEU A 98 -3.18 6.68 -0.80
CA LEU A 98 -3.62 5.49 -1.52
C LEU A 98 -3.15 4.23 -0.81
N LEU A 99 -1.94 4.26 -0.29
CA LEU A 99 -1.37 3.11 0.42
C LEU A 99 -2.13 2.85 1.72
N ALA A 100 -2.34 3.90 2.49
CA ALA A 100 -3.06 3.78 3.76
C ALA A 100 -4.44 3.17 3.55
N PHE A 101 -5.21 3.75 2.63
CA PHE A 101 -6.55 3.26 2.33
C PHE A 101 -6.52 1.79 1.97
N ALA A 102 -5.78 1.45 0.93
CA ALA A 102 -5.67 0.06 0.48
C ALA A 102 -5.54 -0.89 1.66
N GLY A 103 -4.48 -0.71 2.45
CA GLY A 103 -4.26 -1.55 3.61
C GLY A 103 -5.47 -1.62 4.52
N THR A 104 -6.21 -0.51 4.60
CA THR A 104 -7.39 -0.45 5.44
C THR A 104 -8.51 -1.33 4.89
N LEU A 105 -8.49 -1.57 3.59
CA LEU A 105 -9.49 -2.40 2.95
C LEU A 105 -9.21 -3.88 3.18
N MET A 106 -7.93 -4.24 3.24
CA MET A 106 -7.52 -5.61 3.47
C MET A 106 -8.52 -6.33 4.38
N ASN A 107 -9.43 -7.08 3.78
CA ASN A 107 -10.44 -7.81 4.54
C ASN A 107 -9.86 -9.11 5.09
N GLN A 108 -10.50 -9.63 6.13
CA GLN A 108 -10.05 -10.88 6.75
C GLN A 108 -11.21 -11.61 7.41
N GLY A 109 -11.34 -12.90 7.12
CA GLY A 109 -12.41 -13.69 7.69
C GLY A 109 -12.09 -15.17 7.72
N PRO A 110 -10.88 -15.51 8.18
CA PRO A 110 -10.41 -16.90 8.26
C PRO A 110 -11.15 -17.68 9.35
N TYR A 111 -10.60 -18.83 9.73
CA TYR A 111 -11.19 -19.68 10.75
C TYR A 111 -10.21 -19.95 11.87
N MET A 112 -9.17 -20.72 11.57
CA MET A 112 -8.14 -21.06 12.55
C MET A 112 -6.75 -20.80 11.99
N ALA A 113 -6.37 -19.53 11.88
CA ALA A 113 -5.06 -19.17 11.37
C ALA A 113 -3.97 -19.42 12.41
N VAL A 114 -3.60 -20.68 12.58
CA VAL A 114 -2.57 -21.04 13.55
C VAL A 114 -1.62 -22.09 12.97
N LYS A 115 -2.19 -23.16 12.42
CA LYS A 115 -1.38 -24.23 11.83
C LYS A 115 -1.29 -24.05 10.31
N GLN A 116 -0.43 -23.12 9.88
CA GLN A 116 -0.25 -22.85 8.46
C GLN A 116 1.23 -22.75 8.12
N LYS A 117 1.59 -23.17 6.91
CA LYS A 117 2.98 -23.12 6.46
C LYS A 117 3.46 -21.68 6.37
N ARG A 118 2.55 -20.74 6.57
CA ARG A 118 2.88 -19.32 6.49
C ARG A 118 3.81 -19.03 5.33
N ASP A 119 3.56 -19.69 4.20
CA ASP A 119 4.38 -19.50 3.00
C ASP A 119 3.70 -18.56 2.02
N LEU A 120 2.55 -18.98 1.51
CA LEU A 120 1.80 -18.17 0.55
C LEU A 120 1.35 -16.86 1.17
N GLY A 121 1.55 -16.73 2.49
CA GLY A 121 1.17 -15.52 3.19
C GLY A 121 0.49 -15.80 4.51
N ASN A 122 -0.53 -15.02 4.84
CA ASN A 122 -1.26 -15.19 6.09
C ASN A 122 -2.60 -15.88 5.84
N ARG A 123 -3.25 -15.53 4.73
CA ARG A 123 -4.53 -16.12 4.39
C ARG A 123 -4.76 -16.09 2.88
N VAL A 124 -5.87 -16.66 2.43
CA VAL A 124 -6.21 -16.69 1.01
C VAL A 124 -6.79 -15.36 0.57
N ILE A 125 -7.77 -14.86 1.31
CA ILE A 125 -8.41 -13.60 0.99
C ILE A 125 -7.41 -12.45 1.06
N VAL A 126 -6.49 -12.52 2.01
CA VAL A 126 -5.48 -11.48 2.17
C VAL A 126 -4.50 -11.48 1.00
N THR A 127 -3.90 -12.64 0.73
CA THR A 127 -2.94 -12.76 -0.36
C THR A 127 -3.60 -12.47 -1.71
N ARG A 128 -4.85 -12.92 -1.86
CA ARG A 128 -5.59 -12.71 -3.10
C ARG A 128 -6.03 -11.26 -3.23
N ASP A 129 -6.46 -10.67 -2.11
CA ASP A 129 -6.91 -9.29 -2.10
C ASP A 129 -5.73 -8.33 -2.22
N CYS A 130 -4.60 -8.72 -1.63
CA CYS A 130 -3.41 -7.89 -1.66
C CYS A 130 -2.89 -7.74 -3.10
N CYS A 131 -2.98 -8.81 -3.87
CA CYS A 131 -2.54 -8.79 -5.26
C CYS A 131 -3.40 -7.85 -6.10
N LEU A 132 -4.71 -8.08 -6.06
CA LEU A 132 -5.65 -7.25 -6.83
C LEU A 132 -5.64 -5.82 -6.32
N ILE A 133 -5.87 -5.66 -5.02
CA ILE A 133 -5.89 -4.33 -4.40
C ILE A 133 -4.62 -3.55 -4.73
N VAL A 134 -3.48 -4.21 -4.57
CA VAL A 134 -2.19 -3.59 -4.84
C VAL A 134 -1.97 -3.40 -6.34
N ASN A 135 -2.50 -4.34 -7.12
CA ASN A 135 -2.37 -4.27 -8.58
C ASN A 135 -2.92 -2.96 -9.12
N PHE A 136 -3.98 -2.47 -8.50
CA PHE A 136 -4.61 -1.22 -8.92
C PHE A 136 -3.76 -0.03 -8.51
N LEU A 137 -3.46 0.06 -7.22
CA LEU A 137 -2.65 1.15 -6.69
C LEU A 137 -1.26 1.16 -7.32
N TYR A 138 -0.57 0.03 -7.21
CA TYR A 138 0.78 -0.10 -7.76
C TYR A 138 0.83 0.42 -9.20
N ASN A 139 -0.12 -0.05 -10.02
CA ASN A 139 -0.18 0.36 -11.41
C ASN A 139 -0.60 1.83 -11.53
N LEU A 140 -1.36 2.30 -10.55
CA LEU A 140 -1.82 3.68 -10.55
C LEU A 140 -0.65 4.65 -10.61
N LEU A 141 0.38 4.38 -9.80
CA LEU A 141 1.57 5.22 -9.76
C LEU A 141 2.67 4.65 -10.66
N MET A 142 2.60 3.36 -10.92
CA MET A 142 3.59 2.68 -11.76
C MET A 142 3.24 2.85 -13.23
N GLY A 143 2.49 3.90 -13.56
CA GLY A 143 2.10 4.14 -14.93
C GLY A 143 3.06 5.07 -15.65
N ARG A 144 3.12 4.95 -16.97
CA ARG A 144 4.00 5.78 -17.77
C ARG A 144 3.85 7.26 -17.41
N ARG A 145 2.60 7.71 -17.33
CA ARG A 145 2.32 9.10 -17.00
C ARG A 145 2.57 9.37 -15.52
N HIS A 146 1.87 8.64 -14.67
CA HIS A 146 2.01 8.80 -13.22
C HIS A 146 3.46 8.59 -12.80
N ARG A 147 3.98 7.40 -13.05
CA ARG A 147 5.35 7.07 -12.69
C ARG A 147 6.30 8.21 -13.06
N ALA A 148 6.19 8.67 -14.30
CA ALA A 148 7.03 9.76 -14.79
C ALA A 148 7.01 10.94 -13.82
N ARG A 149 5.83 11.25 -13.29
CA ARG A 149 5.68 12.35 -12.36
C ARG A 149 6.19 11.97 -10.97
N LEU A 150 5.74 10.83 -10.48
CA LEU A 150 6.15 10.35 -9.16
C LEU A 150 7.65 10.52 -8.97
N GLU A 151 8.42 10.14 -9.98
CA GLU A 151 9.88 10.26 -9.91
C GLU A 151 10.32 11.68 -10.24
N ALA A 152 9.58 12.34 -11.12
CA ALA A 152 9.89 13.70 -11.52
C ALA A 152 9.93 14.63 -10.32
N LEU A 153 9.39 14.17 -9.19
CA LEU A 153 9.36 14.95 -7.97
C LEU A 153 10.30 14.36 -6.92
N GLY A 154 11.29 13.59 -7.38
CA GLY A 154 12.24 12.99 -6.47
C GLY A 154 11.91 11.54 -6.17
N GLY A 155 10.82 11.04 -6.77
CA GLY A 155 10.42 9.66 -6.54
C GLY A 155 10.36 9.31 -5.08
N TRP A 156 10.07 8.04 -4.79
CA TRP A 156 9.97 7.58 -3.42
C TRP A 156 11.02 8.24 -2.53
N ASP A 157 12.14 8.62 -3.15
CA ASP A 157 13.22 9.28 -2.42
C ASP A 157 12.78 10.64 -1.87
N GLY A 158 12.14 11.43 -2.73
CA GLY A 158 11.67 12.73 -2.32
C GLY A 158 10.57 12.66 -1.28
N PHE A 159 9.81 11.56 -1.30
CA PHE A 159 8.72 11.37 -0.36
C PHE A 159 9.24 11.19 1.06
N CYS A 160 10.04 10.15 1.26
CA CYS A 160 10.61 9.87 2.57
C CYS A 160 11.29 11.10 3.15
N ARG A 161 11.92 11.89 2.28
CA ARG A 161 12.61 13.09 2.71
C ARG A 161 11.62 14.24 2.93
N PHE A 162 10.49 14.17 2.22
CA PHE A 162 9.46 15.20 2.34
C PHE A 162 8.68 15.06 3.65
N PHE A 163 8.37 13.81 3.99
CA PHE A 163 7.62 13.52 5.22
C PHE A 163 8.57 13.28 6.38
N LYS A 164 9.87 13.35 6.11
CA LYS A 164 10.88 13.14 7.15
C LYS A 164 10.76 11.74 7.73
N ASN A 165 11.19 10.74 6.97
CA ASN A 165 11.14 9.36 7.43
C ASN A 165 11.83 9.20 8.77
N PRO A 166 11.23 8.37 9.65
CA PRO A 166 11.77 8.13 10.99
C PRO A 166 13.05 7.30 10.95
N LEU A 167 13.03 6.23 10.16
CA LEU A 167 14.20 5.35 10.03
C LEU A 167 15.13 5.84 8.93
N PRO A 168 16.44 5.82 9.21
CA PRO A 168 17.46 6.27 8.25
C PRO A 168 17.60 5.31 7.07
N LEU A 169 17.76 4.03 7.37
CA LEU A 169 17.91 3.01 6.34
C LEU A 169 16.55 2.53 5.85
N GLY A 170 16.55 1.43 5.09
CA GLY A 170 15.32 0.88 4.56
C GLY A 170 15.48 0.49 3.10
N GLY A 1 -0.98 -21.06 -15.13
CA GLY A 1 0.20 -21.88 -15.32
C GLY A 1 1.26 -21.08 -16.07
N PRO A 2 1.94 -20.16 -15.36
CA PRO A 2 2.99 -19.34 -15.96
C PRO A 2 4.24 -20.13 -16.30
N LEU A 3 4.74 -20.87 -15.32
CA LEU A 3 5.95 -21.68 -15.51
C LEU A 3 6.88 -21.03 -16.52
N GLY A 4 7.23 -19.77 -16.27
CA GLY A 4 8.12 -19.05 -17.17
C GLY A 4 8.14 -17.57 -16.90
N SER A 5 9.19 -16.90 -17.36
CA SER A 5 9.33 -15.46 -17.16
C SER A 5 10.52 -14.91 -17.95
N MET A 6 10.25 -13.96 -18.83
CA MET A 6 11.31 -13.35 -19.64
C MET A 6 11.91 -12.14 -18.93
N ALA A 7 11.06 -11.36 -18.29
CA ALA A 7 11.52 -10.17 -17.58
C ALA A 7 11.07 -10.21 -16.12
N ASP A 8 11.68 -9.36 -15.29
CA ASP A 8 11.36 -9.30 -13.88
C ASP A 8 11.01 -7.87 -13.45
N SER A 9 11.99 -6.98 -13.52
CA SER A 9 11.79 -5.59 -13.15
C SER A 9 12.46 -4.65 -14.15
N GLN A 10 11.70 -4.18 -15.13
CA GLN A 10 12.23 -3.29 -16.15
C GLN A 10 12.66 -1.95 -15.52
N ASP A 11 11.81 -1.43 -14.64
CA ASP A 11 12.10 -0.16 -13.97
C ASP A 11 12.93 -0.38 -12.72
N PRO A 12 13.67 0.66 -12.30
CA PRO A 12 14.52 0.60 -11.11
C PRO A 12 13.72 0.52 -9.82
N LEU A 13 12.60 1.25 -9.78
CA LEU A 13 11.74 1.26 -8.60
C LEU A 13 10.48 0.44 -8.84
N HIS A 14 10.43 -0.25 -9.98
CA HIS A 14 9.29 -1.08 -10.33
C HIS A 14 8.99 -2.08 -9.22
N GLU A 15 9.84 -3.10 -9.10
CA GLU A 15 9.67 -4.13 -8.08
C GLU A 15 9.68 -3.51 -6.68
N ARG A 16 10.15 -2.28 -6.58
CA ARG A 16 10.22 -1.58 -5.31
C ARG A 16 8.84 -1.13 -4.86
N THR A 17 8.03 -0.67 -5.81
CA THR A 17 6.68 -0.21 -5.50
C THR A 17 5.74 -1.39 -5.20
N ARG A 18 5.95 -2.49 -5.92
CA ARG A 18 5.13 -3.68 -5.73
C ARG A 18 5.32 -4.25 -4.33
N ARG A 19 6.58 -4.46 -3.94
CA ARG A 19 6.90 -5.02 -2.63
C ARG A 19 6.44 -4.06 -1.53
N LEU A 20 6.70 -2.77 -1.72
CA LEU A 20 6.33 -1.76 -0.74
C LEU A 20 4.81 -1.72 -0.55
N LEU A 21 4.09 -1.72 -1.67
CA LEU A 21 2.63 -1.68 -1.63
C LEU A 21 2.07 -2.98 -1.06
N SER A 22 2.55 -4.11 -1.56
CA SER A 22 2.10 -5.41 -1.10
C SER A 22 2.44 -5.61 0.37
N ASP A 23 3.62 -5.17 0.76
CA ASP A 23 4.07 -5.30 2.14
C ASP A 23 3.08 -4.67 3.10
N TYR A 24 2.63 -3.46 2.75
CA TYR A 24 1.67 -2.74 3.59
C TYR A 24 0.39 -3.55 3.78
N ILE A 25 -0.07 -4.17 2.71
CA ILE A 25 -1.28 -4.98 2.75
C ILE A 25 -1.21 -6.01 3.87
N PHE A 26 -0.07 -6.68 3.98
CA PHE A 26 0.12 -7.69 5.01
C PHE A 26 0.13 -7.06 6.40
N PHE A 27 0.88 -5.98 6.55
CA PHE A 27 0.96 -5.29 7.84
C PHE A 27 -0.42 -4.88 8.33
N CYS A 28 -1.34 -4.65 7.38
CA CYS A 28 -2.69 -4.25 7.72
C CYS A 28 -3.58 -5.47 7.93
N ALA A 29 -3.09 -6.64 7.51
CA ALA A 29 -3.84 -7.88 7.66
C ALA A 29 -3.66 -8.47 9.05
N ARG A 30 -3.21 -7.64 9.99
CA ARG A 30 -3.00 -8.08 11.36
C ARG A 30 -3.96 -7.38 12.30
N GLU A 31 -4.88 -8.15 12.88
CA GLU A 31 -5.87 -7.58 13.81
C GLU A 31 -5.24 -6.51 14.69
N PRO A 32 -6.07 -5.57 15.16
CA PRO A 32 -5.61 -4.48 16.03
C PRO A 32 -5.21 -4.97 17.42
N ASP A 33 -5.51 -6.23 17.71
CA ASP A 33 -5.16 -6.81 18.99
C ASP A 33 -3.77 -7.44 18.97
N THR A 34 -3.08 -7.25 17.84
CA THR A 34 -1.73 -7.79 17.69
C THR A 34 -0.81 -6.80 17.00
N PRO A 35 0.44 -6.70 17.48
CA PRO A 35 1.44 -5.80 16.93
C PRO A 35 1.91 -6.22 15.54
N GLU A 36 2.01 -5.25 14.63
CA GLU A 36 2.45 -5.52 13.27
C GLU A 36 3.97 -5.58 13.18
N PRO A 37 4.47 -6.28 12.15
CA PRO A 37 5.92 -6.43 11.94
C PRO A 37 6.57 -5.12 11.49
N PRO A 38 7.92 -5.09 11.52
CA PRO A 38 8.68 -3.92 11.12
C PRO A 38 8.61 -3.65 9.62
N PRO A 39 9.11 -2.48 9.19
CA PRO A 39 9.12 -2.08 7.78
C PRO A 39 10.08 -2.92 6.94
N THR A 40 10.12 -2.63 5.65
CA THR A 40 11.00 -3.35 4.75
C THR A 40 12.04 -2.42 4.12
N SER A 41 11.60 -1.24 3.71
CA SER A 41 12.49 -0.25 3.11
C SER A 41 12.22 1.14 3.66
N VAL A 42 12.90 2.13 3.10
CA VAL A 42 12.74 3.52 3.53
C VAL A 42 11.31 4.01 3.29
N GLU A 43 10.80 3.74 2.09
CA GLU A 43 9.44 4.15 1.73
C GLU A 43 8.41 3.45 2.61
N ALA A 44 8.74 2.23 3.03
CA ALA A 44 7.84 1.45 3.87
C ALA A 44 7.83 1.99 5.30
N ALA A 45 8.96 2.48 5.76
CA ALA A 45 9.08 3.02 7.11
C ALA A 45 8.24 4.29 7.25
N LEU A 46 8.45 5.25 6.36
CA LEU A 46 7.70 6.50 6.40
C LEU A 46 6.22 6.26 6.18
N LEU A 47 5.88 5.52 5.13
CA LEU A 47 4.49 5.22 4.82
C LEU A 47 3.77 4.68 6.05
N ARG A 48 4.40 3.75 6.75
CA ARG A 48 3.82 3.15 7.94
C ARG A 48 3.63 4.20 9.03
N SER A 49 4.45 5.24 8.99
CA SER A 49 4.38 6.31 9.97
C SER A 49 3.32 7.34 9.59
N VAL A 50 3.25 7.64 8.29
CA VAL A 50 2.28 8.61 7.78
C VAL A 50 0.97 7.94 7.41
N THR A 51 1.05 6.94 6.52
CA THR A 51 -0.12 6.22 6.08
C THR A 51 -0.96 5.73 7.27
N ARG A 52 -0.28 5.34 8.34
CA ARG A 52 -0.96 4.86 9.53
C ARG A 52 -1.89 5.93 10.10
N GLN A 53 -1.50 7.19 9.93
CA GLN A 53 -2.29 8.30 10.43
C GLN A 53 -3.44 8.62 9.47
N ILE A 54 -3.21 8.38 8.18
CA ILE A 54 -4.23 8.65 7.18
C ILE A 54 -5.45 7.76 7.38
N GLN A 55 -5.22 6.56 7.90
CA GLN A 55 -6.30 5.62 8.14
C GLN A 55 -7.02 5.94 9.46
N GLN A 56 -6.27 5.88 10.55
CA GLN A 56 -6.83 6.17 11.88
C GLN A 56 -7.64 7.46 11.86
N GLU A 57 -7.38 8.30 10.86
CA GLU A 57 -8.08 9.57 10.73
C GLU A 57 -9.25 9.44 9.75
N HIS A 58 -9.03 8.74 8.65
CA HIS A 58 -10.06 8.55 7.63
C HIS A 58 -10.65 7.14 7.73
N GLN A 59 -9.78 6.14 7.88
CA GLN A 59 -10.22 4.76 7.97
C GLN A 59 -11.50 4.65 8.79
N GLU A 60 -11.73 5.63 9.66
CA GLU A 60 -12.92 5.64 10.51
C GLU A 60 -14.17 5.35 9.69
N PHE A 61 -14.17 5.78 8.43
CA PHE A 61 -15.30 5.57 7.55
C PHE A 61 -15.02 4.44 6.56
N PHE A 62 -13.79 4.39 6.06
CA PHE A 62 -13.39 3.35 5.12
C PHE A 62 -13.71 1.97 5.66
N SER A 63 -13.21 1.66 6.84
CA SER A 63 -13.44 0.36 7.47
C SER A 63 -14.93 0.02 7.45
N SER A 64 -15.76 0.99 7.81
CA SER A 64 -17.20 0.79 7.84
C SER A 64 -17.70 0.20 6.52
N PHE A 65 -17.11 0.66 5.42
CA PHE A 65 -17.49 0.18 4.10
C PHE A 65 -16.86 -1.18 3.80
N CYS A 66 -15.60 -1.33 4.19
CA CYS A 66 -14.87 -2.58 3.97
C CYS A 66 -15.70 -3.77 4.43
N GLU A 67 -16.41 -3.61 5.55
CA GLU A 67 -17.23 -4.68 6.09
C GLU A 67 -18.71 -4.39 5.85
N SER A 68 -19.01 -3.66 4.78
CA SER A 68 -20.38 -3.32 4.44
C SER A 68 -20.76 -3.89 3.08
N ARG A 69 -20.15 -3.36 2.02
CA ARG A 69 -20.42 -3.82 0.67
C ARG A 69 -19.53 -5.00 0.30
N GLY A 70 -18.41 -5.12 1.00
CA GLY A 70 -17.49 -6.21 0.73
C GLY A 70 -16.63 -5.96 -0.50
N ASN A 71 -16.91 -4.86 -1.19
CA ASN A 71 -16.17 -4.51 -2.40
C ASN A 71 -14.87 -3.79 -2.04
N ARG A 72 -14.28 -4.16 -0.90
CA ARG A 72 -13.04 -3.55 -0.45
C ARG A 72 -12.17 -3.12 -1.63
N LEU A 73 -12.23 -3.90 -2.72
CA LEU A 73 -11.46 -3.60 -3.92
C LEU A 73 -12.08 -2.46 -4.69
N GLU A 74 -13.38 -2.55 -4.97
CA GLU A 74 -14.09 -1.52 -5.71
C GLU A 74 -13.80 -0.15 -5.13
N LEU A 75 -13.65 -0.09 -3.81
CA LEU A 75 -13.36 1.18 -3.13
C LEU A 75 -11.91 1.58 -3.33
N VAL A 76 -11.03 0.60 -3.35
CA VAL A 76 -9.61 0.85 -3.53
C VAL A 76 -9.33 1.56 -4.85
N LYS A 77 -9.95 1.05 -5.92
CA LYS A 77 -9.78 1.64 -7.24
C LYS A 77 -10.52 2.98 -7.35
N GLN A 78 -11.75 3.01 -6.85
CA GLN A 78 -12.56 4.22 -6.89
C GLN A 78 -11.82 5.38 -6.23
N MET A 79 -11.33 5.16 -5.03
CA MET A 79 -10.61 6.19 -4.29
C MET A 79 -9.39 6.67 -5.08
N ALA A 80 -8.52 5.73 -5.46
CA ALA A 80 -7.33 6.06 -6.22
C ALA A 80 -7.67 6.88 -7.46
N ASP A 81 -8.93 6.80 -7.89
CA ASP A 81 -9.38 7.53 -9.06
C ASP A 81 -9.74 8.97 -8.70
N LYS A 82 -10.23 9.16 -7.47
CA LYS A 82 -10.60 10.49 -7.00
C LYS A 82 -9.37 11.30 -6.62
N LEU A 83 -8.48 10.69 -5.85
CA LEU A 83 -7.25 11.37 -5.42
C LEU A 83 -6.19 11.30 -6.51
N LEU A 84 -5.86 10.09 -6.93
CA LEU A 84 -4.85 9.90 -7.98
C LEU A 84 -5.50 9.82 -9.35
N SER A 85 -4.74 10.16 -10.38
CA SER A 85 -5.24 10.13 -11.75
C SER A 85 -4.09 10.15 -12.75
N LYS A 86 -4.44 10.17 -14.04
CA LYS A 86 -3.44 10.18 -15.10
C LYS A 86 -3.26 11.59 -15.66
N ASP A 87 -4.35 12.35 -15.68
CA ASP A 87 -4.32 13.72 -16.20
C ASP A 87 -4.33 14.73 -15.06
N GLN A 88 -4.59 14.23 -13.84
CA GLN A 88 -4.63 15.09 -12.66
C GLN A 88 -3.24 15.18 -12.01
N ASP A 89 -2.79 16.40 -11.79
CA ASP A 89 -1.48 16.63 -11.17
C ASP A 89 -1.48 16.13 -9.73
N PHE A 90 -1.42 14.81 -9.56
CA PHE A 90 -1.41 14.20 -8.24
C PHE A 90 -0.33 14.82 -7.37
N SER A 91 -0.31 14.45 -6.09
CA SER A 91 0.67 14.97 -5.15
C SER A 91 1.20 13.86 -4.24
N TRP A 92 2.18 14.20 -3.42
CA TRP A 92 2.76 13.23 -2.50
C TRP A 92 1.76 12.79 -1.45
N SER A 93 0.95 13.73 -0.98
CA SER A 93 -0.05 13.45 0.04
C SER A 93 -1.04 12.38 -0.46
N GLN A 94 -1.32 12.41 -1.76
CA GLN A 94 -2.24 11.45 -2.36
C GLN A 94 -1.59 10.07 -2.47
N LEU A 95 -0.30 10.06 -2.76
CA LEU A 95 0.45 8.80 -2.91
C LEU A 95 0.32 7.96 -1.64
N VAL A 96 0.73 8.53 -0.51
CA VAL A 96 0.67 7.84 0.77
C VAL A 96 -0.78 7.52 1.14
N MET A 97 -1.70 8.38 0.73
CA MET A 97 -3.11 8.19 1.03
C MET A 97 -3.64 6.92 0.37
N LEU A 98 -3.24 6.69 -0.88
CA LEU A 98 -3.67 5.51 -1.62
C LEU A 98 -3.17 4.24 -0.95
N LEU A 99 -1.97 4.30 -0.38
CA LEU A 99 -1.38 3.15 0.29
C LEU A 99 -2.14 2.82 1.58
N ALA A 100 -2.41 3.85 2.37
CA ALA A 100 -3.13 3.67 3.62
C ALA A 100 -4.48 3.00 3.40
N PHE A 101 -5.32 3.61 2.57
CA PHE A 101 -6.63 3.05 2.26
C PHE A 101 -6.52 1.58 1.87
N ALA A 102 -5.78 1.31 0.81
CA ALA A 102 -5.60 -0.05 0.32
C ALA A 102 -5.45 -1.03 1.48
N GLY A 103 -4.57 -0.69 2.42
CA GLY A 103 -4.36 -1.56 3.57
C GLY A 103 -5.57 -1.62 4.48
N THR A 104 -6.37 -0.56 4.48
CA THR A 104 -7.56 -0.50 5.31
C THR A 104 -8.67 -1.39 4.74
N LEU A 105 -8.63 -1.62 3.45
CA LEU A 105 -9.62 -2.44 2.78
C LEU A 105 -9.28 -3.92 2.91
N MET A 106 -7.99 -4.23 2.99
CA MET A 106 -7.52 -5.60 3.13
C MET A 106 -8.58 -6.46 3.80
N ASN A 107 -9.35 -7.20 3.00
CA ASN A 107 -10.38 -8.07 3.52
C ASN A 107 -9.79 -9.26 4.26
N GLN A 108 -10.48 -9.70 5.32
CA GLN A 108 -10.00 -10.84 6.10
C GLN A 108 -11.17 -11.75 6.47
N GLY A 109 -11.17 -12.96 5.90
CA GLY A 109 -12.23 -13.90 6.18
C GLY A 109 -11.97 -15.27 5.55
N PRO A 110 -10.79 -15.84 5.84
CA PRO A 110 -10.41 -17.15 5.31
C PRO A 110 -11.22 -18.29 5.91
N TYR A 111 -10.71 -19.50 5.76
CA TYR A 111 -11.40 -20.69 6.29
C TYR A 111 -10.48 -21.48 7.21
N MET A 112 -9.56 -22.23 6.61
CA MET A 112 -8.62 -23.03 7.38
C MET A 112 -7.42 -23.45 6.53
N ALA A 113 -6.32 -23.79 7.18
CA ALA A 113 -5.11 -24.19 6.48
C ALA A 113 -4.64 -25.57 6.95
N VAL A 114 -3.48 -25.99 6.46
CA VAL A 114 -2.92 -27.28 6.83
C VAL A 114 -1.41 -27.30 6.66
N LYS A 115 -0.95 -26.91 5.46
CA LYS A 115 0.48 -26.89 5.17
C LYS A 115 1.06 -25.50 5.45
N GLN A 116 1.31 -25.22 6.72
CA GLN A 116 1.87 -23.92 7.11
C GLN A 116 2.88 -24.09 8.25
N LYS A 117 3.80 -23.14 8.36
CA LYS A 117 4.83 -23.18 9.39
C LYS A 117 4.21 -23.04 10.77
N ARG A 118 3.70 -21.85 11.06
CA ARG A 118 3.07 -21.57 12.36
C ARG A 118 1.75 -20.84 12.18
N ASP A 119 1.82 -19.51 12.15
CA ASP A 119 0.61 -18.69 11.98
C ASP A 119 0.71 -17.85 10.71
N LEU A 120 1.92 -17.75 10.16
CA LEU A 120 2.14 -16.97 8.95
C LEU A 120 1.26 -17.48 7.80
N GLY A 121 0.65 -18.64 8.01
CA GLY A 121 -0.22 -19.20 6.99
C GLY A 121 -1.58 -18.55 6.95
N ASN A 122 -1.61 -17.27 6.61
CA ASN A 122 -2.86 -16.52 6.55
C ASN A 122 -2.96 -15.75 5.23
N ARG A 123 -1.99 -15.95 4.35
CA ARG A 123 -1.97 -15.28 3.06
C ARG A 123 -2.96 -15.93 2.09
N VAL A 124 -4.08 -16.41 2.63
CA VAL A 124 -5.11 -17.06 1.83
C VAL A 124 -5.97 -16.02 1.11
N ILE A 125 -6.77 -15.30 1.87
CA ILE A 125 -7.64 -14.27 1.30
C ILE A 125 -6.92 -12.94 1.19
N VAL A 126 -6.02 -12.68 2.12
CA VAL A 126 -5.25 -11.43 2.13
C VAL A 126 -4.39 -11.32 0.89
N THR A 127 -3.76 -12.43 0.50
CA THR A 127 -2.90 -12.46 -0.68
C THR A 127 -3.68 -12.12 -1.94
N ARG A 128 -4.81 -12.81 -2.13
CA ARG A 128 -5.64 -12.59 -3.30
C ARG A 128 -6.08 -11.13 -3.39
N ASP A 129 -6.42 -10.56 -2.24
CA ASP A 129 -6.87 -9.16 -2.18
C ASP A 129 -5.69 -8.21 -2.35
N CYS A 130 -4.54 -8.59 -1.79
CA CYS A 130 -3.34 -7.77 -1.88
C CYS A 130 -2.91 -7.59 -3.33
N CYS A 131 -2.96 -8.68 -4.09
CA CYS A 131 -2.57 -8.65 -5.50
C CYS A 131 -3.47 -7.70 -6.29
N LEU A 132 -4.77 -7.92 -6.20
CA LEU A 132 -5.74 -7.09 -6.90
C LEU A 132 -5.71 -5.66 -6.38
N ILE A 133 -5.88 -5.51 -5.07
CA ILE A 133 -5.87 -4.19 -4.45
C ILE A 133 -4.59 -3.43 -4.78
N VAL A 134 -3.46 -4.10 -4.65
CA VAL A 134 -2.16 -3.50 -4.94
C VAL A 134 -1.95 -3.33 -6.45
N ASN A 135 -2.51 -4.25 -7.22
CA ASN A 135 -2.40 -4.21 -8.68
C ASN A 135 -3.00 -2.93 -9.23
N PHE A 136 -4.17 -2.55 -8.70
CA PHE A 136 -4.85 -1.34 -9.14
C PHE A 136 -4.04 -0.10 -8.79
N LEU A 137 -3.70 0.03 -7.52
CA LEU A 137 -2.92 1.17 -7.05
C LEU A 137 -1.53 1.18 -7.67
N TYR A 138 -0.79 0.08 -7.48
CA TYR A 138 0.55 -0.04 -8.01
C TYR A 138 0.62 0.45 -9.46
N ASN A 139 -0.21 -0.14 -10.31
CA ASN A 139 -0.25 0.25 -11.72
C ASN A 139 -0.63 1.72 -11.88
N LEU A 140 -1.40 2.23 -10.92
CA LEU A 140 -1.82 3.62 -10.94
C LEU A 140 -0.62 4.56 -10.85
N LEU A 141 0.20 4.36 -9.84
CA LEU A 141 1.39 5.19 -9.63
C LEU A 141 2.57 4.64 -10.41
N MET A 142 2.40 3.45 -10.99
CA MET A 142 3.45 2.82 -11.77
C MET A 142 3.19 2.96 -13.27
N GLY A 143 2.42 3.98 -13.63
CA GLY A 143 2.10 4.21 -15.04
C GLY A 143 3.16 5.03 -15.74
N ARG A 144 3.05 5.11 -17.06
CA ARG A 144 4.00 5.87 -17.86
C ARG A 144 4.09 7.31 -17.38
N ARG A 145 2.95 7.98 -17.30
CA ARG A 145 2.90 9.37 -16.84
C ARG A 145 3.00 9.45 -15.33
N HIS A 146 2.26 8.58 -14.64
CA HIS A 146 2.27 8.55 -13.18
C HIS A 146 3.68 8.36 -12.65
N ARG A 147 4.29 7.23 -13.01
CA ARG A 147 5.65 6.92 -12.56
C ARG A 147 6.61 8.04 -12.92
N ALA A 148 6.51 8.51 -14.17
CA ALA A 148 7.38 9.59 -14.63
C ALA A 148 7.33 10.79 -13.69
N ARG A 149 6.14 11.12 -13.21
CA ARG A 149 5.95 12.24 -12.31
C ARG A 149 6.42 11.88 -10.90
N LEU A 150 5.96 10.74 -10.41
CA LEU A 150 6.33 10.27 -9.07
C LEU A 150 7.82 10.48 -8.82
N GLU A 151 8.63 10.09 -9.79
CA GLU A 151 10.08 10.22 -9.68
C GLU A 151 10.52 11.64 -10.02
N ALA A 152 9.87 12.22 -11.03
CA ALA A 152 10.19 13.57 -11.46
C ALA A 152 10.18 14.55 -10.28
N LEU A 153 9.56 14.12 -9.18
CA LEU A 153 9.48 14.96 -7.99
C LEU A 153 10.34 14.40 -6.87
N GLY A 154 11.39 13.68 -7.24
CA GLY A 154 12.28 13.11 -6.27
C GLY A 154 12.02 11.63 -6.03
N GLY A 155 10.85 11.17 -6.45
CA GLY A 155 10.50 9.76 -6.27
C GLY A 155 10.38 9.38 -4.82
N TRP A 156 10.22 8.09 -4.56
CA TRP A 156 10.08 7.59 -3.20
C TRP A 156 10.99 8.35 -2.25
N ASP A 157 12.19 8.69 -2.72
CA ASP A 157 13.15 9.42 -1.91
C ASP A 157 12.54 10.71 -1.38
N GLY A 158 11.93 11.49 -2.27
CA GLY A 158 11.32 12.73 -1.87
C GLY A 158 10.20 12.54 -0.86
N PHE A 159 9.53 11.39 -0.94
CA PHE A 159 8.43 11.08 -0.03
C PHE A 159 8.94 10.96 1.40
N CYS A 160 10.16 10.47 1.56
CA CYS A 160 10.75 10.30 2.88
C CYS A 160 11.06 11.65 3.51
N ARG A 161 11.69 12.53 2.73
CA ARG A 161 12.05 13.86 3.22
C ARG A 161 10.84 14.79 3.21
N PHE A 162 9.89 14.50 2.32
CA PHE A 162 8.69 15.32 2.21
C PHE A 162 7.87 15.26 3.50
N PHE A 163 7.78 14.07 4.08
CA PHE A 163 7.02 13.88 5.32
C PHE A 163 7.96 13.75 6.51
N LYS A 164 9.26 13.69 6.23
CA LYS A 164 10.27 13.56 7.28
C LYS A 164 10.13 12.23 8.01
N ASN A 165 10.73 11.19 7.45
CA ASN A 165 10.67 9.85 8.05
C ASN A 165 11.03 9.91 9.53
N PRO A 166 10.40 9.03 10.32
CA PRO A 166 10.63 8.96 11.77
C PRO A 166 12.02 8.42 12.11
N LEU A 167 12.49 7.46 11.32
CA LEU A 167 13.80 6.87 11.54
C LEU A 167 14.91 7.90 11.33
N PRO A 168 16.05 7.68 11.99
CA PRO A 168 17.21 8.58 11.88
C PRO A 168 17.87 8.53 10.51
N LEU A 169 17.87 7.34 9.91
CA LEU A 169 18.47 7.16 8.59
C LEU A 169 17.73 7.99 7.53
N GLY A 170 18.33 8.10 6.35
CA GLY A 170 17.75 8.86 5.26
C GLY A 170 18.70 9.94 4.80
N GLY A 1 -0.75 5.21 -16.37
CA GLY A 1 -0.66 4.47 -17.62
C GLY A 1 0.24 3.25 -17.44
N PRO A 2 -0.29 2.20 -16.80
CA PRO A 2 0.45 0.96 -16.55
C PRO A 2 0.70 0.18 -17.84
N LEU A 3 -0.36 -0.01 -18.63
CA LEU A 3 -0.25 -0.75 -19.88
C LEU A 3 1.07 -0.44 -20.58
N GLY A 4 2.08 -1.27 -20.33
CA GLY A 4 3.37 -1.07 -20.95
C GLY A 4 4.01 0.25 -20.56
N SER A 5 4.53 0.33 -19.35
CA SER A 5 5.16 1.54 -18.86
C SER A 5 6.14 2.10 -19.88
N MET A 6 6.71 3.26 -19.58
CA MET A 6 7.67 3.90 -20.47
C MET A 6 8.83 2.95 -20.79
N ALA A 7 8.96 1.89 -20.00
CA ALA A 7 10.02 0.91 -20.19
C ALA A 7 9.90 -0.23 -19.20
N ASP A 8 10.78 -1.21 -19.32
CA ASP A 8 10.78 -2.37 -18.43
C ASP A 8 12.06 -2.43 -17.61
N SER A 9 13.03 -1.60 -17.98
CA SER A 9 14.30 -1.56 -17.27
C SER A 9 14.60 -0.16 -16.74
N GLN A 10 13.92 0.83 -17.31
CA GLN A 10 14.11 2.22 -16.90
C GLN A 10 13.31 2.51 -15.62
N ASP A 11 12.68 1.48 -15.08
CA ASP A 11 11.89 1.63 -13.86
C ASP A 11 12.60 1.02 -12.66
N PRO A 12 13.47 1.82 -12.01
CA PRO A 12 14.24 1.37 -10.85
C PRO A 12 13.35 1.16 -9.62
N LEU A 13 12.15 1.71 -9.66
CA LEU A 13 11.21 1.59 -8.56
C LEU A 13 10.01 0.73 -8.95
N HIS A 14 10.20 -0.10 -9.97
CA HIS A 14 9.13 -0.98 -10.44
C HIS A 14 8.83 -2.07 -9.42
N GLU A 15 9.76 -3.01 -9.29
CA GLU A 15 9.59 -4.12 -8.34
C GLU A 15 9.62 -3.61 -6.90
N ARG A 16 10.23 -2.45 -6.71
CA ARG A 16 10.32 -1.86 -5.38
C ARG A 16 8.97 -1.33 -4.92
N THR A 17 8.16 -0.89 -5.87
CA THR A 17 6.84 -0.36 -5.57
C THR A 17 5.85 -1.48 -5.22
N ARG A 18 5.75 -2.46 -6.11
CA ARG A 18 4.85 -3.59 -5.90
C ARG A 18 5.07 -4.20 -4.52
N ARG A 19 6.32 -4.53 -4.22
CA ARG A 19 6.66 -5.13 -2.94
C ARG A 19 6.30 -4.19 -1.78
N LEU A 20 6.63 -2.92 -1.93
CA LEU A 20 6.33 -1.92 -0.91
C LEU A 20 4.84 -1.85 -0.63
N LEU A 21 4.04 -1.82 -1.69
CA LEU A 21 2.59 -1.75 -1.56
C LEU A 21 2.04 -3.05 -0.98
N SER A 22 2.47 -4.17 -1.55
CA SER A 22 2.02 -5.48 -1.09
C SER A 22 2.39 -5.70 0.38
N ASP A 23 3.59 -5.25 0.75
CA ASP A 23 4.07 -5.41 2.11
C ASP A 23 3.11 -4.74 3.10
N TYR A 24 2.64 -3.54 2.75
CA TYR A 24 1.73 -2.80 3.61
C TYR A 24 0.43 -3.57 3.82
N ILE A 25 -0.02 -4.27 2.78
CA ILE A 25 -1.25 -5.05 2.86
C ILE A 25 -1.16 -6.10 3.97
N PHE A 26 -0.02 -6.79 4.04
CA PHE A 26 0.19 -7.82 5.05
C PHE A 26 0.26 -7.19 6.44
N PHE A 27 1.12 -6.19 6.59
CA PHE A 27 1.28 -5.51 7.88
C PHE A 27 -0.05 -4.96 8.37
N CYS A 28 -0.90 -4.56 7.43
CA CYS A 28 -2.21 -4.01 7.78
C CYS A 28 -3.16 -5.11 8.24
N ALA A 29 -2.98 -6.30 7.70
CA ALA A 29 -3.82 -7.44 8.07
C ALA A 29 -3.52 -7.92 9.48
N ARG A 30 -2.41 -7.44 10.04
CA ARG A 30 -2.01 -7.82 11.39
C ARG A 30 -3.23 -8.04 12.27
N GLU A 31 -3.45 -9.30 12.67
CA GLU A 31 -4.58 -9.64 13.51
C GLU A 31 -4.59 -8.80 14.79
N PRO A 32 -5.79 -8.56 15.33
CA PRO A 32 -5.96 -7.76 16.55
C PRO A 32 -5.44 -8.48 17.79
N ASP A 33 -5.10 -9.75 17.64
CA ASP A 33 -4.58 -10.55 18.74
C ASP A 33 -3.09 -10.85 18.54
N THR A 34 -2.51 -10.26 17.50
CA THR A 34 -1.10 -10.47 17.20
C THR A 34 -0.48 -9.21 16.61
N PRO A 35 0.77 -8.93 17.02
CA PRO A 35 1.52 -7.76 16.54
C PRO A 35 1.91 -7.86 15.07
N GLU A 36 1.74 -6.77 14.34
CA GLU A 36 2.08 -6.75 12.92
C GLU A 36 3.58 -6.89 12.71
N PRO A 37 3.97 -7.43 11.55
CA PRO A 37 5.37 -7.63 11.20
C PRO A 37 6.11 -6.32 10.94
N PRO A 38 7.44 -6.39 10.81
CA PRO A 38 8.27 -5.21 10.56
C PRO A 38 8.08 -4.65 9.16
N PRO A 39 8.66 -3.47 8.90
CA PRO A 39 8.56 -2.80 7.60
C PRO A 39 9.34 -3.52 6.52
N THR A 40 9.31 -2.97 5.31
CA THR A 40 10.03 -3.58 4.18
C THR A 40 11.25 -2.74 3.79
N SER A 41 11.02 -1.44 3.61
CA SER A 41 12.10 -0.53 3.23
C SER A 41 11.82 0.88 3.72
N VAL A 42 12.65 1.83 3.31
CA VAL A 42 12.49 3.22 3.71
C VAL A 42 11.09 3.72 3.41
N GLU A 43 10.68 3.60 2.15
CA GLU A 43 9.36 4.03 1.72
C GLU A 43 8.26 3.33 2.52
N ALA A 44 8.54 2.09 2.92
CA ALA A 44 7.58 1.30 3.69
C ALA A 44 7.45 1.84 5.12
N ALA A 45 8.57 2.31 5.67
CA ALA A 45 8.58 2.85 7.02
C ALA A 45 7.82 4.18 7.09
N LEU A 46 8.01 5.01 6.07
CA LEU A 46 7.34 6.31 6.02
C LEU A 46 5.83 6.15 6.13
N LEU A 47 5.25 5.35 5.25
CA LEU A 47 3.81 5.11 5.25
C LEU A 47 3.34 4.69 6.65
N ARG A 48 4.05 3.73 7.25
CA ARG A 48 3.70 3.25 8.58
C ARG A 48 3.59 4.40 9.57
N SER A 49 4.31 5.49 9.29
CA SER A 49 4.28 6.66 10.17
C SER A 49 3.20 7.64 9.72
N VAL A 50 3.14 7.88 8.42
CA VAL A 50 2.15 8.80 7.86
C VAL A 50 0.88 8.08 7.46
N THR A 51 1.01 7.05 6.63
CA THR A 51 -0.13 6.27 6.18
C THR A 51 -0.99 5.82 7.36
N ARG A 52 -0.33 5.50 8.47
CA ARG A 52 -1.03 5.06 9.67
C ARG A 52 -2.00 6.13 10.17
N GLN A 53 -1.62 7.39 9.98
CA GLN A 53 -2.44 8.51 10.41
C GLN A 53 -3.57 8.76 9.41
N ILE A 54 -3.32 8.49 8.15
CA ILE A 54 -4.30 8.69 7.09
C ILE A 54 -5.52 7.79 7.31
N GLN A 55 -5.27 6.59 7.84
CA GLN A 55 -6.34 5.63 8.10
C GLN A 55 -7.06 5.95 9.40
N GLN A 56 -6.31 5.90 10.50
CA GLN A 56 -6.88 6.17 11.81
C GLN A 56 -7.71 7.45 11.79
N GLU A 57 -7.47 8.30 10.79
CA GLU A 57 -8.18 9.55 10.65
C GLU A 57 -9.34 9.42 9.68
N HIS A 58 -9.10 8.71 8.57
CA HIS A 58 -10.13 8.50 7.56
C HIS A 58 -10.69 7.09 7.64
N GLN A 59 -9.81 6.11 7.79
CA GLN A 59 -10.22 4.72 7.89
C GLN A 59 -11.52 4.59 8.66
N GLU A 60 -11.80 5.56 9.52
CA GLU A 60 -13.01 5.55 10.33
C GLU A 60 -14.23 5.20 9.47
N PHE A 61 -14.19 5.59 8.20
CA PHE A 61 -15.29 5.33 7.28
C PHE A 61 -14.93 4.20 6.33
N PHE A 62 -13.66 4.15 5.92
CA PHE A 62 -13.19 3.13 5.00
C PHE A 62 -13.54 1.74 5.51
N SER A 63 -13.08 1.42 6.72
CA SER A 63 -13.34 0.12 7.32
C SER A 63 -14.82 -0.23 7.23
N SER A 64 -15.67 0.74 7.56
CA SER A 64 -17.12 0.53 7.53
C SER A 64 -17.55 -0.03 6.19
N PHE A 65 -16.87 0.39 5.13
CA PHE A 65 -17.19 -0.08 3.77
C PHE A 65 -16.62 -1.47 3.54
N CYS A 66 -15.39 -1.69 3.99
CA CYS A 66 -14.74 -2.98 3.82
C CYS A 66 -15.65 -4.11 4.28
N GLU A 67 -16.60 -3.79 5.14
CA GLU A 67 -17.53 -4.78 5.67
C GLU A 67 -18.97 -4.39 5.36
N SER A 68 -19.17 -3.74 4.22
CA SER A 68 -20.51 -3.30 3.81
C SER A 68 -20.91 -3.96 2.49
N ARG A 69 -20.24 -3.59 1.42
CA ARG A 69 -20.52 -4.14 0.10
C ARG A 69 -19.51 -5.22 -0.28
N GLY A 70 -18.40 -5.25 0.46
CA GLY A 70 -17.36 -6.24 0.18
C GLY A 70 -16.55 -5.90 -1.04
N ASN A 71 -16.77 -4.70 -1.57
CA ASN A 71 -16.04 -4.25 -2.76
C ASN A 71 -14.71 -3.61 -2.38
N ARG A 72 -14.12 -4.08 -1.29
CA ARG A 72 -12.85 -3.55 -0.82
C ARG A 72 -11.98 -3.09 -1.99
N LEU A 73 -12.08 -3.80 -3.10
CA LEU A 73 -11.31 -3.48 -4.30
C LEU A 73 -11.93 -2.30 -5.04
N GLU A 74 -13.22 -2.39 -5.31
CA GLU A 74 -13.93 -1.33 -6.02
C GLU A 74 -13.69 0.01 -5.36
N LEU A 75 -13.51 0.00 -4.04
CA LEU A 75 -13.27 1.22 -3.28
C LEU A 75 -11.83 1.69 -3.45
N VAL A 76 -10.90 0.74 -3.48
CA VAL A 76 -9.48 1.04 -3.62
C VAL A 76 -9.23 1.80 -4.92
N LYS A 77 -9.80 1.31 -6.01
CA LYS A 77 -9.64 1.94 -7.32
C LYS A 77 -10.42 3.24 -7.40
N GLN A 78 -11.65 3.23 -6.89
CA GLN A 78 -12.50 4.41 -6.90
C GLN A 78 -11.79 5.60 -6.24
N MET A 79 -11.22 5.35 -5.08
CA MET A 79 -10.52 6.41 -4.33
C MET A 79 -9.40 7.00 -5.19
N ALA A 80 -8.48 6.14 -5.65
CA ALA A 80 -7.37 6.58 -6.47
C ALA A 80 -7.85 7.41 -7.66
N ASP A 81 -9.13 7.26 -7.99
CA ASP A 81 -9.72 8.00 -9.11
C ASP A 81 -10.05 9.42 -8.71
N LYS A 82 -10.47 9.60 -7.46
CA LYS A 82 -10.82 10.92 -6.95
C LYS A 82 -9.56 11.71 -6.59
N LEU A 83 -8.67 11.08 -5.83
CA LEU A 83 -7.42 11.72 -5.43
C LEU A 83 -6.39 11.68 -6.55
N LEU A 84 -5.98 10.48 -6.92
CA LEU A 84 -5.00 10.30 -7.98
C LEU A 84 -5.67 10.35 -9.36
N SER A 85 -4.87 10.60 -10.40
CA SER A 85 -5.38 10.67 -11.75
C SER A 85 -4.25 10.60 -12.77
N LYS A 86 -4.58 10.79 -14.04
CA LYS A 86 -3.59 10.75 -15.11
C LYS A 86 -3.22 12.15 -15.55
N ASP A 87 -4.23 13.01 -15.71
CA ASP A 87 -4.00 14.39 -16.13
C ASP A 87 -3.96 15.32 -14.93
N GLN A 88 -4.35 14.80 -13.76
CA GLN A 88 -4.36 15.59 -12.54
C GLN A 88 -2.98 15.59 -11.88
N ASP A 89 -2.47 16.77 -11.59
CA ASP A 89 -1.16 16.92 -10.96
C ASP A 89 -1.20 16.39 -9.53
N PHE A 90 -1.29 15.07 -9.39
CA PHE A 90 -1.34 14.43 -8.08
C PHE A 90 -0.28 15.04 -7.15
N SER A 91 -0.35 14.68 -5.87
CA SER A 91 0.59 15.19 -4.88
C SER A 91 1.05 14.07 -3.96
N TRP A 92 2.24 14.25 -3.37
CA TRP A 92 2.79 13.26 -2.46
C TRP A 92 1.75 12.82 -1.43
N SER A 93 1.02 13.77 -0.88
CA SER A 93 0.00 13.48 0.12
C SER A 93 -0.98 12.44 -0.40
N GLN A 94 -1.22 12.45 -1.71
CA GLN A 94 -2.13 11.50 -2.33
C GLN A 94 -1.49 10.12 -2.44
N LEU A 95 -0.22 10.09 -2.84
CA LEU A 95 0.50 8.84 -2.99
C LEU A 95 0.40 7.99 -1.73
N VAL A 96 0.80 8.57 -0.60
CA VAL A 96 0.75 7.87 0.68
C VAL A 96 -0.69 7.56 1.08
N MET A 97 -1.60 8.45 0.67
CA MET A 97 -3.02 8.28 0.99
C MET A 97 -3.54 6.95 0.45
N LEU A 98 -3.21 6.65 -0.80
CA LEU A 98 -3.64 5.42 -1.44
C LEU A 98 -3.08 4.20 -0.71
N LEU A 99 -1.81 4.26 -0.37
CA LEU A 99 -1.14 3.16 0.34
C LEU A 99 -1.88 2.82 1.62
N ALA A 100 -2.24 3.85 2.39
CA ALA A 100 -2.95 3.66 3.64
C ALA A 100 -4.32 3.02 3.41
N PHE A 101 -5.14 3.67 2.59
CA PHE A 101 -6.47 3.17 2.27
C PHE A 101 -6.42 1.70 1.88
N ALA A 102 -5.67 1.41 0.82
CA ALA A 102 -5.53 0.04 0.34
C ALA A 102 -5.42 -0.94 1.50
N GLY A 103 -4.53 -0.64 2.44
CA GLY A 103 -4.34 -1.51 3.59
C GLY A 103 -5.55 -1.54 4.49
N THR A 104 -6.33 -0.46 4.50
CA THR A 104 -7.52 -0.38 5.32
C THR A 104 -8.63 -1.27 4.79
N LEU A 105 -8.60 -1.53 3.49
CA LEU A 105 -9.60 -2.38 2.85
C LEU A 105 -9.26 -3.86 3.02
N MET A 106 -7.96 -4.15 3.10
CA MET A 106 -7.51 -5.53 3.27
C MET A 106 -8.46 -6.31 4.16
N ASN A 107 -9.29 -7.15 3.54
CA ASN A 107 -10.25 -7.97 4.28
C ASN A 107 -9.58 -9.21 4.84
N GLN A 108 -10.18 -9.77 5.90
CA GLN A 108 -9.65 -10.96 6.53
C GLN A 108 -10.69 -12.08 6.57
N GLY A 109 -10.23 -13.32 6.53
CA GLY A 109 -11.14 -14.45 6.56
C GLY A 109 -10.43 -15.75 6.88
N PRO A 110 -9.60 -15.74 7.94
CA PRO A 110 -8.84 -16.91 8.36
C PRO A 110 -9.74 -17.99 8.97
N TYR A 111 -9.13 -18.93 9.69
CA TYR A 111 -9.88 -20.02 10.32
C TYR A 111 -9.60 -20.06 11.82
N MET A 112 -8.52 -19.41 12.24
CA MET A 112 -8.15 -19.38 13.64
C MET A 112 -9.39 -19.29 14.53
N ALA A 113 -9.88 -20.44 14.98
CA ALA A 113 -11.05 -20.49 15.84
C ALA A 113 -10.66 -20.58 17.30
N VAL A 114 -11.52 -21.21 18.10
CA VAL A 114 -11.26 -21.37 19.53
C VAL A 114 -10.00 -22.21 19.77
N LYS A 115 -10.17 -23.53 19.76
CA LYS A 115 -9.06 -24.44 19.97
C LYS A 115 -8.18 -24.53 18.73
N GLN A 116 -7.10 -23.75 18.71
CA GLN A 116 -6.19 -23.73 17.57
C GLN A 116 -4.74 -23.61 18.05
N LYS A 117 -3.84 -23.36 17.11
CA LYS A 117 -2.42 -23.21 17.43
C LYS A 117 -1.74 -22.27 16.45
N ARG A 118 -1.23 -21.15 16.96
CA ARG A 118 -0.56 -20.17 16.13
C ARG A 118 0.53 -20.83 15.28
N ASP A 119 0.20 -21.10 14.02
CA ASP A 119 1.15 -21.73 13.11
C ASP A 119 1.14 -21.03 11.75
N LEU A 120 0.02 -21.15 11.04
CA LEU A 120 -0.11 -20.52 9.72
C LEU A 120 -0.08 -19.00 9.83
N GLY A 121 -1.11 -18.44 10.45
CA GLY A 121 -1.18 -17.00 10.62
C GLY A 121 -2.49 -16.42 10.13
N ASN A 122 -2.98 -16.93 9.00
CA ASN A 122 -4.24 -16.46 8.43
C ASN A 122 -4.58 -17.24 7.17
N ARG A 123 -5.61 -16.79 6.46
CA ARG A 123 -6.04 -17.44 5.23
C ARG A 123 -5.40 -16.80 4.01
N VAL A 124 -5.62 -17.40 2.84
CA VAL A 124 -5.06 -16.88 1.60
C VAL A 124 -5.82 -15.65 1.12
N ILE A 125 -6.97 -15.40 1.73
CA ILE A 125 -7.80 -14.25 1.37
C ILE A 125 -7.00 -12.96 1.45
N VAL A 126 -6.04 -12.91 2.37
CA VAL A 126 -5.20 -11.74 2.55
C VAL A 126 -4.27 -11.53 1.35
N THR A 127 -3.59 -12.59 0.95
CA THR A 127 -2.67 -12.54 -0.18
C THR A 127 -3.42 -12.28 -1.48
N ARG A 128 -4.56 -12.95 -1.65
CA ARG A 128 -5.37 -12.79 -2.84
C ARG A 128 -5.96 -11.38 -2.92
N ASP A 129 -6.44 -10.89 -1.79
CA ASP A 129 -7.02 -9.56 -1.73
C ASP A 129 -5.96 -8.47 -1.89
N CYS A 130 -4.75 -8.77 -1.41
CA CYS A 130 -3.64 -7.83 -1.51
C CYS A 130 -3.16 -7.69 -2.95
N CYS A 131 -3.20 -8.80 -3.69
CA CYS A 131 -2.77 -8.81 -5.07
C CYS A 131 -3.65 -7.91 -5.93
N LEU A 132 -4.96 -8.08 -5.81
CA LEU A 132 -5.92 -7.28 -6.58
C LEU A 132 -5.86 -5.82 -6.15
N ILE A 133 -6.02 -5.59 -4.86
CA ILE A 133 -5.98 -4.22 -4.31
C ILE A 133 -4.69 -3.52 -4.71
N VAL A 134 -3.57 -4.19 -4.52
CA VAL A 134 -2.27 -3.63 -4.86
C VAL A 134 -2.09 -3.51 -6.38
N ASN A 135 -2.71 -4.44 -7.11
CA ASN A 135 -2.62 -4.44 -8.56
C ASN A 135 -3.10 -3.11 -9.13
N PHE A 136 -4.17 -2.56 -8.56
CA PHE A 136 -4.72 -1.30 -9.01
C PHE A 136 -3.80 -0.13 -8.63
N LEU A 137 -3.50 -0.03 -7.35
CA LEU A 137 -2.62 1.04 -6.85
C LEU A 137 -1.25 0.97 -7.53
N TYR A 138 -0.60 -0.17 -7.42
CA TYR A 138 0.72 -0.37 -8.02
C TYR A 138 0.77 0.23 -9.42
N ASN A 139 -0.15 -0.20 -10.28
CA ASN A 139 -0.20 0.29 -11.65
C ASN A 139 -0.60 1.77 -11.69
N LEU A 140 -1.32 2.20 -10.67
CA LEU A 140 -1.75 3.60 -10.58
C LEU A 140 -0.55 4.54 -10.60
N LEU A 141 0.41 4.29 -9.72
CA LEU A 141 1.61 5.13 -9.64
C LEU A 141 2.67 4.64 -10.62
N MET A 142 2.62 3.35 -10.95
CA MET A 142 3.58 2.75 -11.87
C MET A 142 3.17 3.04 -13.31
N GLY A 143 2.45 4.13 -13.52
CA GLY A 143 2.01 4.48 -14.86
C GLY A 143 2.98 5.41 -15.56
N ARG A 144 3.16 5.21 -16.85
CA ARG A 144 4.09 6.03 -17.64
C ARG A 144 3.91 7.51 -17.30
N ARG A 145 2.66 7.95 -17.22
CA ARG A 145 2.37 9.34 -16.90
C ARG A 145 2.66 9.64 -15.43
N HIS A 146 1.96 8.93 -14.54
CA HIS A 146 2.15 9.11 -13.10
C HIS A 146 3.59 8.85 -12.71
N ARG A 147 4.04 7.62 -12.93
CA ARG A 147 5.41 7.24 -12.59
C ARG A 147 6.40 8.35 -12.94
N ALA A 148 6.35 8.79 -14.20
CA ALA A 148 7.24 9.85 -14.66
C ALA A 148 7.24 11.03 -13.69
N ARG A 149 6.06 11.37 -13.18
CA ARG A 149 5.92 12.48 -12.24
C ARG A 149 6.41 12.08 -10.85
N LEU A 150 5.96 10.93 -10.38
CA LEU A 150 6.35 10.43 -9.06
C LEU A 150 7.86 10.62 -8.84
N GLU A 151 8.65 10.27 -9.85
CA GLU A 151 10.10 10.41 -9.76
C GLU A 151 10.53 11.84 -10.05
N ALA A 152 9.85 12.49 -10.98
CA ALA A 152 10.16 13.86 -11.34
C ALA A 152 10.17 14.76 -10.12
N LEU A 153 9.62 14.27 -9.02
CA LEU A 153 9.57 15.03 -7.78
C LEU A 153 10.48 14.42 -6.72
N GLY A 154 11.50 13.71 -7.18
CA GLY A 154 12.44 13.09 -6.26
C GLY A 154 12.13 11.62 -6.02
N GLY A 155 11.02 11.16 -6.57
CA GLY A 155 10.63 9.77 -6.40
C GLY A 155 10.55 9.37 -4.95
N TRP A 156 10.35 8.08 -4.70
CA TRP A 156 10.25 7.57 -3.33
C TRP A 156 11.21 8.29 -2.41
N ASP A 157 12.38 8.66 -2.94
CA ASP A 157 13.39 9.35 -2.17
C ASP A 157 12.86 10.68 -1.63
N GLY A 158 12.23 11.44 -2.51
CA GLY A 158 11.68 12.73 -2.11
C GLY A 158 10.51 12.59 -1.15
N PHE A 159 9.79 11.47 -1.26
CA PHE A 159 8.64 11.22 -0.39
C PHE A 159 9.06 11.20 1.07
N CYS A 160 9.93 10.26 1.42
CA CYS A 160 10.41 10.12 2.79
C CYS A 160 10.97 11.44 3.30
N ARG A 161 11.68 12.16 2.44
CA ARG A 161 12.27 13.44 2.79
C ARG A 161 11.20 14.50 3.00
N PHE A 162 10.06 14.31 2.33
CA PHE A 162 8.96 15.26 2.44
C PHE A 162 8.19 15.05 3.74
N PHE A 163 8.12 13.80 4.19
CA PHE A 163 7.41 13.47 5.42
C PHE A 163 8.40 13.32 6.59
N LYS A 164 9.69 13.23 6.26
CA LYS A 164 10.72 13.09 7.27
C LYS A 164 10.58 11.76 8.01
N ASN A 165 11.01 10.68 7.36
CA ASN A 165 10.93 9.35 7.96
C ASN A 165 11.63 9.32 9.31
N PRO A 166 11.05 8.58 10.26
CA PRO A 166 11.60 8.44 11.61
C PRO A 166 12.89 7.63 11.63
N LEU A 167 12.91 6.52 10.90
CA LEU A 167 14.08 5.67 10.83
C LEU A 167 14.95 6.03 9.63
N PRO A 168 16.28 5.93 9.80
CA PRO A 168 17.24 6.22 8.74
C PRO A 168 17.22 5.19 7.62
N LEU A 169 17.29 3.92 7.99
CA LEU A 169 17.27 2.84 7.01
C LEU A 169 15.84 2.48 6.63
N GLY A 170 15.69 1.40 5.85
CA GLY A 170 14.38 0.94 5.42
C GLY A 170 14.02 -0.36 6.10
N GLY A 1 20.23 -8.91 0.11
CA GLY A 1 20.42 -7.47 -0.05
C GLY A 1 19.50 -6.96 -1.16
N PRO A 2 18.98 -5.73 -0.98
CA PRO A 2 18.09 -5.10 -1.94
C PRO A 2 18.81 -4.70 -3.23
N LEU A 3 20.14 -4.63 -3.15
CA LEU A 3 20.94 -4.27 -4.32
C LEU A 3 20.71 -5.22 -5.47
N GLY A 4 19.60 -5.03 -6.17
CA GLY A 4 19.26 -5.88 -7.30
C GLY A 4 19.28 -5.13 -8.63
N SER A 5 19.57 -3.84 -8.56
CA SER A 5 19.62 -3.00 -9.76
C SER A 5 20.68 -3.50 -10.72
N MET A 6 20.36 -4.57 -11.45
CA MET A 6 21.30 -5.15 -12.40
C MET A 6 21.10 -4.54 -13.79
N ALA A 7 19.86 -4.59 -14.28
CA ALA A 7 19.54 -4.04 -15.59
C ALA A 7 19.66 -2.51 -15.59
N ASP A 8 19.44 -1.91 -16.76
CA ASP A 8 19.53 -0.46 -16.89
C ASP A 8 18.14 0.16 -16.91
N SER A 9 17.46 0.07 -18.05
CA SER A 9 16.12 0.63 -18.19
C SER A 9 15.16 -0.03 -17.22
N GLN A 10 15.50 -1.23 -16.77
CA GLN A 10 14.66 -1.96 -15.83
C GLN A 10 14.99 -1.58 -14.39
N ASP A 11 14.82 -0.31 -14.07
CA ASP A 11 15.10 0.18 -12.72
C ASP A 11 14.35 -0.65 -11.68
N PRO A 12 14.98 -0.85 -10.52
CA PRO A 12 14.40 -1.62 -9.42
C PRO A 12 13.23 -0.90 -8.75
N LEU A 13 12.88 0.27 -9.30
CA LEU A 13 11.78 1.07 -8.77
C LEU A 13 10.45 0.33 -8.94
N HIS A 14 10.39 -0.55 -9.93
CA HIS A 14 9.17 -1.31 -10.19
C HIS A 14 8.95 -2.36 -9.11
N GLU A 15 10.00 -3.11 -8.78
CA GLU A 15 9.91 -4.14 -7.77
C GLU A 15 9.89 -3.54 -6.37
N ARG A 16 10.39 -2.31 -6.26
CA ARG A 16 10.43 -1.61 -4.97
C ARG A 16 9.03 -1.12 -4.58
N THR A 17 8.22 -0.79 -5.58
CA THR A 17 6.88 -0.30 -5.35
C THR A 17 5.92 -1.44 -5.02
N ARG A 18 5.96 -2.50 -5.83
CA ARG A 18 5.10 -3.65 -5.62
C ARG A 18 5.35 -4.27 -4.24
N ARG A 19 6.62 -4.44 -3.89
CA ARG A 19 6.99 -5.01 -2.61
C ARG A 19 6.49 -4.13 -1.46
N LEU A 20 6.70 -2.82 -1.59
CA LEU A 20 6.28 -1.88 -0.56
C LEU A 20 4.76 -1.87 -0.41
N LEU A 21 4.07 -1.70 -1.53
CA LEU A 21 2.61 -1.68 -1.53
C LEU A 21 2.03 -2.99 -1.02
N SER A 22 2.51 -4.10 -1.59
CA SER A 22 2.05 -5.42 -1.20
C SER A 22 2.44 -5.72 0.24
N ASP A 23 3.66 -5.33 0.62
CA ASP A 23 4.15 -5.56 1.97
C ASP A 23 3.20 -4.96 3.00
N TYR A 24 2.73 -3.75 2.74
CA TYR A 24 1.82 -3.07 3.65
C TYR A 24 0.53 -3.86 3.83
N ILE A 25 0.00 -4.38 2.72
CA ILE A 25 -1.22 -5.15 2.76
C ILE A 25 -1.14 -6.26 3.81
N PHE A 26 -0.02 -6.95 3.85
CA PHE A 26 0.19 -8.03 4.81
C PHE A 26 0.22 -7.48 6.23
N PHE A 27 0.94 -6.40 6.43
CA PHE A 27 1.06 -5.78 7.74
C PHE A 27 -0.31 -5.33 8.26
N CYS A 28 -1.21 -5.01 7.34
CA CYS A 28 -2.55 -4.57 7.69
C CYS A 28 -3.50 -5.76 7.83
N ALA A 29 -3.01 -6.95 7.46
CA ALA A 29 -3.80 -8.16 7.55
C ALA A 29 -3.76 -8.76 8.94
N ARG A 30 -3.33 -7.96 9.91
CA ARG A 30 -3.23 -8.40 11.30
C ARG A 30 -4.27 -7.70 12.17
N GLU A 31 -5.24 -8.47 12.66
CA GLU A 31 -6.29 -7.91 13.51
C GLU A 31 -5.73 -6.87 14.47
N PRO A 32 -6.61 -5.99 14.96
CA PRO A 32 -6.23 -4.91 15.88
C PRO A 32 -5.84 -5.46 17.26
N ASP A 33 -6.08 -6.74 17.47
CA ASP A 33 -5.75 -7.37 18.75
C ASP A 33 -4.39 -8.05 18.68
N THR A 34 -3.68 -7.85 17.57
CA THR A 34 -2.36 -8.44 17.38
C THR A 34 -1.45 -7.50 16.61
N PRO A 35 -0.18 -7.40 17.05
CA PRO A 35 0.81 -6.54 16.41
C PRO A 35 1.23 -7.06 15.04
N GLU A 36 1.54 -6.14 14.12
CA GLU A 36 1.96 -6.51 12.78
C GLU A 36 3.47 -6.55 12.67
N PRO A 37 3.97 -7.11 11.55
CA PRO A 37 5.41 -7.22 11.30
C PRO A 37 6.06 -5.87 11.03
N PRO A 38 7.40 -5.84 11.05
CA PRO A 38 8.17 -4.62 10.82
C PRO A 38 8.09 -4.15 9.37
N PRO A 39 8.59 -2.93 9.10
CA PRO A 39 8.59 -2.36 7.76
C PRO A 39 9.55 -3.06 6.81
N THR A 40 9.53 -2.67 5.54
CA THR A 40 10.40 -3.28 4.54
C THR A 40 11.52 -2.32 4.15
N SER A 41 11.16 -1.11 3.74
CA SER A 41 12.14 -0.11 3.33
C SER A 41 11.70 1.29 3.77
N VAL A 42 12.45 2.29 3.34
CA VAL A 42 12.14 3.68 3.69
C VAL A 42 10.69 4.03 3.33
N GLU A 43 10.33 3.80 2.07
CA GLU A 43 8.98 4.09 1.60
C GLU A 43 7.94 3.39 2.49
N ALA A 44 8.27 2.19 2.94
CA ALA A 44 7.37 1.42 3.78
C ALA A 44 7.32 2.00 5.19
N ALA A 45 8.45 2.54 5.65
CA ALA A 45 8.53 3.14 6.98
C ALA A 45 7.73 4.43 7.06
N LEU A 46 7.95 5.31 6.10
CA LEU A 46 7.25 6.59 6.06
C LEU A 46 5.74 6.39 6.14
N LEU A 47 5.21 5.56 5.24
CA LEU A 47 3.78 5.28 5.20
C LEU A 47 3.27 4.87 6.59
N ARG A 48 3.99 3.97 7.24
CA ARG A 48 3.62 3.50 8.56
C ARG A 48 3.50 4.67 9.54
N SER A 49 4.23 5.74 9.26
CA SER A 49 4.20 6.93 10.12
C SER A 49 3.13 7.90 9.66
N VAL A 50 3.03 8.11 8.35
CA VAL A 50 2.04 9.01 7.79
C VAL A 50 0.77 8.28 7.42
N THR A 51 0.91 7.23 6.61
CA THR A 51 -0.24 6.44 6.17
C THR A 51 -1.08 5.99 7.36
N ARG A 52 -0.41 5.74 8.49
CA ARG A 52 -1.10 5.31 9.70
C ARG A 52 -2.09 6.37 10.18
N GLN A 53 -1.73 7.64 9.97
CA GLN A 53 -2.57 8.75 10.38
C GLN A 53 -3.71 8.96 9.39
N ILE A 54 -3.46 8.65 8.13
CA ILE A 54 -4.47 8.80 7.08
C ILE A 54 -5.66 7.87 7.33
N GLN A 55 -5.38 6.70 7.91
CA GLN A 55 -6.44 5.73 8.20
C GLN A 55 -7.17 6.09 9.49
N GLN A 56 -6.43 6.12 10.59
CA GLN A 56 -7.02 6.45 11.89
C GLN A 56 -7.88 7.71 11.80
N GLU A 57 -7.63 8.51 10.76
CA GLU A 57 -8.38 9.74 10.56
C GLU A 57 -9.53 9.53 9.58
N HIS A 58 -9.27 8.77 8.52
CA HIS A 58 -10.27 8.49 7.51
C HIS A 58 -10.82 7.08 7.66
N GLN A 59 -9.91 6.12 7.86
CA GLN A 59 -10.30 4.73 8.02
C GLN A 59 -11.59 4.60 8.82
N GLU A 60 -11.87 5.62 9.64
CA GLU A 60 -13.07 5.62 10.47
C GLU A 60 -14.29 5.23 9.65
N PHE A 61 -14.28 5.58 8.37
CA PHE A 61 -15.40 5.26 7.48
C PHE A 61 -15.05 4.09 6.57
N PHE A 62 -13.81 4.07 6.09
CA PHE A 62 -13.33 3.01 5.21
C PHE A 62 -13.59 1.64 5.82
N SER A 63 -13.16 1.45 7.06
CA SER A 63 -13.33 0.19 7.76
C SER A 63 -14.79 -0.28 7.67
N SER A 64 -15.71 0.66 7.84
CA SER A 64 -17.13 0.36 7.79
C SER A 64 -17.50 -0.30 6.47
N PHE A 65 -16.87 0.16 5.38
CA PHE A 65 -17.13 -0.38 4.06
C PHE A 65 -16.39 -1.71 3.86
N CYS A 66 -15.19 -1.80 4.42
CA CYS A 66 -14.39 -3.01 4.31
C CYS A 66 -15.23 -4.25 4.60
N GLU A 67 -16.21 -4.11 5.48
CA GLU A 67 -17.07 -5.21 5.85
C GLU A 67 -18.53 -4.88 5.58
N SER A 68 -18.76 -4.10 4.53
CA SER A 68 -20.12 -3.70 4.16
C SER A 68 -20.57 -4.39 2.88
N ARG A 69 -19.93 -4.03 1.76
CA ARG A 69 -20.26 -4.62 0.47
C ARG A 69 -19.20 -5.63 0.05
N GLY A 70 -18.10 -5.67 0.79
CA GLY A 70 -17.03 -6.60 0.47
C GLY A 70 -16.25 -6.19 -0.75
N ASN A 71 -16.57 -5.03 -1.30
CA ASN A 71 -15.90 -4.52 -2.49
C ASN A 71 -14.60 -3.82 -2.12
N ARG A 72 -13.97 -4.27 -1.04
CA ARG A 72 -12.73 -3.69 -0.58
C ARG A 72 -11.89 -3.18 -1.76
N LEU A 73 -11.97 -3.90 -2.87
CA LEU A 73 -11.22 -3.53 -4.07
C LEU A 73 -11.90 -2.38 -4.81
N GLU A 74 -13.19 -2.53 -5.07
CA GLU A 74 -13.96 -1.49 -5.76
C GLU A 74 -13.69 -0.12 -5.14
N LEU A 75 -13.50 -0.09 -3.83
CA LEU A 75 -13.24 1.16 -3.12
C LEU A 75 -11.80 1.61 -3.33
N VAL A 76 -10.88 0.65 -3.35
CA VAL A 76 -9.47 0.94 -3.54
C VAL A 76 -9.23 1.66 -4.87
N LYS A 77 -9.85 1.15 -5.92
CA LYS A 77 -9.71 1.74 -7.25
C LYS A 77 -10.47 3.06 -7.34
N GLN A 78 -11.69 3.08 -6.80
CA GLN A 78 -12.52 4.28 -6.82
C GLN A 78 -11.77 5.47 -6.21
N MET A 79 -11.23 5.25 -5.01
CA MET A 79 -10.50 6.31 -4.31
C MET A 79 -9.33 6.81 -5.17
N ALA A 80 -8.48 5.90 -5.60
CA ALA A 80 -7.33 6.26 -6.43
C ALA A 80 -7.75 7.10 -7.62
N ASP A 81 -9.03 7.00 -7.99
CA ASP A 81 -9.55 7.75 -9.12
C ASP A 81 -9.94 9.17 -8.69
N LYS A 82 -10.31 9.31 -7.43
CA LYS A 82 -10.70 10.62 -6.89
C LYS A 82 -9.47 11.45 -6.51
N LEU A 83 -8.55 10.83 -5.78
CA LEU A 83 -7.33 11.50 -5.36
C LEU A 83 -6.28 11.48 -6.46
N LEU A 84 -5.90 10.29 -6.88
CA LEU A 84 -4.90 10.13 -7.95
C LEU A 84 -5.56 10.17 -9.32
N SER A 85 -4.79 10.56 -10.32
CA SER A 85 -5.30 10.65 -11.69
C SER A 85 -4.15 10.76 -12.70
N LYS A 86 -4.49 11.09 -13.94
CA LYS A 86 -3.49 11.23 -14.99
C LYS A 86 -3.19 12.70 -15.24
N ASP A 87 -4.23 13.49 -15.49
CA ASP A 87 -4.06 14.92 -15.74
C ASP A 87 -4.03 15.70 -14.44
N GLN A 88 -4.41 15.04 -13.35
CA GLN A 88 -4.43 15.68 -12.04
C GLN A 88 -3.04 15.65 -11.40
N ASP A 89 -2.57 16.82 -10.97
CA ASP A 89 -1.25 16.92 -10.35
C ASP A 89 -1.23 16.19 -9.01
N PHE A 90 -1.24 14.86 -9.07
CA PHE A 90 -1.21 14.04 -7.86
C PHE A 90 -0.06 14.44 -6.96
N SER A 91 -0.38 14.90 -5.75
CA SER A 91 0.64 15.32 -4.79
C SER A 91 1.14 14.13 -3.99
N TRP A 92 2.27 14.31 -3.31
CA TRP A 92 2.86 13.26 -2.51
C TRP A 92 1.88 12.74 -1.47
N SER A 93 1.12 13.66 -0.88
CA SER A 93 0.13 13.31 0.14
C SER A 93 -0.86 12.28 -0.40
N GLN A 94 -1.11 12.33 -1.70
CA GLN A 94 -2.02 11.41 -2.35
C GLN A 94 -1.43 10.01 -2.43
N LEU A 95 -0.14 9.94 -2.74
CA LEU A 95 0.55 8.67 -2.86
C LEU A 95 0.46 7.87 -1.56
N VAL A 96 0.90 8.47 -0.47
CA VAL A 96 0.86 7.82 0.83
C VAL A 96 -0.56 7.46 1.23
N MET A 97 -1.51 8.27 0.77
CA MET A 97 -2.92 8.03 1.07
C MET A 97 -3.38 6.68 0.51
N LEU A 98 -2.97 6.39 -0.72
CA LEU A 98 -3.34 5.14 -1.37
C LEU A 98 -2.87 3.94 -0.54
N LEU A 99 -1.63 3.99 -0.09
CA LEU A 99 -1.06 2.91 0.71
C LEU A 99 -1.85 2.72 2.00
N ALA A 100 -2.36 3.83 2.55
CA ALA A 100 -3.13 3.78 3.79
C ALA A 100 -4.46 3.07 3.57
N PHE A 101 -5.27 3.60 2.65
CA PHE A 101 -6.57 3.01 2.35
C PHE A 101 -6.43 1.53 1.98
N ALA A 102 -5.68 1.27 0.91
CA ALA A 102 -5.46 -0.09 0.45
C ALA A 102 -5.29 -1.05 1.63
N GLY A 103 -4.42 -0.70 2.56
CA GLY A 103 -4.19 -1.54 3.72
C GLY A 103 -5.39 -1.60 4.63
N THR A 104 -6.20 -0.56 4.63
CA THR A 104 -7.40 -0.50 5.46
C THR A 104 -8.49 -1.41 4.91
N LEU A 105 -8.49 -1.60 3.60
CA LEU A 105 -9.49 -2.45 2.95
C LEU A 105 -9.18 -3.93 3.16
N MET A 106 -7.89 -4.26 3.18
CA MET A 106 -7.46 -5.63 3.38
C MET A 106 -8.42 -6.37 4.31
N ASN A 107 -9.24 -7.25 3.72
CA ASN A 107 -10.21 -8.02 4.50
C ASN A 107 -9.59 -9.33 4.99
N GLN A 108 -10.17 -9.88 6.05
CA GLN A 108 -9.68 -11.12 6.63
C GLN A 108 -10.84 -12.02 7.04
N GLY A 109 -10.61 -13.33 7.00
CA GLY A 109 -11.65 -14.28 7.38
C GLY A 109 -11.18 -15.71 7.31
N PRO A 110 -10.07 -16.02 7.99
CA PRO A 110 -9.48 -17.37 8.00
C PRO A 110 -10.35 -18.36 8.77
N TYR A 111 -9.76 -19.49 9.13
CA TYR A 111 -10.47 -20.52 9.87
C TYR A 111 -9.73 -20.88 11.17
N MET A 112 -8.59 -21.54 11.01
CA MET A 112 -7.80 -21.94 12.17
C MET A 112 -6.34 -21.53 11.99
N ALA A 113 -6.06 -20.24 12.13
CA ALA A 113 -4.72 -19.72 11.98
C ALA A 113 -3.86 -20.05 13.20
N VAL A 114 -3.89 -21.31 13.61
CA VAL A 114 -3.11 -21.77 14.75
C VAL A 114 -2.02 -22.75 14.34
N LYS A 115 -2.41 -23.76 13.57
CA LYS A 115 -1.47 -24.78 13.10
C LYS A 115 -0.92 -24.41 11.73
N GLN A 116 0.03 -23.48 11.71
CA GLN A 116 0.64 -23.04 10.46
C GLN A 116 2.16 -22.95 10.60
N LYS A 117 2.86 -23.75 9.80
CA LYS A 117 4.32 -23.78 9.83
C LYS A 117 4.89 -22.55 9.13
N ARG A 118 4.39 -21.37 9.50
CA ARG A 118 4.87 -20.12 8.90
C ARG A 118 5.23 -20.33 7.44
N ASP A 119 4.34 -20.96 6.69
CA ASP A 119 4.57 -21.21 5.27
C ASP A 119 3.67 -20.32 4.41
N LEU A 120 2.38 -20.34 4.70
CA LEU A 120 1.42 -19.53 3.95
C LEU A 120 1.03 -18.28 4.73
N GLY A 121 1.31 -18.30 6.03
CA GLY A 121 0.97 -17.16 6.87
C GLY A 121 -0.31 -16.48 6.45
N ASN A 122 -0.19 -15.46 5.60
CA ASN A 122 -1.35 -14.72 5.12
C ASN A 122 -2.33 -15.65 4.40
N ARG A 123 -3.58 -15.64 4.85
CA ARG A 123 -4.61 -16.48 4.25
C ARG A 123 -4.69 -16.26 2.75
N VAL A 124 -5.74 -16.79 2.13
CA VAL A 124 -5.93 -16.66 0.69
C VAL A 124 -6.49 -15.29 0.34
N ILE A 125 -7.61 -14.93 0.97
CA ILE A 125 -8.25 -13.65 0.73
C ILE A 125 -7.24 -12.50 0.83
N VAL A 126 -6.32 -12.62 1.78
CA VAL A 126 -5.30 -11.59 1.99
C VAL A 126 -4.38 -11.48 0.77
N THR A 127 -3.92 -12.64 0.29
CA THR A 127 -3.03 -12.67 -0.86
C THR A 127 -3.78 -12.33 -2.14
N ARG A 128 -5.05 -12.69 -2.20
CA ARG A 128 -5.88 -12.41 -3.37
C ARG A 128 -6.29 -10.95 -3.41
N ASP A 129 -6.58 -10.38 -2.24
CA ASP A 129 -6.99 -8.99 -2.14
C ASP A 129 -5.78 -8.06 -2.29
N CYS A 130 -4.64 -8.50 -1.78
CA CYS A 130 -3.42 -7.71 -1.85
C CYS A 130 -2.99 -7.51 -3.30
N CYS A 131 -3.01 -8.58 -4.08
CA CYS A 131 -2.62 -8.52 -5.48
C CYS A 131 -3.54 -7.59 -6.27
N LEU A 132 -4.85 -7.81 -6.13
CA LEU A 132 -5.84 -6.98 -6.82
C LEU A 132 -5.80 -5.54 -6.31
N ILE A 133 -5.94 -5.38 -5.00
CA ILE A 133 -5.92 -4.05 -4.40
C ILE A 133 -4.62 -3.31 -4.74
N VAL A 134 -3.50 -4.00 -4.59
CA VAL A 134 -2.20 -3.41 -4.89
C VAL A 134 -2.00 -3.25 -6.39
N ASN A 135 -2.55 -4.18 -7.16
CA ASN A 135 -2.43 -4.14 -8.61
C ASN A 135 -3.01 -2.84 -9.17
N PHE A 136 -4.08 -2.36 -8.54
CA PHE A 136 -4.73 -1.12 -8.98
C PHE A 136 -3.88 0.09 -8.62
N LEU A 137 -3.54 0.21 -7.34
CA LEU A 137 -2.73 1.34 -6.87
C LEU A 137 -1.35 1.31 -7.50
N TYR A 138 -0.65 0.18 -7.35
CA TYR A 138 0.69 0.03 -7.90
C TYR A 138 0.74 0.53 -9.35
N ASN A 139 -0.22 0.10 -10.15
CA ASN A 139 -0.28 0.50 -11.55
C ASN A 139 -0.58 1.99 -11.67
N LEU A 140 -1.28 2.54 -10.68
CA LEU A 140 -1.63 3.95 -10.67
C LEU A 140 -0.38 4.83 -10.76
N LEU A 141 0.61 4.52 -9.92
CA LEU A 141 1.85 5.27 -9.90
C LEU A 141 2.90 4.61 -10.79
N MET A 142 2.72 3.33 -11.06
CA MET A 142 3.64 2.57 -11.90
C MET A 142 3.31 2.77 -13.38
N GLY A 143 2.65 3.87 -13.69
CA GLY A 143 2.27 4.16 -15.07
C GLY A 143 3.26 5.09 -15.75
N ARG A 144 3.37 4.96 -17.07
CA ARG A 144 4.28 5.79 -17.84
C ARG A 144 4.12 7.26 -17.48
N ARG A 145 2.87 7.72 -17.43
CA ARG A 145 2.58 9.11 -17.09
C ARG A 145 2.77 9.35 -15.60
N HIS A 146 2.03 8.62 -14.78
CA HIS A 146 2.13 8.77 -13.33
C HIS A 146 3.56 8.56 -12.85
N ARG A 147 4.09 7.37 -13.09
CA ARG A 147 5.46 7.05 -12.69
C ARG A 147 6.41 8.18 -13.05
N ALA A 148 6.35 8.63 -14.30
CA ALA A 148 7.21 9.71 -14.77
C ALA A 148 7.17 10.89 -13.81
N ARG A 149 5.98 11.20 -13.31
CA ARG A 149 5.80 12.32 -12.38
C ARG A 149 6.30 11.95 -10.99
N LEU A 150 5.82 10.83 -10.48
CA LEU A 150 6.21 10.36 -9.15
C LEU A 150 7.72 10.52 -8.94
N GLU A 151 8.49 10.11 -9.95
CA GLU A 151 9.94 10.22 -9.87
C GLU A 151 10.41 11.62 -10.20
N ALA A 152 9.68 12.29 -11.09
CA ALA A 152 10.02 13.66 -11.50
C ALA A 152 10.03 14.60 -10.30
N LEU A 153 9.47 14.14 -9.19
CA LEU A 153 9.41 14.94 -7.97
C LEU A 153 10.33 14.37 -6.89
N GLY A 154 11.33 13.61 -7.33
CA GLY A 154 12.26 13.01 -6.39
C GLY A 154 11.93 11.55 -6.09
N GLY A 155 10.87 11.05 -6.71
CA GLY A 155 10.47 9.67 -6.50
C GLY A 155 10.40 9.31 -5.03
N TRP A 156 10.12 8.04 -4.74
CA TRP A 156 10.01 7.58 -3.36
C TRP A 156 11.06 8.26 -2.48
N ASP A 157 12.16 8.66 -3.08
CA ASP A 157 13.24 9.33 -2.35
C ASP A 157 12.77 10.67 -1.82
N GLY A 158 12.13 11.46 -2.67
CA GLY A 158 11.64 12.77 -2.27
C GLY A 158 10.53 12.68 -1.24
N PHE A 159 9.79 11.57 -1.28
CA PHE A 159 8.68 11.37 -0.34
C PHE A 159 9.20 11.20 1.08
N CYS A 160 10.00 10.17 1.30
CA CYS A 160 10.56 9.89 2.61
C CYS A 160 11.23 11.13 3.19
N ARG A 161 11.89 11.91 2.32
CA ARG A 161 12.57 13.12 2.75
C ARG A 161 11.58 14.27 2.94
N PHE A 162 10.47 14.21 2.20
CA PHE A 162 9.44 15.23 2.29
C PHE A 162 8.72 15.18 3.63
N PHE A 163 8.36 13.97 4.04
CA PHE A 163 7.66 13.77 5.32
C PHE A 163 8.64 13.64 6.47
N LYS A 164 9.93 13.53 6.13
CA LYS A 164 10.97 13.39 7.14
C LYS A 164 10.79 12.11 7.96
N ASN A 165 11.07 10.98 7.32
CA ASN A 165 10.94 9.68 7.99
C ASN A 165 11.61 9.70 9.36
N PRO A 166 11.03 8.97 10.31
CA PRO A 166 11.56 8.88 11.68
C PRO A 166 12.88 8.11 11.74
N LEU A 167 12.98 7.06 10.95
CA LEU A 167 14.18 6.23 10.92
C LEU A 167 15.40 7.08 10.55
N PRO A 168 16.59 6.57 10.92
CA PRO A 168 17.86 7.27 10.64
C PRO A 168 18.21 7.25 9.16
N LEU A 169 18.91 6.21 8.72
CA LEU A 169 19.31 6.08 7.33
C LEU A 169 18.27 6.72 6.41
N GLY A 170 18.75 7.30 5.30
CA GLY A 170 17.88 7.94 4.34
C GLY A 170 18.13 9.44 4.32
N GLY A 1 -0.72 -18.24 -9.34
CA GLY A 1 0.23 -17.35 -9.95
C GLY A 1 1.64 -17.64 -9.44
N PRO A 2 2.03 -18.92 -9.49
CA PRO A 2 3.36 -19.36 -9.04
C PRO A 2 4.47 -18.88 -9.96
N LEU A 3 4.09 -18.34 -11.12
CA LEU A 3 5.05 -17.85 -12.08
C LEU A 3 6.27 -17.24 -11.39
N GLY A 4 6.04 -16.13 -10.68
CA GLY A 4 7.12 -15.47 -9.98
C GLY A 4 7.82 -14.42 -10.82
N SER A 5 8.89 -13.84 -10.28
CA SER A 5 9.64 -12.82 -11.00
C SER A 5 11.12 -13.20 -11.12
N MET A 6 11.82 -12.55 -12.03
CA MET A 6 13.23 -12.83 -12.24
C MET A 6 14.07 -12.26 -11.10
N ALA A 7 13.90 -10.98 -10.81
CA ALA A 7 14.64 -10.32 -9.74
C ALA A 7 14.02 -8.98 -9.38
N ASP A 8 14.43 -8.43 -8.24
CA ASP A 8 13.91 -7.15 -7.78
C ASP A 8 15.03 -6.24 -7.30
N SER A 9 16.03 -6.84 -6.66
CA SER A 9 17.17 -6.09 -6.15
C SER A 9 17.96 -5.45 -7.29
N GLN A 10 17.81 -6.01 -8.49
CA GLN A 10 18.50 -5.50 -9.66
C GLN A 10 17.52 -4.90 -10.66
N ASP A 11 16.31 -4.59 -10.19
CA ASP A 11 15.28 -4.02 -11.05
C ASP A 11 14.97 -2.59 -10.63
N PRO A 12 14.30 -1.85 -11.52
CA PRO A 12 13.92 -0.45 -11.28
C PRO A 12 12.85 -0.32 -10.19
N LEU A 13 12.21 0.84 -10.14
CA LEU A 13 11.16 1.10 -9.16
C LEU A 13 9.96 0.19 -9.40
N HIS A 14 10.01 -0.57 -10.49
CA HIS A 14 8.92 -1.48 -10.83
C HIS A 14 8.54 -2.34 -9.64
N GLU A 15 9.36 -3.35 -9.35
CA GLU A 15 9.11 -4.24 -8.22
C GLU A 15 9.22 -3.49 -6.89
N ARG A 16 9.98 -2.41 -6.89
CA ARG A 16 10.17 -1.61 -5.68
C ARG A 16 8.83 -1.14 -5.13
N THR A 17 7.95 -0.69 -6.01
CA THR A 17 6.63 -0.21 -5.61
C THR A 17 5.70 -1.38 -5.31
N ARG A 18 5.75 -2.42 -6.14
CA ARG A 18 4.91 -3.58 -5.97
C ARG A 18 5.14 -4.22 -4.60
N ARG A 19 6.41 -4.44 -4.26
CA ARG A 19 6.77 -5.05 -2.98
C ARG A 19 6.40 -4.12 -1.83
N LEU A 20 6.61 -2.83 -2.03
CA LEU A 20 6.30 -1.84 -0.99
C LEU A 20 4.80 -1.77 -0.73
N LEU A 21 4.02 -1.81 -1.81
CA LEU A 21 2.56 -1.75 -1.69
C LEU A 21 2.01 -3.08 -1.18
N SER A 22 2.48 -4.18 -1.75
CA SER A 22 2.03 -5.50 -1.34
C SER A 22 2.45 -5.80 0.09
N ASP A 23 3.71 -5.52 0.40
CA ASP A 23 4.24 -5.76 1.74
C ASP A 23 3.41 -5.04 2.79
N TYR A 24 2.98 -3.83 2.47
CA TYR A 24 2.18 -3.02 3.38
C TYR A 24 0.88 -3.74 3.74
N ILE A 25 0.20 -4.26 2.71
CA ILE A 25 -1.06 -4.97 2.92
C ILE A 25 -0.90 -6.05 3.98
N PHE A 26 0.15 -6.85 3.87
CA PHE A 26 0.40 -7.92 4.82
C PHE A 26 0.51 -7.37 6.24
N PHE A 27 1.27 -6.28 6.40
CA PHE A 27 1.44 -5.67 7.70
C PHE A 27 0.12 -5.13 8.24
N CYS A 28 -0.54 -4.29 7.44
CA CYS A 28 -1.81 -3.71 7.83
C CYS A 28 -2.76 -4.77 8.37
N ALA A 29 -2.62 -5.99 7.86
CA ALA A 29 -3.47 -7.09 8.29
C ALA A 29 -2.95 -7.70 9.59
N ARG A 30 -2.10 -6.97 10.29
CA ARG A 30 -1.52 -7.44 11.55
C ARG A 30 -2.61 -7.62 12.60
N GLU A 31 -2.86 -8.87 12.98
CA GLU A 31 -3.88 -9.17 13.98
C GLU A 31 -3.56 -8.49 15.30
N PRO A 32 -4.61 -8.17 16.08
CA PRO A 32 -4.46 -7.51 17.38
C PRO A 32 -3.84 -8.43 18.43
N ASP A 33 -3.66 -9.69 18.06
CA ASP A 33 -3.05 -10.67 18.97
C ASP A 33 -1.58 -10.88 18.66
N THR A 34 -1.06 -10.08 17.73
CA THR A 34 0.34 -10.18 17.34
C THR A 34 0.82 -8.90 16.67
N PRO A 35 1.91 -8.33 17.20
CA PRO A 35 2.50 -7.10 16.66
C PRO A 35 3.13 -7.29 15.29
N GLU A 36 3.01 -6.28 14.43
CA GLU A 36 3.58 -6.35 13.09
C GLU A 36 5.06 -6.04 13.11
N PRO A 37 5.81 -6.65 12.18
CA PRO A 37 7.25 -6.45 12.07
C PRO A 37 7.62 -5.06 11.58
N PRO A 38 8.92 -4.73 11.62
CA PRO A 38 9.42 -3.42 11.17
C PRO A 38 9.32 -3.25 9.66
N PRO A 39 9.57 -2.01 9.20
CA PRO A 39 9.52 -1.68 7.77
C PRO A 39 10.66 -2.32 6.99
N THR A 40 10.47 -2.46 5.68
CA THR A 40 11.48 -3.05 4.81
C THR A 40 12.33 -1.97 4.14
N SER A 41 11.66 -1.00 3.52
CA SER A 41 12.37 0.08 2.84
C SER A 41 11.93 1.44 3.40
N VAL A 42 12.71 2.47 3.10
CA VAL A 42 12.42 3.82 3.56
C VAL A 42 10.97 4.20 3.25
N GLU A 43 10.56 3.97 2.01
CA GLU A 43 9.21 4.29 1.59
C GLU A 43 8.18 3.46 2.36
N ALA A 44 8.57 2.26 2.76
CA ALA A 44 7.69 1.37 3.50
C ALA A 44 7.50 1.86 4.93
N ALA A 45 8.58 2.40 5.51
CA ALA A 45 8.53 2.90 6.88
C ALA A 45 7.78 4.23 6.94
N LEU A 46 7.81 4.98 5.85
CA LEU A 46 7.14 6.27 5.78
C LEU A 46 5.62 6.10 5.88
N LEU A 47 5.09 5.13 5.16
CA LEU A 47 3.66 4.86 5.17
C LEU A 47 3.20 4.42 6.56
N ARG A 48 3.82 3.37 7.08
CA ARG A 48 3.48 2.85 8.39
C ARG A 48 3.52 3.96 9.44
N SER A 49 4.29 5.00 9.17
CA SER A 49 4.41 6.14 10.09
C SER A 49 3.36 7.19 9.79
N VAL A 50 3.24 7.57 8.53
CA VAL A 50 2.26 8.57 8.11
C VAL A 50 0.95 7.92 7.70
N THR A 51 1.03 6.92 6.83
CA THR A 51 -0.14 6.21 6.34
C THR A 51 -1.02 5.76 7.51
N ARG A 52 -0.39 5.37 8.61
CA ARG A 52 -1.10 4.92 9.79
C ARG A 52 -2.05 5.99 10.30
N GLN A 53 -1.66 7.25 10.12
CA GLN A 53 -2.47 8.38 10.57
C GLN A 53 -3.60 8.66 9.58
N ILE A 54 -3.32 8.44 8.29
CA ILE A 54 -4.30 8.68 7.25
C ILE A 54 -5.52 7.78 7.42
N GLN A 55 -5.29 6.58 7.96
CA GLN A 55 -6.37 5.62 8.18
C GLN A 55 -7.12 5.94 9.47
N GLN A 56 -6.41 5.89 10.59
CA GLN A 56 -7.00 6.16 11.89
C GLN A 56 -7.86 7.43 11.83
N GLU A 57 -7.60 8.26 10.84
CA GLU A 57 -8.35 9.51 10.68
C GLU A 57 -9.47 9.34 9.66
N HIS A 58 -9.16 8.67 8.55
CA HIS A 58 -10.15 8.44 7.49
C HIS A 58 -10.71 7.02 7.57
N GLN A 59 -9.81 6.06 7.78
CA GLN A 59 -10.22 4.65 7.88
C GLN A 59 -11.58 4.52 8.56
N GLU A 60 -11.89 5.49 9.42
CA GLU A 60 -13.17 5.49 10.13
C GLU A 60 -14.33 5.23 9.17
N PHE A 61 -14.28 5.85 8.01
CA PHE A 61 -15.33 5.69 7.00
C PHE A 61 -14.98 4.57 6.03
N PHE A 62 -13.72 4.50 5.63
CA PHE A 62 -13.26 3.48 4.70
C PHE A 62 -13.63 2.09 5.20
N SER A 63 -13.10 1.73 6.36
CA SER A 63 -13.38 0.42 6.94
C SER A 63 -14.87 0.22 7.17
N SER A 64 -15.53 1.27 7.64
CA SER A 64 -16.97 1.21 7.90
C SER A 64 -17.72 0.68 6.68
N PHE A 65 -17.32 1.13 5.50
CA PHE A 65 -17.95 0.70 4.26
C PHE A 65 -17.35 -0.62 3.77
N CYS A 66 -16.03 -0.72 3.85
CA CYS A 66 -15.34 -1.94 3.42
C CYS A 66 -16.09 -3.19 3.86
N GLU A 67 -16.58 -3.17 5.09
CA GLU A 67 -17.32 -4.31 5.63
C GLU A 67 -18.81 -4.19 5.30
N SER A 68 -19.11 -3.62 4.14
CA SER A 68 -20.49 -3.44 3.70
C SER A 68 -20.81 -4.35 2.52
N ARG A 69 -20.00 -4.26 1.47
CA ARG A 69 -20.20 -5.08 0.28
C ARG A 69 -19.03 -6.03 0.08
N GLY A 70 -17.88 -5.70 0.67
CA GLY A 70 -16.70 -6.52 0.54
C GLY A 70 -15.90 -6.19 -0.70
N ASN A 71 -16.23 -5.09 -1.35
CA ASN A 71 -15.53 -4.65 -2.56
C ASN A 71 -14.26 -3.90 -2.20
N ARG A 72 -13.64 -4.27 -1.08
CA ARG A 72 -12.42 -3.62 -0.63
C ARG A 72 -11.57 -3.17 -1.83
N LEU A 73 -11.61 -3.95 -2.89
CA LEU A 73 -10.85 -3.63 -4.11
C LEU A 73 -11.52 -2.49 -4.88
N GLU A 74 -12.81 -2.64 -5.14
CA GLU A 74 -13.56 -1.62 -5.88
C GLU A 74 -13.34 -0.24 -5.28
N LEU A 75 -13.11 -0.20 -3.97
CA LEU A 75 -12.89 1.06 -3.26
C LEU A 75 -11.45 1.53 -3.44
N VAL A 76 -10.53 0.58 -3.47
CA VAL A 76 -9.11 0.90 -3.64
C VAL A 76 -8.86 1.55 -4.99
N LYS A 77 -9.43 0.97 -6.04
CA LYS A 77 -9.25 1.50 -7.38
C LYS A 77 -10.06 2.79 -7.57
N GLN A 78 -11.26 2.81 -7.01
CA GLN A 78 -12.13 3.97 -7.11
C GLN A 78 -11.48 5.21 -6.47
N MET A 79 -11.00 5.04 -5.24
CA MET A 79 -10.35 6.13 -4.52
C MET A 79 -9.17 6.68 -5.32
N ALA A 80 -8.24 5.80 -5.67
CA ALA A 80 -7.07 6.20 -6.44
C ALA A 80 -7.46 6.99 -7.69
N ASP A 81 -8.69 6.79 -8.14
CA ASP A 81 -9.20 7.48 -9.32
C ASP A 81 -9.71 8.88 -8.95
N LYS A 82 -10.14 9.04 -7.71
CA LYS A 82 -10.64 10.33 -7.23
C LYS A 82 -9.50 11.24 -6.80
N LEU A 83 -8.60 10.70 -5.99
CA LEU A 83 -7.45 11.47 -5.51
C LEU A 83 -6.34 11.50 -6.55
N LEU A 84 -5.88 10.32 -6.95
CA LEU A 84 -4.81 10.21 -7.94
C LEU A 84 -5.38 10.16 -9.36
N SER A 85 -4.60 10.61 -10.32
CA SER A 85 -5.03 10.61 -11.72
C SER A 85 -3.85 10.85 -12.66
N LYS A 86 -4.15 11.13 -13.92
CA LYS A 86 -3.13 11.38 -14.91
C LYS A 86 -2.94 12.88 -15.15
N ASP A 87 -4.04 13.55 -15.47
CA ASP A 87 -4.00 14.99 -15.72
C ASP A 87 -4.20 15.77 -14.41
N GLN A 88 -4.16 15.07 -13.30
CA GLN A 88 -4.33 15.69 -11.99
C GLN A 88 -2.99 15.82 -11.27
N ASP A 89 -2.69 17.03 -10.80
CA ASP A 89 -1.44 17.28 -10.09
C ASP A 89 -1.42 16.56 -8.74
N PHE A 90 -1.29 15.24 -8.80
CA PHE A 90 -1.27 14.42 -7.58
C PHE A 90 -0.11 14.85 -6.67
N SER A 91 -0.44 15.21 -5.44
CA SER A 91 0.57 15.63 -4.48
C SER A 91 1.02 14.46 -3.60
N TRP A 92 2.21 14.57 -3.04
CA TRP A 92 2.75 13.51 -2.18
C TRP A 92 1.73 13.09 -1.14
N SER A 93 0.84 14.00 -0.78
CA SER A 93 -0.19 13.72 0.21
C SER A 93 -1.15 12.65 -0.30
N GLN A 94 -1.42 12.67 -1.60
CA GLN A 94 -2.33 11.70 -2.20
C GLN A 94 -1.66 10.34 -2.34
N LEU A 95 -0.36 10.34 -2.65
CA LEU A 95 0.40 9.11 -2.80
C LEU A 95 0.31 8.25 -1.54
N VAL A 96 0.71 8.85 -0.41
CA VAL A 96 0.68 8.15 0.86
C VAL A 96 -0.73 7.78 1.27
N MET A 97 -1.69 8.62 0.88
CA MET A 97 -3.10 8.39 1.19
C MET A 97 -3.59 7.11 0.52
N LEU A 98 -3.20 6.91 -0.73
CA LEU A 98 -3.61 5.72 -1.48
C LEU A 98 -3.09 4.45 -0.82
N LEU A 99 -1.87 4.52 -0.29
CA LEU A 99 -1.25 3.37 0.37
C LEU A 99 -2.00 3.01 1.65
N ALA A 100 -2.28 4.03 2.47
CA ALA A 100 -3.00 3.82 3.72
C ALA A 100 -4.35 3.15 3.47
N PHE A 101 -5.13 3.73 2.56
CA PHE A 101 -6.44 3.20 2.23
C PHE A 101 -6.37 1.71 1.93
N ALA A 102 -5.58 1.35 0.93
CA ALA A 102 -5.42 -0.05 0.55
C ALA A 102 -5.30 -0.95 1.77
N GLY A 103 -4.41 -0.57 2.68
CA GLY A 103 -4.21 -1.35 3.90
C GLY A 103 -5.45 -1.39 4.77
N THR A 104 -6.29 -0.36 4.64
CA THR A 104 -7.52 -0.28 5.44
C THR A 104 -8.60 -1.19 4.87
N LEU A 105 -8.50 -1.48 3.58
CA LEU A 105 -9.47 -2.34 2.91
C LEU A 105 -9.15 -3.81 3.15
N MET A 106 -7.85 -4.13 3.20
CA MET A 106 -7.41 -5.50 3.42
C MET A 106 -8.39 -6.26 4.31
N ASN A 107 -9.25 -7.06 3.69
CA ASN A 107 -10.25 -7.83 4.42
C ASN A 107 -9.58 -8.98 5.18
N GLN A 108 -10.20 -9.39 6.28
CA GLN A 108 -9.67 -10.48 7.10
C GLN A 108 -10.80 -11.23 7.80
N GLY A 109 -10.77 -12.55 7.71
CA GLY A 109 -11.79 -13.36 8.35
C GLY A 109 -11.31 -14.77 8.67
N PRO A 110 -10.10 -14.85 9.26
CA PRO A 110 -9.50 -16.14 9.63
C PRO A 110 -10.21 -16.80 10.80
N TYR A 111 -9.56 -17.78 11.42
CA TYR A 111 -10.14 -18.49 12.55
C TYR A 111 -9.23 -18.41 13.77
N MET A 112 -8.07 -19.06 13.68
CA MET A 112 -7.11 -19.07 14.77
C MET A 112 -5.71 -18.72 14.27
N ALA A 113 -5.51 -17.45 13.94
CA ALA A 113 -4.21 -16.99 13.45
C ALA A 113 -3.19 -16.89 14.58
N VAL A 114 -2.96 -18.02 15.26
CA VAL A 114 -2.01 -18.05 16.37
C VAL A 114 -0.93 -19.11 16.11
N LYS A 115 -1.35 -20.32 15.78
CA LYS A 115 -0.42 -21.40 15.51
C LYS A 115 -0.19 -21.57 14.01
N GLN A 116 0.61 -20.69 13.43
CA GLN A 116 0.92 -20.74 12.01
C GLN A 116 2.41 -20.59 11.76
N LYS A 117 3.21 -20.78 12.80
CA LYS A 117 4.66 -20.66 12.70
C LYS A 117 5.04 -19.56 11.72
N ARG A 118 4.23 -18.50 11.68
CA ARG A 118 4.49 -17.37 10.79
C ARG A 118 5.08 -17.85 9.47
N ASP A 119 4.53 -18.95 8.95
CA ASP A 119 5.01 -19.50 7.68
C ASP A 119 4.21 -18.95 6.51
N LEU A 120 2.89 -19.09 6.59
CA LEU A 120 1.99 -18.61 5.53
C LEU A 120 1.34 -17.29 5.93
N GLY A 121 1.37 -16.99 7.22
CA GLY A 121 0.78 -15.75 7.72
C GLY A 121 -0.62 -15.54 7.18
N ASN A 122 -1.46 -16.57 7.29
CA ASN A 122 -2.83 -16.50 6.82
C ASN A 122 -2.91 -15.74 5.50
N ARG A 123 -2.04 -16.09 4.57
CA ARG A 123 -2.01 -15.44 3.26
C ARG A 123 -3.08 -16.04 2.34
N VAL A 124 -4.21 -16.42 2.92
CA VAL A 124 -5.30 -17.00 2.15
C VAL A 124 -6.08 -15.92 1.40
N ILE A 125 -6.80 -15.09 2.15
CA ILE A 125 -7.59 -14.02 1.56
C ILE A 125 -6.75 -12.77 1.35
N VAL A 126 -5.84 -12.52 2.29
CA VAL A 126 -4.97 -11.35 2.20
C VAL A 126 -4.14 -11.37 0.93
N THR A 127 -3.63 -12.54 0.58
CA THR A 127 -2.81 -12.69 -0.63
C THR A 127 -3.64 -12.41 -1.88
N ARG A 128 -4.82 -13.01 -1.97
CA ARG A 128 -5.69 -12.82 -3.11
C ARG A 128 -6.22 -11.38 -3.17
N ASP A 129 -6.62 -10.86 -2.01
CA ASP A 129 -7.14 -9.50 -1.92
C ASP A 129 -6.01 -8.48 -2.07
N CYS A 130 -4.80 -8.88 -1.66
CA CYS A 130 -3.65 -8.00 -1.74
C CYS A 130 -3.21 -7.80 -3.19
N CYS A 131 -3.25 -8.88 -3.97
CA CYS A 131 -2.86 -8.82 -5.36
C CYS A 131 -3.78 -7.89 -6.16
N LEU A 132 -5.08 -8.12 -6.02
CA LEU A 132 -6.07 -7.29 -6.72
C LEU A 132 -6.02 -5.85 -6.23
N ILE A 133 -6.15 -5.67 -4.93
CA ILE A 133 -6.12 -4.33 -4.34
C ILE A 133 -4.84 -3.59 -4.72
N VAL A 134 -3.70 -4.24 -4.50
CA VAL A 134 -2.41 -3.64 -4.82
C VAL A 134 -2.22 -3.54 -6.34
N ASN A 135 -2.79 -4.50 -7.07
CA ASN A 135 -2.67 -4.51 -8.52
C ASN A 135 -3.03 -3.14 -9.10
N PHE A 136 -4.12 -2.56 -8.61
CA PHE A 136 -4.57 -1.26 -9.09
C PHE A 136 -3.64 -0.15 -8.60
N LEU A 137 -3.45 -0.08 -7.28
CA LEU A 137 -2.58 0.93 -6.70
C LEU A 137 -1.21 0.93 -7.35
N TYR A 138 -0.56 -0.24 -7.34
CA TYR A 138 0.76 -0.38 -7.93
C TYR A 138 0.82 0.28 -9.31
N ASN A 139 -0.13 -0.08 -10.17
CA ASN A 139 -0.19 0.46 -11.52
C ASN A 139 -0.56 1.95 -11.49
N LEU A 140 -1.31 2.33 -10.46
CA LEU A 140 -1.74 3.72 -10.31
C LEU A 140 -0.53 4.66 -10.26
N LEU A 141 0.40 4.36 -9.36
CA LEU A 141 1.61 5.18 -9.20
C LEU A 141 2.71 4.68 -10.12
N MET A 142 2.74 3.37 -10.36
CA MET A 142 3.75 2.76 -11.22
C MET A 142 3.35 2.88 -12.69
N GLY A 143 2.51 3.86 -13.00
CA GLY A 143 2.07 4.06 -14.36
C GLY A 143 3.05 4.87 -15.18
N ARG A 144 2.86 4.86 -16.50
CA ARG A 144 3.74 5.60 -17.39
C ARG A 144 3.73 7.09 -17.06
N ARG A 145 2.54 7.68 -17.00
CA ARG A 145 2.39 9.10 -16.69
C ARG A 145 2.53 9.34 -15.19
N HIS A 146 1.97 8.44 -14.39
CA HIS A 146 2.03 8.56 -12.94
C HIS A 146 3.47 8.40 -12.45
N ARG A 147 4.07 7.25 -12.73
CA ARG A 147 5.44 6.98 -12.31
C ARG A 147 6.37 8.10 -12.75
N ALA A 148 6.26 8.50 -14.01
CA ALA A 148 7.09 9.58 -14.56
C ALA A 148 7.06 10.81 -13.66
N ARG A 149 5.87 11.14 -13.17
CA ARG A 149 5.70 12.30 -12.30
C ARG A 149 6.20 12.00 -10.88
N LEU A 150 5.76 10.86 -10.33
CA LEU A 150 6.16 10.46 -8.99
C LEU A 150 7.64 10.69 -8.78
N GLU A 151 8.45 10.31 -9.76
CA GLU A 151 9.89 10.47 -9.68
C GLU A 151 10.30 11.89 -10.02
N ALA A 152 9.53 12.53 -10.89
CA ALA A 152 9.81 13.91 -11.30
C ALA A 152 9.86 14.84 -10.09
N LEU A 153 9.36 14.36 -8.96
CA LEU A 153 9.35 15.15 -7.74
C LEU A 153 10.31 14.57 -6.71
N GLY A 154 11.30 13.82 -7.19
CA GLY A 154 12.27 13.23 -6.29
C GLY A 154 11.96 11.78 -5.98
N GLY A 155 10.87 11.26 -6.56
CA GLY A 155 10.49 9.89 -6.32
C GLY A 155 10.43 9.54 -4.85
N TRP A 156 10.19 8.28 -4.55
CA TRP A 156 10.11 7.82 -3.16
C TRP A 156 11.14 8.53 -2.30
N ASP A 157 12.24 8.94 -2.91
CA ASP A 157 13.31 9.63 -2.19
C ASP A 157 12.81 10.95 -1.61
N GLY A 158 12.12 11.73 -2.44
CA GLY A 158 11.60 13.01 -1.99
C GLY A 158 10.47 12.85 -0.98
N PHE A 159 9.73 11.77 -1.09
CA PHE A 159 8.61 11.50 -0.19
C PHE A 159 9.12 11.23 1.23
N CYS A 160 10.00 10.24 1.36
CA CYS A 160 10.55 9.88 2.66
C CYS A 160 11.13 11.10 3.36
N ARG A 161 11.80 11.96 2.59
CA ARG A 161 12.40 13.16 3.13
C ARG A 161 11.36 14.26 3.34
N PHE A 162 10.29 14.20 2.54
CA PHE A 162 9.22 15.19 2.64
C PHE A 162 8.46 15.05 3.96
N PHE A 163 8.17 13.81 4.34
CA PHE A 163 7.46 13.54 5.58
C PHE A 163 8.43 13.35 6.74
N LYS A 164 9.70 13.14 6.41
CA LYS A 164 10.73 12.94 7.43
C LYS A 164 10.48 11.67 8.22
N ASN A 165 10.79 10.53 7.62
CA ASN A 165 10.60 9.24 8.27
C ASN A 165 11.17 9.26 9.69
N PRO A 166 10.54 8.48 10.59
CA PRO A 166 10.96 8.39 11.99
C PRO A 166 12.29 7.66 12.15
N LEU A 167 12.49 6.61 11.35
CA LEU A 167 13.73 5.84 11.40
C LEU A 167 14.94 6.72 11.12
N PRO A 168 16.05 6.43 11.80
CA PRO A 168 17.30 7.18 11.63
C PRO A 168 17.95 6.93 10.28
N LEU A 169 18.12 5.66 9.94
CA LEU A 169 18.73 5.29 8.67
C LEU A 169 17.71 5.33 7.54
N GLY A 170 18.20 5.49 6.30
CA GLY A 170 17.33 5.55 5.14
C GLY A 170 17.07 6.99 4.76
N GLY A 1 6.69 -13.66 10.31
CA GLY A 1 6.26 -13.37 8.96
C GLY A 1 7.37 -13.66 7.96
N PRO A 2 7.01 -14.16 6.78
CA PRO A 2 7.98 -14.49 5.73
C PRO A 2 8.61 -13.24 5.11
N LEU A 3 8.13 -12.07 5.53
CA LEU A 3 8.66 -10.82 5.03
C LEU A 3 10.19 -10.80 5.08
N GLY A 4 10.78 -9.77 4.48
CA GLY A 4 12.22 -9.65 4.46
C GLY A 4 12.75 -9.17 3.13
N SER A 5 14.01 -8.74 3.11
CA SER A 5 14.64 -8.25 1.90
C SER A 5 16.16 -8.29 2.00
N MET A 6 16.80 -8.73 0.91
CA MET A 6 18.26 -8.82 0.89
C MET A 6 18.89 -7.46 0.61
N ALA A 7 18.45 -6.82 -0.46
CA ALA A 7 18.97 -5.51 -0.83
C ALA A 7 17.84 -4.55 -1.22
N ASP A 8 18.17 -3.28 -1.37
CA ASP A 8 17.19 -2.27 -1.74
C ASP A 8 17.76 -1.31 -2.78
N SER A 9 18.98 -1.59 -3.24
CA SER A 9 19.63 -0.75 -4.23
C SER A 9 20.18 -1.59 -5.38
N GLN A 10 19.85 -2.87 -5.38
CA GLN A 10 20.30 -3.78 -6.43
C GLN A 10 19.21 -4.02 -7.45
N ASP A 11 17.98 -3.65 -7.10
CA ASP A 11 16.84 -3.83 -8.00
C ASP A 11 16.29 -2.48 -8.44
N PRO A 12 15.48 -2.49 -9.51
CA PRO A 12 14.86 -1.27 -10.05
C PRO A 12 13.80 -0.70 -9.12
N LEU A 13 12.97 0.19 -9.66
CA LEU A 13 11.91 0.83 -8.89
C LEU A 13 10.57 0.14 -9.14
N HIS A 14 10.55 -0.74 -10.14
CA HIS A 14 9.32 -1.48 -10.48
C HIS A 14 8.97 -2.48 -9.40
N GLU A 15 9.91 -3.37 -9.09
CA GLU A 15 9.69 -4.39 -8.07
C GLU A 15 9.75 -3.77 -6.67
N ARG A 16 10.28 -2.56 -6.58
CA ARG A 16 10.40 -1.87 -5.30
C ARG A 16 9.05 -1.33 -4.85
N THR A 17 8.24 -0.89 -5.81
CA THR A 17 6.92 -0.35 -5.51
C THR A 17 5.92 -1.47 -5.22
N ARG A 18 5.81 -2.42 -6.13
CA ARG A 18 4.89 -3.54 -5.97
C ARG A 18 5.07 -4.19 -4.59
N ARG A 19 6.32 -4.49 -4.25
CA ARG A 19 6.63 -5.12 -2.97
C ARG A 19 6.27 -4.18 -1.82
N LEU A 20 6.64 -2.92 -1.95
CA LEU A 20 6.36 -1.93 -0.91
C LEU A 20 4.87 -1.83 -0.64
N LEU A 21 4.09 -1.62 -1.70
CA LEU A 21 2.63 -1.52 -1.57
C LEU A 21 2.07 -2.72 -0.83
N SER A 22 2.36 -3.91 -1.35
CA SER A 22 1.87 -5.14 -0.74
C SER A 22 2.34 -5.27 0.70
N ASP A 23 3.49 -4.67 1.00
CA ASP A 23 4.05 -4.70 2.34
C ASP A 23 3.09 -4.09 3.36
N TYR A 24 2.54 -2.93 3.01
CA TYR A 24 1.60 -2.25 3.90
C TYR A 24 0.25 -2.96 3.92
N ILE A 25 0.01 -3.80 2.92
CA ILE A 25 -1.24 -4.55 2.83
C ILE A 25 -1.33 -5.58 3.94
N PHE A 26 -0.23 -6.29 4.19
CA PHE A 26 -0.18 -7.31 5.23
C PHE A 26 -0.22 -6.67 6.62
N PHE A 27 0.59 -5.63 6.81
CA PHE A 27 0.65 -4.94 8.09
C PHE A 27 -0.73 -4.45 8.51
N CYS A 28 -1.59 -4.18 7.53
CA CYS A 28 -2.94 -3.71 7.81
C CYS A 28 -3.88 -4.89 8.08
N ALA A 29 -3.47 -6.08 7.65
CA ALA A 29 -4.28 -7.28 7.84
C ALA A 29 -4.08 -7.84 9.24
N ARG A 30 -3.53 -7.03 10.13
CA ARG A 30 -3.28 -7.44 11.51
C ARG A 30 -4.20 -6.69 12.48
N GLU A 31 -5.12 -7.42 13.09
CA GLU A 31 -6.06 -6.82 14.04
C GLU A 31 -5.33 -5.86 14.98
N PRO A 32 -6.10 -4.90 15.54
CA PRO A 32 -5.55 -3.91 16.47
C PRO A 32 -5.15 -4.52 17.81
N ASP A 33 -5.53 -5.77 18.02
CA ASP A 33 -5.22 -6.47 19.26
C ASP A 33 -3.91 -7.24 19.13
N THR A 34 -3.22 -7.05 18.01
CA THR A 34 -1.95 -7.72 17.76
C THR A 34 -0.96 -6.79 17.08
N PRO A 35 0.31 -6.88 17.49
CA PRO A 35 1.39 -6.05 16.94
C PRO A 35 1.73 -6.42 15.50
N GLU A 36 1.91 -5.40 14.67
CA GLU A 36 2.23 -5.62 13.26
C GLU A 36 3.73 -5.84 13.08
N PRO A 37 4.10 -6.48 11.96
CA PRO A 37 5.50 -6.77 11.64
C PRO A 37 6.29 -5.50 11.29
N PRO A 38 7.62 -5.63 11.19
CA PRO A 38 8.51 -4.52 10.87
C PRO A 38 8.36 -4.07 9.42
N PRO A 39 8.97 -2.92 9.09
CA PRO A 39 8.93 -2.37 7.73
C PRO A 39 9.72 -3.20 6.73
N THR A 40 9.58 -2.87 5.45
CA THR A 40 10.28 -3.59 4.39
C THR A 40 11.44 -2.77 3.84
N SER A 41 11.16 -1.50 3.52
CA SER A 41 12.18 -0.61 2.98
C SER A 41 12.02 0.80 3.54
N VAL A 42 12.83 1.72 3.03
CA VAL A 42 12.78 3.12 3.48
C VAL A 42 11.41 3.74 3.19
N GLU A 43 10.95 3.57 1.95
CA GLU A 43 9.66 4.12 1.55
C GLU A 43 8.52 3.49 2.36
N ALA A 44 8.70 2.22 2.72
CA ALA A 44 7.68 1.50 3.49
C ALA A 44 7.67 1.97 4.94
N ALA A 45 8.78 2.56 5.38
CA ALA A 45 8.88 3.06 6.74
C ALA A 45 8.04 4.32 6.93
N LEU A 46 8.24 5.30 6.06
CA LEU A 46 7.50 6.56 6.13
C LEU A 46 6.00 6.30 6.07
N LEU A 47 5.57 5.60 5.02
CA LEU A 47 4.15 5.29 4.83
C LEU A 47 3.56 4.72 6.11
N ARG A 48 4.27 3.78 6.73
CA ARG A 48 3.81 3.15 7.95
C ARG A 48 3.59 4.18 9.05
N SER A 49 4.34 5.29 8.97
CA SER A 49 4.23 6.36 9.96
C SER A 49 3.16 7.36 9.56
N VAL A 50 3.10 7.69 8.28
CA VAL A 50 2.13 8.63 7.76
C VAL A 50 0.84 7.92 7.35
N THR A 51 0.97 6.95 6.45
CA THR A 51 -0.18 6.19 5.97
C THR A 51 -1.02 5.67 7.13
N ARG A 52 -0.36 5.31 8.22
CA ARG A 52 -1.05 4.80 9.41
C ARG A 52 -1.96 5.86 10.00
N GLN A 53 -1.57 7.13 9.86
CA GLN A 53 -2.35 8.24 10.39
C GLN A 53 -3.51 8.57 9.46
N ILE A 54 -3.29 8.41 8.16
CA ILE A 54 -4.32 8.70 7.17
C ILE A 54 -5.52 7.79 7.35
N GLN A 55 -5.28 6.58 7.84
CA GLN A 55 -6.35 5.62 8.07
C GLN A 55 -7.09 5.91 9.37
N GLN A 56 -6.36 5.88 10.48
CA GLN A 56 -6.95 6.14 11.79
C GLN A 56 -7.76 7.44 11.77
N GLU A 57 -7.49 8.28 10.78
CA GLU A 57 -8.21 9.55 10.65
C GLU A 57 -9.37 9.42 9.68
N HIS A 58 -9.14 8.71 8.57
CA HIS A 58 -10.18 8.52 7.56
C HIS A 58 -10.76 7.12 7.65
N GLN A 59 -9.89 6.12 7.80
CA GLN A 59 -10.32 4.73 7.89
C GLN A 59 -11.61 4.61 8.70
N GLU A 60 -11.85 5.59 9.56
CA GLU A 60 -13.05 5.60 10.39
C GLU A 60 -14.29 5.25 9.56
N PHE A 61 -14.27 5.65 8.30
CA PHE A 61 -15.39 5.38 7.40
C PHE A 61 -15.08 4.20 6.47
N PHE A 62 -13.85 4.16 5.97
CA PHE A 62 -13.43 3.09 5.08
C PHE A 62 -13.70 1.73 5.69
N SER A 63 -13.26 1.53 6.94
CA SER A 63 -13.46 0.26 7.63
C SER A 63 -14.92 -0.17 7.55
N SER A 64 -15.82 0.76 7.82
CA SER A 64 -17.25 0.47 7.79
C SER A 64 -17.64 -0.19 6.47
N PHE A 65 -17.05 0.28 5.38
CA PHE A 65 -17.33 -0.27 4.06
C PHE A 65 -16.58 -1.58 3.84
N CYS A 66 -15.42 -1.71 4.48
CA CYS A 66 -14.61 -2.91 4.34
C CYS A 66 -15.47 -4.17 4.44
N GLU A 67 -16.39 -4.17 5.40
CA GLU A 67 -17.29 -5.31 5.60
C GLU A 67 -18.74 -4.92 5.32
N SER A 68 -18.93 -4.00 4.38
CA SER A 68 -20.27 -3.54 4.03
C SER A 68 -20.72 -4.16 2.71
N ARG A 69 -20.07 -3.77 1.62
CA ARG A 69 -20.41 -4.28 0.30
C ARG A 69 -19.42 -5.36 -0.14
N GLY A 70 -18.30 -5.45 0.58
CA GLY A 70 -17.29 -6.44 0.26
C GLY A 70 -16.48 -6.04 -0.96
N ASN A 71 -16.74 -4.85 -1.49
CA ASN A 71 -16.04 -4.36 -2.67
C ASN A 71 -14.71 -3.72 -2.27
N ARG A 72 -14.11 -4.21 -1.19
CA ARG A 72 -12.84 -3.67 -0.71
C ARG A 72 -11.98 -3.20 -1.86
N LEU A 73 -12.07 -3.90 -2.99
CA LEU A 73 -11.29 -3.55 -4.17
C LEU A 73 -11.92 -2.37 -4.91
N GLU A 74 -13.22 -2.48 -5.19
CA GLU A 74 -13.94 -1.43 -5.90
C GLU A 74 -13.71 -0.07 -5.23
N LEU A 75 -13.54 -0.09 -3.91
CA LEU A 75 -13.31 1.13 -3.16
C LEU A 75 -11.86 1.60 -3.30
N VAL A 76 -10.94 0.65 -3.35
CA VAL A 76 -9.52 0.97 -3.49
C VAL A 76 -9.25 1.73 -4.79
N LYS A 77 -9.84 1.24 -5.88
CA LYS A 77 -9.67 1.88 -7.18
C LYS A 77 -10.44 3.19 -7.25
N GLN A 78 -11.68 3.17 -6.76
CA GLN A 78 -12.52 4.36 -6.77
C GLN A 78 -11.83 5.53 -6.08
N MET A 79 -11.31 5.28 -4.87
CA MET A 79 -10.62 6.31 -4.10
C MET A 79 -9.44 6.86 -4.88
N ALA A 80 -8.54 5.98 -5.29
CA ALA A 80 -7.35 6.38 -6.05
C ALA A 80 -7.74 7.21 -7.27
N ASP A 81 -9.00 7.11 -7.67
CA ASP A 81 -9.50 7.85 -8.82
C ASP A 81 -9.76 9.31 -8.45
N LYS A 82 -10.32 9.53 -7.26
CA LYS A 82 -10.61 10.87 -6.80
C LYS A 82 -9.33 11.61 -6.42
N LEU A 83 -8.47 10.96 -5.66
CA LEU A 83 -7.21 11.55 -5.24
C LEU A 83 -6.17 11.48 -6.35
N LEU A 84 -5.80 10.25 -6.72
CA LEU A 84 -4.81 10.04 -7.77
C LEU A 84 -5.47 10.04 -9.14
N SER A 85 -4.69 10.37 -10.17
CA SER A 85 -5.20 10.42 -11.53
C SER A 85 -4.06 10.50 -12.54
N LYS A 86 -4.40 10.69 -13.81
CA LYS A 86 -3.41 10.78 -14.87
C LYS A 86 -3.15 12.23 -15.26
N ASP A 87 -4.23 13.01 -15.38
CA ASP A 87 -4.12 14.41 -15.74
C ASP A 87 -4.08 15.28 -14.49
N GLN A 88 -4.40 14.69 -13.35
CA GLN A 88 -4.40 15.42 -12.09
C GLN A 88 -3.01 15.40 -11.45
N ASP A 89 -2.51 16.58 -11.10
CA ASP A 89 -1.20 16.70 -10.47
C ASP A 89 -1.19 16.07 -9.10
N PHE A 90 -1.24 14.73 -9.06
CA PHE A 90 -1.24 14.00 -7.80
C PHE A 90 -0.09 14.47 -6.90
N SER A 91 -0.42 14.83 -5.67
CA SER A 91 0.57 15.29 -4.71
C SER A 91 1.05 14.16 -3.83
N TRP A 92 2.23 14.32 -3.24
CA TRP A 92 2.80 13.30 -2.36
C TRP A 92 1.79 12.86 -1.30
N SER A 93 0.94 13.80 -0.88
CA SER A 93 -0.06 13.51 0.14
C SER A 93 -1.04 12.44 -0.35
N GLN A 94 -1.30 12.45 -1.65
CA GLN A 94 -2.22 11.47 -2.24
C GLN A 94 -1.56 10.09 -2.31
N LEU A 95 -0.29 10.06 -2.70
CA LEU A 95 0.44 8.80 -2.80
C LEU A 95 0.29 7.97 -1.54
N VAL A 96 0.64 8.57 -0.40
CA VAL A 96 0.53 7.88 0.88
C VAL A 96 -0.92 7.61 1.25
N MET A 97 -1.80 8.50 0.81
CA MET A 97 -3.22 8.36 1.09
C MET A 97 -3.78 7.06 0.50
N LEU A 98 -3.38 6.77 -0.73
CA LEU A 98 -3.83 5.56 -1.42
C LEU A 98 -3.32 4.32 -0.71
N LEU A 99 -2.10 4.40 -0.18
CA LEU A 99 -1.49 3.28 0.52
C LEU A 99 -2.26 2.96 1.80
N ALA A 100 -2.64 4.00 2.53
CA ALA A 100 -3.39 3.83 3.78
C ALA A 100 -4.74 3.16 3.52
N PHE A 101 -5.55 3.77 2.67
CA PHE A 101 -6.87 3.23 2.35
C PHE A 101 -6.78 1.75 2.00
N ALA A 102 -6.02 1.44 0.96
CA ALA A 102 -5.84 0.06 0.52
C ALA A 102 -5.71 -0.88 1.72
N GLY A 103 -4.77 -0.58 2.60
CA GLY A 103 -4.55 -1.40 3.77
C GLY A 103 -5.80 -1.52 4.63
N THR A 104 -6.61 -0.47 4.65
CA THR A 104 -7.83 -0.46 5.44
C THR A 104 -8.88 -1.39 4.84
N LEU A 105 -8.75 -1.66 3.55
CA LEU A 105 -9.69 -2.53 2.84
C LEU A 105 -9.29 -4.00 3.01
N MET A 106 -7.99 -4.25 3.06
CA MET A 106 -7.48 -5.60 3.22
C MET A 106 -8.41 -6.44 4.09
N ASN A 107 -9.19 -7.30 3.45
CA ASN A 107 -10.13 -8.16 4.15
C ASN A 107 -9.43 -9.38 4.73
N GLN A 108 -9.74 -9.70 5.99
CA GLN A 108 -9.13 -10.85 6.65
C GLN A 108 -10.19 -11.86 7.07
N GLY A 109 -10.13 -13.06 6.50
CA GLY A 109 -11.09 -14.09 6.82
C GLY A 109 -10.63 -15.47 6.40
N PRO A 110 -9.37 -15.80 6.72
CA PRO A 110 -8.77 -17.10 6.39
C PRO A 110 -9.39 -18.25 7.18
N TYR A 111 -8.71 -19.38 7.21
CA TYR A 111 -9.18 -20.55 7.93
C TYR A 111 -8.15 -21.03 8.94
N MET A 112 -6.93 -20.51 8.82
CA MET A 112 -5.84 -20.89 9.73
C MET A 112 -6.38 -21.08 11.15
N ALA A 113 -6.68 -22.32 11.50
CA ALA A 113 -7.19 -22.64 12.82
C ALA A 113 -6.06 -23.03 13.77
N VAL A 114 -6.36 -23.89 14.73
CA VAL A 114 -5.37 -24.34 15.70
C VAL A 114 -4.26 -25.13 15.01
N LYS A 115 -4.48 -26.43 14.82
CA LYS A 115 -3.50 -27.29 14.18
C LYS A 115 -3.31 -26.90 12.73
N GLN A 116 -2.40 -25.97 12.47
CA GLN A 116 -2.12 -25.51 11.12
C GLN A 116 -0.63 -25.24 10.92
N LYS A 117 -0.15 -25.42 9.70
CA LYS A 117 1.25 -25.19 9.38
C LYS A 117 1.66 -23.76 9.71
N ARG A 118 2.96 -23.50 9.70
CA ARG A 118 3.48 -22.17 9.99
C ARG A 118 4.01 -21.50 8.73
N ASP A 119 4.14 -22.28 7.66
CA ASP A 119 4.64 -21.77 6.40
C ASP A 119 3.50 -21.20 5.56
N LEU A 120 2.29 -21.25 6.10
CA LEU A 120 1.11 -20.75 5.41
C LEU A 120 1.06 -19.22 5.44
N GLY A 121 0.96 -18.67 6.65
CA GLY A 121 0.90 -17.23 6.80
C GLY A 121 -0.45 -16.65 6.43
N ASN A 122 -1.49 -17.46 6.58
CA ASN A 122 -2.84 -17.02 6.25
C ASN A 122 -2.86 -16.19 4.98
N ARG A 123 -1.88 -16.42 4.11
CA ARG A 123 -1.78 -15.69 2.85
C ARG A 123 -2.73 -16.26 1.81
N VAL A 124 -3.87 -16.77 2.26
CA VAL A 124 -4.86 -17.34 1.36
C VAL A 124 -5.69 -16.26 0.69
N ILE A 125 -6.48 -15.54 1.48
CA ILE A 125 -7.31 -14.47 0.95
C ILE A 125 -6.54 -13.16 0.86
N VAL A 126 -5.72 -12.89 1.87
CA VAL A 126 -4.91 -11.67 1.90
C VAL A 126 -4.04 -11.55 0.65
N THR A 127 -3.37 -12.66 0.30
CA THR A 127 -2.50 -12.67 -0.87
C THR A 127 -3.26 -12.29 -2.13
N ARG A 128 -4.42 -12.93 -2.33
CA ARG A 128 -5.25 -12.66 -3.50
C ARG A 128 -5.80 -11.23 -3.45
N ASP A 129 -6.22 -10.81 -2.27
CA ASP A 129 -6.77 -9.46 -2.09
C ASP A 129 -5.67 -8.41 -2.25
N CYS A 130 -4.46 -8.75 -1.85
CA CYS A 130 -3.33 -7.84 -1.95
C CYS A 130 -2.91 -7.64 -3.40
N CYS A 131 -2.83 -8.74 -4.13
CA CYS A 131 -2.42 -8.69 -5.54
C CYS A 131 -3.38 -7.84 -6.35
N LEU A 132 -4.67 -7.96 -6.04
CA LEU A 132 -5.70 -7.20 -6.75
C LEU A 132 -5.71 -5.74 -6.28
N ILE A 133 -5.84 -5.54 -4.98
CA ILE A 133 -5.86 -4.20 -4.41
C ILE A 133 -4.60 -3.43 -4.78
N VAL A 134 -3.45 -4.08 -4.62
CA VAL A 134 -2.17 -3.47 -4.95
C VAL A 134 -2.00 -3.29 -6.45
N ASN A 135 -2.54 -4.24 -7.21
CA ASN A 135 -2.45 -4.20 -8.66
C ASN A 135 -3.00 -2.89 -9.21
N PHE A 136 -4.06 -2.39 -8.58
CA PHE A 136 -4.69 -1.14 -9.01
C PHE A 136 -3.82 0.06 -8.62
N LEU A 137 -3.50 0.15 -7.33
CA LEU A 137 -2.68 1.24 -6.83
C LEU A 137 -1.29 1.23 -7.48
N TYR A 138 -0.60 0.11 -7.36
CA TYR A 138 0.73 -0.03 -7.94
C TYR A 138 0.76 0.46 -9.38
N ASN A 139 -0.10 -0.11 -10.21
CA ASN A 139 -0.19 0.28 -11.62
C ASN A 139 -0.57 1.75 -11.76
N LEU A 140 -1.30 2.27 -10.78
CA LEU A 140 -1.73 3.65 -10.79
C LEU A 140 -0.54 4.60 -10.75
N LEU A 141 0.33 4.40 -9.77
CA LEU A 141 1.52 5.23 -9.63
C LEU A 141 2.70 4.64 -10.41
N MET A 142 2.56 3.38 -10.81
CA MET A 142 3.60 2.70 -11.56
C MET A 142 3.35 2.79 -13.06
N GLY A 143 2.60 3.83 -13.46
CA GLY A 143 2.29 4.01 -14.87
C GLY A 143 3.30 4.90 -15.57
N ARG A 144 3.36 4.80 -16.89
CA ARG A 144 4.29 5.61 -17.67
C ARG A 144 4.17 7.09 -17.32
N ARG A 145 2.93 7.57 -17.27
CA ARG A 145 2.67 8.97 -16.94
C ARG A 145 2.86 9.23 -15.45
N HIS A 146 2.11 8.50 -14.63
CA HIS A 146 2.19 8.64 -13.18
C HIS A 146 3.62 8.43 -12.71
N ARG A 147 4.15 7.24 -12.94
CA ARG A 147 5.52 6.91 -12.53
C ARG A 147 6.48 8.04 -12.90
N ALA A 148 6.44 8.45 -14.16
CA ALA A 148 7.31 9.52 -14.65
C ALA A 148 7.25 10.74 -13.73
N ARG A 149 6.05 11.05 -13.24
CA ARG A 149 5.87 12.19 -12.35
C ARG A 149 6.35 11.86 -10.94
N LEU A 150 5.86 10.76 -10.40
CA LEU A 150 6.24 10.33 -9.06
C LEU A 150 7.75 10.50 -8.84
N GLU A 151 8.54 10.09 -9.82
CA GLU A 151 9.98 10.20 -9.74
C GLU A 151 10.44 11.61 -10.09
N ALA A 152 9.69 12.28 -10.96
CA ALA A 152 10.03 13.64 -11.37
C ALA A 152 10.03 14.58 -10.19
N LEU A 153 9.46 14.13 -9.07
CA LEU A 153 9.40 14.95 -7.86
C LEU A 153 10.33 14.38 -6.77
N GLY A 154 11.34 13.63 -7.20
CA GLY A 154 12.28 13.05 -6.27
C GLY A 154 11.96 11.60 -5.96
N GLY A 155 10.92 11.07 -6.60
CA GLY A 155 10.53 9.69 -6.38
C GLY A 155 10.48 9.33 -4.90
N TRP A 156 10.24 8.05 -4.62
CA TRP A 156 10.16 7.58 -3.25
C TRP A 156 11.18 8.30 -2.36
N ASP A 157 12.28 8.74 -2.97
CA ASP A 157 13.33 9.43 -2.24
C ASP A 157 12.81 10.75 -1.68
N GLY A 158 12.14 11.53 -2.53
CA GLY A 158 11.60 12.81 -2.09
C GLY A 158 10.49 12.66 -1.07
N PHE A 159 9.78 11.54 -1.13
CA PHE A 159 8.69 11.28 -0.20
C PHE A 159 9.21 11.10 1.22
N CYS A 160 10.06 10.10 1.41
CA CYS A 160 10.63 9.81 2.72
C CYS A 160 11.23 11.07 3.33
N ARG A 161 11.86 11.89 2.49
CA ARG A 161 12.48 13.13 2.95
C ARG A 161 11.44 14.22 3.14
N PHE A 162 10.35 14.13 2.39
CA PHE A 162 9.27 15.11 2.48
C PHE A 162 8.54 15.01 3.81
N PHE A 163 8.23 13.79 4.22
CA PHE A 163 7.53 13.54 5.47
C PHE A 163 8.52 13.27 6.61
N LYS A 164 9.80 13.28 6.27
CA LYS A 164 10.85 13.03 7.26
C LYS A 164 10.67 11.66 7.90
N ASN A 165 11.12 10.62 7.21
CA ASN A 165 11.00 9.26 7.70
C ASN A 165 11.51 9.17 9.14
N PRO A 166 10.80 8.38 9.97
CA PRO A 166 11.16 8.19 11.38
C PRO A 166 12.44 7.38 11.55
N LEU A 167 12.63 6.38 10.68
CA LEU A 167 13.81 5.54 10.74
C LEU A 167 14.90 6.07 9.80
N PRO A 168 16.14 5.61 10.03
CA PRO A 168 17.29 6.02 9.21
C PRO A 168 17.23 5.44 7.81
N LEU A 169 17.82 4.27 7.63
CA LEU A 169 17.84 3.60 6.32
C LEU A 169 17.05 2.31 6.37
N GLY A 170 16.99 1.62 5.22
CA GLY A 170 16.28 0.36 5.13
C GLY A 170 15.02 0.39 6.00
N GLY A 1 16.80 10.55 -5.89
CA GLY A 1 17.83 11.09 -6.75
C GLY A 1 17.35 11.12 -8.19
N PRO A 2 16.48 12.09 -8.51
CA PRO A 2 15.93 12.25 -9.86
C PRO A 2 16.97 12.73 -10.86
N LEU A 3 18.20 12.90 -10.39
CA LEU A 3 19.29 13.36 -11.24
C LEU A 3 19.65 12.29 -12.27
N GLY A 4 18.93 12.29 -13.40
CA GLY A 4 19.19 11.33 -14.45
C GLY A 4 18.04 10.36 -14.65
N SER A 5 17.41 10.43 -15.83
CA SER A 5 16.29 9.56 -16.14
C SER A 5 16.58 8.73 -17.39
N MET A 6 17.41 7.71 -17.23
CA MET A 6 17.76 6.83 -18.34
C MET A 6 16.51 6.22 -18.98
N ALA A 7 15.50 5.97 -18.16
CA ALA A 7 14.25 5.39 -18.65
C ALA A 7 13.16 5.49 -17.58
N ASP A 8 11.96 5.04 -17.94
CA ASP A 8 10.82 5.09 -17.03
C ASP A 8 10.40 3.68 -16.62
N SER A 9 10.81 2.69 -17.42
CA SER A 9 10.48 1.30 -17.14
C SER A 9 11.73 0.43 -17.12
N GLN A 10 12.89 1.07 -17.24
CA GLN A 10 14.16 0.36 -17.22
C GLN A 10 14.81 0.43 -15.85
N ASP A 11 14.07 0.93 -14.87
CA ASP A 11 14.58 1.05 -13.51
C ASP A 11 13.92 0.03 -12.59
N PRO A 12 14.70 -0.49 -11.64
CA PRO A 12 14.22 -1.48 -10.67
C PRO A 12 13.22 -0.89 -9.68
N LEU A 13 12.91 0.39 -9.86
CA LEU A 13 11.97 1.08 -8.97
C LEU A 13 10.58 0.48 -9.09
N HIS A 14 10.33 -0.24 -10.19
CA HIS A 14 9.03 -0.86 -10.43
C HIS A 14 8.76 -1.96 -9.40
N GLU A 15 9.69 -2.90 -9.29
CA GLU A 15 9.56 -4.00 -8.34
C GLU A 15 9.62 -3.50 -6.91
N ARG A 16 10.19 -2.31 -6.72
CA ARG A 16 10.32 -1.72 -5.40
C ARG A 16 8.98 -1.17 -4.92
N THR A 17 8.16 -0.73 -5.87
CA THR A 17 6.85 -0.17 -5.55
C THR A 17 5.86 -1.27 -5.16
N ARG A 18 5.71 -2.27 -6.03
CA ARG A 18 4.81 -3.38 -5.77
C ARG A 18 5.09 -4.01 -4.42
N ARG A 19 6.34 -4.41 -4.21
CA ARG A 19 6.74 -5.03 -2.95
C ARG A 19 6.39 -4.14 -1.76
N LEU A 20 6.70 -2.85 -1.88
CA LEU A 20 6.41 -1.89 -0.82
C LEU A 20 4.92 -1.85 -0.52
N LEU A 21 4.12 -1.64 -1.56
CA LEU A 21 2.67 -1.58 -1.40
C LEU A 21 2.13 -2.86 -0.80
N SER A 22 2.47 -3.99 -1.42
CA SER A 22 2.01 -5.29 -0.95
C SER A 22 2.41 -5.50 0.52
N ASP A 23 3.60 -5.05 0.87
CA ASP A 23 4.10 -5.19 2.24
C ASP A 23 3.14 -4.54 3.23
N TYR A 24 2.54 -3.43 2.82
CA TYR A 24 1.61 -2.70 3.68
C TYR A 24 0.27 -3.43 3.76
N ILE A 25 -0.01 -4.26 2.76
CA ILE A 25 -1.25 -5.01 2.72
C ILE A 25 -1.29 -6.08 3.82
N PHE A 26 -0.18 -6.80 3.97
CA PHE A 26 -0.08 -7.85 4.97
C PHE A 26 -0.10 -7.25 6.37
N PHE A 27 0.75 -6.25 6.60
CA PHE A 27 0.82 -5.60 7.90
C PHE A 27 -0.55 -5.07 8.33
N CYS A 28 -1.38 -4.74 7.35
CA CYS A 28 -2.71 -4.22 7.63
C CYS A 28 -3.70 -5.35 7.85
N ALA A 29 -3.29 -6.57 7.49
CA ALA A 29 -4.14 -7.74 7.64
C ALA A 29 -3.97 -8.36 9.03
N ARG A 30 -3.41 -7.59 9.95
CA ARG A 30 -3.20 -8.06 11.31
C ARG A 30 -4.15 -7.38 12.28
N GLU A 31 -5.07 -8.16 12.85
CA GLU A 31 -6.05 -7.63 13.78
C GLU A 31 -5.45 -6.50 14.62
N PRO A 32 -6.29 -5.52 14.99
CA PRO A 32 -5.86 -4.37 15.78
C PRO A 32 -5.52 -4.75 17.22
N ASP A 33 -5.97 -5.93 17.64
CA ASP A 33 -5.73 -6.41 18.99
C ASP A 33 -4.31 -6.97 19.11
N THR A 34 -3.53 -6.83 18.04
CA THR A 34 -2.15 -7.32 18.02
C THR A 34 -1.25 -6.38 17.23
N PRO A 35 -0.01 -6.19 17.74
CA PRO A 35 0.97 -5.32 17.09
C PRO A 35 1.50 -5.90 15.78
N GLU A 36 1.61 -5.06 14.77
CA GLU A 36 2.08 -5.49 13.45
C GLU A 36 3.61 -5.47 13.40
N PRO A 37 4.18 -6.24 12.47
CA PRO A 37 5.63 -6.33 12.30
C PRO A 37 6.23 -5.04 11.74
N PRO A 38 7.57 -4.97 11.74
CA PRO A 38 8.29 -3.80 11.24
C PRO A 38 8.19 -3.66 9.72
N PRO A 39 8.65 -2.51 9.19
CA PRO A 39 8.61 -2.23 7.75
C PRO A 39 9.59 -3.10 6.97
N THR A 40 9.77 -2.79 5.69
CA THR A 40 10.68 -3.53 4.84
C THR A 40 11.73 -2.62 4.22
N SER A 41 11.31 -1.43 3.80
CA SER A 41 12.21 -0.47 3.20
C SER A 41 11.95 0.94 3.72
N VAL A 42 12.76 1.90 3.27
CA VAL A 42 12.60 3.28 3.70
C VAL A 42 11.21 3.81 3.39
N GLU A 43 10.74 3.55 2.17
CA GLU A 43 9.41 4.01 1.76
C GLU A 43 8.32 3.34 2.60
N ALA A 44 8.58 2.10 3.00
CA ALA A 44 7.62 1.35 3.82
C ALA A 44 7.56 1.90 5.23
N ALA A 45 8.66 2.49 5.69
CA ALA A 45 8.74 3.05 7.03
C ALA A 45 7.95 4.36 7.12
N LEU A 46 8.10 5.20 6.11
CA LEU A 46 7.40 6.48 6.08
C LEU A 46 5.89 6.28 6.17
N LEU A 47 5.35 5.48 5.28
CA LEU A 47 3.92 5.20 5.27
C LEU A 47 3.44 4.74 6.64
N ARG A 48 4.17 3.80 7.23
CA ARG A 48 3.82 3.26 8.54
C ARG A 48 3.67 4.39 9.56
N SER A 49 4.38 5.50 9.31
CA SER A 49 4.33 6.64 10.21
C SER A 49 3.24 7.62 9.79
N VAL A 50 3.17 7.89 8.48
CA VAL A 50 2.17 8.80 7.95
C VAL A 50 0.90 8.05 7.53
N THR A 51 1.07 7.05 6.68
CA THR A 51 -0.05 6.25 6.19
C THR A 51 -0.91 5.76 7.36
N ARG A 52 -0.27 5.49 8.48
CA ARG A 52 -0.98 5.01 9.67
C ARG A 52 -1.94 6.07 10.19
N GLN A 53 -1.56 7.34 10.03
CA GLN A 53 -2.40 8.45 10.50
C GLN A 53 -3.54 8.70 9.52
N ILE A 54 -3.30 8.42 8.24
CA ILE A 54 -4.32 8.63 7.22
C ILE A 54 -5.51 7.69 7.42
N GLN A 55 -5.23 6.49 7.91
CA GLN A 55 -6.28 5.51 8.15
C GLN A 55 -6.97 5.76 9.50
N GLN A 56 -6.20 5.68 10.58
CA GLN A 56 -6.73 5.91 11.91
C GLN A 56 -7.62 7.15 11.94
N GLU A 57 -7.43 8.03 10.95
CA GLU A 57 -8.20 9.26 10.87
C GLU A 57 -9.37 9.10 9.90
N HIS A 58 -9.10 8.48 8.76
CA HIS A 58 -10.13 8.26 7.75
C HIS A 58 -10.65 6.82 7.80
N GLN A 59 -9.73 5.88 7.94
CA GLN A 59 -10.10 4.46 8.00
C GLN A 59 -11.45 4.28 8.68
N GLU A 60 -11.78 5.20 9.60
CA GLU A 60 -13.03 5.14 10.32
C GLU A 60 -14.20 4.91 9.36
N PHE A 61 -14.20 5.66 8.26
CA PHE A 61 -15.26 5.55 7.27
C PHE A 61 -14.93 4.47 6.23
N PHE A 62 -13.67 4.45 5.81
CA PHE A 62 -13.22 3.47 4.82
C PHE A 62 -13.59 2.05 5.25
N SER A 63 -13.03 1.62 6.39
CA SER A 63 -13.30 0.29 6.91
C SER A 63 -14.78 0.10 7.19
N SER A 64 -15.42 1.15 7.71
CA SER A 64 -16.84 1.09 8.03
C SER A 64 -17.65 0.57 6.84
N PHE A 65 -17.27 0.98 5.64
CA PHE A 65 -17.96 0.56 4.43
C PHE A 65 -17.40 -0.78 3.92
N CYS A 66 -16.08 -0.91 3.97
CA CYS A 66 -15.42 -2.13 3.52
C CYS A 66 -16.19 -3.36 3.97
N GLU A 67 -16.68 -3.33 5.20
CA GLU A 67 -17.44 -4.44 5.76
C GLU A 67 -18.93 -4.28 5.47
N SER A 68 -19.25 -3.70 4.33
CA SER A 68 -20.64 -3.49 3.92
C SER A 68 -20.96 -4.24 2.64
N ARG A 69 -20.30 -3.84 1.55
CA ARG A 69 -20.52 -4.48 0.26
C ARG A 69 -19.46 -5.54 -0.02
N GLY A 70 -18.31 -5.40 0.65
CA GLY A 70 -17.22 -6.35 0.47
C GLY A 70 -16.37 -6.02 -0.74
N ASN A 71 -16.67 -4.91 -1.41
CA ASN A 71 -15.93 -4.49 -2.59
C ASN A 71 -14.64 -3.78 -2.19
N ARG A 72 -14.07 -4.16 -1.06
CA ARG A 72 -12.84 -3.56 -0.57
C ARG A 72 -11.94 -3.15 -1.73
N LEU A 73 -11.98 -3.93 -2.80
CA LEU A 73 -11.16 -3.64 -3.98
C LEU A 73 -11.79 -2.53 -4.81
N GLU A 74 -13.06 -2.68 -5.14
CA GLU A 74 -13.77 -1.68 -5.93
C GLU A 74 -13.52 -0.27 -5.40
N LEU A 75 -13.43 -0.16 -4.07
CA LEU A 75 -13.18 1.12 -3.42
C LEU A 75 -11.73 1.55 -3.59
N VAL A 76 -10.82 0.57 -3.51
CA VAL A 76 -9.40 0.85 -3.65
C VAL A 76 -9.10 1.57 -4.96
N LYS A 77 -9.65 1.05 -6.06
CA LYS A 77 -9.45 1.64 -7.37
C LYS A 77 -10.25 2.93 -7.52
N GLN A 78 -11.50 2.90 -7.06
CA GLN A 78 -12.37 4.06 -7.13
C GLN A 78 -11.71 5.28 -6.49
N MET A 79 -11.19 5.10 -5.29
CA MET A 79 -10.52 6.18 -4.57
C MET A 79 -9.36 6.74 -5.37
N ALA A 80 -8.45 5.86 -5.78
CA ALA A 80 -7.29 6.26 -6.56
C ALA A 80 -7.70 7.10 -7.76
N ASP A 81 -8.96 6.95 -8.18
CA ASP A 81 -9.47 7.70 -9.32
C ASP A 81 -9.93 9.09 -8.90
N LYS A 82 -10.37 9.22 -7.65
CA LYS A 82 -10.83 10.49 -7.12
C LYS A 82 -9.65 11.37 -6.72
N LEU A 83 -8.73 10.79 -5.96
CA LEU A 83 -7.55 11.52 -5.51
C LEU A 83 -6.47 11.54 -6.58
N LEU A 84 -6.01 10.36 -6.98
CA LEU A 84 -4.97 10.25 -8.00
C LEU A 84 -5.59 10.24 -9.40
N SER A 85 -4.81 10.64 -10.39
CA SER A 85 -5.28 10.68 -11.77
C SER A 85 -4.10 10.78 -12.73
N LYS A 86 -4.39 11.25 -13.95
CA LYS A 86 -3.35 11.39 -14.97
C LYS A 86 -2.91 12.85 -15.09
N ASP A 87 -3.82 13.71 -15.55
CA ASP A 87 -3.51 15.12 -15.70
C ASP A 87 -3.49 15.83 -14.35
N GLN A 88 -4.11 15.19 -13.35
CA GLN A 88 -4.17 15.76 -12.01
C GLN A 88 -2.77 15.86 -11.40
N ASP A 89 -2.47 17.01 -10.81
CA ASP A 89 -1.17 17.23 -10.19
C ASP A 89 -1.07 16.49 -8.86
N PHE A 90 -1.31 15.18 -8.90
CA PHE A 90 -1.24 14.35 -7.71
C PHE A 90 0.00 14.70 -6.87
N SER A 91 -0.23 15.02 -5.60
CA SER A 91 0.87 15.37 -4.70
C SER A 91 1.33 14.15 -3.91
N TRP A 92 2.39 14.33 -3.12
CA TRP A 92 2.93 13.25 -2.31
C TRP A 92 1.93 12.82 -1.24
N SER A 93 0.99 13.72 -0.91
CA SER A 93 -0.02 13.42 0.10
C SER A 93 -1.03 12.40 -0.42
N GLN A 94 -1.30 12.46 -1.72
CA GLN A 94 -2.24 11.54 -2.34
C GLN A 94 -1.63 10.16 -2.51
N LEU A 95 -0.33 10.11 -2.78
CA LEU A 95 0.38 8.86 -2.95
C LEU A 95 0.35 8.02 -1.68
N VAL A 96 0.81 8.62 -0.58
CA VAL A 96 0.84 7.94 0.71
C VAL A 96 -0.57 7.58 1.17
N MET A 97 -1.54 8.41 0.79
CA MET A 97 -2.93 8.19 1.16
C MET A 97 -3.44 6.86 0.59
N LEU A 98 -3.12 6.61 -0.68
CA LEU A 98 -3.54 5.37 -1.33
C LEU A 98 -3.03 4.15 -0.59
N LEU A 99 -1.74 4.18 -0.22
CA LEU A 99 -1.14 3.08 0.49
C LEU A 99 -1.92 2.75 1.76
N ALA A 100 -2.29 3.78 2.51
CA ALA A 100 -3.04 3.61 3.74
C ALA A 100 -4.39 2.97 3.48
N PHE A 101 -5.17 3.58 2.58
CA PHE A 101 -6.49 3.07 2.23
C PHE A 101 -6.42 1.60 1.87
N ALA A 102 -5.66 1.28 0.84
CA ALA A 102 -5.50 -0.09 0.39
C ALA A 102 -5.42 -1.06 1.58
N GLY A 103 -4.57 -0.73 2.53
CA GLY A 103 -4.41 -1.58 3.70
C GLY A 103 -5.65 -1.58 4.59
N THR A 104 -6.41 -0.48 4.54
CA THR A 104 -7.62 -0.36 5.34
C THR A 104 -8.74 -1.23 4.78
N LEU A 105 -8.68 -1.49 3.48
CA LEU A 105 -9.70 -2.32 2.83
C LEU A 105 -9.37 -3.80 2.99
N MET A 106 -8.08 -4.12 3.04
CA MET A 106 -7.64 -5.50 3.19
C MET A 106 -8.64 -6.30 4.01
N ASN A 107 -9.40 -7.17 3.34
CA ASN A 107 -10.39 -8.00 3.99
C ASN A 107 -9.77 -9.31 4.48
N GLN A 108 -10.12 -9.72 5.69
CA GLN A 108 -9.60 -10.95 6.27
C GLN A 108 -10.67 -11.66 7.09
N GLY A 109 -10.90 -12.94 6.79
CA GLY A 109 -11.90 -13.70 7.52
C GLY A 109 -11.54 -15.17 7.62
N PRO A 110 -10.28 -15.45 7.98
CA PRO A 110 -9.79 -16.82 8.11
C PRO A 110 -10.40 -17.54 9.32
N TYR A 111 -9.75 -18.63 9.74
CA TYR A 111 -10.22 -19.40 10.88
C TYR A 111 -9.58 -18.93 12.18
N MET A 112 -8.77 -17.88 12.08
CA MET A 112 -8.08 -17.33 13.24
C MET A 112 -8.96 -17.43 14.49
N ALA A 113 -8.83 -18.53 15.21
CA ALA A 113 -9.60 -18.75 16.42
C ALA A 113 -8.73 -18.59 17.67
N VAL A 114 -9.14 -19.25 18.75
CA VAL A 114 -8.39 -19.18 20.01
C VAL A 114 -7.05 -19.88 19.88
N LYS A 115 -7.04 -21.19 20.09
CA LYS A 115 -5.82 -21.97 20.00
C LYS A 115 -5.32 -22.05 18.56
N GLN A 116 -4.42 -21.14 18.20
CA GLN A 116 -3.87 -21.10 16.85
C GLN A 116 -2.36 -20.83 16.89
N LYS A 117 -1.78 -20.61 15.71
CA LYS A 117 -0.35 -20.33 15.60
C LYS A 117 -0.02 -19.74 14.24
N ARG A 118 1.24 -19.35 14.07
CA ARG A 118 1.69 -18.77 12.80
C ARG A 118 2.35 -19.82 11.92
N ASP A 119 1.63 -20.90 11.65
CA ASP A 119 2.14 -21.98 10.83
C ASP A 119 1.66 -21.84 9.39
N LEU A 120 0.35 -21.75 9.21
CA LEU A 120 -0.24 -21.61 7.88
C LEU A 120 -0.11 -20.17 7.37
N GLY A 121 0.19 -19.25 8.29
CA GLY A 121 0.33 -17.86 7.92
C GLY A 121 -0.77 -17.39 7.00
N ASN A 122 -1.83 -16.82 7.58
CA ASN A 122 -2.95 -16.33 6.79
C ASN A 122 -2.48 -15.76 5.46
N ARG A 123 -2.84 -16.43 4.37
CA ARG A 123 -2.45 -15.98 3.04
C ARG A 123 -3.42 -16.51 1.99
N VAL A 124 -4.59 -16.95 2.44
CA VAL A 124 -5.61 -17.46 1.53
C VAL A 124 -6.34 -16.33 0.81
N ILE A 125 -7.13 -15.57 1.55
CA ILE A 125 -7.87 -14.45 1.00
C ILE A 125 -7.03 -13.19 0.96
N VAL A 126 -6.14 -13.04 1.95
CA VAL A 126 -5.27 -11.88 2.03
C VAL A 126 -4.35 -11.79 0.82
N THR A 127 -3.79 -12.93 0.42
CA THR A 127 -2.89 -12.98 -0.72
C THR A 127 -3.61 -12.57 -2.00
N ARG A 128 -4.81 -13.08 -2.20
CA ARG A 128 -5.60 -12.76 -3.39
C ARG A 128 -6.15 -11.34 -3.30
N ASP A 129 -6.56 -10.94 -2.10
CA ASP A 129 -7.11 -9.60 -1.89
C ASP A 129 -6.01 -8.53 -1.99
N CYS A 130 -4.80 -8.90 -1.55
CA CYS A 130 -3.67 -7.97 -1.59
C CYS A 130 -3.19 -7.76 -3.03
N CYS A 131 -3.04 -8.87 -3.76
CA CYS A 131 -2.59 -8.80 -5.14
C CYS A 131 -3.50 -7.90 -5.97
N LEU A 132 -4.80 -7.96 -5.69
CA LEU A 132 -5.78 -7.16 -6.41
C LEU A 132 -5.73 -5.70 -5.95
N ILE A 133 -5.87 -5.50 -4.64
CA ILE A 133 -5.84 -4.16 -4.08
C ILE A 133 -4.57 -3.42 -4.48
N VAL A 134 -3.43 -4.08 -4.34
CA VAL A 134 -2.15 -3.49 -4.70
C VAL A 134 -1.98 -3.41 -6.21
N ASN A 135 -2.55 -4.39 -6.91
CA ASN A 135 -2.46 -4.43 -8.37
C ASN A 135 -2.92 -3.11 -8.98
N PHE A 136 -4.00 -2.57 -8.45
CA PHE A 136 -4.55 -1.31 -8.95
C PHE A 136 -3.67 -0.13 -8.52
N LEU A 137 -3.46 -0.01 -7.21
CA LEU A 137 -2.65 1.08 -6.66
C LEU A 137 -1.27 1.10 -7.32
N TYR A 138 -0.58 -0.03 -7.26
CA TYR A 138 0.75 -0.13 -7.85
C TYR A 138 0.76 0.42 -9.28
N ASN A 139 -0.17 -0.06 -10.09
CA ASN A 139 -0.27 0.38 -11.48
C ASN A 139 -0.64 1.86 -11.56
N LEU A 140 -1.34 2.35 -10.54
CA LEU A 140 -1.76 3.74 -10.49
C LEU A 140 -0.55 4.67 -10.58
N LEU A 141 0.43 4.45 -9.70
CA LEU A 141 1.64 5.27 -9.69
C LEU A 141 2.70 4.69 -10.63
N MET A 142 2.60 3.40 -10.88
CA MET A 142 3.55 2.72 -11.77
C MET A 142 3.17 2.92 -13.23
N GLY A 143 2.41 3.98 -13.50
CA GLY A 143 2.00 4.27 -14.86
C GLY A 143 3.00 5.11 -15.61
N ARG A 144 2.90 5.11 -16.94
CA ARG A 144 3.81 5.88 -17.78
C ARG A 144 3.86 7.34 -17.33
N ARG A 145 2.68 7.96 -17.24
CA ARG A 145 2.59 9.35 -16.82
C ARG A 145 2.75 9.49 -15.32
N HIS A 146 2.04 8.65 -14.57
CA HIS A 146 2.11 8.66 -13.12
C HIS A 146 3.54 8.51 -12.63
N ARG A 147 4.16 7.37 -12.97
CA ARG A 147 5.53 7.10 -12.57
C ARG A 147 6.46 8.25 -12.97
N ALA A 148 6.33 8.68 -14.23
CA ALA A 148 7.16 9.77 -14.74
C ALA A 148 7.13 10.96 -13.79
N ARG A 149 5.94 11.28 -13.27
CA ARG A 149 5.79 12.41 -12.36
C ARG A 149 6.29 12.04 -10.96
N LEU A 150 5.85 10.89 -10.46
CA LEU A 150 6.25 10.42 -9.14
C LEU A 150 7.73 10.64 -8.92
N GLU A 151 8.54 10.30 -9.93
CA GLU A 151 9.98 10.46 -9.84
C GLU A 151 10.40 11.90 -10.11
N ALA A 152 9.72 12.53 -11.08
CA ALA A 152 10.02 13.91 -11.44
C ALA A 152 9.97 14.82 -10.22
N LEU A 153 9.39 14.32 -9.14
CA LEU A 153 9.27 15.08 -7.90
C LEU A 153 10.18 14.52 -6.82
N GLY A 154 11.25 13.85 -7.25
CA GLY A 154 12.19 13.27 -6.29
C GLY A 154 11.92 11.80 -6.03
N GLY A 155 10.88 11.27 -6.67
CA GLY A 155 10.53 9.87 -6.48
C GLY A 155 10.47 9.47 -5.02
N TRP A 156 10.26 8.19 -4.77
CA TRP A 156 10.19 7.69 -3.40
C TRP A 156 11.20 8.39 -2.50
N ASP A 157 12.29 8.86 -3.10
CA ASP A 157 13.32 9.56 -2.35
C ASP A 157 12.81 10.89 -1.81
N GLY A 158 12.14 11.65 -2.67
CA GLY A 158 11.60 12.94 -2.26
C GLY A 158 10.51 12.81 -1.22
N PHE A 159 9.81 11.67 -1.24
CA PHE A 159 8.73 11.43 -0.29
C PHE A 159 9.28 11.28 1.12
N CYS A 160 10.17 10.32 1.32
CA CYS A 160 10.77 10.08 2.63
C CYS A 160 11.32 11.38 3.22
N ARG A 161 11.92 12.21 2.36
CA ARG A 161 12.49 13.47 2.81
C ARG A 161 11.41 14.53 2.98
N PHE A 162 10.32 14.38 2.24
CA PHE A 162 9.21 15.32 2.29
C PHE A 162 8.47 15.21 3.63
N PHE A 163 8.24 13.98 4.06
CA PHE A 163 7.54 13.73 5.33
C PHE A 163 8.54 13.46 6.45
N LYS A 164 9.82 13.65 6.16
CA LYS A 164 10.87 13.44 7.14
C LYS A 164 10.51 12.27 8.05
N ASN A 165 10.74 11.05 7.57
CA ASN A 165 10.45 9.85 8.35
C ASN A 165 11.04 9.96 9.75
N PRO A 166 10.63 9.04 10.64
CA PRO A 166 11.11 9.01 12.03
C PRO A 166 12.57 8.60 12.13
N LEU A 167 12.95 7.58 11.38
CA LEU A 167 14.33 7.09 11.39
C LEU A 167 15.03 7.41 10.07
N PRO A 168 15.99 8.35 10.14
CA PRO A 168 16.75 8.76 8.96
C PRO A 168 17.70 7.68 8.46
N LEU A 169 18.50 7.13 9.38
CA LEU A 169 19.44 6.08 9.03
C LEU A 169 18.92 4.71 9.43
N GLY A 170 19.54 3.65 8.91
CA GLY A 170 19.14 2.30 9.22
C GLY A 170 17.92 1.90 8.39
N GLY A 1 14.86 -9.10 -32.28
CA GLY A 1 13.70 -9.94 -32.39
C GLY A 1 13.30 -10.48 -31.03
N PRO A 2 12.79 -9.59 -30.16
CA PRO A 2 12.36 -9.97 -28.81
C PRO A 2 11.11 -10.85 -28.81
N LEU A 3 9.95 -10.21 -28.74
CA LEU A 3 8.68 -10.93 -28.73
C LEU A 3 8.72 -12.07 -27.73
N GLY A 4 9.38 -11.85 -26.60
CA GLY A 4 9.47 -12.88 -25.58
C GLY A 4 9.43 -12.30 -24.17
N SER A 5 9.12 -13.14 -23.20
CA SER A 5 9.04 -12.71 -21.80
C SER A 5 10.21 -13.27 -20.99
N MET A 6 11.38 -12.69 -21.19
CA MET A 6 12.58 -13.13 -20.48
C MET A 6 12.77 -12.34 -19.18
N ALA A 7 12.46 -11.05 -19.23
CA ALA A 7 12.59 -10.19 -18.06
C ALA A 7 11.23 -9.65 -17.63
N ASP A 8 11.08 -9.39 -16.33
CA ASP A 8 9.83 -8.87 -15.79
C ASP A 8 10.07 -7.56 -15.05
N SER A 9 11.31 -7.09 -15.08
CA SER A 9 11.67 -5.84 -14.40
C SER A 9 11.99 -4.74 -15.41
N GLN A 10 11.09 -4.53 -16.35
CA GLN A 10 11.28 -3.51 -17.38
C GLN A 10 11.62 -2.16 -16.75
N ASP A 11 10.94 -1.84 -15.65
CA ASP A 11 11.17 -0.58 -14.95
C ASP A 11 11.85 -0.82 -13.61
N PRO A 12 12.75 0.09 -13.23
CA PRO A 12 13.49 0.00 -11.97
C PRO A 12 12.60 0.24 -10.76
N LEU A 13 11.37 0.68 -11.01
CA LEU A 13 10.42 0.95 -9.94
C LEU A 13 9.26 -0.04 -9.98
N HIS A 14 9.41 -1.09 -10.78
CA HIS A 14 8.38 -2.11 -10.90
C HIS A 14 8.26 -2.93 -9.62
N GLU A 15 9.38 -3.49 -9.18
CA GLU A 15 9.39 -4.30 -7.96
C GLU A 15 9.49 -3.41 -6.72
N ARG A 16 9.79 -2.13 -6.93
CA ARG A 16 9.92 -1.18 -5.84
C ARG A 16 8.55 -0.79 -5.29
N THR A 17 7.65 -0.39 -6.20
CA THR A 17 6.31 0.00 -5.81
C THR A 17 5.45 -1.21 -5.46
N ARG A 18 5.60 -2.27 -6.24
CA ARG A 18 4.84 -3.50 -6.01
C ARG A 18 5.14 -4.08 -4.63
N ARG A 19 6.43 -4.27 -4.34
CA ARG A 19 6.85 -4.81 -3.06
C ARG A 19 6.41 -3.91 -1.91
N LEU A 20 6.62 -2.61 -2.08
CA LEU A 20 6.25 -1.62 -1.07
C LEU A 20 4.75 -1.65 -0.81
N LEU A 21 3.97 -1.52 -1.88
CA LEU A 21 2.52 -1.52 -1.77
C LEU A 21 2.02 -2.82 -1.15
N SER A 22 2.47 -3.94 -1.70
CA SER A 22 2.07 -5.25 -1.19
C SER A 22 2.52 -5.44 0.25
N ASP A 23 3.73 -4.97 0.55
CA ASP A 23 4.28 -5.09 1.89
C ASP A 23 3.35 -4.46 2.92
N TYR A 24 2.83 -3.29 2.61
CA TYR A 24 1.93 -2.58 3.52
C TYR A 24 0.66 -3.41 3.76
N ILE A 25 0.16 -4.04 2.71
CA ILE A 25 -1.04 -4.85 2.81
C ILE A 25 -0.92 -5.86 3.95
N PHE A 26 0.24 -6.51 4.03
CA PHE A 26 0.48 -7.51 5.08
C PHE A 26 0.44 -6.87 6.46
N PHE A 27 1.20 -5.79 6.63
CA PHE A 27 1.25 -5.09 7.91
C PHE A 27 -0.15 -4.65 8.35
N CYS A 28 -1.01 -4.41 7.37
CA CYS A 28 -2.38 -3.99 7.65
C CYS A 28 -3.30 -5.19 7.84
N ALA A 29 -2.80 -6.37 7.46
CA ALA A 29 -3.58 -7.60 7.58
C ALA A 29 -3.49 -8.15 9.00
N ARG A 30 -3.07 -7.32 9.94
CA ARG A 30 -2.94 -7.72 11.33
C ARG A 30 -3.99 -7.04 12.20
N GLU A 31 -4.92 -7.83 12.72
CA GLU A 31 -5.99 -7.30 13.57
C GLU A 31 -5.45 -6.19 14.49
N PRO A 32 -6.35 -5.30 14.91
CA PRO A 32 -6.01 -4.18 15.80
C PRO A 32 -5.64 -4.65 17.20
N ASP A 33 -5.94 -5.91 17.51
CA ASP A 33 -5.64 -6.47 18.81
C ASP A 33 -4.23 -7.05 18.85
N THR A 34 -3.49 -6.85 17.76
CA THR A 34 -2.12 -7.35 17.66
C THR A 34 -1.23 -6.37 16.91
N PRO A 35 0.03 -6.24 17.39
CA PRO A 35 1.00 -5.33 16.78
C PRO A 35 1.47 -5.82 15.41
N GLU A 36 1.57 -4.89 14.46
CA GLU A 36 2.00 -5.23 13.11
C GLU A 36 3.52 -5.35 13.04
N PRO A 37 4.01 -6.11 12.04
CA PRO A 37 5.45 -6.32 11.84
C PRO A 37 6.16 -5.07 11.38
N PRO A 38 7.51 -5.11 11.37
CA PRO A 38 8.34 -3.97 10.95
C PRO A 38 8.24 -3.72 9.46
N PRO A 39 8.59 -2.49 9.05
CA PRO A 39 8.56 -2.09 7.63
C PRO A 39 9.65 -2.78 6.82
N THR A 40 9.57 -2.63 5.49
CA THR A 40 10.54 -3.24 4.59
C THR A 40 11.62 -2.24 4.19
N SER A 41 11.21 -1.13 3.60
CA SER A 41 12.14 -0.09 3.17
C SER A 41 11.66 1.29 3.59
N VAL A 42 12.40 2.31 3.20
CA VAL A 42 12.05 3.69 3.53
C VAL A 42 10.61 3.99 3.16
N GLU A 43 10.27 3.79 1.90
CA GLU A 43 8.92 4.03 1.41
C GLU A 43 7.88 3.32 2.27
N ALA A 44 8.20 2.09 2.67
CA ALA A 44 7.31 1.30 3.50
C ALA A 44 7.26 1.84 4.93
N ALA A 45 8.39 2.36 5.39
CA ALA A 45 8.48 2.91 6.75
C ALA A 45 7.71 4.23 6.85
N LEU A 46 7.86 5.07 5.85
CA LEU A 46 7.18 6.37 5.82
C LEU A 46 5.67 6.19 5.99
N LEU A 47 5.08 5.35 5.14
CA LEU A 47 3.65 5.10 5.19
C LEU A 47 3.21 4.71 6.60
N ARG A 48 3.91 3.73 7.18
CA ARG A 48 3.60 3.26 8.53
C ARG A 48 3.55 4.43 9.51
N SER A 49 4.29 5.50 9.19
CA SER A 49 4.32 6.68 10.04
C SER A 49 3.23 7.67 9.66
N VAL A 50 3.11 7.93 8.36
CA VAL A 50 2.10 8.85 7.86
C VAL A 50 0.82 8.12 7.48
N THR A 51 0.96 7.11 6.63
CA THR A 51 -0.19 6.33 6.18
C THR A 51 -1.05 5.88 7.36
N ARG A 52 -0.40 5.65 8.50
CA ARG A 52 -1.09 5.21 9.71
C ARG A 52 -2.07 6.27 10.19
N GLN A 53 -1.73 7.53 9.92
CA GLN A 53 -2.58 8.65 10.33
C GLN A 53 -3.74 8.84 9.36
N ILE A 54 -3.48 8.55 8.09
CA ILE A 54 -4.50 8.69 7.05
C ILE A 54 -5.66 7.73 7.30
N GLN A 55 -5.36 6.56 7.82
CA GLN A 55 -6.38 5.56 8.11
C GLN A 55 -7.08 5.86 9.43
N GLN A 56 -6.33 5.84 10.52
CA GLN A 56 -6.88 6.11 11.84
C GLN A 56 -7.78 7.33 11.82
N GLU A 57 -7.59 8.18 10.81
CA GLU A 57 -8.39 9.39 10.66
C GLU A 57 -9.54 9.18 9.69
N HIS A 58 -9.25 8.52 8.57
CA HIS A 58 -10.26 8.24 7.55
C HIS A 58 -10.77 6.80 7.66
N GLN A 59 -9.84 5.86 7.84
CA GLN A 59 -10.19 4.45 7.96
C GLN A 59 -11.53 4.29 8.67
N GLU A 60 -11.85 5.24 9.54
CA GLU A 60 -13.12 5.19 10.29
C GLU A 60 -14.29 4.92 9.35
N PHE A 61 -14.31 5.61 8.22
CA PHE A 61 -15.38 5.45 7.24
C PHE A 61 -15.05 4.34 6.26
N PHE A 62 -13.79 4.28 5.82
CA PHE A 62 -13.35 3.26 4.88
C PHE A 62 -13.69 1.87 5.38
N SER A 63 -13.13 1.50 6.52
CA SER A 63 -13.39 0.18 7.11
C SER A 63 -14.89 -0.05 7.29
N SER A 64 -15.57 0.94 7.86
CA SER A 64 -17.00 0.83 8.10
C SER A 64 -17.74 0.43 6.82
N PHE A 65 -17.24 0.90 5.69
CA PHE A 65 -17.84 0.60 4.40
C PHE A 65 -17.33 -0.74 3.86
N CYS A 66 -16.04 -0.98 4.02
CA CYS A 66 -15.42 -2.21 3.55
C CYS A 66 -16.32 -3.42 3.85
N GLU A 67 -16.84 -3.46 5.08
CA GLU A 67 -17.72 -4.55 5.48
C GLU A 67 -19.16 -4.30 5.04
N SER A 68 -19.31 -3.64 3.89
CA SER A 68 -20.64 -3.33 3.36
C SER A 68 -20.96 -4.21 2.17
N ARG A 69 -20.24 -4.00 1.07
CA ARG A 69 -20.44 -4.76 -0.15
C ARG A 69 -19.30 -5.74 -0.38
N GLY A 70 -18.27 -5.65 0.45
CA GLY A 70 -17.13 -6.53 0.33
C GLY A 70 -16.26 -6.19 -0.87
N ASN A 71 -16.60 -5.10 -1.55
CA ASN A 71 -15.85 -4.66 -2.72
C ASN A 71 -14.58 -3.92 -2.30
N ARG A 72 -14.01 -4.31 -1.17
CA ARG A 72 -12.79 -3.67 -0.66
C ARG A 72 -11.91 -3.20 -1.81
N LEU A 73 -11.91 -3.96 -2.90
CA LEU A 73 -11.11 -3.62 -4.07
C LEU A 73 -11.74 -2.47 -4.85
N GLU A 74 -13.03 -2.60 -5.15
CA GLU A 74 -13.75 -1.56 -5.88
C GLU A 74 -13.49 -0.18 -5.28
N LEU A 75 -13.31 -0.14 -3.96
CA LEU A 75 -13.05 1.12 -3.27
C LEU A 75 -11.59 1.53 -3.39
N VAL A 76 -10.71 0.53 -3.44
CA VAL A 76 -9.28 0.78 -3.57
C VAL A 76 -8.96 1.47 -4.89
N LYS A 77 -9.49 0.92 -5.98
CA LYS A 77 -9.25 1.48 -7.30
C LYS A 77 -10.05 2.77 -7.50
N GLN A 78 -11.24 2.82 -6.91
CA GLN A 78 -12.10 4.00 -7.02
C GLN A 78 -11.43 5.22 -6.38
N MET A 79 -10.90 5.04 -5.18
CA MET A 79 -10.23 6.13 -4.48
C MET A 79 -9.08 6.69 -5.31
N ALA A 80 -8.13 5.82 -5.67
CA ALA A 80 -6.98 6.24 -6.46
C ALA A 80 -7.43 6.96 -7.73
N ASP A 81 -8.67 6.75 -8.12
CA ASP A 81 -9.22 7.39 -9.31
C ASP A 81 -9.67 8.81 -9.02
N LYS A 82 -10.06 9.06 -7.77
CA LYS A 82 -10.51 10.38 -7.36
C LYS A 82 -9.34 11.24 -6.92
N LEU A 83 -8.50 10.70 -6.05
CA LEU A 83 -7.34 11.41 -5.55
C LEU A 83 -6.21 11.40 -6.58
N LEU A 84 -5.76 10.21 -6.95
CA LEU A 84 -4.69 10.06 -7.93
C LEU A 84 -5.25 10.05 -9.35
N SER A 85 -4.42 10.44 -10.31
CA SER A 85 -4.82 10.48 -11.71
C SER A 85 -3.61 10.50 -12.62
N LYS A 86 -3.86 10.67 -13.92
CA LYS A 86 -2.78 10.72 -14.91
C LYS A 86 -2.47 12.16 -15.30
N ASP A 87 -3.52 12.96 -15.49
CA ASP A 87 -3.36 14.36 -15.86
C ASP A 87 -3.40 15.26 -14.63
N GLN A 88 -3.75 14.68 -13.49
CA GLN A 88 -3.83 15.44 -12.25
C GLN A 88 -2.50 15.40 -11.50
N ASP A 89 -2.00 16.58 -11.14
CA ASP A 89 -0.73 16.68 -10.41
C ASP A 89 -0.83 16.02 -9.04
N PHE A 90 -0.83 14.69 -9.04
CA PHE A 90 -0.91 13.94 -7.80
C PHE A 90 0.21 14.33 -6.84
N SER A 91 -0.17 14.87 -5.69
CA SER A 91 0.81 15.29 -4.69
C SER A 91 1.25 14.12 -3.83
N TRP A 92 2.38 14.28 -3.15
CA TRP A 92 2.91 13.23 -2.28
C TRP A 92 1.87 12.80 -1.24
N SER A 93 1.01 13.73 -0.85
CA SER A 93 -0.02 13.46 0.14
C SER A 93 -0.97 12.37 -0.36
N GLN A 94 -1.25 12.38 -1.65
CA GLN A 94 -2.14 11.40 -2.26
C GLN A 94 -1.46 10.04 -2.36
N LEU A 95 -0.17 10.04 -2.69
CA LEU A 95 0.59 8.82 -2.82
C LEU A 95 0.46 7.95 -1.56
N VAL A 96 0.80 8.55 -0.42
CA VAL A 96 0.73 7.83 0.86
C VAL A 96 -0.73 7.53 1.22
N MET A 97 -1.63 8.42 0.83
CA MET A 97 -3.05 8.24 1.12
C MET A 97 -3.57 6.93 0.53
N LEU A 98 -3.18 6.65 -0.71
CA LEU A 98 -3.61 5.43 -1.38
C LEU A 98 -3.07 4.19 -0.65
N LEU A 99 -1.80 4.25 -0.26
CA LEU A 99 -1.17 3.14 0.45
C LEU A 99 -1.94 2.80 1.72
N ALA A 100 -2.31 3.83 2.48
CA ALA A 100 -3.06 3.64 3.72
C ALA A 100 -4.39 2.94 3.45
N PHE A 101 -5.21 3.53 2.59
CA PHE A 101 -6.50 2.97 2.26
C PHE A 101 -6.39 1.50 1.91
N ALA A 102 -5.60 1.20 0.87
CA ALA A 102 -5.41 -0.18 0.43
C ALA A 102 -5.31 -1.13 1.61
N GLY A 103 -4.47 -0.77 2.59
CA GLY A 103 -4.30 -1.61 3.77
C GLY A 103 -5.52 -1.58 4.67
N THR A 104 -6.28 -0.49 4.61
CA THR A 104 -7.47 -0.34 5.43
C THR A 104 -8.60 -1.23 4.93
N LEU A 105 -8.58 -1.55 3.63
CA LEU A 105 -9.60 -2.39 3.04
C LEU A 105 -9.32 -3.86 3.32
N MET A 106 -8.04 -4.22 3.35
CA MET A 106 -7.64 -5.60 3.62
C MET A 106 -8.59 -6.25 4.62
N ASN A 107 -9.46 -7.13 4.12
CA ASN A 107 -10.42 -7.83 4.95
C ASN A 107 -9.79 -9.06 5.60
N GLN A 108 -10.41 -9.55 6.67
CA GLN A 108 -9.90 -10.72 7.37
C GLN A 108 -11.05 -11.51 8.00
N GLY A 109 -11.22 -12.75 7.56
CA GLY A 109 -12.28 -13.59 8.09
C GLY A 109 -11.95 -15.07 8.00
N PRO A 110 -10.79 -15.45 8.54
CA PRO A 110 -10.32 -16.84 8.53
C PRO A 110 -11.15 -17.73 9.45
N TYR A 111 -10.61 -18.90 9.78
CA TYR A 111 -11.31 -19.84 10.66
C TYR A 111 -11.69 -19.18 11.98
N MET A 112 -10.74 -19.15 12.91
CA MET A 112 -10.97 -18.54 14.21
C MET A 112 -9.67 -18.00 14.81
N ALA A 113 -9.64 -17.88 16.13
CA ALA A 113 -8.46 -17.38 16.82
C ALA A 113 -8.24 -18.11 18.14
N VAL A 114 -7.26 -19.02 18.15
CA VAL A 114 -6.96 -19.79 19.35
C VAL A 114 -5.51 -20.28 19.34
N LYS A 115 -5.12 -20.93 18.25
CA LYS A 115 -3.76 -21.45 18.12
C LYS A 115 -2.96 -20.60 17.13
N GLN A 116 -2.51 -19.44 17.58
CA GLN A 116 -1.73 -18.54 16.73
C GLN A 116 -0.43 -18.14 17.42
N LYS A 117 -0.55 -17.51 18.58
CA LYS A 117 0.62 -17.06 19.33
C LYS A 117 1.71 -16.56 18.40
N ARG A 118 1.35 -15.65 17.50
CA ARG A 118 2.29 -15.10 16.55
C ARG A 118 2.67 -16.12 15.48
N ASP A 119 1.69 -16.92 15.07
CA ASP A 119 1.92 -17.93 14.05
C ASP A 119 0.81 -17.90 12.99
N LEU A 120 -0.15 -17.00 13.17
CA LEU A 120 -1.25 -16.86 12.23
C LEU A 120 -0.75 -16.84 10.79
N GLY A 121 0.26 -16.01 10.54
CA GLY A 121 0.82 -15.91 9.20
C GLY A 121 -0.24 -16.01 8.12
N ASN A 122 -1.45 -15.55 8.44
CA ASN A 122 -2.54 -15.59 7.48
C ASN A 122 -2.11 -15.07 6.11
N ARG A 123 -2.51 -15.78 5.07
CA ARG A 123 -2.16 -15.39 3.70
C ARG A 123 -3.13 -15.99 2.70
N VAL A 124 -4.31 -16.39 3.18
CA VAL A 124 -5.32 -16.97 2.32
C VAL A 124 -6.05 -15.90 1.51
N ILE A 125 -6.84 -15.08 2.19
CA ILE A 125 -7.57 -14.01 1.53
C ILE A 125 -6.73 -12.75 1.39
N VAL A 126 -5.85 -12.52 2.37
CA VAL A 126 -4.98 -11.35 2.36
C VAL A 126 -4.06 -11.38 1.13
N THR A 127 -3.53 -12.55 0.83
CA THR A 127 -2.64 -12.71 -0.31
C THR A 127 -3.36 -12.43 -1.62
N ARG A 128 -4.59 -12.92 -1.74
CA ARG A 128 -5.39 -12.71 -2.94
C ARG A 128 -5.93 -11.29 -3.00
N ASP A 129 -6.25 -10.74 -1.84
CA ASP A 129 -6.78 -9.38 -1.75
C ASP A 129 -5.66 -8.35 -1.92
N CYS A 130 -4.47 -8.69 -1.45
CA CYS A 130 -3.33 -7.80 -1.55
C CYS A 130 -2.86 -7.66 -3.00
N CYS A 131 -2.92 -8.76 -3.73
CA CYS A 131 -2.51 -8.77 -5.13
C CYS A 131 -3.43 -7.89 -5.98
N LEU A 132 -4.73 -8.17 -5.90
CA LEU A 132 -5.71 -7.41 -6.66
C LEU A 132 -5.75 -5.96 -6.21
N ILE A 133 -5.95 -5.74 -4.90
CA ILE A 133 -5.99 -4.40 -4.34
C ILE A 133 -4.76 -3.60 -4.73
N VAL A 134 -3.59 -4.20 -4.54
CA VAL A 134 -2.33 -3.54 -4.87
C VAL A 134 -2.16 -3.40 -6.38
N ASN A 135 -2.71 -4.36 -7.12
CA ASN A 135 -2.62 -4.36 -8.58
C ASN A 135 -3.00 -2.98 -9.14
N PHE A 136 -4.14 -2.47 -8.68
CA PHE A 136 -4.62 -1.17 -9.13
C PHE A 136 -3.71 -0.04 -8.63
N LEU A 137 -3.50 -0.01 -7.32
CA LEU A 137 -2.65 1.02 -6.71
C LEU A 137 -1.25 0.97 -7.29
N TYR A 138 -0.85 -0.20 -7.77
CA TYR A 138 0.48 -0.38 -8.36
C TYR A 138 0.57 0.30 -9.72
N ASN A 139 -0.41 0.01 -10.58
CA ASN A 139 -0.44 0.59 -11.92
C ASN A 139 -0.80 2.07 -11.86
N LEU A 140 -1.62 2.44 -10.88
CA LEU A 140 -2.05 3.82 -10.71
C LEU A 140 -0.84 4.74 -10.55
N LEU A 141 0.07 4.36 -9.66
CA LEU A 141 1.27 5.15 -9.41
C LEU A 141 2.41 4.73 -10.32
N MET A 142 2.33 3.50 -10.82
CA MET A 142 3.36 2.98 -11.72
C MET A 142 3.00 3.26 -13.18
N GLY A 143 2.19 4.29 -13.40
CA GLY A 143 1.78 4.65 -14.74
C GLY A 143 2.82 5.48 -15.46
N ARG A 144 2.62 5.67 -16.76
CA ARG A 144 3.55 6.45 -17.57
C ARG A 144 3.71 7.87 -17.00
N ARG A 145 2.58 8.56 -16.83
CA ARG A 145 2.59 9.92 -16.30
C ARG A 145 2.76 9.91 -14.78
N HIS A 146 2.08 8.97 -14.12
CA HIS A 146 2.16 8.85 -12.67
C HIS A 146 3.60 8.58 -12.22
N ARG A 147 4.17 7.50 -12.72
CA ARG A 147 5.55 7.14 -12.37
C ARG A 147 6.53 8.23 -12.79
N ALA A 148 6.40 8.69 -14.04
CA ALA A 148 7.27 9.74 -14.55
C ALA A 148 7.34 10.92 -13.59
N ARG A 149 6.19 11.33 -13.08
CA ARG A 149 6.13 12.45 -12.15
C ARG A 149 6.60 12.04 -10.76
N LEU A 150 6.09 10.90 -10.28
CA LEU A 150 6.46 10.39 -8.97
C LEU A 150 7.95 10.51 -8.73
N GLU A 151 8.74 10.14 -9.74
CA GLU A 151 10.20 10.21 -9.64
C GLU A 151 10.69 11.62 -9.91
N ALA A 152 10.00 12.33 -10.81
CA ALA A 152 10.36 13.69 -11.17
C ALA A 152 10.36 14.59 -9.93
N LEU A 153 9.76 14.12 -8.84
CA LEU A 153 9.69 14.88 -7.61
C LEU A 153 10.58 14.25 -6.54
N GLY A 154 11.58 13.50 -6.96
CA GLY A 154 12.49 12.86 -6.03
C GLY A 154 12.15 11.39 -5.81
N GLY A 155 11.06 10.94 -6.42
CA GLY A 155 10.65 9.56 -6.27
C GLY A 155 10.53 9.14 -4.82
N TRP A 156 10.28 7.86 -4.59
CA TRP A 156 10.15 7.34 -3.23
C TRP A 156 11.16 7.99 -2.30
N ASP A 157 12.28 8.45 -2.86
CA ASP A 157 13.32 9.10 -2.07
C ASP A 157 12.86 10.46 -1.59
N GLY A 158 12.30 11.26 -2.50
CA GLY A 158 11.82 12.57 -2.14
C GLY A 158 10.68 12.54 -1.15
N PHE A 159 9.89 11.47 -1.21
CA PHE A 159 8.75 11.32 -0.31
C PHE A 159 9.21 11.11 1.13
N CYS A 160 10.04 10.10 1.34
CA CYS A 160 10.55 9.79 2.67
C CYS A 160 11.16 11.03 3.31
N ARG A 161 11.82 11.85 2.50
CA ARG A 161 12.45 13.07 2.98
C ARG A 161 11.42 14.18 3.18
N PHE A 162 10.33 14.11 2.41
CA PHE A 162 9.27 15.11 2.50
C PHE A 162 8.52 14.98 3.83
N PHE A 163 8.20 13.75 4.20
CA PHE A 163 7.47 13.49 5.44
C PHE A 163 8.44 13.23 6.59
N LYS A 164 9.73 13.28 6.29
CA LYS A 164 10.76 13.05 7.30
C LYS A 164 10.46 11.79 8.11
N ASN A 165 10.80 10.64 7.54
CA ASN A 165 10.57 9.36 8.20
C ASN A 165 11.08 9.39 9.65
N PRO A 166 10.44 8.60 10.51
CA PRO A 166 10.81 8.53 11.93
C PRO A 166 12.16 7.85 12.14
N LEU A 167 12.33 6.69 11.52
CA LEU A 167 13.58 5.93 11.64
C LEU A 167 14.76 6.76 11.16
N PRO A 168 15.97 6.35 11.55
CA PRO A 168 17.21 7.04 11.17
C PRO A 168 17.54 6.87 9.68
N LEU A 169 18.29 5.83 9.37
CA LEU A 169 18.68 5.57 7.98
C LEU A 169 17.79 4.47 7.38
N GLY A 170 18.12 4.07 6.15
CA GLY A 170 17.37 3.03 5.47
C GLY A 170 16.99 3.49 4.07
N GLY A 1 6.19 2.89 -22.94
CA GLY A 1 7.23 2.34 -23.81
C GLY A 1 7.11 0.83 -23.88
N PRO A 2 6.12 0.34 -24.64
CA PRO A 2 5.88 -1.09 -24.81
C PRO A 2 6.97 -1.77 -25.64
N LEU A 3 7.30 -1.17 -26.78
CA LEU A 3 8.33 -1.71 -27.65
C LEU A 3 9.72 -1.60 -27.01
N GLY A 4 9.86 -0.65 -26.09
CA GLY A 4 11.12 -0.46 -25.41
C GLY A 4 11.35 -1.48 -24.31
N SER A 5 10.62 -1.32 -23.21
CA SER A 5 10.75 -2.23 -22.07
C SER A 5 9.65 -3.28 -22.08
N MET A 6 9.77 -4.25 -22.98
CA MET A 6 8.78 -5.32 -23.09
C MET A 6 8.87 -6.27 -21.91
N ALA A 7 10.10 -6.65 -21.54
CA ALA A 7 10.32 -7.56 -20.43
C ALA A 7 9.81 -6.96 -19.13
N ASP A 8 9.89 -7.74 -18.06
CA ASP A 8 9.44 -7.30 -16.74
C ASP A 8 10.62 -6.94 -15.85
N SER A 9 11.76 -7.57 -16.12
CA SER A 9 12.97 -7.33 -15.33
C SER A 9 13.58 -5.97 -15.69
N GLN A 10 13.21 -5.45 -16.84
CA GLN A 10 13.73 -4.16 -17.30
C GLN A 10 12.91 -3.01 -16.71
N ASP A 11 12.39 -3.21 -15.50
CA ASP A 11 11.60 -2.19 -14.83
C ASP A 11 12.45 -1.39 -13.86
N PRO A 12 12.12 -0.10 -13.71
CA PRO A 12 12.85 0.81 -12.81
C PRO A 12 12.60 0.49 -11.35
N LEU A 13 11.59 1.11 -10.77
CA LEU A 13 11.25 0.89 -9.37
C LEU A 13 9.91 0.16 -9.24
N HIS A 14 9.51 -0.53 -10.30
CA HIS A 14 8.26 -1.27 -10.31
C HIS A 14 8.27 -2.37 -9.25
N GLU A 15 9.39 -3.09 -9.16
CA GLU A 15 9.52 -4.17 -8.18
C GLU A 15 9.54 -3.61 -6.76
N ARG A 16 10.17 -2.46 -6.59
CA ARG A 16 10.27 -1.82 -5.28
C ARG A 16 8.91 -1.26 -4.85
N THR A 17 8.14 -0.81 -5.82
CA THR A 17 6.81 -0.25 -5.55
C THR A 17 5.78 -1.34 -5.31
N ARG A 18 5.68 -2.25 -6.27
CA ARG A 18 4.72 -3.36 -6.17
C ARG A 18 4.81 -4.02 -4.80
N ARG A 19 6.02 -4.42 -4.41
CA ARG A 19 6.23 -5.07 -3.13
C ARG A 19 5.94 -4.12 -1.98
N LEU A 20 6.31 -2.85 -2.15
CA LEU A 20 6.08 -1.83 -1.13
C LEU A 20 4.59 -1.71 -0.81
N LEU A 21 3.77 -1.71 -1.85
CA LEU A 21 2.32 -1.60 -1.69
C LEU A 21 1.78 -2.73 -0.82
N SER A 22 2.09 -3.97 -1.20
CA SER A 22 1.63 -5.13 -0.45
C SER A 22 2.18 -5.11 0.97
N ASP A 23 3.36 -4.52 1.14
CA ASP A 23 4.00 -4.43 2.44
C ASP A 23 3.08 -3.77 3.45
N TYR A 24 2.58 -2.58 3.10
CA TYR A 24 1.69 -1.84 3.98
C TYR A 24 0.34 -2.54 4.11
N ILE A 25 0.01 -3.38 3.12
CA ILE A 25 -1.25 -4.11 3.14
C ILE A 25 -1.16 -5.34 4.04
N PHE A 26 0.02 -5.94 4.09
CA PHE A 26 0.23 -7.12 4.92
C PHE A 26 0.10 -6.78 6.40
N PHE A 27 0.67 -5.66 6.80
CA PHE A 27 0.61 -5.21 8.19
C PHE A 27 -0.80 -4.81 8.57
N CYS A 28 -1.50 -4.17 7.64
CA CYS A 28 -2.87 -3.72 7.87
C CYS A 28 -3.79 -4.91 8.15
N ALA A 29 -3.44 -6.07 7.59
CA ALA A 29 -4.23 -7.28 7.78
C ALA A 29 -3.90 -7.95 9.11
N ARG A 30 -3.27 -7.20 10.01
CA ARG A 30 -2.90 -7.72 11.32
C ARG A 30 -3.82 -7.18 12.40
N GLU A 31 -4.63 -8.06 12.98
CA GLU A 31 -5.56 -7.67 14.03
C GLU A 31 -4.87 -6.79 15.08
N PRO A 32 -5.65 -5.90 15.71
CA PRO A 32 -5.13 -4.99 16.73
C PRO A 32 -4.75 -5.71 18.01
N ASP A 33 -5.29 -6.90 18.20
CA ASP A 33 -5.00 -7.70 19.38
C ASP A 33 -3.62 -8.34 19.29
N THR A 34 -2.88 -7.98 18.25
CA THR A 34 -1.54 -8.51 18.04
C THR A 34 -0.60 -7.46 17.47
N PRO A 35 0.65 -7.46 17.93
CA PRO A 35 1.66 -6.50 17.49
C PRO A 35 2.10 -6.76 16.04
N GLU A 36 2.20 -5.69 15.26
CA GLU A 36 2.61 -5.80 13.87
C GLU A 36 4.13 -5.76 13.74
N PRO A 37 4.66 -6.47 12.73
CA PRO A 37 6.10 -6.52 12.47
C PRO A 37 6.65 -5.20 11.98
N PRO A 38 8.00 -5.07 11.98
CA PRO A 38 8.68 -3.86 11.52
C PRO A 38 8.57 -3.66 10.02
N PRO A 39 8.99 -2.47 9.54
CA PRO A 39 8.95 -2.14 8.11
C PRO A 39 9.95 -2.95 7.29
N THR A 40 9.88 -2.80 5.97
CA THR A 40 10.78 -3.52 5.08
C THR A 40 11.74 -2.56 4.39
N SER A 41 11.19 -1.59 3.66
CA SER A 41 12.00 -0.62 2.94
C SER A 41 11.78 0.79 3.52
N VAL A 42 12.58 1.74 3.04
CA VAL A 42 12.48 3.12 3.50
C VAL A 42 11.09 3.68 3.27
N GLU A 43 10.60 3.55 2.03
CA GLU A 43 9.27 4.05 1.68
C GLU A 43 8.19 3.28 2.42
N ALA A 44 8.49 2.03 2.77
CA ALA A 44 7.55 1.19 3.49
C ALA A 44 7.39 1.65 4.94
N ALA A 45 8.50 2.08 5.54
CA ALA A 45 8.48 2.54 6.92
C ALA A 45 7.75 3.87 7.04
N LEU A 46 7.97 4.75 6.06
CA LEU A 46 7.33 6.06 6.06
C LEU A 46 5.82 5.94 6.14
N LEU A 47 5.24 5.19 5.20
CA LEU A 47 3.80 4.99 5.18
C LEU A 47 3.28 4.51 6.53
N ARG A 48 4.00 3.56 7.12
CA ARG A 48 3.61 3.01 8.42
C ARG A 48 3.49 4.11 9.45
N SER A 49 4.24 5.19 9.25
CA SER A 49 4.21 6.31 10.18
C SER A 49 3.16 7.35 9.76
N VAL A 50 3.11 7.62 8.46
CA VAL A 50 2.15 8.59 7.93
C VAL A 50 0.87 7.90 7.49
N THR A 51 1.01 6.90 6.62
CA THR A 51 -0.15 6.16 6.12
C THR A 51 -1.04 5.70 7.27
N ARG A 52 -0.43 5.42 8.41
CA ARG A 52 -1.17 4.96 9.58
C ARG A 52 -2.09 6.06 10.11
N GLN A 53 -1.65 7.30 9.96
CA GLN A 53 -2.43 8.45 10.42
C GLN A 53 -3.58 8.75 9.46
N ILE A 54 -3.34 8.51 8.17
CA ILE A 54 -4.35 8.76 7.15
C ILE A 54 -5.54 7.82 7.33
N GLN A 55 -5.28 6.62 7.82
CA GLN A 55 -6.34 5.64 8.04
C GLN A 55 -7.07 5.92 9.34
N GLN A 56 -6.35 5.88 10.45
CA GLN A 56 -6.93 6.12 11.77
C GLN A 56 -7.76 7.40 11.76
N GLU A 57 -7.50 8.26 10.78
CA GLU A 57 -8.23 9.52 10.66
C GLU A 57 -9.38 9.40 9.67
N HIS A 58 -9.15 8.70 8.57
CA HIS A 58 -10.17 8.51 7.55
C HIS A 58 -10.74 7.09 7.62
N GLN A 59 -9.86 6.11 7.75
CA GLN A 59 -10.28 4.72 7.82
C GLN A 59 -11.56 4.57 8.63
N GLU A 60 -11.81 5.54 9.51
CA GLU A 60 -13.01 5.52 10.33
C GLU A 60 -14.25 5.19 9.51
N PHE A 61 -14.24 5.61 8.25
CA PHE A 61 -15.35 5.37 7.34
C PHE A 61 -15.04 4.22 6.38
N PHE A 62 -13.81 4.20 5.89
CA PHE A 62 -13.37 3.17 4.96
C PHE A 62 -13.65 1.77 5.53
N SER A 63 -13.18 1.54 6.75
CA SER A 63 -13.37 0.24 7.40
C SER A 63 -14.84 -0.17 7.35
N SER A 64 -15.73 0.76 7.67
CA SER A 64 -17.16 0.48 7.67
C SER A 64 -17.59 -0.13 6.34
N PHE A 65 -16.98 0.35 5.26
CA PHE A 65 -17.30 -0.15 3.93
C PHE A 65 -16.64 -1.49 3.66
N CYS A 66 -15.40 -1.63 4.11
CA CYS A 66 -14.65 -2.87 3.93
C CYS A 66 -15.45 -4.06 4.43
N GLU A 67 -16.42 -3.80 5.31
CA GLU A 67 -17.25 -4.85 5.87
C GLU A 67 -18.72 -4.58 5.57
N SER A 68 -19.00 -3.92 4.46
CA SER A 68 -20.36 -3.60 4.07
C SER A 68 -20.71 -4.26 2.74
N ARG A 69 -20.08 -3.79 1.67
CA ARG A 69 -20.34 -4.33 0.33
C ARG A 69 -19.27 -5.36 -0.04
N GLY A 70 -18.17 -5.37 0.70
CA GLY A 70 -17.09 -6.30 0.43
C GLY A 70 -16.31 -5.94 -0.81
N ASN A 71 -16.58 -4.75 -1.34
CA ASN A 71 -15.88 -4.28 -2.55
C ASN A 71 -14.55 -3.65 -2.18
N ARG A 72 -13.93 -4.12 -1.11
CA ARG A 72 -12.65 -3.60 -0.66
C ARG A 72 -11.80 -3.15 -1.86
N LEU A 73 -11.93 -3.87 -2.97
CA LEU A 73 -11.18 -3.55 -4.18
C LEU A 73 -11.81 -2.38 -4.92
N GLU A 74 -13.12 -2.48 -5.17
CA GLU A 74 -13.85 -1.43 -5.87
C GLU A 74 -13.60 -0.08 -5.23
N LEU A 75 -13.39 -0.07 -3.92
CA LEU A 75 -13.14 1.17 -3.19
C LEU A 75 -11.69 1.62 -3.37
N VAL A 76 -10.77 0.65 -3.42
CA VAL A 76 -9.36 0.94 -3.59
C VAL A 76 -9.11 1.68 -4.90
N LYS A 77 -9.72 1.18 -5.97
CA LYS A 77 -9.56 1.79 -7.28
C LYS A 77 -10.31 3.11 -7.37
N GLN A 78 -11.53 3.13 -6.85
CA GLN A 78 -12.35 4.34 -6.87
C GLN A 78 -11.61 5.50 -6.22
N MET A 79 -11.08 5.27 -5.03
CA MET A 79 -10.35 6.29 -4.29
C MET A 79 -9.18 6.82 -5.12
N ALA A 80 -8.31 5.91 -5.56
CA ALA A 80 -7.15 6.28 -6.35
C ALA A 80 -7.56 7.16 -7.54
N ASP A 81 -8.82 7.07 -7.93
CA ASP A 81 -9.34 7.84 -9.05
C ASP A 81 -9.73 9.25 -8.59
N LYS A 82 -10.13 9.37 -7.34
CA LYS A 82 -10.53 10.66 -6.78
C LYS A 82 -9.31 11.47 -6.35
N LEU A 83 -8.41 10.84 -5.61
CA LEU A 83 -7.19 11.50 -5.15
C LEU A 83 -6.13 11.53 -6.25
N LEU A 84 -5.76 10.36 -6.74
CA LEU A 84 -4.75 10.25 -7.79
C LEU A 84 -5.41 10.28 -9.17
N SER A 85 -4.65 10.72 -10.16
CA SER A 85 -5.15 10.80 -11.54
C SER A 85 -4.01 10.98 -12.53
N LYS A 86 -4.36 11.24 -13.78
CA LYS A 86 -3.37 11.44 -14.83
C LYS A 86 -3.17 12.93 -15.13
N ASP A 87 -4.28 13.65 -15.21
CA ASP A 87 -4.23 15.09 -15.50
C ASP A 87 -4.27 15.88 -14.20
N GLN A 88 -4.55 15.21 -13.10
CA GLN A 88 -4.62 15.86 -11.79
C GLN A 88 -3.24 15.92 -11.14
N ASP A 89 -2.83 17.11 -10.72
CA ASP A 89 -1.54 17.30 -10.08
C ASP A 89 -1.47 16.54 -8.76
N PHE A 90 -1.34 15.21 -8.85
CA PHE A 90 -1.26 14.37 -7.67
C PHE A 90 -0.08 14.76 -6.80
N SER A 91 -0.36 15.09 -5.53
CA SER A 91 0.69 15.49 -4.60
C SER A 91 1.15 14.29 -3.75
N TRP A 92 2.34 14.41 -3.20
CA TRP A 92 2.89 13.34 -2.36
C TRP A 92 1.88 12.88 -1.32
N SER A 93 1.11 13.83 -0.80
CA SER A 93 0.10 13.52 0.22
C SER A 93 -0.88 12.46 -0.31
N GLN A 94 -1.22 12.55 -1.58
CA GLN A 94 -2.14 11.60 -2.20
C GLN A 94 -1.51 10.22 -2.30
N LEU A 95 -0.25 10.18 -2.75
CA LEU A 95 0.46 8.91 -2.92
C LEU A 95 0.35 8.07 -1.65
N VAL A 96 0.74 8.64 -0.51
CA VAL A 96 0.67 7.94 0.75
C VAL A 96 -0.77 7.69 1.18
N MET A 97 -1.66 8.60 0.78
CA MET A 97 -3.08 8.48 1.11
C MET A 97 -3.66 7.18 0.54
N LEU A 98 -3.35 6.91 -0.72
CA LEU A 98 -3.84 5.70 -1.37
C LEU A 98 -3.29 4.45 -0.71
N LEU A 99 -2.05 4.52 -0.25
CA LEU A 99 -1.40 3.40 0.41
C LEU A 99 -2.13 3.02 1.70
N ALA A 100 -2.53 4.04 2.46
CA ALA A 100 -3.24 3.82 3.72
C ALA A 100 -4.61 3.18 3.46
N PHE A 101 -5.44 3.85 2.68
CA PHE A 101 -6.76 3.35 2.36
C PHE A 101 -6.70 1.87 1.98
N ALA A 102 -5.95 1.56 0.93
CA ALA A 102 -5.81 0.19 0.46
C ALA A 102 -5.68 -0.78 1.63
N GLY A 103 -4.62 -0.61 2.43
CA GLY A 103 -4.40 -1.47 3.57
C GLY A 103 -5.63 -1.59 4.45
N THR A 104 -6.42 -0.52 4.52
CA THR A 104 -7.62 -0.51 5.33
C THR A 104 -8.70 -1.41 4.75
N LEU A 105 -8.60 -1.66 3.45
CA LEU A 105 -9.56 -2.52 2.76
C LEU A 105 -9.17 -3.99 2.88
N MET A 106 -7.88 -4.27 2.78
CA MET A 106 -7.38 -5.63 2.89
C MET A 106 -8.25 -6.46 3.83
N ASN A 107 -9.05 -7.35 3.25
CA ASN A 107 -9.93 -8.20 4.05
C ASN A 107 -9.14 -9.26 4.80
N GLN A 108 -9.66 -9.68 5.95
CA GLN A 108 -9.00 -10.69 6.76
C GLN A 108 -10.03 -11.56 7.48
N GLY A 109 -9.94 -12.87 7.24
CA GLY A 109 -10.86 -13.80 7.86
C GLY A 109 -10.24 -15.15 8.13
N PRO A 110 -8.97 -15.14 8.59
CA PRO A 110 -8.22 -16.36 8.90
C PRO A 110 -8.77 -17.08 10.13
N TYR A 111 -7.97 -17.98 10.68
CA TYR A 111 -8.37 -18.74 11.86
C TYR A 111 -7.47 -18.42 13.05
N MET A 112 -6.38 -17.71 12.77
CA MET A 112 -5.43 -17.34 13.82
C MET A 112 -6.15 -17.04 15.13
N ALA A 113 -6.22 -18.04 16.00
CA ALA A 113 -6.89 -17.88 17.30
C ALA A 113 -5.92 -17.34 18.34
N VAL A 114 -5.50 -18.20 19.26
CA VAL A 114 -4.57 -17.81 20.31
C VAL A 114 -3.29 -18.65 20.27
N LYS A 115 -3.45 -19.96 20.31
CA LYS A 115 -2.31 -20.87 20.26
C LYS A 115 -2.24 -21.59 18.93
N GLN A 116 -1.75 -20.90 17.91
CA GLN A 116 -1.63 -21.48 16.57
C GLN A 116 -0.17 -21.77 16.23
N LYS A 117 0.06 -22.33 15.05
CA LYS A 117 1.41 -22.68 14.61
C LYS A 117 2.13 -21.44 14.10
N ARG A 118 3.31 -21.64 13.51
CA ARG A 118 4.11 -20.54 12.99
C ARG A 118 4.78 -20.95 11.67
N ASP A 119 4.04 -21.66 10.84
CA ASP A 119 4.57 -22.11 9.55
C ASP A 119 3.55 -21.89 8.44
N LEU A 120 2.40 -21.32 8.80
CA LEU A 120 1.35 -21.04 7.83
C LEU A 120 1.40 -19.60 7.36
N GLY A 121 1.40 -18.67 8.31
CA GLY A 121 1.44 -17.25 7.97
C GLY A 121 0.30 -16.84 7.07
N ASN A 122 -0.70 -16.18 7.64
CA ASN A 122 -1.86 -15.73 6.88
C ASN A 122 -1.44 -15.25 5.50
N ARG A 123 -1.83 -15.99 4.47
CA ARG A 123 -1.49 -15.64 3.10
C ARG A 123 -2.51 -16.21 2.12
N VAL A 124 -3.65 -16.65 2.65
CA VAL A 124 -4.71 -17.21 1.83
C VAL A 124 -5.52 -16.12 1.13
N ILE A 125 -6.27 -15.35 1.91
CA ILE A 125 -7.07 -14.26 1.36
C ILE A 125 -6.25 -12.98 1.21
N VAL A 126 -5.29 -12.80 2.10
CA VAL A 126 -4.42 -11.62 2.08
C VAL A 126 -3.60 -11.58 0.79
N THR A 127 -3.06 -12.74 0.41
CA THR A 127 -2.25 -12.83 -0.80
C THR A 127 -3.07 -12.51 -2.05
N ARG A 128 -4.29 -13.04 -2.10
CA ARG A 128 -5.18 -12.81 -3.23
C ARG A 128 -5.75 -11.39 -3.20
N ASP A 129 -6.08 -10.93 -2.00
CA ASP A 129 -6.64 -9.59 -1.82
C ASP A 129 -5.57 -8.52 -2.06
N CYS A 130 -4.34 -8.83 -1.66
CA CYS A 130 -3.24 -7.90 -1.81
C CYS A 130 -2.85 -7.76 -3.29
N CYS A 131 -2.84 -8.88 -3.99
CA CYS A 131 -2.48 -8.89 -5.40
C CYS A 131 -3.44 -8.03 -6.22
N LEU A 132 -4.72 -8.09 -5.86
CA LEU A 132 -5.75 -7.33 -6.57
C LEU A 132 -5.69 -5.86 -6.15
N ILE A 133 -5.77 -5.61 -4.86
CA ILE A 133 -5.73 -4.24 -4.33
C ILE A 133 -4.41 -3.55 -4.69
N VAL A 134 -3.31 -4.26 -4.46
CA VAL A 134 -1.99 -3.71 -4.77
C VAL A 134 -1.80 -3.53 -6.27
N ASN A 135 -2.42 -4.42 -7.05
CA ASN A 135 -2.32 -4.36 -8.51
C ASN A 135 -2.84 -3.02 -9.03
N PHE A 136 -4.05 -2.66 -8.62
CA PHE A 136 -4.67 -1.41 -9.06
C PHE A 136 -3.79 -0.22 -8.66
N LEU A 137 -3.50 -0.11 -7.37
CA LEU A 137 -2.68 0.98 -6.86
C LEU A 137 -1.31 1.01 -7.54
N TYR A 138 -0.61 -0.12 -7.49
CA TYR A 138 0.71 -0.23 -8.11
C TYR A 138 0.71 0.38 -9.50
N ASN A 139 -0.21 -0.08 -10.34
CA ASN A 139 -0.32 0.43 -11.71
C ASN A 139 -0.80 1.86 -11.72
N LEU A 140 -1.55 2.24 -10.69
CA LEU A 140 -2.06 3.61 -10.58
C LEU A 140 -0.94 4.63 -10.62
N LEU A 141 0.08 4.41 -9.79
CA LEU A 141 1.22 5.31 -9.74
C LEU A 141 2.36 4.81 -10.61
N MET A 142 2.32 3.52 -10.94
CA MET A 142 3.35 2.90 -11.78
C MET A 142 3.02 3.08 -13.26
N GLY A 143 2.24 4.12 -13.57
CA GLY A 143 1.87 4.38 -14.94
C GLY A 143 2.94 5.15 -15.69
N ARG A 144 2.88 5.12 -17.02
CA ARG A 144 3.84 5.82 -17.85
C ARG A 144 3.97 7.28 -17.43
N ARG A 145 2.84 7.98 -17.39
CA ARG A 145 2.83 9.39 -17.00
C ARG A 145 2.92 9.53 -15.49
N HIS A 146 2.15 8.72 -14.78
CA HIS A 146 2.14 8.75 -13.31
C HIS A 146 3.55 8.56 -12.76
N ARG A 147 4.14 7.42 -13.04
CA ARG A 147 5.48 7.10 -12.57
C ARG A 147 6.47 8.20 -12.97
N ALA A 148 6.39 8.63 -14.23
CA ALA A 148 7.28 9.66 -14.74
C ALA A 148 7.29 10.87 -13.81
N ARG A 149 6.11 11.26 -13.33
CA ARG A 149 5.99 12.40 -12.43
C ARG A 149 6.43 12.03 -11.02
N LEU A 150 5.95 10.89 -10.53
CA LEU A 150 6.30 10.42 -9.20
C LEU A 150 7.79 10.60 -8.93
N GLU A 151 8.61 10.20 -9.91
CA GLU A 151 10.06 10.31 -9.78
C GLU A 151 10.52 11.73 -10.09
N ALA A 152 9.80 12.41 -10.97
CA ALA A 152 10.14 13.78 -11.35
C ALA A 152 10.07 14.72 -10.15
N LEU A 153 9.46 14.24 -9.06
CA LEU A 153 9.33 15.03 -7.85
C LEU A 153 10.21 14.49 -6.74
N GLY A 154 11.21 13.70 -7.12
CA GLY A 154 12.12 13.11 -6.15
C GLY A 154 11.86 11.64 -5.91
N GLY A 155 10.82 11.11 -6.57
CA GLY A 155 10.49 9.71 -6.41
C GLY A 155 10.38 9.30 -4.95
N TRP A 156 10.15 8.02 -4.72
CA TRP A 156 10.02 7.49 -3.36
C TRP A 156 11.04 8.15 -2.44
N ASP A 157 12.14 8.63 -3.01
CA ASP A 157 13.19 9.28 -2.23
C ASP A 157 12.70 10.60 -1.67
N GLY A 158 12.08 11.41 -2.53
CA GLY A 158 11.57 12.70 -2.09
C GLY A 158 10.49 12.58 -1.04
N PHE A 159 9.74 11.49 -1.09
CA PHE A 159 8.67 11.26 -0.13
C PHE A 159 9.23 11.00 1.27
N CYS A 160 10.04 9.96 1.40
CA CYS A 160 10.64 9.62 2.67
C CYS A 160 11.32 10.83 3.30
N ARG A 161 12.01 11.61 2.47
CA ARG A 161 12.71 12.80 2.95
C ARG A 161 11.73 13.96 3.14
N PHE A 162 10.62 13.92 2.43
CA PHE A 162 9.61 14.97 2.53
C PHE A 162 8.82 14.85 3.83
N PHE A 163 8.47 13.61 4.19
CA PHE A 163 7.72 13.37 5.42
C PHE A 163 8.66 13.20 6.61
N LYS A 164 9.96 13.22 6.33
CA LYS A 164 10.96 13.08 7.38
C LYS A 164 10.67 11.84 8.24
N ASN A 165 10.94 10.66 7.69
CA ASN A 165 10.71 9.41 8.41
C ASN A 165 11.31 9.48 9.80
N PRO A 166 10.91 8.52 10.66
CA PRO A 166 11.39 8.43 12.04
C PRO A 166 12.86 8.03 12.12
N LEU A 167 13.21 6.95 11.43
CA LEU A 167 14.59 6.47 11.42
C LEU A 167 15.31 6.92 10.16
N PRO A 168 16.31 7.80 10.33
CA PRO A 168 17.12 8.32 9.23
C PRO A 168 18.02 7.26 8.61
N LEU A 169 18.77 6.57 9.46
CA LEU A 169 19.68 5.52 8.99
C LEU A 169 18.91 4.32 8.48
N GLY A 170 19.64 3.32 7.97
CA GLY A 170 19.02 2.11 7.45
C GLY A 170 18.05 1.52 8.47
N GLY A 1 21.51 5.95 3.63
CA GLY A 1 22.47 5.58 2.60
C GLY A 1 21.90 5.90 1.23
N PRO A 2 21.64 7.19 0.97
CA PRO A 2 21.09 7.64 -0.31
C PRO A 2 22.10 7.53 -1.45
N LEU A 3 22.86 8.59 -1.67
CA LEU A 3 23.88 8.61 -2.72
C LEU A 3 23.24 8.30 -4.08
N GLY A 4 22.06 8.85 -4.30
CA GLY A 4 21.37 8.63 -5.57
C GLY A 4 21.13 7.15 -5.84
N SER A 5 20.76 6.84 -7.08
CA SER A 5 20.50 5.45 -7.47
C SER A 5 21.78 4.77 -7.92
N MET A 6 21.73 3.44 -8.01
CA MET A 6 22.88 2.66 -8.43
C MET A 6 22.89 2.45 -9.94
N ALA A 7 21.78 1.93 -10.46
CA ALA A 7 21.66 1.69 -11.89
C ALA A 7 20.87 2.80 -12.58
N ASP A 8 20.73 2.71 -13.90
CA ASP A 8 20.00 3.70 -14.66
C ASP A 8 18.85 3.06 -15.44
N SER A 9 19.19 2.40 -16.54
CA SER A 9 18.18 1.74 -17.37
C SER A 9 17.49 0.61 -16.59
N GLN A 10 18.17 0.09 -15.59
CA GLN A 10 17.62 -0.99 -14.77
C GLN A 10 17.08 -0.45 -13.46
N ASP A 11 16.21 0.55 -13.55
CA ASP A 11 15.61 1.15 -12.36
C ASP A 11 14.98 0.08 -11.46
N PRO A 12 15.63 -0.19 -10.32
CA PRO A 12 15.15 -1.19 -9.36
C PRO A 12 13.89 -0.75 -8.65
N LEU A 13 13.35 0.40 -9.05
CA LEU A 13 12.13 0.93 -8.45
C LEU A 13 10.94 0.02 -8.72
N HIS A 14 11.02 -0.75 -9.81
CA HIS A 14 9.96 -1.68 -10.16
C HIS A 14 9.53 -2.51 -8.97
N GLU A 15 10.29 -3.57 -8.69
CA GLU A 15 9.99 -4.45 -7.57
C GLU A 15 10.01 -3.68 -6.25
N ARG A 16 10.53 -2.46 -6.29
CA ARG A 16 10.61 -1.62 -5.10
C ARG A 16 9.21 -1.15 -4.68
N THR A 17 8.41 -0.77 -5.66
CA THR A 17 7.05 -0.30 -5.40
C THR A 17 6.12 -1.45 -5.07
N ARG A 18 6.17 -2.51 -5.87
CA ARG A 18 5.33 -3.67 -5.65
C ARG A 18 5.54 -4.24 -4.25
N ARG A 19 6.80 -4.47 -3.89
CA ARG A 19 7.13 -5.01 -2.58
C ARG A 19 6.67 -4.07 -1.46
N LEU A 20 6.96 -2.78 -1.63
CA LEU A 20 6.58 -1.78 -0.64
C LEU A 20 5.07 -1.77 -0.43
N LEU A 21 4.32 -1.67 -1.53
CA LEU A 21 2.87 -1.65 -1.47
C LEU A 21 2.34 -2.93 -0.83
N SER A 22 2.78 -4.07 -1.37
CA SER A 22 2.34 -5.36 -0.86
C SER A 22 2.75 -5.55 0.60
N ASP A 23 3.91 -5.00 0.95
CA ASP A 23 4.42 -5.10 2.31
C ASP A 23 3.45 -4.47 3.30
N TYR A 24 2.78 -3.40 2.87
CA TYR A 24 1.83 -2.70 3.71
C TYR A 24 0.53 -3.50 3.84
N ILE A 25 0.20 -4.25 2.81
CA ILE A 25 -1.01 -5.07 2.80
C ILE A 25 -0.98 -6.12 3.91
N PHE A 26 0.14 -6.82 4.01
CA PHE A 26 0.30 -7.85 5.03
C PHE A 26 0.28 -7.25 6.43
N PHE A 27 1.09 -6.19 6.62
CA PHE A 27 1.17 -5.52 7.91
C PHE A 27 -0.21 -5.06 8.37
N CYS A 28 -1.07 -4.77 7.41
CA CYS A 28 -2.44 -4.31 7.72
C CYS A 28 -3.36 -5.50 7.94
N ALA A 29 -2.92 -6.68 7.53
CA ALA A 29 -3.71 -7.89 7.69
C ALA A 29 -3.58 -8.47 9.10
N ARG A 30 -3.09 -7.65 10.02
CA ARG A 30 -2.91 -8.07 11.41
C ARG A 30 -3.74 -7.21 12.36
N GLU A 31 -4.75 -7.82 12.97
CA GLU A 31 -5.62 -7.12 13.91
C GLU A 31 -4.82 -6.13 14.75
N PRO A 32 -5.51 -5.07 15.23
CA PRO A 32 -4.89 -4.03 16.05
C PRO A 32 -4.51 -4.55 17.44
N ASP A 33 -5.01 -5.72 17.79
CA ASP A 33 -4.71 -6.33 19.08
C ASP A 33 -3.44 -7.15 19.03
N THR A 34 -2.75 -7.08 17.89
CA THR A 34 -1.51 -7.82 17.71
C THR A 34 -0.46 -6.97 16.99
N PRO A 35 0.80 -7.09 17.42
CA PRO A 35 1.92 -6.34 16.83
C PRO A 35 2.25 -6.81 15.42
N GLU A 36 2.50 -5.85 14.53
CA GLU A 36 2.82 -6.18 13.14
C GLU A 36 4.34 -6.19 12.93
N PRO A 37 4.77 -6.81 11.82
CA PRO A 37 6.19 -6.91 11.48
C PRO A 37 6.79 -5.56 11.08
N PRO A 38 8.13 -5.51 11.01
CA PRO A 38 8.86 -4.30 10.64
C PRO A 38 8.65 -3.92 9.18
N PRO A 39 9.11 -2.71 8.81
CA PRO A 39 8.99 -2.21 7.44
C PRO A 39 9.89 -2.96 6.46
N THR A 40 9.64 -2.78 5.17
CA THR A 40 10.43 -3.43 4.14
C THR A 40 11.56 -2.53 3.65
N SER A 41 11.32 -1.22 3.66
CA SER A 41 12.31 -0.25 3.21
C SER A 41 11.98 1.14 3.75
N VAL A 42 12.79 2.12 3.35
CA VAL A 42 12.59 3.50 3.79
C VAL A 42 11.18 3.98 3.47
N GLU A 43 10.75 3.73 2.23
CA GLU A 43 9.42 4.15 1.79
C GLU A 43 8.33 3.45 2.60
N ALA A 44 8.63 2.21 3.02
CA ALA A 44 7.68 1.43 3.81
C ALA A 44 7.55 1.99 5.22
N ALA A 45 8.64 2.53 5.76
CA ALA A 45 8.65 3.10 7.10
C ALA A 45 7.87 4.41 7.14
N LEU A 46 8.03 5.22 6.10
CA LEU A 46 7.33 6.50 6.02
C LEU A 46 5.83 6.31 6.13
N LEU A 47 5.27 5.49 5.25
CA LEU A 47 3.83 5.22 5.26
C LEU A 47 3.36 4.80 6.65
N ARG A 48 4.09 3.86 7.25
CA ARG A 48 3.75 3.37 8.58
C ARG A 48 3.60 4.53 9.57
N SER A 49 4.30 5.63 9.29
CA SER A 49 4.27 6.80 10.16
C SER A 49 3.17 7.76 9.71
N VAL A 50 3.10 8.00 8.40
CA VAL A 50 2.10 8.90 7.84
C VAL A 50 0.83 8.15 7.46
N THR A 51 0.99 7.11 6.64
CA THR A 51 -0.14 6.31 6.19
C THR A 51 -1.00 5.86 7.37
N ARG A 52 -0.34 5.56 8.49
CA ARG A 52 -1.04 5.11 9.68
C ARG A 52 -2.02 6.18 10.16
N GLN A 53 -1.67 7.45 9.95
CA GLN A 53 -2.52 8.55 10.37
C GLN A 53 -3.66 8.76 9.38
N ILE A 54 -3.40 8.49 8.12
CA ILE A 54 -4.40 8.64 7.07
C ILE A 54 -5.58 7.70 7.31
N GLN A 55 -5.29 6.52 7.84
CA GLN A 55 -6.33 5.53 8.12
C GLN A 55 -7.02 5.84 9.44
N GLN A 56 -6.26 5.79 10.53
CA GLN A 56 -6.82 6.06 11.85
C GLN A 56 -7.72 7.29 11.84
N GLU A 57 -7.53 8.12 10.83
CA GLU A 57 -8.33 9.34 10.69
C GLU A 57 -9.49 9.13 9.73
N HIS A 58 -9.21 8.47 8.61
CA HIS A 58 -10.23 8.19 7.61
C HIS A 58 -10.73 6.75 7.70
N GLN A 59 -9.79 5.83 7.87
CA GLN A 59 -10.13 4.41 7.98
C GLN A 59 -11.49 4.22 8.64
N GLU A 60 -11.84 5.13 9.54
CA GLU A 60 -13.11 5.06 10.24
C GLU A 60 -14.26 4.86 9.26
N PHE A 61 -14.27 5.64 8.18
CA PHE A 61 -15.31 5.55 7.17
C PHE A 61 -14.96 4.48 6.13
N PHE A 62 -13.70 4.45 5.72
CA PHE A 62 -13.24 3.48 4.74
C PHE A 62 -13.61 2.06 5.16
N SER A 63 -13.07 1.63 6.29
CA SER A 63 -13.34 0.29 6.79
C SER A 63 -14.82 0.10 7.07
N SER A 64 -15.46 1.12 7.63
CA SER A 64 -16.87 1.07 7.95
C SER A 64 -17.69 0.63 6.73
N PHE A 65 -17.30 1.12 5.56
CA PHE A 65 -17.98 0.79 4.32
C PHE A 65 -17.46 -0.53 3.75
N CYS A 66 -16.14 -0.66 3.74
CA CYS A 66 -15.51 -1.88 3.21
C CYS A 66 -16.27 -3.11 3.65
N GLU A 67 -16.66 -3.15 4.93
CA GLU A 67 -17.39 -4.29 5.47
C GLU A 67 -18.88 -4.16 5.19
N SER A 68 -19.21 -3.57 4.04
CA SER A 68 -20.61 -3.39 3.66
C SER A 68 -20.98 -4.29 2.49
N ARG A 69 -20.26 -4.13 1.38
CA ARG A 69 -20.52 -4.92 0.19
C ARG A 69 -19.45 -6.00 0.01
N GLY A 70 -18.21 -5.66 0.38
CA GLY A 70 -17.11 -6.60 0.26
C GLY A 70 -16.23 -6.30 -0.94
N ASN A 71 -16.53 -5.21 -1.64
CA ASN A 71 -15.75 -4.83 -2.80
C ASN A 71 -14.49 -4.05 -2.39
N ARG A 72 -13.96 -4.41 -1.23
CA ARG A 72 -12.76 -3.75 -0.71
C ARG A 72 -11.85 -3.30 -1.86
N LEU A 73 -11.81 -4.10 -2.92
CA LEU A 73 -10.98 -3.79 -4.08
C LEU A 73 -11.57 -2.63 -4.87
N GLU A 74 -12.85 -2.73 -5.20
CA GLU A 74 -13.53 -1.69 -5.95
C GLU A 74 -13.39 -0.34 -5.26
N LEU A 75 -13.31 -0.37 -3.93
CA LEU A 75 -13.18 0.85 -3.15
C LEU A 75 -11.77 1.42 -3.25
N VAL A 76 -10.79 0.53 -3.40
CA VAL A 76 -9.39 0.94 -3.51
C VAL A 76 -9.16 1.74 -4.80
N LYS A 77 -9.70 1.23 -5.90
CA LYS A 77 -9.55 1.89 -7.19
C LYS A 77 -10.38 3.17 -7.25
N GLN A 78 -11.60 3.11 -6.71
CA GLN A 78 -12.49 4.26 -6.70
C GLN A 78 -11.81 5.47 -6.07
N MET A 79 -11.20 5.26 -4.91
CA MET A 79 -10.51 6.34 -4.20
C MET A 79 -9.44 6.96 -5.08
N ALA A 80 -8.53 6.12 -5.57
CA ALA A 80 -7.44 6.60 -6.42
C ALA A 80 -7.98 7.44 -7.58
N ASP A 81 -9.25 7.25 -7.90
CA ASP A 81 -9.89 8.00 -8.99
C ASP A 81 -10.28 9.39 -8.52
N LYS A 82 -10.61 9.51 -7.24
CA LYS A 82 -11.02 10.79 -6.67
C LYS A 82 -9.80 11.64 -6.31
N LEU A 83 -8.84 11.02 -5.63
CA LEU A 83 -7.61 11.72 -5.23
C LEU A 83 -6.62 11.76 -6.39
N LEU A 84 -6.16 10.58 -6.81
CA LEU A 84 -5.20 10.48 -7.90
C LEU A 84 -5.90 10.59 -9.25
N SER A 85 -5.15 11.02 -10.27
CA SER A 85 -5.70 11.15 -11.62
C SER A 85 -4.59 11.22 -12.65
N LYS A 86 -4.96 11.54 -13.89
CA LYS A 86 -3.99 11.62 -14.98
C LYS A 86 -3.63 13.08 -15.27
N ASP A 87 -4.65 13.93 -15.38
CA ASP A 87 -4.44 15.34 -15.65
C ASP A 87 -4.44 16.15 -14.36
N GLN A 88 -4.36 15.45 -13.23
CA GLN A 88 -4.34 16.10 -11.93
C GLN A 88 -2.93 16.12 -11.34
N ASP A 89 -2.56 17.25 -10.75
CA ASP A 89 -1.25 17.40 -10.15
C ASP A 89 -1.15 16.64 -8.84
N PHE A 90 -1.38 15.34 -8.89
CA PHE A 90 -1.33 14.49 -7.71
C PHE A 90 -0.10 14.83 -6.85
N SER A 91 -0.34 15.07 -5.56
CA SER A 91 0.73 15.40 -4.64
C SER A 91 1.17 14.18 -3.83
N TRP A 92 2.34 14.27 -3.22
CA TRP A 92 2.87 13.18 -2.42
C TRP A 92 1.86 12.73 -1.37
N SER A 93 1.04 13.68 -0.91
CA SER A 93 0.02 13.38 0.11
C SER A 93 -0.99 12.37 -0.43
N GLN A 94 -1.23 12.42 -1.73
CA GLN A 94 -2.19 11.52 -2.36
C GLN A 94 -1.60 10.12 -2.50
N LEU A 95 -0.32 10.05 -2.85
CA LEU A 95 0.37 8.77 -3.01
C LEU A 95 0.30 7.95 -1.73
N VAL A 96 0.77 8.54 -0.64
CA VAL A 96 0.76 7.87 0.66
C VAL A 96 -0.66 7.53 1.10
N MET A 97 -1.61 8.37 0.71
CA MET A 97 -3.01 8.16 1.06
C MET A 97 -3.51 6.83 0.53
N LEU A 98 -3.18 6.53 -0.72
CA LEU A 98 -3.60 5.28 -1.35
C LEU A 98 -3.07 4.07 -0.57
N LEU A 99 -1.78 4.11 -0.25
CA LEU A 99 -1.15 3.03 0.49
C LEU A 99 -1.93 2.73 1.78
N ALA A 100 -2.28 3.78 2.51
CA ALA A 100 -3.03 3.63 3.75
C ALA A 100 -4.39 3.00 3.49
N PHE A 101 -5.19 3.66 2.65
CA PHE A 101 -6.52 3.17 2.32
C PHE A 101 -6.50 1.68 1.99
N ALA A 102 -5.73 1.32 0.96
CA ALA A 102 -5.61 -0.07 0.54
C ALA A 102 -5.55 -1.00 1.75
N GLY A 103 -4.56 -0.79 2.61
CA GLY A 103 -4.41 -1.62 3.78
C GLY A 103 -5.61 -1.56 4.70
N THR A 104 -6.37 -0.47 4.61
CA THR A 104 -7.55 -0.29 5.43
C THR A 104 -8.70 -1.17 4.96
N LEU A 105 -8.64 -1.56 3.68
CA LEU A 105 -9.68 -2.41 3.10
C LEU A 105 -9.35 -3.89 3.31
N MET A 106 -8.18 -4.30 2.83
CA MET A 106 -7.74 -5.68 2.96
C MET A 106 -8.29 -6.31 4.23
N ASN A 107 -9.24 -7.22 4.07
CA ASN A 107 -9.86 -7.90 5.20
C ASN A 107 -9.14 -9.19 5.52
N GLN A 108 -9.30 -9.67 6.75
CA GLN A 108 -8.66 -10.92 7.19
C GLN A 108 -9.63 -11.77 8.00
N GLY A 109 -9.92 -12.97 7.50
CA GLY A 109 -10.83 -13.86 8.20
C GLY A 109 -10.52 -15.33 7.93
N PRO A 110 -9.23 -15.67 7.95
CA PRO A 110 -8.78 -17.05 7.72
C PRO A 110 -9.17 -18.00 8.84
N TYR A 111 -8.52 -19.15 8.89
CA TYR A 111 -8.80 -20.15 9.92
C TYR A 111 -7.98 -19.88 11.18
N MET A 112 -6.93 -19.07 11.03
CA MET A 112 -6.07 -18.73 12.15
C MET A 112 -6.87 -18.60 13.45
N ALA A 113 -6.97 -19.69 14.19
CA ALA A 113 -7.70 -19.68 15.45
C ALA A 113 -6.76 -19.71 16.65
N VAL A 114 -7.24 -20.26 17.76
CA VAL A 114 -6.43 -20.35 18.97
C VAL A 114 -5.22 -21.26 18.76
N LYS A 115 -5.44 -22.57 18.93
CA LYS A 115 -4.37 -23.55 18.76
C LYS A 115 -4.00 -23.70 17.28
N GLN A 116 -2.97 -22.96 16.87
CA GLN A 116 -2.52 -23.02 15.48
C GLN A 116 -1.00 -22.96 15.41
N LYS A 117 -0.49 -22.65 14.22
CA LYS A 117 0.96 -22.56 14.01
C LYS A 117 1.28 -21.97 12.65
N ARG A 118 2.41 -21.26 12.56
CA ARG A 118 2.82 -20.64 11.32
C ARG A 118 3.28 -21.69 10.31
N ASP A 119 2.33 -22.25 9.58
CA ASP A 119 2.63 -23.27 8.58
C ASP A 119 2.29 -22.78 7.17
N LEU A 120 1.05 -22.32 7.00
CA LEU A 120 0.60 -21.81 5.70
C LEU A 120 0.58 -20.29 5.69
N GLY A 121 0.55 -19.69 6.88
CA GLY A 121 0.53 -18.25 6.98
C GLY A 121 -0.63 -17.63 6.22
N ASN A 122 -1.56 -17.01 6.95
CA ASN A 122 -2.73 -16.39 6.35
C ASN A 122 -2.38 -15.83 4.96
N ARG A 123 -2.94 -16.45 3.93
CA ARG A 123 -2.68 -16.01 2.56
C ARG A 123 -3.84 -16.41 1.64
N VAL A 124 -4.99 -16.68 2.23
CA VAL A 124 -6.17 -17.08 1.47
C VAL A 124 -6.83 -15.88 0.82
N ILE A 125 -7.41 -15.01 1.64
CA ILE A 125 -8.07 -13.80 1.13
C ILE A 125 -7.08 -12.67 0.94
N VAL A 126 -6.08 -12.61 1.82
CA VAL A 126 -5.06 -11.58 1.75
C VAL A 126 -4.29 -11.64 0.43
N THR A 127 -3.95 -12.86 0.00
CA THR A 127 -3.22 -13.06 -1.23
C THR A 127 -4.04 -12.60 -2.44
N ARG A 128 -5.33 -12.95 -2.44
CA ARG A 128 -6.22 -12.59 -3.53
C ARG A 128 -6.59 -11.11 -3.45
N ASP A 129 -6.73 -10.61 -2.23
CA ASP A 129 -7.09 -9.21 -2.01
C ASP A 129 -5.89 -8.30 -2.27
N CYS A 130 -4.70 -8.79 -1.95
CA CYS A 130 -3.47 -8.03 -2.14
C CYS A 130 -3.15 -7.89 -3.62
N CYS A 131 -3.26 -9.00 -4.35
CA CYS A 131 -2.98 -9.01 -5.78
C CYS A 131 -3.88 -8.02 -6.53
N LEU A 132 -5.15 -7.99 -6.15
CA LEU A 132 -6.11 -7.09 -6.78
C LEU A 132 -5.93 -5.66 -6.29
N ILE A 133 -5.98 -5.48 -4.98
CA ILE A 133 -5.82 -4.16 -4.38
C ILE A 133 -4.48 -3.55 -4.77
N VAL A 134 -3.42 -4.33 -4.61
CA VAL A 134 -2.08 -3.86 -4.95
C VAL A 134 -1.92 -3.68 -6.45
N ASN A 135 -2.60 -4.51 -7.22
CA ASN A 135 -2.54 -4.44 -8.68
C ASN A 135 -2.99 -3.06 -9.17
N PHE A 136 -4.00 -2.52 -8.52
CA PHE A 136 -4.54 -1.21 -8.89
C PHE A 136 -3.60 -0.09 -8.44
N LEU A 137 -3.25 -0.10 -7.16
CA LEU A 137 -2.35 0.91 -6.62
C LEU A 137 -0.97 0.84 -7.27
N TYR A 138 -0.36 -0.34 -7.22
CA TYR A 138 0.95 -0.55 -7.80
C TYR A 138 1.01 0.00 -9.23
N ASN A 139 -0.01 -0.32 -10.01
CA ASN A 139 -0.09 0.14 -11.39
C ASN A 139 -0.51 1.61 -11.47
N LEU A 140 -1.28 2.05 -10.47
CA LEU A 140 -1.75 3.42 -10.42
C LEU A 140 -0.58 4.40 -10.42
N LEU A 141 0.35 4.20 -9.49
CA LEU A 141 1.52 5.06 -9.39
C LEU A 141 2.60 4.62 -10.36
N MET A 142 2.46 3.42 -10.90
CA MET A 142 3.42 2.88 -11.86
C MET A 142 2.97 3.13 -13.29
N GLY A 143 2.13 4.15 -13.47
CA GLY A 143 1.64 4.47 -14.80
C GLY A 143 2.59 5.37 -15.57
N ARG A 144 2.29 5.60 -16.85
CA ARG A 144 3.12 6.44 -17.70
C ARG A 144 3.27 7.83 -17.09
N ARG A 145 2.15 8.47 -16.79
CA ARG A 145 2.16 9.81 -16.22
C ARG A 145 2.44 9.74 -14.72
N HIS A 146 1.77 8.83 -14.03
CA HIS A 146 1.95 8.66 -12.59
C HIS A 146 3.42 8.42 -12.25
N ARG A 147 4.02 7.45 -12.92
CA ARG A 147 5.43 7.11 -12.69
C ARG A 147 6.34 8.26 -13.13
N ALA A 148 6.14 8.72 -14.36
CA ALA A 148 6.95 9.81 -14.90
C ALA A 148 6.99 10.98 -13.93
N ARG A 149 5.83 11.35 -13.39
CA ARG A 149 5.75 12.47 -12.46
C ARG A 149 6.27 12.06 -11.08
N LEU A 150 5.83 10.89 -10.61
CA LEU A 150 6.26 10.38 -9.31
C LEU A 150 7.75 10.58 -9.10
N GLU A 151 8.54 10.23 -10.11
CA GLU A 151 9.98 10.37 -10.04
C GLU A 151 10.41 11.81 -10.34
N ALA A 152 9.63 12.48 -11.19
CA ALA A 152 9.92 13.86 -11.56
C ALA A 152 9.87 14.78 -10.35
N LEU A 153 9.31 14.29 -9.25
CA LEU A 153 9.21 15.06 -8.02
C LEU A 153 10.13 14.50 -6.94
N GLY A 154 11.18 13.81 -7.37
CA GLY A 154 12.12 13.23 -6.44
C GLY A 154 11.85 11.76 -6.16
N GLY A 155 10.87 11.21 -6.87
CA GLY A 155 10.53 9.81 -6.68
C GLY A 155 10.43 9.43 -5.21
N TRP A 156 10.25 8.14 -4.95
CA TRP A 156 10.13 7.66 -3.57
C TRP A 156 11.08 8.40 -2.65
N ASP A 157 12.34 8.53 -3.05
CA ASP A 157 13.33 9.23 -2.26
C ASP A 157 12.82 10.58 -1.81
N GLY A 158 12.16 11.29 -2.72
CA GLY A 158 11.62 12.60 -2.41
C GLY A 158 10.48 12.54 -1.40
N PHE A 159 9.76 11.42 -1.40
CA PHE A 159 8.65 11.24 -0.47
C PHE A 159 9.14 11.14 0.97
N CYS A 160 9.98 10.14 1.23
CA CYS A 160 10.53 9.94 2.56
C CYS A 160 11.11 11.23 3.12
N ARG A 161 11.74 12.01 2.25
CA ARG A 161 12.35 13.27 2.65
C ARG A 161 11.29 14.36 2.79
N PHE A 162 10.19 14.23 2.05
CA PHE A 162 9.11 15.19 2.08
C PHE A 162 8.31 15.07 3.38
N PHE A 163 8.21 13.84 3.89
CA PHE A 163 7.47 13.59 5.12
C PHE A 163 8.43 13.41 6.30
N LYS A 164 9.72 13.35 6.01
CA LYS A 164 10.73 13.18 7.04
C LYS A 164 10.60 11.82 7.72
N ASN A 165 11.04 10.78 7.04
CA ASN A 165 10.97 9.43 7.58
C ASN A 165 11.53 9.37 9.00
N PRO A 166 10.88 8.58 9.86
CA PRO A 166 11.29 8.43 11.26
C PRO A 166 12.59 7.66 11.40
N LEU A 167 12.84 6.73 10.48
CA LEU A 167 14.05 5.93 10.50
C LEU A 167 15.28 6.82 10.44
N PRO A 168 16.44 6.26 10.84
CA PRO A 168 17.72 6.99 10.83
C PRO A 168 18.22 7.27 9.42
N LEU A 169 18.11 6.28 8.54
CA LEU A 169 18.55 6.42 7.16
C LEU A 169 17.95 7.65 6.52
N GLY A 170 18.14 7.79 5.20
CA GLY A 170 17.61 8.93 4.48
C GLY A 170 18.48 10.16 4.73
N GLY A 1 17.70 -8.48 -6.03
CA GLY A 1 17.00 -9.51 -5.28
C GLY A 1 16.07 -10.30 -6.20
N PRO A 2 16.64 -11.30 -6.89
CA PRO A 2 15.88 -12.15 -7.82
C PRO A 2 14.90 -13.08 -7.09
N LEU A 3 15.28 -13.48 -5.88
CA LEU A 3 14.43 -14.36 -5.08
C LEU A 3 13.78 -13.61 -3.93
N GLY A 4 12.49 -13.33 -4.05
CA GLY A 4 11.77 -12.61 -3.02
C GLY A 4 12.41 -11.28 -2.69
N SER A 5 13.10 -11.22 -1.55
CA SER A 5 13.75 -9.98 -1.13
C SER A 5 15.17 -10.27 -0.64
N MET A 6 16.07 -10.51 -1.59
CA MET A 6 17.47 -10.79 -1.26
C MET A 6 18.29 -9.51 -1.24
N ALA A 7 18.23 -8.75 -2.33
CA ALA A 7 18.97 -7.50 -2.43
C ALA A 7 18.06 -6.36 -2.88
N ASP A 8 18.38 -5.15 -2.45
CA ASP A 8 17.59 -3.97 -2.82
C ASP A 8 18.46 -2.93 -3.50
N SER A 9 19.77 -3.18 -3.55
CA SER A 9 20.71 -2.26 -4.17
C SER A 9 20.93 -2.62 -5.64
N GLN A 10 20.38 -3.76 -6.04
CA GLN A 10 20.52 -4.22 -7.43
C GLN A 10 19.15 -4.38 -8.09
N ASP A 11 18.13 -3.84 -7.44
CA ASP A 11 16.77 -3.92 -7.97
C ASP A 11 16.28 -2.55 -8.43
N PRO A 12 15.49 -2.54 -9.51
CA PRO A 12 14.94 -1.31 -10.08
C PRO A 12 13.88 -0.67 -9.17
N LEU A 13 13.10 0.25 -9.74
CA LEU A 13 12.05 0.93 -8.99
C LEU A 13 10.72 0.20 -9.13
N HIS A 14 10.57 -0.52 -10.24
CA HIS A 14 9.34 -1.27 -10.49
C HIS A 14 9.02 -2.20 -9.33
N GLU A 15 9.82 -3.26 -9.20
CA GLU A 15 9.61 -4.24 -8.14
C GLU A 15 9.64 -3.56 -6.77
N ARG A 16 10.11 -2.32 -6.73
CA ARG A 16 10.20 -1.56 -5.49
C ARG A 16 8.82 -1.08 -5.05
N THR A 17 8.01 -0.66 -6.02
CA THR A 17 6.67 -0.18 -5.73
C THR A 17 5.74 -1.33 -5.35
N ARG A 18 5.76 -2.39 -6.16
CA ARG A 18 4.92 -3.56 -5.92
C ARG A 18 5.17 -4.12 -4.52
N ARG A 19 6.43 -4.48 -4.25
CA ARG A 19 6.80 -5.03 -2.96
C ARG A 19 6.39 -4.10 -1.82
N LEU A 20 6.63 -2.81 -2.00
CA LEU A 20 6.28 -1.82 -0.98
C LEU A 20 4.78 -1.82 -0.73
N LEU A 21 4.00 -1.70 -1.80
CA LEU A 21 2.54 -1.68 -1.70
C LEU A 21 2.04 -2.96 -1.03
N SER A 22 2.48 -4.10 -1.55
CA SER A 22 2.06 -5.39 -1.02
C SER A 22 2.43 -5.51 0.46
N ASP A 23 3.58 -4.96 0.82
CA ASP A 23 4.05 -5.00 2.20
C ASP A 23 3.02 -4.38 3.15
N TYR A 24 2.56 -3.19 2.81
CA TYR A 24 1.57 -2.50 3.63
C TYR A 24 0.34 -3.38 3.87
N ILE A 25 -0.11 -4.05 2.82
CA ILE A 25 -1.26 -4.93 2.91
C ILE A 25 -1.10 -5.95 4.03
N PHE A 26 0.10 -6.53 4.13
CA PHE A 26 0.38 -7.51 5.17
C PHE A 26 0.21 -6.91 6.55
N PHE A 27 0.64 -5.66 6.72
CA PHE A 27 0.53 -4.97 8.00
C PHE A 27 -0.92 -4.95 8.48
N CYS A 28 -1.79 -4.39 7.65
CA CYS A 28 -3.21 -4.29 7.99
C CYS A 28 -3.82 -5.68 8.15
N ALA A 29 -3.04 -6.71 7.82
CA ALA A 29 -3.51 -8.08 7.94
C ALA A 29 -3.07 -8.71 9.25
N ARG A 30 -2.12 -8.06 9.92
CA ARG A 30 -1.60 -8.55 11.20
C ARG A 30 -2.65 -8.41 12.30
N GLU A 31 -3.17 -9.55 12.77
CA GLU A 31 -4.17 -9.54 13.82
C GLU A 31 -3.84 -8.50 14.90
N PRO A 32 -4.86 -8.07 15.63
CA PRO A 32 -4.71 -7.08 16.70
C PRO A 32 -3.97 -7.64 17.91
N ASP A 33 -3.98 -8.96 18.04
CA ASP A 33 -3.32 -9.62 19.14
C ASP A 33 -1.81 -9.70 18.90
N THR A 34 -1.36 -9.10 17.81
CA THR A 34 0.05 -9.10 17.46
C THR A 34 0.46 -7.79 16.77
N PRO A 35 1.49 -7.13 17.31
CA PRO A 35 1.99 -5.87 16.76
C PRO A 35 2.69 -6.05 15.42
N GLU A 36 2.39 -5.16 14.48
CA GLU A 36 2.98 -5.22 13.16
C GLU A 36 4.49 -4.96 13.21
N PRO A 37 5.26 -5.71 12.40
CA PRO A 37 6.71 -5.57 12.35
C PRO A 37 7.15 -4.26 11.71
N PRO A 38 8.45 -3.98 11.77
CA PRO A 38 9.03 -2.75 11.21
C PRO A 38 9.00 -2.75 9.68
N PRO A 39 9.32 -1.60 9.08
CA PRO A 39 9.34 -1.44 7.62
C PRO A 39 10.49 -2.20 6.98
N THR A 40 10.51 -2.22 5.64
CA THR A 40 11.55 -2.91 4.90
C THR A 40 12.40 -1.94 4.10
N SER A 41 11.76 -0.87 3.60
CA SER A 41 12.46 0.14 2.81
C SER A 41 12.19 1.53 3.35
N VAL A 42 12.83 2.53 2.75
CA VAL A 42 12.66 3.91 3.18
C VAL A 42 11.20 4.35 3.04
N GLU A 43 10.63 4.11 1.87
CA GLU A 43 9.25 4.47 1.61
C GLU A 43 8.28 3.67 2.50
N ALA A 44 8.69 2.45 2.85
CA ALA A 44 7.88 1.60 3.69
C ALA A 44 7.87 2.08 5.14
N ALA A 45 8.95 2.76 5.53
CA ALA A 45 9.08 3.29 6.89
C ALA A 45 8.21 4.51 7.08
N LEU A 46 8.37 5.49 6.20
CA LEU A 46 7.60 6.72 6.27
C LEU A 46 6.10 6.45 6.14
N LEU A 47 5.73 5.75 5.07
CA LEU A 47 4.33 5.40 4.83
C LEU A 47 3.69 4.80 6.08
N ARG A 48 4.38 3.85 6.70
CA ARG A 48 3.89 3.20 7.89
C ARG A 48 3.69 4.21 9.03
N SER A 49 4.46 5.30 8.97
CA SER A 49 4.38 6.34 9.99
C SER A 49 3.29 7.36 9.63
N VAL A 50 3.21 7.70 8.36
CA VAL A 50 2.21 8.66 7.89
C VAL A 50 0.93 7.96 7.45
N THR A 51 1.06 7.01 6.53
CA THR A 51 -0.09 6.27 6.03
C THR A 51 -0.94 5.72 7.18
N ARG A 52 -0.26 5.33 8.27
CA ARG A 52 -0.95 4.80 9.43
C ARG A 52 -1.91 5.81 10.03
N GLN A 53 -1.53 7.09 9.94
CA GLN A 53 -2.36 8.17 10.48
C GLN A 53 -3.50 8.50 9.51
N ILE A 54 -3.25 8.31 8.23
CA ILE A 54 -4.26 8.58 7.21
C ILE A 54 -5.49 7.70 7.39
N GLN A 55 -5.27 6.49 7.89
CA GLN A 55 -6.35 5.55 8.11
C GLN A 55 -7.08 5.85 9.42
N GLN A 56 -6.34 5.78 10.53
CA GLN A 56 -6.92 6.06 11.84
C GLN A 56 -7.73 7.35 11.82
N GLU A 57 -7.47 8.20 10.83
CA GLU A 57 -8.18 9.47 10.70
C GLU A 57 -9.34 9.35 9.72
N HIS A 58 -9.10 8.65 8.61
CA HIS A 58 -10.12 8.47 7.59
C HIS A 58 -10.72 7.06 7.67
N GLN A 59 -9.85 6.07 7.82
CA GLN A 59 -10.28 4.68 7.91
C GLN A 59 -11.58 4.57 8.70
N GLU A 60 -11.82 5.54 9.57
CA GLU A 60 -13.03 5.55 10.38
C GLU A 60 -14.27 5.26 9.53
N PHE A 61 -14.23 5.70 8.28
CA PHE A 61 -15.34 5.50 7.37
C PHE A 61 -15.05 4.36 6.40
N PHE A 62 -13.81 4.32 5.91
CA PHE A 62 -13.40 3.28 4.97
C PHE A 62 -13.72 1.89 5.51
N SER A 63 -13.26 1.61 6.72
CA SER A 63 -13.49 0.32 7.36
C SER A 63 -14.96 -0.07 7.28
N SER A 64 -15.83 0.89 7.58
CA SER A 64 -17.27 0.65 7.55
C SER A 64 -17.70 0.06 6.21
N PHE A 65 -17.08 0.56 5.14
CA PHE A 65 -17.40 0.09 3.79
C PHE A 65 -16.74 -1.27 3.52
N CYS A 66 -15.49 -1.40 3.94
CA CYS A 66 -14.74 -2.64 3.74
C CYS A 66 -15.54 -3.84 4.24
N GLU A 67 -16.46 -3.58 5.19
CA GLU A 67 -17.28 -4.64 5.75
C GLU A 67 -18.76 -4.35 5.54
N SER A 68 -19.08 -3.64 4.46
CA SER A 68 -20.44 -3.28 4.14
C SER A 68 -20.87 -3.89 2.81
N ARG A 69 -20.29 -3.40 1.72
CA ARG A 69 -20.60 -3.89 0.39
C ARG A 69 -19.67 -5.03 -0.01
N GLY A 70 -18.55 -5.14 0.70
CA GLY A 70 -17.58 -6.19 0.41
C GLY A 70 -16.73 -5.87 -0.81
N ASN A 71 -16.99 -4.71 -1.42
CA ASN A 71 -16.24 -4.29 -2.60
C ASN A 71 -14.92 -3.64 -2.21
N ARG A 72 -14.36 -4.08 -1.09
CA ARG A 72 -13.09 -3.53 -0.61
C ARG A 72 -12.20 -3.11 -1.77
N LEU A 73 -12.28 -3.86 -2.87
CA LEU A 73 -11.48 -3.56 -4.05
C LEU A 73 -12.07 -2.40 -4.84
N GLU A 74 -13.36 -2.49 -5.13
CA GLU A 74 -14.05 -1.44 -5.88
C GLU A 74 -13.74 -0.07 -5.29
N LEU A 75 -13.61 -0.02 -3.97
CA LEU A 75 -13.31 1.24 -3.28
C LEU A 75 -11.85 1.62 -3.43
N VAL A 76 -10.98 0.61 -3.43
CA VAL A 76 -9.55 0.84 -3.57
C VAL A 76 -9.23 1.55 -4.89
N LYS A 77 -9.84 1.06 -5.97
CA LYS A 77 -9.63 1.64 -7.29
C LYS A 77 -10.33 2.99 -7.41
N GLN A 78 -11.56 3.06 -6.92
CA GLN A 78 -12.34 4.29 -6.99
C GLN A 78 -11.57 5.44 -6.32
N MET A 79 -11.08 5.21 -5.12
CA MET A 79 -10.33 6.22 -4.38
C MET A 79 -9.14 6.71 -5.20
N ALA A 80 -8.28 5.77 -5.61
CA ALA A 80 -7.10 6.11 -6.40
C ALA A 80 -7.48 6.96 -7.61
N ASP A 81 -8.74 6.89 -8.02
CA ASP A 81 -9.22 7.65 -9.15
C ASP A 81 -9.60 9.08 -8.74
N LYS A 82 -10.02 9.22 -7.49
CA LYS A 82 -10.42 10.53 -6.97
C LYS A 82 -9.19 11.34 -6.57
N LEU A 83 -8.29 10.72 -5.81
CA LEU A 83 -7.07 11.38 -5.37
C LEU A 83 -6.00 11.34 -6.45
N LEU A 84 -5.68 10.14 -6.91
CA LEU A 84 -4.66 9.97 -7.95
C LEU A 84 -5.31 9.92 -9.33
N SER A 85 -4.51 10.21 -10.35
CA SER A 85 -5.00 10.21 -11.73
C SER A 85 -3.84 10.18 -12.72
N LYS A 86 -4.17 10.28 -14.01
CA LYS A 86 -3.15 10.26 -15.05
C LYS A 86 -2.88 11.67 -15.56
N ASP A 87 -3.93 12.49 -15.63
CA ASP A 87 -3.78 13.87 -16.10
C ASP A 87 -3.84 14.84 -14.93
N GLN A 88 -4.18 14.33 -13.74
CA GLN A 88 -4.27 15.15 -12.55
C GLN A 88 -2.92 15.27 -11.85
N ASP A 89 -2.50 16.50 -11.58
CA ASP A 89 -1.23 16.75 -10.93
C ASP A 89 -1.25 16.23 -9.49
N PHE A 90 -1.22 14.91 -9.35
CA PHE A 90 -1.23 14.28 -8.04
C PHE A 90 -0.19 14.92 -7.12
N SER A 91 -0.19 14.50 -5.85
CA SER A 91 0.75 15.03 -4.87
C SER A 91 1.21 13.93 -3.92
N TRP A 92 2.37 14.15 -3.29
CA TRP A 92 2.92 13.18 -2.35
C TRP A 92 1.88 12.78 -1.32
N SER A 93 1.06 13.73 -0.90
CA SER A 93 0.02 13.47 0.09
C SER A 93 -0.97 12.41 -0.42
N GLN A 94 -1.19 12.40 -1.73
CA GLN A 94 -2.10 11.46 -2.35
C GLN A 94 -1.48 10.06 -2.39
N LEU A 95 -0.20 10.00 -2.70
CA LEU A 95 0.52 8.73 -2.79
C LEU A 95 0.44 7.97 -1.48
N VAL A 96 0.83 8.63 -0.39
CA VAL A 96 0.80 8.01 0.94
C VAL A 96 -0.64 7.67 1.34
N MET A 97 -1.59 8.47 0.88
CA MET A 97 -3.00 8.26 1.19
C MET A 97 -3.51 6.98 0.52
N LEU A 98 -3.13 6.78 -0.74
CA LEU A 98 -3.55 5.60 -1.48
C LEU A 98 -3.14 4.32 -0.76
N LEU A 99 -1.89 4.29 -0.29
CA LEU A 99 -1.37 3.13 0.42
C LEU A 99 -2.18 2.87 1.69
N ALA A 100 -2.49 3.93 2.42
CA ALA A 100 -3.26 3.81 3.65
C ALA A 100 -4.59 3.09 3.41
N PHE A 101 -5.40 3.65 2.52
CA PHE A 101 -6.69 3.07 2.20
C PHE A 101 -6.55 1.59 1.81
N ALA A 102 -5.80 1.35 0.75
CA ALA A 102 -5.57 -0.02 0.28
C ALA A 102 -5.47 -0.99 1.44
N GLY A 103 -4.61 -0.67 2.41
CA GLY A 103 -4.42 -1.53 3.56
C GLY A 103 -5.65 -1.57 4.44
N THR A 104 -6.40 -0.47 4.48
CA THR A 104 -7.60 -0.38 5.29
C THR A 104 -8.69 -1.31 4.75
N LEU A 105 -8.64 -1.58 3.46
CA LEU A 105 -9.63 -2.45 2.82
C LEU A 105 -9.26 -3.92 3.00
N MET A 106 -7.97 -4.21 2.97
CA MET A 106 -7.49 -5.57 3.14
C MET A 106 -8.36 -6.35 4.13
N ASN A 107 -9.28 -7.15 3.59
CA ASN A 107 -10.17 -7.95 4.43
C ASN A 107 -9.41 -9.06 5.14
N GLN A 108 -10.01 -9.60 6.19
CA GLN A 108 -9.39 -10.67 6.96
C GLN A 108 -10.45 -11.65 7.50
N GLY A 109 -10.32 -12.91 7.12
CA GLY A 109 -11.28 -13.91 7.57
C GLY A 109 -10.89 -15.31 7.14
N PRO A 110 -9.65 -15.71 7.44
CA PRO A 110 -9.13 -17.04 7.09
C PRO A 110 -9.80 -18.15 7.89
N TYR A 111 -9.17 -19.32 7.90
CA TYR A 111 -9.70 -20.47 8.64
C TYR A 111 -8.67 -20.99 9.63
N MET A 112 -7.47 -20.45 9.58
CA MET A 112 -6.39 -20.86 10.48
C MET A 112 -6.95 -21.18 11.87
N ALA A 113 -7.23 -22.46 12.10
CA ALA A 113 -7.77 -22.90 13.39
C ALA A 113 -6.67 -23.50 14.26
N VAL A 114 -7.04 -24.43 15.12
CA VAL A 114 -6.10 -25.08 16.02
C VAL A 114 -5.34 -26.19 15.30
N LYS A 115 -6.09 -27.10 14.67
CA LYS A 115 -5.49 -28.22 13.94
C LYS A 115 -5.13 -27.80 12.52
N GLN A 116 -3.96 -27.20 12.36
CA GLN A 116 -3.50 -26.75 11.05
C GLN A 116 -1.99 -26.93 10.91
N LYS A 117 -1.51 -26.99 9.68
CA LYS A 117 -0.09 -27.16 9.41
C LYS A 117 0.69 -25.92 9.84
N ARG A 118 0.05 -24.76 9.78
CA ARG A 118 0.69 -23.51 10.16
C ARG A 118 -0.27 -22.65 10.98
N ASP A 119 0.23 -21.49 11.42
CA ASP A 119 -0.59 -20.57 12.21
C ASP A 119 -0.51 -19.16 11.65
N LEU A 120 0.66 -18.55 11.73
CA LEU A 120 0.87 -17.20 11.23
C LEU A 120 0.77 -17.15 9.71
N GLY A 121 0.72 -18.34 9.10
CA GLY A 121 0.63 -18.41 7.65
C GLY A 121 -0.78 -18.19 7.14
N ASN A 122 -1.32 -17.01 7.41
CA ASN A 122 -2.67 -16.67 6.98
C ASN A 122 -2.65 -15.83 5.70
N ARG A 123 -2.25 -16.45 4.60
CA ARG A 123 -2.17 -15.77 3.31
C ARG A 123 -3.20 -16.35 2.33
N VAL A 124 -4.37 -16.72 2.85
CA VAL A 124 -5.42 -17.28 2.02
C VAL A 124 -6.18 -16.19 1.27
N ILE A 125 -6.92 -15.37 2.01
CA ILE A 125 -7.69 -14.29 1.41
C ILE A 125 -6.83 -13.03 1.27
N VAL A 126 -5.97 -12.79 2.25
CA VAL A 126 -5.09 -11.63 2.23
C VAL A 126 -4.21 -11.62 0.99
N THR A 127 -3.68 -12.80 0.64
CA THR A 127 -2.83 -12.94 -0.53
C THR A 127 -3.58 -12.61 -1.82
N ARG A 128 -4.81 -13.11 -1.92
CA ARG A 128 -5.65 -12.87 -3.09
C ARG A 128 -6.19 -11.45 -3.09
N ASP A 129 -6.49 -10.94 -1.91
CA ASP A 129 -7.03 -9.59 -1.78
C ASP A 129 -5.93 -8.54 -1.95
N CYS A 130 -4.72 -8.89 -1.53
CA CYS A 130 -3.58 -7.99 -1.64
C CYS A 130 -3.15 -7.84 -3.10
N CYS A 131 -3.18 -8.95 -3.83
CA CYS A 131 -2.78 -8.94 -5.23
C CYS A 131 -3.70 -8.04 -6.05
N LEU A 132 -5.00 -8.22 -5.89
CA LEU A 132 -5.98 -7.42 -6.61
C LEU A 132 -5.92 -5.96 -6.18
N ILE A 133 -6.04 -5.73 -4.86
CA ILE A 133 -6.01 -4.38 -4.32
C ILE A 133 -4.71 -3.67 -4.70
N VAL A 134 -3.59 -4.36 -4.53
CA VAL A 134 -2.28 -3.79 -4.87
C VAL A 134 -2.11 -3.69 -6.38
N ASN A 135 -2.71 -4.62 -7.11
CA ASN A 135 -2.60 -4.64 -8.56
C ASN A 135 -3.12 -3.32 -9.15
N PHE A 136 -4.21 -2.81 -8.58
CA PHE A 136 -4.79 -1.57 -9.06
C PHE A 136 -3.90 -0.38 -8.71
N LEU A 137 -3.58 -0.24 -7.44
CA LEU A 137 -2.72 0.85 -6.98
C LEU A 137 -1.34 0.79 -7.63
N TYR A 138 -0.68 -0.36 -7.48
CA TYR A 138 0.65 -0.56 -8.05
C TYR A 138 0.69 -0.05 -9.48
N ASN A 139 -0.37 -0.32 -10.24
CA ASN A 139 -0.45 0.10 -11.63
C ASN A 139 -0.78 1.59 -11.74
N LEU A 140 -1.48 2.09 -10.72
CA LEU A 140 -1.87 3.49 -10.69
C LEU A 140 -0.64 4.40 -10.68
N LEU A 141 0.24 4.18 -9.71
CA LEU A 141 1.46 4.98 -9.59
C LEU A 141 2.54 4.46 -10.53
N MET A 142 2.20 3.44 -11.31
CA MET A 142 3.15 2.85 -12.25
C MET A 142 2.83 3.29 -13.67
N GLY A 143 2.16 4.43 -13.81
CA GLY A 143 1.80 4.93 -15.12
C GLY A 143 2.88 5.81 -15.72
N ARG A 144 3.04 5.73 -17.03
CA ARG A 144 4.05 6.53 -17.73
C ARG A 144 4.03 7.97 -17.24
N ARG A 145 2.84 8.56 -17.20
CA ARG A 145 2.68 9.94 -16.75
C ARG A 145 2.71 10.02 -15.23
N HIS A 146 1.92 9.19 -14.58
CA HIS A 146 1.85 9.16 -13.12
C HIS A 146 3.22 8.88 -12.52
N ARG A 147 3.75 7.69 -12.80
CA ARG A 147 5.06 7.30 -12.29
C ARG A 147 6.12 8.33 -12.63
N ALA A 148 6.19 8.70 -13.90
CA ALA A 148 7.16 9.69 -14.37
C ALA A 148 7.16 10.91 -13.46
N ARG A 149 5.97 11.31 -12.99
CA ARG A 149 5.85 12.47 -12.12
C ARG A 149 6.30 12.13 -10.70
N LEU A 150 5.98 10.93 -10.25
CA LEU A 150 6.36 10.48 -8.92
C LEU A 150 7.87 10.56 -8.72
N GLU A 151 8.62 10.13 -9.74
CA GLU A 151 10.07 10.15 -9.68
C GLU A 151 10.62 11.53 -10.02
N ALA A 152 9.90 12.24 -10.90
CA ALA A 152 10.31 13.58 -11.31
C ALA A 152 10.38 14.52 -10.12
N LEU A 153 9.78 14.10 -9.00
CA LEU A 153 9.77 14.92 -7.79
C LEU A 153 10.67 14.30 -6.72
N GLY A 154 11.68 13.55 -7.15
CA GLY A 154 12.58 12.92 -6.22
C GLY A 154 12.19 11.50 -5.89
N GLY A 155 11.13 11.01 -6.55
CA GLY A 155 10.67 9.66 -6.30
C GLY A 155 10.56 9.34 -4.83
N TRP A 156 10.31 8.07 -4.52
CA TRP A 156 10.18 7.64 -3.13
C TRP A 156 11.18 8.38 -2.24
N ASP A 157 12.36 8.66 -2.78
CA ASP A 157 13.39 9.35 -2.03
C ASP A 157 12.90 10.72 -1.56
N GLY A 158 12.29 11.47 -2.48
CA GLY A 158 11.78 12.79 -2.14
C GLY A 158 10.68 12.73 -1.10
N PHE A 159 9.91 11.65 -1.11
CA PHE A 159 8.81 11.48 -0.16
C PHE A 159 9.35 11.31 1.26
N CYS A 160 10.26 10.37 1.44
CA CYS A 160 10.85 10.11 2.74
C CYS A 160 11.39 11.38 3.36
N ARG A 161 11.96 12.26 2.53
CA ARG A 161 12.52 13.51 3.00
C ARG A 161 11.42 14.56 3.19
N PHE A 162 10.34 14.41 2.44
CA PHE A 162 9.20 15.33 2.52
C PHE A 162 8.50 15.21 3.87
N PHE A 163 8.25 13.98 4.30
CA PHE A 163 7.59 13.73 5.56
C PHE A 163 8.60 13.54 6.69
N LYS A 164 9.88 13.57 6.33
CA LYS A 164 10.96 13.40 7.31
C LYS A 164 10.76 12.13 8.12
N ASN A 165 11.25 11.01 7.60
CA ASN A 165 11.13 9.73 8.28
C ASN A 165 11.54 9.85 9.75
N PRO A 166 10.88 9.07 10.61
CA PRO A 166 11.15 9.07 12.05
C PRO A 166 12.52 8.45 12.38
N LEU A 167 12.87 7.40 11.65
CA LEU A 167 14.13 6.71 11.86
C LEU A 167 15.31 7.67 11.68
N PRO A 168 16.43 7.37 12.36
CA PRO A 168 17.63 8.20 12.30
C PRO A 168 18.32 8.10 10.93
N LEU A 169 19.22 7.14 10.78
CA LEU A 169 19.94 6.96 9.53
C LEU A 169 19.50 5.67 8.84
N GLY A 170 19.59 5.65 7.51
CA GLY A 170 19.21 4.49 6.73
C GLY A 170 20.44 3.77 6.22
N GLY A 1 10.38 -13.28 -30.55
CA GLY A 1 9.62 -13.95 -29.51
C GLY A 1 10.33 -13.85 -28.18
N PRO A 2 9.86 -14.64 -27.19
CA PRO A 2 10.46 -14.66 -25.85
C PRO A 2 11.84 -15.29 -25.84
N LEU A 3 11.89 -16.59 -25.61
CA LEU A 3 13.16 -17.31 -25.56
C LEU A 3 14.24 -16.49 -24.88
N GLY A 4 13.81 -15.58 -23.99
CA GLY A 4 14.76 -14.74 -23.28
C GLY A 4 14.16 -13.40 -22.89
N SER A 5 12.86 -13.40 -22.60
CA SER A 5 12.17 -12.17 -22.22
C SER A 5 11.88 -12.14 -20.72
N MET A 6 12.63 -11.32 -19.99
CA MET A 6 12.46 -11.20 -18.55
C MET A 6 11.46 -10.10 -18.21
N ALA A 7 11.64 -8.94 -18.82
CA ALA A 7 10.76 -7.80 -18.59
C ALA A 7 11.02 -6.69 -19.60
N ASP A 8 9.96 -5.98 -19.97
CA ASP A 8 10.07 -4.89 -20.93
C ASP A 8 10.53 -3.60 -20.24
N SER A 9 9.83 -3.23 -19.18
CA SER A 9 10.16 -2.02 -18.44
C SER A 9 11.49 -2.19 -17.69
N GLN A 10 11.74 -3.42 -17.23
CA GLN A 10 12.96 -3.71 -16.49
C GLN A 10 13.33 -2.56 -15.56
N ASP A 11 12.33 -1.79 -15.16
CA ASP A 11 12.55 -0.66 -14.26
C ASP A 11 12.88 -1.14 -12.85
N PRO A 12 13.95 -0.57 -12.27
CA PRO A 12 14.40 -0.92 -10.92
C PRO A 12 13.43 -0.44 -9.84
N LEU A 13 12.54 0.47 -10.22
CA LEU A 13 11.55 1.00 -9.28
C LEU A 13 10.22 0.29 -9.43
N HIS A 14 10.16 -0.65 -10.37
CA HIS A 14 8.93 -1.41 -10.60
C HIS A 14 8.66 -2.39 -9.46
N GLU A 15 9.65 -3.22 -9.17
CA GLU A 15 9.52 -4.21 -8.10
C GLU A 15 9.64 -3.55 -6.74
N ARG A 16 10.13 -2.31 -6.72
CA ARG A 16 10.29 -1.57 -5.48
C ARG A 16 8.94 -1.06 -4.97
N THR A 17 8.10 -0.62 -5.90
CA THR A 17 6.78 -0.11 -5.54
C THR A 17 5.82 -1.24 -5.19
N ARG A 18 5.69 -2.20 -6.10
CA ARG A 18 4.81 -3.35 -5.88
C ARG A 18 5.09 -4.00 -4.53
N ARG A 19 6.34 -4.41 -4.33
CA ARG A 19 6.74 -5.06 -3.09
C ARG A 19 6.39 -4.19 -1.88
N LEU A 20 6.71 -2.91 -1.98
CA LEU A 20 6.43 -1.97 -0.90
C LEU A 20 4.94 -1.95 -0.57
N LEU A 21 4.11 -1.76 -1.60
CA LEU A 21 2.67 -1.72 -1.42
C LEU A 21 2.16 -3.02 -0.79
N SER A 22 2.52 -4.14 -1.42
CA SER A 22 2.10 -5.45 -0.93
C SER A 22 2.47 -5.63 0.54
N ASP A 23 3.59 -5.04 0.93
CA ASP A 23 4.06 -5.12 2.31
C ASP A 23 3.08 -4.46 3.27
N TYR A 24 2.49 -3.35 2.83
CA TYR A 24 1.53 -2.61 3.65
C TYR A 24 0.22 -3.37 3.76
N ILE A 25 -0.01 -4.28 2.83
CA ILE A 25 -1.23 -5.09 2.82
C ILE A 25 -1.17 -6.19 3.87
N PHE A 26 -0.04 -6.86 3.95
CA PHE A 26 0.15 -7.94 4.91
C PHE A 26 0.01 -7.42 6.34
N PHE A 27 0.70 -6.33 6.63
CA PHE A 27 0.66 -5.73 7.96
C PHE A 27 -0.78 -5.41 8.37
N CYS A 28 -1.49 -4.70 7.50
CA CYS A 28 -2.87 -4.34 7.77
C CYS A 28 -3.76 -5.57 7.85
N ALA A 29 -3.19 -6.72 7.53
CA ALA A 29 -3.93 -7.97 7.57
C ALA A 29 -3.46 -8.86 8.71
N ARG A 30 -2.34 -8.49 9.32
CA ARG A 30 -1.78 -9.24 10.43
C ARG A 30 -2.62 -9.05 11.69
N GLU A 31 -3.27 -10.13 12.14
CA GLU A 31 -4.11 -10.07 13.33
C GLU A 31 -3.60 -9.01 14.31
N PRO A 32 -4.54 -8.33 14.97
CA PRO A 32 -4.22 -7.27 15.94
C PRO A 32 -3.58 -7.83 17.21
N ASP A 33 -3.74 -9.13 17.42
CA ASP A 33 -3.19 -9.79 18.60
C ASP A 33 -1.67 -10.00 18.44
N THR A 34 -1.12 -9.48 17.35
CA THR A 34 0.30 -9.61 17.09
C THR A 34 0.82 -8.43 16.27
N PRO A 35 1.85 -7.76 16.80
CA PRO A 35 2.46 -6.59 16.14
C PRO A 35 3.23 -6.98 14.88
N GLU A 36 3.03 -6.22 13.80
CA GLU A 36 3.71 -6.48 12.54
C GLU A 36 5.18 -6.07 12.61
N PRO A 37 6.00 -6.69 11.76
CA PRO A 37 7.44 -6.42 11.71
C PRO A 37 7.74 -5.03 11.14
N PRO A 38 9.01 -4.61 11.24
CA PRO A 38 9.45 -3.30 10.73
C PRO A 38 9.44 -3.23 9.22
N PRO A 39 9.64 -2.02 8.68
CA PRO A 39 9.66 -1.78 7.22
C PRO A 39 10.87 -2.40 6.56
N THR A 40 10.93 -2.29 5.23
CA THR A 40 12.05 -2.84 4.47
C THR A 40 12.81 -1.74 3.75
N SER A 41 12.12 -0.65 3.41
CA SER A 41 12.73 0.47 2.72
C SER A 41 12.26 1.80 3.31
N VAL A 42 12.95 2.88 2.94
CA VAL A 42 12.60 4.20 3.43
C VAL A 42 11.12 4.49 3.26
N GLU A 43 10.61 4.24 2.06
CA GLU A 43 9.20 4.47 1.76
C GLU A 43 8.32 3.62 2.66
N ALA A 44 8.79 2.44 3.02
CA ALA A 44 8.04 1.54 3.88
C ALA A 44 7.99 2.06 5.31
N ALA A 45 9.05 2.73 5.73
CA ALA A 45 9.12 3.28 7.08
C ALA A 45 8.25 4.53 7.21
N LEU A 46 8.44 5.48 6.31
CA LEU A 46 7.68 6.71 6.32
C LEU A 46 6.17 6.43 6.18
N LEU A 47 5.82 5.69 5.13
CA LEU A 47 4.42 5.35 4.88
C LEU A 47 3.77 4.79 6.14
N ARG A 48 4.45 3.86 6.80
CA ARG A 48 3.95 3.24 8.01
C ARG A 48 3.72 4.30 9.10
N SER A 49 4.46 5.39 9.01
CA SER A 49 4.34 6.47 10.00
C SER A 49 3.26 7.46 9.57
N VAL A 50 3.21 7.76 8.28
CA VAL A 50 2.22 8.70 7.75
C VAL A 50 0.95 7.98 7.34
N THR A 51 1.09 7.00 6.46
CA THR A 51 -0.05 6.22 5.97
C THR A 51 -0.90 5.72 7.14
N ARG A 52 -0.23 5.34 8.22
CA ARG A 52 -0.93 4.84 9.41
C ARG A 52 -1.86 5.89 9.98
N GLN A 53 -1.48 7.15 9.85
CA GLN A 53 -2.28 8.26 10.35
C GLN A 53 -3.43 8.58 9.41
N ILE A 54 -3.19 8.38 8.11
CA ILE A 54 -4.21 8.64 7.10
C ILE A 54 -5.44 7.76 7.31
N GLN A 55 -5.21 6.56 7.83
CA GLN A 55 -6.30 5.61 8.07
C GLN A 55 -7.01 5.94 9.38
N GLN A 56 -6.26 5.89 10.48
CA GLN A 56 -6.83 6.18 11.80
C GLN A 56 -7.66 7.46 11.77
N GLU A 57 -7.40 8.29 10.76
CA GLU A 57 -8.12 9.56 10.62
C GLU A 57 -9.28 9.42 9.64
N HIS A 58 -9.03 8.71 8.54
CA HIS A 58 -10.05 8.50 7.53
C HIS A 58 -10.64 7.10 7.62
N GLN A 59 -9.77 6.11 7.79
CA GLN A 59 -10.21 4.72 7.90
C GLN A 59 -11.50 4.62 8.69
N GLU A 60 -11.75 5.61 9.55
CA GLU A 60 -12.96 5.62 10.37
C GLU A 60 -14.19 5.31 9.53
N PHE A 61 -14.16 5.72 8.27
CA PHE A 61 -15.27 5.49 7.35
C PHE A 61 -14.97 4.33 6.40
N PHE A 62 -13.73 4.29 5.92
CA PHE A 62 -13.30 3.24 5.00
C PHE A 62 -13.62 1.86 5.56
N SER A 63 -13.17 1.62 6.78
CA SER A 63 -13.40 0.33 7.43
C SER A 63 -14.87 -0.07 7.35
N SER A 64 -15.75 0.87 7.66
CA SER A 64 -17.19 0.62 7.62
C SER A 64 -17.60 0.03 6.28
N PHE A 65 -16.95 0.50 5.21
CA PHE A 65 -17.25 0.02 3.87
C PHE A 65 -16.64 -1.37 3.63
N CYS A 66 -15.41 -1.55 4.10
CA CYS A 66 -14.71 -2.82 3.93
C CYS A 66 -15.59 -3.97 4.39
N GLU A 67 -16.55 -3.67 5.25
CA GLU A 67 -17.46 -4.70 5.77
C GLU A 67 -18.91 -4.35 5.46
N SER A 68 -19.12 -3.69 4.32
CA SER A 68 -20.47 -3.29 3.91
C SER A 68 -20.85 -3.95 2.59
N ARG A 69 -20.17 -3.55 1.52
CA ARG A 69 -20.44 -4.10 0.20
C ARG A 69 -19.43 -5.19 -0.15
N GLY A 70 -18.35 -5.26 0.62
CA GLY A 70 -17.32 -6.25 0.37
C GLY A 70 -16.49 -5.95 -0.86
N ASN A 71 -16.71 -4.76 -1.44
CA ASN A 71 -15.98 -4.35 -2.63
C ASN A 71 -14.65 -3.70 -2.26
N ARG A 72 -14.07 -4.13 -1.13
CA ARG A 72 -12.81 -3.58 -0.68
C ARG A 72 -11.92 -3.17 -1.84
N LEU A 73 -12.01 -3.93 -2.93
CA LEU A 73 -11.22 -3.65 -4.13
C LEU A 73 -11.83 -2.51 -4.93
N GLU A 74 -13.13 -2.63 -5.22
CA GLU A 74 -13.83 -1.60 -5.98
C GLU A 74 -13.59 -0.22 -5.39
N LEU A 75 -13.44 -0.16 -4.08
CA LEU A 75 -13.21 1.09 -3.38
C LEU A 75 -11.76 1.53 -3.53
N VAL A 76 -10.85 0.56 -3.51
CA VAL A 76 -9.42 0.85 -3.63
C VAL A 76 -9.13 1.59 -4.94
N LYS A 77 -9.70 1.10 -6.03
CA LYS A 77 -9.51 1.72 -7.35
C LYS A 77 -10.24 3.05 -7.44
N GLN A 78 -11.48 3.07 -6.98
CA GLN A 78 -12.29 4.28 -7.01
C GLN A 78 -11.62 5.40 -6.22
N MET A 79 -11.26 5.11 -4.97
CA MET A 79 -10.61 6.10 -4.12
C MET A 79 -9.34 6.63 -4.78
N ALA A 80 -8.67 5.78 -5.55
CA ALA A 80 -7.44 6.18 -6.24
C ALA A 80 -7.73 7.18 -7.34
N ASP A 81 -8.93 7.10 -7.90
CA ASP A 81 -9.34 8.01 -8.98
C ASP A 81 -9.56 9.42 -8.44
N LYS A 82 -10.31 9.52 -7.33
CA LYS A 82 -10.60 10.81 -6.72
C LYS A 82 -9.32 11.58 -6.45
N LEU A 83 -8.33 10.91 -5.87
CA LEU A 83 -7.05 11.54 -5.56
C LEU A 83 -6.07 11.39 -6.72
N LEU A 84 -5.72 10.14 -7.03
CA LEU A 84 -4.80 9.87 -8.12
C LEU A 84 -5.53 9.79 -9.45
N SER A 85 -4.80 10.05 -10.54
CA SER A 85 -5.39 10.03 -11.87
C SER A 85 -4.31 10.10 -12.94
N LYS A 86 -4.70 10.46 -14.16
CA LYS A 86 -3.76 10.58 -15.27
C LYS A 86 -3.39 12.03 -15.52
N ASP A 87 -4.40 12.88 -15.67
CA ASP A 87 -4.18 14.30 -15.91
C ASP A 87 -4.27 15.09 -14.61
N GLN A 88 -4.26 14.38 -13.50
CA GLN A 88 -4.35 15.02 -12.19
C GLN A 88 -2.97 15.09 -11.53
N ASP A 89 -2.59 16.29 -11.10
CA ASP A 89 -1.30 16.49 -10.45
C ASP A 89 -1.27 15.85 -9.07
N PHE A 90 -1.28 14.51 -9.06
CA PHE A 90 -1.26 13.76 -7.81
C PHE A 90 -0.12 14.25 -6.90
N SER A 91 -0.48 14.76 -5.72
CA SER A 91 0.50 15.26 -4.78
C SER A 91 1.04 14.12 -3.90
N TRP A 92 2.22 14.33 -3.34
CA TRP A 92 2.84 13.33 -2.49
C TRP A 92 1.87 12.81 -1.45
N SER A 93 1.03 13.72 -0.92
CA SER A 93 0.05 13.35 0.09
C SER A 93 -0.91 12.29 -0.45
N GLN A 94 -1.13 12.31 -1.76
CA GLN A 94 -2.03 11.35 -2.40
C GLN A 94 -1.39 9.97 -2.45
N LEU A 95 -0.14 9.91 -2.87
CA LEU A 95 0.58 8.64 -2.97
C LEU A 95 0.47 7.85 -1.67
N VAL A 96 0.86 8.47 -0.57
CA VAL A 96 0.80 7.83 0.74
C VAL A 96 -0.64 7.49 1.12
N MET A 97 -1.57 8.31 0.64
CA MET A 97 -2.99 8.10 0.93
C MET A 97 -3.50 6.83 0.26
N LEU A 98 -3.09 6.62 -0.99
CA LEU A 98 -3.50 5.45 -1.74
C LEU A 98 -3.06 4.17 -1.05
N LEU A 99 -1.89 4.21 -0.42
CA LEU A 99 -1.35 3.06 0.29
C LEU A 99 -2.13 2.80 1.58
N ALA A 100 -2.39 3.87 2.33
CA ALA A 100 -3.13 3.75 3.58
C ALA A 100 -4.48 3.07 3.37
N PHE A 101 -5.30 3.66 2.49
CA PHE A 101 -6.61 3.10 2.20
C PHE A 101 -6.51 1.62 1.86
N ALA A 102 -5.76 1.30 0.82
CA ALA A 102 -5.58 -0.08 0.38
C ALA A 102 -5.48 -1.02 1.58
N GLY A 103 -4.60 -0.68 2.52
CA GLY A 103 -4.42 -1.50 3.70
C GLY A 103 -5.65 -1.55 4.57
N THR A 104 -6.44 -0.47 4.53
CA THR A 104 -7.66 -0.40 5.33
C THR A 104 -8.75 -1.29 4.75
N LEU A 105 -8.69 -1.51 3.44
CA LEU A 105 -9.68 -2.34 2.76
C LEU A 105 -9.36 -3.82 2.95
N MET A 106 -8.08 -4.15 2.96
CA MET A 106 -7.63 -5.53 3.14
C MET A 106 -8.59 -6.29 4.05
N ASN A 107 -9.50 -7.05 3.44
CA ASN A 107 -10.47 -7.82 4.21
C ASN A 107 -9.81 -9.03 4.87
N GLN A 108 -10.39 -9.47 5.98
CA GLN A 108 -9.85 -10.62 6.71
C GLN A 108 -10.98 -11.46 7.31
N GLY A 109 -11.41 -12.48 6.58
CA GLY A 109 -12.48 -13.33 7.05
C GLY A 109 -12.36 -14.74 6.52
N PRO A 110 -11.37 -15.49 7.02
CA PRO A 110 -11.13 -16.88 6.59
C PRO A 110 -12.21 -17.83 7.09
N TYR A 111 -11.92 -19.12 7.07
CA TYR A 111 -12.87 -20.13 7.51
C TYR A 111 -12.27 -20.99 8.62
N MET A 112 -11.27 -21.79 8.28
CA MET A 112 -10.61 -22.65 9.26
C MET A 112 -9.10 -22.49 9.18
N ALA A 113 -8.60 -21.37 9.69
CA ALA A 113 -7.17 -21.10 9.69
C ALA A 113 -6.46 -21.88 10.79
N VAL A 114 -5.89 -23.04 10.41
CA VAL A 114 -5.19 -23.87 11.37
C VAL A 114 -4.09 -24.68 10.69
N LYS A 115 -4.45 -25.38 9.61
CA LYS A 115 -3.50 -26.19 8.86
C LYS A 115 -3.04 -25.46 7.60
N GLN A 116 -2.13 -24.50 7.79
CA GLN A 116 -1.61 -23.73 6.66
C GLN A 116 -0.09 -23.61 6.74
N LYS A 117 0.54 -23.29 5.61
CA LYS A 117 1.98 -23.14 5.56
C LYS A 117 2.37 -21.83 4.88
N ARG A 118 2.61 -20.80 5.67
CA ARG A 118 3.00 -19.49 5.14
C ARG A 118 3.85 -19.65 3.90
N ASP A 119 3.24 -19.54 2.73
CA ASP A 119 3.95 -19.67 1.46
C ASP A 119 3.75 -18.43 0.60
N LEU A 120 2.49 -18.12 0.30
CA LEU A 120 2.16 -16.96 -0.52
C LEU A 120 1.72 -15.78 0.35
N GLY A 121 1.46 -16.06 1.63
CA GLY A 121 1.04 -15.01 2.54
C GLY A 121 0.58 -15.57 3.88
N ASN A 122 -0.50 -15.01 4.40
CA ASN A 122 -1.04 -15.45 5.68
C ASN A 122 -2.38 -16.17 5.49
N ARG A 123 -3.11 -15.78 4.46
CA ARG A 123 -4.40 -16.39 4.16
C ARG A 123 -4.70 -16.33 2.67
N VAL A 124 -5.78 -17.00 2.25
CA VAL A 124 -6.18 -17.03 0.86
C VAL A 124 -6.89 -15.73 0.47
N ILE A 125 -7.81 -15.30 1.32
CA ILE A 125 -8.56 -14.07 1.06
C ILE A 125 -7.66 -12.84 1.17
N VAL A 126 -6.68 -12.92 2.07
CA VAL A 126 -5.76 -11.80 2.28
C VAL A 126 -4.79 -11.67 1.11
N THR A 127 -4.21 -12.80 0.71
CA THR A 127 -3.26 -12.82 -0.40
C THR A 127 -3.95 -12.51 -1.72
N ARG A 128 -5.10 -13.14 -1.95
CA ARG A 128 -5.86 -12.93 -3.17
C ARG A 128 -6.24 -11.47 -3.33
N ASP A 129 -6.78 -10.87 -2.27
CA ASP A 129 -7.18 -9.47 -2.30
C ASP A 129 -5.97 -8.56 -2.21
N CYS A 130 -4.90 -9.06 -1.61
CA CYS A 130 -3.67 -8.28 -1.46
C CYS A 130 -3.08 -7.92 -2.82
N CYS A 131 -2.97 -8.92 -3.69
CA CYS A 131 -2.43 -8.70 -5.02
C CYS A 131 -3.38 -7.88 -5.88
N LEU A 132 -4.67 -8.14 -5.72
CA LEU A 132 -5.70 -7.43 -6.48
C LEU A 132 -5.75 -5.96 -6.08
N ILE A 133 -5.80 -5.70 -4.78
CA ILE A 133 -5.83 -4.34 -4.28
C ILE A 133 -4.56 -3.58 -4.62
N VAL A 134 -3.41 -4.22 -4.38
CA VAL A 134 -2.13 -3.60 -4.66
C VAL A 134 -1.90 -3.48 -6.16
N ASN A 135 -2.44 -4.42 -6.92
CA ASN A 135 -2.30 -4.41 -8.37
C ASN A 135 -2.82 -3.10 -8.97
N PHE A 136 -4.01 -2.70 -8.53
CA PHE A 136 -4.62 -1.47 -9.01
C PHE A 136 -3.78 -0.25 -8.63
N LEU A 137 -3.52 -0.11 -7.33
CA LEU A 137 -2.73 1.01 -6.83
C LEU A 137 -1.34 1.03 -7.48
N TYR A 138 -0.63 -0.08 -7.37
CA TYR A 138 0.71 -0.20 -7.94
C TYR A 138 0.76 0.41 -9.34
N ASN A 139 -0.16 -0.03 -10.20
CA ASN A 139 -0.22 0.47 -11.57
C ASN A 139 -0.66 1.93 -11.60
N LEU A 140 -1.43 2.33 -10.58
CA LEU A 140 -1.92 3.70 -10.48
C LEU A 140 -0.76 4.69 -10.50
N LEU A 141 0.29 4.37 -9.77
CA LEU A 141 1.47 5.24 -9.70
C LEU A 141 2.58 4.71 -10.60
N MET A 142 2.54 3.42 -10.88
CA MET A 142 3.55 2.78 -11.73
C MET A 142 3.23 3.00 -13.21
N GLY A 143 2.45 4.04 -13.50
CA GLY A 143 2.08 4.33 -14.87
C GLY A 143 3.10 5.21 -15.57
N ARG A 144 2.90 5.42 -16.87
CA ARG A 144 3.82 6.24 -17.65
C ARG A 144 3.85 7.68 -17.12
N ARG A 145 2.67 8.28 -17.00
CA ARG A 145 2.56 9.65 -16.50
C ARG A 145 2.69 9.68 -14.99
N HIS A 146 2.10 8.70 -14.33
CA HIS A 146 2.13 8.61 -12.87
C HIS A 146 3.56 8.41 -12.37
N ARG A 147 4.20 7.34 -12.84
CA ARG A 147 5.56 7.03 -12.45
C ARG A 147 6.52 8.15 -12.88
N ALA A 148 6.41 8.55 -14.15
CA ALA A 148 7.27 9.61 -14.68
C ALA A 148 7.27 10.82 -13.76
N ARG A 149 6.08 11.20 -13.28
CA ARG A 149 5.96 12.35 -12.39
C ARG A 149 6.43 12.01 -10.98
N LEU A 150 5.94 10.88 -10.47
CA LEU A 150 6.31 10.43 -9.12
C LEU A 150 7.80 10.63 -8.87
N GLU A 151 8.62 10.20 -9.84
CA GLU A 151 10.06 10.33 -9.73
C GLU A 151 10.51 11.74 -10.08
N ALA A 152 9.77 12.39 -10.97
CA ALA A 152 10.09 13.75 -11.39
C ALA A 152 10.04 14.71 -10.22
N LEU A 153 9.43 14.28 -9.12
CA LEU A 153 9.32 15.11 -7.93
C LEU A 153 10.20 14.58 -6.80
N GLY A 154 11.23 13.82 -7.17
CA GLY A 154 12.14 13.27 -6.19
C GLY A 154 11.90 11.80 -5.94
N GLY A 155 10.81 11.27 -6.51
CA GLY A 155 10.49 9.87 -6.32
C GLY A 155 10.41 9.48 -4.87
N TRP A 156 10.20 8.19 -4.61
CA TRP A 156 10.10 7.69 -3.24
C TRP A 156 11.10 8.39 -2.33
N ASP A 157 12.19 8.87 -2.92
CA ASP A 157 13.22 9.57 -2.15
C ASP A 157 12.69 10.89 -1.61
N GLY A 158 12.05 11.67 -2.47
CA GLY A 158 11.50 12.95 -2.05
C GLY A 158 10.39 12.81 -1.03
N PHE A 159 9.73 11.66 -1.04
CA PHE A 159 8.64 11.40 -0.10
C PHE A 159 9.16 11.29 1.33
N CYS A 160 10.09 10.37 1.54
CA CYS A 160 10.67 10.17 2.87
C CYS A 160 11.18 11.48 3.45
N ARG A 161 11.77 12.31 2.58
CA ARG A 161 12.31 13.60 3.02
C ARG A 161 11.19 14.63 3.13
N PHE A 162 10.12 14.44 2.37
CA PHE A 162 8.99 15.36 2.38
C PHE A 162 8.22 15.25 3.70
N PHE A 163 7.99 14.02 4.14
CA PHE A 163 7.27 13.78 5.39
C PHE A 163 8.24 13.66 6.56
N LYS A 164 9.52 13.61 6.26
CA LYS A 164 10.55 13.49 7.28
C LYS A 164 10.44 12.16 8.02
N ASN A 165 10.99 11.11 7.41
CA ASN A 165 10.96 9.78 8.00
C ASN A 165 11.41 9.82 9.45
N PRO A 166 10.73 9.04 10.31
CA PRO A 166 11.06 8.97 11.74
C PRO A 166 12.38 8.27 12.01
N LEU A 167 12.65 7.22 11.25
CA LEU A 167 13.89 6.46 11.39
C LEU A 167 14.88 6.81 10.29
N PRO A 168 16.17 6.53 10.54
CA PRO A 168 17.24 6.81 9.58
C PRO A 168 17.17 5.89 8.37
N LEU A 169 17.86 4.75 8.45
CA LEU A 169 17.88 3.79 7.35
C LEU A 169 17.10 2.53 7.73
N GLY A 170 17.08 1.56 6.81
CA GLY A 170 16.37 0.31 7.03
C GLY A 170 15.06 0.58 7.75
N GLY A 1 15.74 -11.87 15.19
CA GLY A 1 16.67 -10.76 15.10
C GLY A 1 17.02 -10.48 13.65
N PRO A 2 16.07 -9.88 12.91
CA PRO A 2 16.26 -9.56 11.49
C PRO A 2 17.27 -8.43 11.30
N LEU A 3 17.75 -7.86 12.40
CA LEU A 3 18.72 -6.77 12.35
C LEU A 3 19.82 -7.07 11.33
N GLY A 4 19.85 -6.29 10.25
CA GLY A 4 20.86 -6.49 9.22
C GLY A 4 20.37 -6.05 7.85
N SER A 5 21.30 -5.58 7.02
CA SER A 5 20.96 -5.12 5.68
C SER A 5 22.23 -4.97 4.84
N MET A 6 22.31 -5.77 3.77
CA MET A 6 23.46 -5.72 2.88
C MET A 6 23.36 -4.54 1.92
N ALA A 7 22.16 -4.30 1.41
CA ALA A 7 21.94 -3.19 0.49
C ALA A 7 20.55 -2.59 0.68
N ASP A 8 20.33 -1.42 0.08
CA ASP A 8 19.04 -0.74 0.20
C ASP A 8 18.48 -0.41 -1.19
N SER A 9 19.34 0.12 -2.05
CA SER A 9 18.93 0.48 -3.41
C SER A 9 19.67 -0.36 -4.44
N GLN A 10 19.42 -1.67 -4.40
CA GLN A 10 20.06 -2.59 -5.34
C GLN A 10 19.10 -2.95 -6.48
N ASP A 11 17.82 -2.71 -6.26
CA ASP A 11 16.80 -3.00 -7.27
C ASP A 11 16.22 -1.72 -7.84
N PRO A 12 15.50 -1.85 -8.97
CA PRO A 12 14.86 -0.71 -9.63
C PRO A 12 13.69 -0.13 -8.84
N LEU A 13 12.88 0.69 -9.49
CA LEU A 13 11.73 1.29 -8.85
C LEU A 13 10.48 0.44 -9.04
N HIS A 14 10.50 -0.41 -10.07
CA HIS A 14 9.37 -1.28 -10.36
C HIS A 14 9.06 -2.19 -9.18
N GLU A 15 9.80 -3.30 -9.08
CA GLU A 15 9.60 -4.25 -8.00
C GLU A 15 9.70 -3.56 -6.64
N ARG A 16 10.25 -2.34 -6.64
CA ARG A 16 10.39 -1.59 -5.40
C ARG A 16 9.04 -1.04 -4.94
N THR A 17 8.17 -0.74 -5.90
CA THR A 17 6.85 -0.21 -5.60
C THR A 17 5.89 -1.32 -5.19
N ARG A 18 5.85 -2.38 -6.00
CA ARG A 18 4.98 -3.52 -5.73
C ARG A 18 5.30 -4.14 -4.38
N ARG A 19 6.59 -4.29 -4.09
CA ARG A 19 7.04 -4.89 -2.84
C ARG A 19 6.64 -4.01 -1.66
N LEU A 20 6.89 -2.70 -1.79
CA LEU A 20 6.56 -1.75 -0.73
C LEU A 20 5.06 -1.76 -0.43
N LEU A 21 4.26 -1.60 -1.49
CA LEU A 21 2.81 -1.58 -1.34
C LEU A 21 2.31 -2.89 -0.74
N SER A 22 2.72 -4.00 -1.33
CA SER A 22 2.31 -5.32 -0.86
C SER A 22 2.77 -5.54 0.58
N ASP A 23 3.94 -5.00 0.91
CA ASP A 23 4.49 -5.14 2.26
C ASP A 23 3.51 -4.60 3.30
N TYR A 24 2.88 -3.47 2.98
CA TYR A 24 1.92 -2.84 3.89
C TYR A 24 0.65 -3.68 4.00
N ILE A 25 0.22 -4.24 2.88
CA ILE A 25 -0.98 -5.06 2.85
C ILE A 25 -0.95 -6.13 3.94
N PHE A 26 0.19 -6.81 4.06
CA PHE A 26 0.35 -7.85 5.07
C PHE A 26 0.32 -7.26 6.48
N PHE A 27 1.09 -6.21 6.68
CA PHE A 27 1.16 -5.54 7.99
C PHE A 27 -0.23 -5.08 8.43
N CYS A 28 -1.02 -4.60 7.47
CA CYS A 28 -2.37 -4.13 7.77
C CYS A 28 -3.28 -5.28 8.19
N ALA A 29 -3.05 -6.45 7.59
CA ALA A 29 -3.84 -7.63 7.90
C ALA A 29 -3.49 -8.18 9.28
N ARG A 30 -2.43 -7.63 9.87
CA ARG A 30 -1.99 -8.07 11.19
C ARG A 30 -3.17 -8.53 12.04
N GLU A 31 -3.24 -9.83 12.32
CA GLU A 31 -4.32 -10.38 13.12
C GLU A 31 -4.51 -9.58 14.41
N PRO A 32 -5.75 -9.58 14.93
CA PRO A 32 -6.09 -8.85 16.15
C PRO A 32 -5.47 -9.49 17.40
N ASP A 33 -4.88 -10.67 17.22
CA ASP A 33 -4.23 -11.37 18.31
C ASP A 33 -2.72 -11.40 18.14
N THR A 34 -2.24 -10.69 17.13
CA THR A 34 -0.81 -10.63 16.85
C THR A 34 -0.40 -9.27 16.33
N PRO A 35 0.75 -8.76 16.79
CA PRO A 35 1.27 -7.46 16.38
C PRO A 35 1.74 -7.45 14.92
N GLU A 36 1.85 -6.26 14.34
CA GLU A 36 2.28 -6.12 12.96
C GLU A 36 3.80 -6.27 12.84
N PRO A 37 4.26 -6.82 11.71
CA PRO A 37 5.68 -7.02 11.45
C PRO A 37 6.43 -5.71 11.24
N PRO A 38 7.77 -5.79 11.19
CA PRO A 38 8.62 -4.62 10.99
C PRO A 38 8.52 -4.06 9.58
N PRO A 39 9.11 -2.87 9.36
CA PRO A 39 9.09 -2.22 8.06
C PRO A 39 9.96 -2.93 7.03
N THR A 40 9.50 -2.94 5.78
CA THR A 40 10.24 -3.59 4.70
C THR A 40 11.36 -2.72 4.19
N SER A 41 11.01 -1.52 3.72
CA SER A 41 11.99 -0.58 3.20
C SER A 41 11.76 0.82 3.74
N VAL A 42 12.55 1.77 3.29
CA VAL A 42 12.43 3.15 3.74
C VAL A 42 11.05 3.72 3.43
N GLU A 43 10.60 3.51 2.19
CA GLU A 43 9.29 4.00 1.77
C GLU A 43 8.17 3.32 2.57
N ALA A 44 8.40 2.07 2.95
CA ALA A 44 7.43 1.31 3.72
C ALA A 44 7.32 1.83 5.14
N ALA A 45 8.46 2.25 5.70
CA ALA A 45 8.50 2.77 7.06
C ALA A 45 7.78 4.12 7.14
N LEU A 46 7.88 4.90 6.08
CA LEU A 46 7.24 6.22 6.04
C LEU A 46 5.72 6.09 6.17
N LEU A 47 5.13 5.28 5.29
CA LEU A 47 3.68 5.07 5.31
C LEU A 47 3.20 4.68 6.70
N ARG A 48 3.90 3.75 7.33
CA ARG A 48 3.55 3.29 8.67
C ARG A 48 3.45 4.47 9.63
N SER A 49 4.22 5.52 9.36
CA SER A 49 4.23 6.69 10.21
C SER A 49 3.18 7.70 9.75
N VAL A 50 3.11 7.92 8.44
CA VAL A 50 2.14 8.85 7.88
C VAL A 50 0.83 8.14 7.52
N THR A 51 0.94 7.10 6.70
CA THR A 51 -0.22 6.33 6.27
C THR A 51 -1.09 5.94 7.47
N ARG A 52 -0.43 5.62 8.58
CA ARG A 52 -1.13 5.22 9.79
C ARG A 52 -2.09 6.32 10.25
N GLN A 53 -1.72 7.57 9.99
CA GLN A 53 -2.54 8.71 10.38
C GLN A 53 -3.67 8.93 9.39
N ILE A 54 -3.41 8.64 8.12
CA ILE A 54 -4.41 8.79 7.07
C ILE A 54 -5.58 7.84 7.28
N GLN A 55 -5.30 6.67 7.82
CA GLN A 55 -6.33 5.67 8.07
C GLN A 55 -7.08 5.98 9.37
N GLN A 56 -6.35 5.98 10.49
CA GLN A 56 -6.94 6.26 11.78
C GLN A 56 -7.82 7.50 11.73
N GLU A 57 -7.58 8.34 10.72
CA GLU A 57 -8.34 9.58 10.56
C GLU A 57 -9.48 9.38 9.56
N HIS A 58 -9.19 8.69 8.46
CA HIS A 58 -10.19 8.43 7.43
C HIS A 58 -10.73 7.01 7.54
N GLN A 59 -9.83 6.04 7.74
CA GLN A 59 -10.22 4.65 7.86
C GLN A 59 -11.55 4.52 8.61
N GLU A 60 -11.84 5.49 9.45
CA GLU A 60 -13.08 5.49 10.23
C GLU A 60 -14.28 5.20 9.32
N PHE A 61 -14.26 5.77 8.13
CA PHE A 61 -15.35 5.58 7.17
C PHE A 61 -15.04 4.44 6.21
N PHE A 62 -13.79 4.36 5.78
CA PHE A 62 -13.36 3.32 4.86
C PHE A 62 -13.73 1.93 5.40
N SER A 63 -13.17 1.59 6.56
CA SER A 63 -13.44 0.29 7.18
C SER A 63 -14.93 0.09 7.39
N SER A 64 -15.60 1.14 7.87
CA SER A 64 -17.03 1.08 8.13
C SER A 64 -17.79 0.55 6.90
N PHE A 65 -17.37 1.00 5.73
CA PHE A 65 -18.00 0.56 4.48
C PHE A 65 -17.41 -0.76 3.99
N CYS A 66 -16.11 -0.92 4.18
CA CYS A 66 -15.43 -2.15 3.76
C CYS A 66 -16.26 -3.37 4.10
N GLU A 67 -16.85 -3.37 5.30
CA GLU A 67 -17.67 -4.48 5.74
C GLU A 67 -19.13 -4.29 5.34
N SER A 68 -19.34 -3.65 4.20
CA SER A 68 -20.69 -3.39 3.70
C SER A 68 -21.03 -4.32 2.54
N ARG A 69 -20.25 -4.23 1.47
CA ARG A 69 -20.47 -5.06 0.29
C ARG A 69 -19.30 -6.02 0.07
N GLY A 70 -18.14 -5.65 0.62
CA GLY A 70 -16.96 -6.48 0.47
C GLY A 70 -16.16 -6.15 -0.78
N ASN A 71 -16.47 -5.00 -1.39
CA ASN A 71 -15.78 -4.57 -2.59
C ASN A 71 -14.46 -3.87 -2.24
N ARG A 72 -13.84 -4.30 -1.15
CA ARG A 72 -12.58 -3.72 -0.71
C ARG A 72 -11.74 -3.27 -1.90
N LEU A 73 -11.83 -4.01 -3.00
CA LEU A 73 -11.08 -3.70 -4.20
C LEU A 73 -11.71 -2.51 -4.93
N GLU A 74 -13.01 -2.59 -5.17
CA GLU A 74 -13.73 -1.53 -5.86
C GLU A 74 -13.45 -0.18 -5.20
N LEU A 75 -13.26 -0.19 -3.90
CA LEU A 75 -13.00 1.04 -3.15
C LEU A 75 -11.56 1.49 -3.35
N VAL A 76 -10.64 0.53 -3.41
CA VAL A 76 -9.22 0.82 -3.59
C VAL A 76 -8.99 1.59 -4.90
N LYS A 77 -9.62 1.11 -5.97
CA LYS A 77 -9.49 1.75 -7.28
C LYS A 77 -10.26 3.06 -7.32
N GLN A 78 -11.48 3.05 -6.79
CA GLN A 78 -12.31 4.24 -6.77
C GLN A 78 -11.59 5.41 -6.11
N MET A 79 -11.01 5.15 -4.94
CA MET A 79 -10.28 6.19 -4.21
C MET A 79 -9.16 6.75 -5.06
N ALA A 80 -8.28 5.88 -5.54
CA ALA A 80 -7.15 6.31 -6.36
C ALA A 80 -7.62 7.18 -7.53
N ASP A 81 -8.89 7.05 -7.87
CA ASP A 81 -9.47 7.83 -8.97
C ASP A 81 -9.89 9.21 -8.49
N LYS A 82 -10.23 9.32 -7.21
CA LYS A 82 -10.65 10.59 -6.63
C LYS A 82 -9.45 11.43 -6.23
N LEU A 83 -8.50 10.81 -5.54
CA LEU A 83 -7.30 11.50 -5.09
C LEU A 83 -6.27 11.55 -6.21
N LEU A 84 -5.90 10.38 -6.71
CA LEU A 84 -4.90 10.29 -7.79
C LEU A 84 -5.59 10.31 -9.15
N SER A 85 -4.83 10.69 -10.18
CA SER A 85 -5.36 10.75 -11.54
C SER A 85 -4.23 10.84 -12.56
N LYS A 86 -4.60 10.98 -13.83
CA LYS A 86 -3.62 11.07 -14.90
C LYS A 86 -3.42 12.52 -15.32
N ASP A 87 -4.50 13.27 -15.40
CA ASP A 87 -4.44 14.68 -15.79
C ASP A 87 -4.37 15.58 -14.56
N GLN A 88 -4.65 15.01 -13.41
CA GLN A 88 -4.63 15.76 -12.16
C GLN A 88 -3.22 15.78 -11.56
N ASP A 89 -2.72 16.98 -11.26
CA ASP A 89 -1.39 17.12 -10.68
C ASP A 89 -1.33 16.52 -9.28
N PHE A 90 -1.36 15.20 -9.21
CA PHE A 90 -1.31 14.50 -7.93
C PHE A 90 -0.18 15.05 -7.05
N SER A 91 -0.11 14.57 -5.82
CA SER A 91 0.91 15.00 -4.88
C SER A 91 1.32 13.87 -3.95
N TRP A 92 2.43 14.06 -3.24
CA TRP A 92 2.92 13.05 -2.32
C TRP A 92 1.86 12.68 -1.28
N SER A 93 1.16 13.69 -0.78
CA SER A 93 0.12 13.48 0.22
C SER A 93 -0.90 12.46 -0.28
N GLN A 94 -1.17 12.47 -1.59
CA GLN A 94 -2.12 11.55 -2.18
C GLN A 94 -1.52 10.15 -2.30
N LEU A 95 -0.30 10.08 -2.81
CA LEU A 95 0.39 8.80 -2.97
C LEU A 95 0.31 7.98 -1.69
N VAL A 96 0.76 8.57 -0.58
CA VAL A 96 0.73 7.89 0.71
C VAL A 96 -0.70 7.62 1.17
N MET A 97 -1.61 8.50 0.79
CA MET A 97 -3.01 8.37 1.16
C MET A 97 -3.59 7.07 0.60
N LEU A 98 -3.30 6.80 -0.66
CA LEU A 98 -3.80 5.60 -1.32
C LEU A 98 -3.28 4.35 -0.62
N LEU A 99 -2.00 4.35 -0.27
CA LEU A 99 -1.39 3.22 0.42
C LEU A 99 -2.12 2.89 1.70
N ALA A 100 -2.39 3.91 2.51
CA ALA A 100 -3.10 3.72 3.78
C ALA A 100 -4.45 3.05 3.55
N PHE A 101 -5.20 3.56 2.57
CA PHE A 101 -6.52 3.00 2.27
C PHE A 101 -6.42 1.52 1.93
N ALA A 102 -5.65 1.20 0.90
CA ALA A 102 -5.47 -0.19 0.48
C ALA A 102 -5.43 -1.12 1.69
N GLY A 103 -4.48 -0.88 2.58
CA GLY A 103 -4.34 -1.71 3.77
C GLY A 103 -5.56 -1.63 4.67
N THR A 104 -6.28 -0.51 4.60
CA THR A 104 -7.46 -0.31 5.43
C THR A 104 -8.60 -1.21 4.96
N LEU A 105 -8.60 -1.55 3.68
CA LEU A 105 -9.63 -2.41 3.11
C LEU A 105 -9.32 -3.88 3.37
N MET A 106 -8.11 -4.30 3.00
CA MET A 106 -7.69 -5.69 3.19
C MET A 106 -8.30 -6.27 4.46
N ASN A 107 -9.25 -7.17 4.29
CA ASN A 107 -9.92 -7.81 5.42
C ASN A 107 -9.15 -9.05 5.88
N GLN A 108 -9.42 -9.48 7.11
CA GLN A 108 -8.76 -10.66 7.66
C GLN A 108 -9.71 -11.45 8.55
N GLY A 109 -9.76 -12.76 8.33
CA GLY A 109 -10.64 -13.60 9.12
C GLY A 109 -10.07 -15.01 9.31
N PRO A 110 -8.76 -15.08 9.55
CA PRO A 110 -8.07 -16.37 9.75
C PRO A 110 -8.46 -17.03 11.07
N TYR A 111 -7.65 -18.00 11.50
CA TYR A 111 -7.91 -18.70 12.74
C TYR A 111 -6.75 -18.54 13.72
N MET A 112 -5.78 -17.71 13.35
CA MET A 112 -4.62 -17.45 14.19
C MET A 112 -4.99 -17.51 15.66
N ALA A 113 -4.84 -18.69 16.27
CA ALA A 113 -5.16 -18.87 17.68
C ALA A 113 -3.98 -18.47 18.57
N VAL A 114 -3.87 -19.13 19.72
CA VAL A 114 -2.79 -18.84 20.66
C VAL A 114 -1.43 -19.13 20.04
N LYS A 115 -1.01 -20.39 20.11
CA LYS A 115 0.26 -20.80 19.54
C LYS A 115 0.08 -21.89 18.49
N GLN A 116 -0.21 -21.46 17.27
CA GLN A 116 -0.42 -22.41 16.17
C GLN A 116 0.92 -22.90 15.62
N LYS A 117 0.88 -24.02 14.91
CA LYS A 117 2.09 -24.61 14.33
C LYS A 117 2.64 -23.71 13.23
N ARG A 118 1.90 -22.66 12.88
CA ARG A 118 2.31 -21.74 11.85
C ARG A 118 2.35 -20.31 12.37
N ASP A 119 3.27 -19.51 11.86
CA ASP A 119 3.42 -18.12 12.27
C ASP A 119 2.73 -17.18 11.30
N LEU A 120 3.05 -17.35 10.01
CA LEU A 120 2.46 -16.51 8.97
C LEU A 120 1.00 -16.88 8.72
N GLY A 121 0.50 -17.84 9.52
CA GLY A 121 -0.88 -18.26 9.38
C GLY A 121 -1.81 -17.13 8.99
N ASN A 122 -2.26 -17.14 7.74
CA ASN A 122 -3.16 -16.11 7.24
C ASN A 122 -3.94 -16.60 6.02
N ARG A 123 -5.26 -16.49 6.09
CA ARG A 123 -6.12 -16.92 5.00
C ARG A 123 -5.59 -16.42 3.66
N VAL A 124 -6.11 -17.00 2.58
CA VAL A 124 -5.68 -16.61 1.24
C VAL A 124 -6.29 -15.28 0.82
N ILE A 125 -7.26 -14.82 1.61
CA ILE A 125 -7.94 -13.56 1.33
C ILE A 125 -6.93 -12.42 1.22
N VAL A 126 -5.82 -12.55 1.94
CA VAL A 126 -4.78 -11.52 1.92
C VAL A 126 -4.04 -11.52 0.59
N THR A 127 -3.64 -12.70 0.12
CA THR A 127 -2.93 -12.84 -1.13
C THR A 127 -3.83 -12.49 -2.32
N ARG A 128 -5.05 -12.99 -2.28
CA ARG A 128 -6.02 -12.74 -3.34
C ARG A 128 -6.33 -11.25 -3.46
N ASP A 129 -6.68 -10.64 -2.33
CA ASP A 129 -7.00 -9.22 -2.30
C ASP A 129 -5.75 -8.36 -2.46
N CYS A 130 -4.61 -8.93 -2.08
CA CYS A 130 -3.34 -8.23 -2.16
C CYS A 130 -2.95 -8.01 -3.62
N CYS A 131 -2.93 -9.09 -4.40
CA CYS A 131 -2.58 -9.01 -5.81
C CYS A 131 -3.54 -8.10 -6.57
N LEU A 132 -4.81 -8.15 -6.19
CA LEU A 132 -5.83 -7.34 -6.84
C LEU A 132 -5.75 -5.89 -6.37
N ILE A 133 -5.81 -5.69 -5.06
CA ILE A 133 -5.74 -4.36 -4.49
C ILE A 133 -4.42 -3.67 -4.83
N VAL A 134 -3.32 -4.40 -4.64
CA VAL A 134 -2.00 -3.87 -4.94
C VAL A 134 -1.81 -3.67 -6.43
N ASN A 135 -2.44 -4.52 -7.23
CA ASN A 135 -2.35 -4.45 -8.68
C ASN A 135 -2.86 -3.10 -9.18
N PHE A 136 -4.03 -2.70 -8.70
CA PHE A 136 -4.63 -1.43 -9.10
C PHE A 136 -3.77 -0.25 -8.65
N LEU A 137 -3.47 -0.21 -7.35
CA LEU A 137 -2.65 0.86 -6.80
C LEU A 137 -1.27 0.90 -7.44
N TYR A 138 -0.58 -0.24 -7.40
CA TYR A 138 0.74 -0.34 -7.97
C TYR A 138 0.79 0.28 -9.36
N ASN A 139 -0.17 -0.09 -10.20
CA ASN A 139 -0.25 0.43 -11.56
C ASN A 139 -0.70 1.89 -11.56
N LEU A 140 -1.46 2.27 -10.53
CA LEU A 140 -1.95 3.64 -10.42
C LEU A 140 -0.79 4.64 -10.39
N LEU A 141 0.16 4.41 -9.50
CA LEU A 141 1.32 5.29 -9.37
C LEU A 141 2.44 4.84 -10.31
N MET A 142 2.37 3.58 -10.74
CA MET A 142 3.39 3.03 -11.63
C MET A 142 2.97 3.21 -13.10
N GLY A 143 2.13 4.22 -13.34
CA GLY A 143 1.68 4.48 -14.70
C GLY A 143 2.70 5.24 -15.51
N ARG A 144 2.47 5.33 -16.82
CA ARG A 144 3.39 6.03 -17.72
C ARG A 144 3.51 7.50 -17.32
N ARG A 145 2.38 8.18 -17.21
CA ARG A 145 2.37 9.59 -16.82
C ARG A 145 2.53 9.75 -15.32
N HIS A 146 1.91 8.86 -14.56
CA HIS A 146 1.99 8.90 -13.11
C HIS A 146 3.41 8.63 -12.63
N ARG A 147 3.96 7.50 -13.05
CA ARG A 147 5.32 7.13 -12.67
C ARG A 147 6.32 8.19 -13.09
N ALA A 148 6.14 8.72 -14.29
CA ALA A 148 7.02 9.75 -14.81
C ALA A 148 7.11 10.94 -13.86
N ARG A 149 5.96 11.35 -13.33
CA ARG A 149 5.91 12.48 -12.41
C ARG A 149 6.41 12.06 -11.02
N LEU A 150 5.93 10.92 -10.54
CA LEU A 150 6.33 10.42 -9.24
C LEU A 150 7.83 10.57 -9.02
N GLU A 151 8.61 10.20 -10.04
CA GLU A 151 10.06 10.29 -9.96
C GLU A 151 10.53 11.72 -10.26
N ALA A 152 9.77 12.42 -11.10
CA ALA A 152 10.10 13.79 -11.46
C ALA A 152 10.14 14.69 -10.23
N LEU A 153 9.57 14.21 -9.13
CA LEU A 153 9.55 14.97 -7.88
C LEU A 153 10.47 14.35 -6.84
N GLY A 154 11.49 13.65 -7.32
CA GLY A 154 12.44 13.01 -6.40
C GLY A 154 12.09 11.56 -6.14
N GLY A 155 11.04 11.07 -6.80
CA GLY A 155 10.62 9.69 -6.61
C GLY A 155 10.51 9.31 -5.15
N TRP A 156 10.32 8.02 -4.90
CA TRP A 156 10.19 7.52 -3.53
C TRP A 156 11.16 8.24 -2.59
N ASP A 157 12.37 8.51 -3.10
CA ASP A 157 13.38 9.19 -2.31
C ASP A 157 12.83 10.49 -1.72
N GLY A 158 12.19 11.29 -2.56
CA GLY A 158 11.64 12.55 -2.10
C GLY A 158 10.53 12.36 -1.09
N PHE A 159 9.69 11.35 -1.32
CA PHE A 159 8.58 11.07 -0.42
C PHE A 159 9.03 11.07 1.04
N CYS A 160 9.95 10.17 1.36
CA CYS A 160 10.47 10.07 2.72
C CYS A 160 11.06 11.40 3.18
N ARG A 161 11.62 12.15 2.23
CA ARG A 161 12.20 13.45 2.54
C ARG A 161 11.13 14.48 2.83
N PHE A 162 9.95 14.29 2.24
CA PHE A 162 8.84 15.20 2.43
C PHE A 162 8.17 14.98 3.79
N PHE A 163 8.04 13.72 4.18
CA PHE A 163 7.42 13.39 5.46
C PHE A 163 8.48 13.16 6.53
N LYS A 164 9.72 12.90 6.10
CA LYS A 164 10.82 12.68 7.02
C LYS A 164 10.59 11.40 7.85
N ASN A 165 10.95 10.26 7.28
CA ASN A 165 10.78 8.99 7.97
C ASN A 165 11.33 9.05 9.38
N PRO A 166 10.64 8.38 10.32
CA PRO A 166 11.04 8.34 11.73
C PRO A 166 12.32 7.54 11.95
N LEU A 167 12.38 6.37 11.33
CA LEU A 167 13.55 5.50 11.45
C LEU A 167 14.78 6.16 10.84
N PRO A 168 15.95 5.93 11.49
CA PRO A 168 17.22 6.49 11.02
C PRO A 168 17.70 5.84 9.72
N LEU A 169 17.39 4.56 9.56
CA LEU A 169 17.78 3.83 8.35
C LEU A 169 17.36 4.58 7.09
N GLY A 170 18.17 4.46 6.05
CA GLY A 170 17.89 5.13 4.79
C GLY A 170 18.00 4.14 3.63
#